data_1J2Q
#
_entry.id   1J2Q
#
_cell.length_a   148.097
_cell.length_b   148.097
_cell.length_c   303.140
_cell.angle_alpha   90.00
_cell.angle_beta   90.00
_cell.angle_gamma   120.00
#
_symmetry.space_group_name_H-M   'P 31 2 1'
#
loop_
_entity.id
_entity.type
_entity.pdbx_description
1 polymer 'Proteasome alpha subunit'
2 polymer 'Proteasome beta subunit'
3 non-polymer '2-ACETYLAMINO-4-METHYL-PENTANOIC ACID [1-(1-FORMYL-PENTYLCARBAMOYL)-3-METHYL-BUTYL]-AMIDE'
4 water water
#
loop_
_entity_poly.entity_id
_entity_poly.type
_entity_poly.pdbx_seq_one_letter_code
_entity_poly.pdbx_strand_id
1 'polypeptide(L)'
;RAITVFSPDGRLFQVEYAREAVKRGATAIGIKCKEGVILIADKRVGSKLLEADTIEKIYKIDEHICAATSGLVADARVLI
DRARIEAQINRLTYDEPITVKELAKKICDFKQQYTQYGGVRPFGVSLLIAGVDEVPKLYETDPSGALLEYKATAIGMGRN
AVTEFFEKEYRDDLSFDDAMVLGLVAMGLSIESELVPENIEVGYVKVDDRTFKEVSPEELKPYVERANERIRELLKK
;
A,B,C,D,E,F,G
2 'polypeptide(L)'
;TTTVGLVCKDGVVMATEKRATMGNFIASKAAKKIYQIADRMAMTTAGSVGDAQFLARIIKIEANLYEIRRERKPTVRAIA
TLTSNLLNSYRYFPYLVQLLIGGIDSEGKSIYSIDPIGGAIEEKDIVATGSGSLTAYGVLEDRFTPEIGVDEAVELAVRA
IYSAMKRDSASGDGIDVVKITEDEFYQYSPEEVEQILAKFRK
;
H,I,J,K,L,M,N
#
# COMPACT_ATOMS: atom_id res chain seq x y z
N ARG A 1 -19.04 -4.43 -23.94
CA ARG A 1 -19.18 -4.87 -22.52
C ARG A 1 -17.94 -4.51 -21.71
N ALA A 2 -17.63 -3.21 -21.65
CA ALA A 2 -16.47 -2.74 -20.90
C ALA A 2 -16.36 -1.23 -20.91
N ILE A 3 -15.86 -0.68 -22.01
CA ILE A 3 -15.67 0.77 -22.17
C ILE A 3 -15.17 1.09 -23.58
N THR A 4 -13.86 1.28 -23.72
CA THR A 4 -13.26 1.57 -25.01
C THR A 4 -12.73 0.24 -25.53
N VAL A 5 -13.50 -0.38 -26.43
CA VAL A 5 -13.11 -1.66 -27.01
C VAL A 5 -13.23 -1.68 -28.52
N PHE A 6 -12.72 -2.74 -29.12
CA PHE A 6 -12.75 -2.88 -30.57
C PHE A 6 -14.12 -3.30 -31.12
N SER A 7 -14.48 -2.73 -32.25
CA SER A 7 -15.72 -3.09 -32.91
C SER A 7 -15.31 -4.14 -33.93
N PRO A 8 -16.30 -4.81 -34.54
CA PRO A 8 -15.91 -5.81 -35.54
C PRO A 8 -15.16 -5.19 -36.73
N ASP A 9 -15.29 -3.88 -36.88
CA ASP A 9 -14.61 -3.16 -37.95
C ASP A 9 -13.16 -2.89 -37.59
N GLY A 10 -12.82 -3.12 -36.33
CA GLY A 10 -11.46 -2.89 -35.87
C GLY A 10 -11.28 -1.45 -35.43
N ARG A 11 -12.40 -0.81 -35.11
CA ARG A 11 -12.35 0.58 -34.66
C ARG A 11 -12.84 0.74 -33.22
N LEU A 12 -12.45 1.88 -32.65
CA LEU A 12 -12.80 2.23 -31.28
C LEU A 12 -13.90 3.27 -31.33
N PHE A 13 -15.12 2.86 -31.08
CA PHE A 13 -16.21 3.83 -31.14
C PHE A 13 -16.07 5.02 -30.20
N GLN A 14 -15.62 4.78 -28.98
CA GLN A 14 -15.47 5.87 -28.03
C GLN A 14 -14.56 6.94 -28.61
N VAL A 15 -13.46 6.50 -29.22
CA VAL A 15 -12.51 7.43 -29.80
C VAL A 15 -13.17 8.19 -30.94
N GLU A 16 -13.95 7.47 -31.73
CA GLU A 16 -14.61 8.11 -32.85
C GLU A 16 -15.68 9.07 -32.37
N TYR A 17 -16.41 8.69 -31.33
CA TYR A 17 -17.43 9.57 -30.80
C TYR A 17 -16.74 10.82 -30.22
N ALA A 18 -15.57 10.62 -29.62
CA ALA A 18 -14.84 11.74 -29.05
C ALA A 18 -14.54 12.69 -30.20
N ARG A 19 -14.17 12.13 -31.34
CA ARG A 19 -13.86 12.94 -32.50
C ARG A 19 -15.08 13.77 -32.90
N GLU A 20 -16.27 13.21 -32.74
CA GLU A 20 -17.46 13.96 -33.08
C GLU A 20 -17.53 15.24 -32.24
N ALA A 21 -17.01 15.16 -31.01
CA ALA A 21 -17.03 16.32 -30.12
C ALA A 21 -16.12 17.42 -30.60
N VAL A 22 -14.96 17.03 -31.16
CA VAL A 22 -14.00 18.02 -31.64
C VAL A 22 -14.54 18.73 -32.87
N LYS A 23 -15.26 18.00 -33.71
CA LYS A 23 -15.85 18.59 -34.91
C LYS A 23 -16.78 19.74 -34.52
N ARG A 24 -17.48 19.58 -33.41
CA ARG A 24 -18.40 20.61 -32.95
C ARG A 24 -17.61 21.78 -32.33
N GLY A 25 -16.33 21.56 -32.11
CA GLY A 25 -15.53 22.60 -31.49
C GLY A 25 -15.30 23.86 -32.30
N ALA A 26 -15.02 24.95 -31.61
CA ALA A 26 -14.75 26.21 -32.28
C ALA A 26 -13.49 25.97 -33.11
N THR A 27 -13.41 26.61 -34.27
CA THR A 27 -12.28 26.38 -35.16
C THR A 27 -10.99 27.12 -34.80
N ALA A 28 -9.87 26.45 -35.05
CA ALA A 28 -8.53 26.99 -34.79
C ALA A 28 -7.65 26.62 -35.97
N ILE A 29 -6.79 27.57 -36.36
CA ILE A 29 -5.90 27.40 -37.50
C ILE A 29 -4.42 27.58 -37.17
N GLY A 30 -3.58 26.85 -37.91
CA GLY A 30 -2.15 26.94 -37.73
C GLY A 30 -1.43 26.98 -39.07
N ILE A 31 -0.50 27.91 -39.23
CA ILE A 31 0.26 28.04 -40.46
C ILE A 31 1.74 28.13 -40.17
N LYS A 32 2.53 27.39 -40.92
CA LYS A 32 3.97 27.42 -40.73
C LYS A 32 4.70 27.93 -41.96
N CYS A 33 5.62 28.87 -41.75
CA CYS A 33 6.44 29.41 -42.84
C CYS A 33 7.89 29.35 -42.37
N LYS A 34 8.80 29.92 -43.14
CA LYS A 34 10.21 29.88 -42.76
C LYS A 34 10.51 30.76 -41.52
N GLU A 35 9.89 31.93 -41.47
CA GLU A 35 10.10 32.86 -40.37
C GLU A 35 9.42 32.49 -39.05
N GLY A 36 8.62 31.43 -39.06
CA GLY A 36 7.93 31.04 -37.84
C GLY A 36 6.59 30.33 -38.05
N VAL A 37 5.81 30.24 -36.98
CA VAL A 37 4.51 29.57 -37.05
C VAL A 37 3.44 30.39 -36.35
N ILE A 38 2.30 30.55 -37.01
CA ILE A 38 1.18 31.31 -36.45
C ILE A 38 0.03 30.39 -36.09
N LEU A 39 -0.69 30.77 -35.05
CA LEU A 39 -1.82 30.00 -34.59
C LEU A 39 -2.89 31.05 -34.40
N ILE A 40 -4.00 30.88 -35.09
CA ILE A 40 -5.09 31.83 -34.97
C ILE A 40 -6.36 31.08 -34.61
N ALA A 41 -7.12 31.64 -33.66
CA ALA A 41 -8.34 31.00 -33.20
C ALA A 41 -9.59 31.87 -33.15
N ASP A 42 -10.73 31.24 -33.41
CA ASP A 42 -12.03 31.91 -33.41
C ASP A 42 -12.40 32.24 -31.99
N LYS A 43 -12.36 33.53 -31.66
CA LYS A 43 -12.63 34.02 -30.32
C LYS A 43 -14.07 34.49 -30.13
N ARG A 44 -14.84 34.46 -31.22
CA ARG A 44 -16.23 34.90 -31.25
C ARG A 44 -17.12 34.36 -30.14
N VAL A 45 -17.89 35.27 -29.53
CA VAL A 45 -18.80 34.91 -28.45
C VAL A 45 -20.27 35.07 -28.87
N GLY A 46 -21.18 34.45 -28.12
CA GLY A 46 -22.58 34.54 -28.45
C GLY A 46 -23.44 35.41 -27.56
N SER A 47 -22.81 36.32 -26.81
CA SER A 47 -23.54 37.23 -25.91
C SER A 47 -22.67 38.39 -25.50
N LYS A 48 -23.25 39.58 -25.45
CA LYS A 48 -22.49 40.77 -25.06
C LYS A 48 -22.16 40.72 -23.58
N LEU A 49 -22.73 39.73 -22.88
CA LEU A 49 -22.51 39.56 -21.44
C LEU A 49 -21.22 38.84 -21.07
N LEU A 50 -20.59 38.15 -22.03
CA LEU A 50 -19.34 37.45 -21.77
C LEU A 50 -18.17 38.42 -21.92
N GLU A 51 -17.19 38.30 -21.03
CA GLU A 51 -15.99 39.15 -21.09
C GLU A 51 -15.16 38.69 -22.27
N ALA A 52 -15.37 39.31 -23.43
CA ALA A 52 -14.63 38.94 -24.63
C ALA A 52 -13.13 39.26 -24.51
N ASP A 53 -12.81 40.42 -23.96
CA ASP A 53 -11.42 40.84 -23.80
C ASP A 53 -10.59 39.83 -23.00
N THR A 54 -11.27 38.99 -22.24
CA THR A 54 -10.61 37.99 -21.41
C THR A 54 -10.41 36.65 -22.12
N ILE A 55 -11.52 36.04 -22.53
CA ILE A 55 -11.47 34.74 -23.20
C ILE A 55 -10.17 34.53 -23.99
N GLU A 56 -9.46 33.45 -23.64
CA GLU A 56 -8.19 33.09 -24.25
C GLU A 56 -8.32 31.77 -25.00
N LYS A 57 -7.90 31.74 -26.25
CA LYS A 57 -8.03 30.53 -27.04
C LYS A 57 -6.69 29.97 -27.51
N ILE A 58 -5.64 30.73 -27.31
CA ILE A 58 -4.30 30.28 -27.70
C ILE A 58 -3.48 30.27 -26.42
N TYR A 59 -2.97 29.10 -26.06
CA TYR A 59 -2.23 28.99 -24.82
C TYR A 59 -0.73 28.86 -24.97
N LYS A 60 -0.02 29.44 -24.00
CA LYS A 60 1.42 29.38 -23.94
C LYS A 60 1.74 28.13 -23.12
N ILE A 61 2.54 27.25 -23.71
CA ILE A 61 2.97 26.03 -23.04
C ILE A 61 4.31 26.31 -22.37
N ASP A 62 5.24 26.83 -23.14
CA ASP A 62 6.56 27.19 -22.66
C ASP A 62 6.93 28.50 -23.37
N GLU A 63 8.17 28.94 -23.23
CA GLU A 63 8.61 30.18 -23.88
C GLU A 63 8.55 30.10 -25.39
N HIS A 64 8.82 28.90 -25.91
CA HIS A 64 8.86 28.68 -27.35
C HIS A 64 7.75 27.79 -27.85
N ILE A 65 6.69 27.63 -27.08
CA ILE A 65 5.63 26.76 -27.51
C ILE A 65 4.26 27.25 -27.10
N CYS A 66 3.31 27.14 -28.01
CA CYS A 66 1.93 27.54 -27.71
C CYS A 66 1.05 26.45 -28.30
N ALA A 67 -0.22 26.50 -27.95
CA ALA A 67 -1.14 25.51 -28.48
C ALA A 67 -2.57 26.00 -28.51
N ALA A 68 -3.32 25.46 -29.48
CA ALA A 68 -4.71 25.78 -29.68
C ALA A 68 -5.43 24.47 -29.41
N THR A 69 -6.69 24.59 -28.98
CA THR A 69 -7.45 23.40 -28.65
C THR A 69 -8.86 23.38 -29.26
N SER A 70 -9.44 22.19 -29.37
CA SER A 70 -10.81 22.04 -29.89
C SER A 70 -11.44 20.76 -29.37
N GLY A 71 -12.71 20.85 -28.96
CA GLY A 71 -13.39 19.70 -28.42
C GLY A 71 -13.95 20.08 -27.05
N LEU A 72 -14.16 19.10 -26.17
CA LEU A 72 -14.68 19.40 -24.84
C LEU A 72 -13.75 20.40 -24.17
N VAL A 73 -14.29 21.57 -23.86
CA VAL A 73 -13.55 22.65 -23.26
C VAL A 73 -12.84 22.30 -21.93
N ALA A 74 -13.54 21.59 -21.05
CA ALA A 74 -12.97 21.21 -19.75
C ALA A 74 -11.81 20.23 -19.89
N ASP A 75 -11.95 19.26 -20.79
CA ASP A 75 -10.89 18.26 -21.02
C ASP A 75 -9.67 18.99 -21.56
N ALA A 76 -9.92 19.95 -22.44
CA ALA A 76 -8.83 20.71 -23.04
C ALA A 76 -7.95 21.35 -21.97
N ARG A 77 -8.60 21.94 -20.97
CA ARG A 77 -7.89 22.61 -19.91
C ARG A 77 -6.86 21.69 -19.27
N VAL A 78 -7.32 20.54 -18.77
CA VAL A 78 -6.40 19.61 -18.12
C VAL A 78 -5.30 19.21 -19.10
N LEU A 79 -5.66 19.04 -20.37
CA LEU A 79 -4.67 18.68 -21.38
C LEU A 79 -3.56 19.75 -21.59
N ILE A 80 -3.89 21.04 -21.64
CA ILE A 80 -2.81 22.01 -21.81
C ILE A 80 -2.00 22.16 -20.51
N ASP A 81 -2.65 22.00 -19.35
CA ASP A 81 -1.91 22.11 -18.09
C ASP A 81 -0.96 20.92 -18.05
N ARG A 82 -1.47 19.79 -18.49
CA ARG A 82 -0.66 18.58 -18.54
C ARG A 82 0.58 18.86 -19.41
N ALA A 83 0.36 19.50 -20.57
CA ALA A 83 1.45 19.83 -21.48
C ALA A 83 2.43 20.81 -20.82
N ARG A 84 1.89 21.72 -20.02
CA ARG A 84 2.71 22.69 -19.34
C ARG A 84 3.62 22.01 -18.33
N ILE A 85 3.04 21.15 -17.51
CA ILE A 85 3.83 20.41 -16.53
C ILE A 85 4.92 19.65 -17.28
N GLU A 86 4.49 18.91 -18.29
CA GLU A 86 5.40 18.11 -19.10
C GLU A 86 6.61 18.94 -19.55
N ALA A 87 6.35 20.17 -20.01
CA ALA A 87 7.43 21.05 -20.48
C ALA A 87 8.42 21.40 -19.36
N GLN A 88 7.89 21.82 -18.21
CA GLN A 88 8.71 22.16 -17.07
C GLN A 88 9.48 20.95 -16.58
N ILE A 89 8.85 19.78 -16.58
CA ILE A 89 9.56 18.60 -16.14
C ILE A 89 10.82 18.43 -17.00
N ASN A 90 10.70 18.64 -18.30
CA ASN A 90 11.86 18.47 -19.15
C ASN A 90 12.97 19.40 -18.67
N ARG A 91 12.61 20.62 -18.31
CA ARG A 91 13.59 21.58 -17.83
C ARG A 91 14.21 21.09 -16.52
N LEU A 92 13.36 20.61 -15.63
CA LEU A 92 13.78 20.12 -14.35
C LEU A 92 14.81 19.00 -14.44
N THR A 93 14.65 18.12 -15.41
CA THR A 93 15.56 16.99 -15.53
C THR A 93 16.73 17.12 -16.48
N TYR A 94 16.67 18.03 -17.44
CA TYR A 94 17.78 18.15 -18.39
C TYR A 94 18.31 19.58 -18.46
N ASP A 95 17.64 20.46 -17.74
CA ASP A 95 18.01 21.87 -17.73
C ASP A 95 17.92 22.43 -19.15
N GLU A 96 16.90 22.01 -19.88
CA GLU A 96 16.71 22.46 -21.26
C GLU A 96 15.27 22.41 -21.64
N PRO A 97 14.84 23.36 -22.50
CA PRO A 97 13.47 23.41 -22.95
C PRO A 97 13.18 22.15 -23.76
N ILE A 98 11.94 21.67 -23.69
CA ILE A 98 11.54 20.50 -24.42
C ILE A 98 11.30 20.92 -25.88
N THR A 99 11.56 20.03 -26.83
CA THR A 99 11.31 20.33 -28.23
C THR A 99 9.80 20.21 -28.45
N VAL A 100 9.27 20.92 -29.43
CA VAL A 100 7.85 20.86 -29.74
C VAL A 100 7.44 19.44 -30.08
N LYS A 101 8.30 18.74 -30.80
CA LYS A 101 8.01 17.37 -31.20
C LYS A 101 7.84 16.44 -30.01
N GLU A 102 8.77 16.53 -29.06
CA GLU A 102 8.75 15.69 -27.86
C GLU A 102 7.52 15.96 -27.01
N LEU A 103 7.24 17.24 -26.78
CA LEU A 103 6.11 17.64 -25.99
C LEU A 103 4.86 16.99 -26.56
N ALA A 104 4.69 17.12 -27.88
CA ALA A 104 3.53 16.56 -28.58
C ALA A 104 3.41 15.05 -28.36
N LYS A 105 4.50 14.32 -28.56
CA LYS A 105 4.48 12.89 -28.35
C LYS A 105 4.03 12.57 -26.93
N LYS A 106 4.49 13.36 -25.97
CA LYS A 106 4.12 13.10 -24.58
C LYS A 106 2.63 13.28 -24.28
N ILE A 107 2.01 14.39 -24.68
CA ILE A 107 0.57 14.50 -24.40
C ILE A 107 -0.19 13.48 -25.23
N CYS A 108 0.35 13.10 -26.37
CA CYS A 108 -0.34 12.13 -27.19
C CYS A 108 -0.31 10.76 -26.53
N ASP A 109 0.79 10.47 -25.81
CA ASP A 109 0.90 9.20 -25.11
C ASP A 109 -0.05 9.28 -23.95
N PHE A 110 -0.14 10.47 -23.37
CA PHE A 110 -1.04 10.67 -22.25
C PHE A 110 -2.46 10.33 -22.70
N LYS A 111 -2.90 10.97 -23.78
CA LYS A 111 -4.24 10.76 -24.32
C LYS A 111 -4.49 9.33 -24.76
N GLN A 112 -3.45 8.67 -25.26
CA GLN A 112 -3.59 7.31 -25.73
C GLN A 112 -4.03 6.34 -24.66
N GLN A 113 -3.60 6.56 -23.42
CA GLN A 113 -3.94 5.69 -22.30
C GLN A 113 -5.43 5.72 -22.01
N TYR A 114 -6.03 6.91 -22.08
CA TYR A 114 -7.45 7.06 -21.80
C TYR A 114 -8.24 6.40 -22.91
N THR A 115 -7.49 5.70 -23.76
CA THR A 115 -8.05 5.01 -24.92
C THR A 115 -8.08 3.50 -24.75
N GLN A 116 -7.33 2.96 -23.79
CA GLN A 116 -7.36 1.51 -23.59
C GLN A 116 -7.34 1.04 -22.13
N TYR A 117 -7.82 1.86 -21.19
CA TYR A 117 -7.80 1.47 -19.79
C TYR A 117 -9.11 1.47 -19.02
N GLY A 118 -10.06 0.72 -19.54
CA GLY A 118 -11.38 0.54 -18.94
C GLY A 118 -12.12 1.57 -18.09
N GLY A 119 -11.57 1.93 -16.93
CA GLY A 119 -12.30 2.85 -16.07
C GLY A 119 -12.17 4.30 -16.38
N VAL A 120 -11.98 4.62 -17.65
CA VAL A 120 -11.81 6.00 -18.03
C VAL A 120 -12.30 6.22 -19.48
N ARG A 121 -12.53 7.47 -19.86
CA ARG A 121 -12.96 7.73 -21.23
C ARG A 121 -11.91 8.58 -21.93
N PRO A 122 -11.93 8.59 -23.26
CA PRO A 122 -10.94 9.38 -24.00
C PRO A 122 -11.20 10.88 -23.84
N PHE A 123 -10.20 11.70 -24.18
CA PHE A 123 -10.35 13.15 -24.09
C PHE A 123 -11.08 13.63 -25.35
N GLY A 124 -12.22 14.28 -25.17
CA GLY A 124 -12.94 14.81 -26.32
C GLY A 124 -12.30 16.08 -26.83
N VAL A 125 -11.02 16.01 -27.16
CA VAL A 125 -10.30 17.19 -27.64
C VAL A 125 -9.13 16.91 -28.58
N SER A 126 -8.89 17.88 -29.45
CA SER A 126 -7.81 17.81 -30.43
C SER A 126 -6.93 19.04 -30.22
N LEU A 127 -5.63 18.87 -30.41
CA LEU A 127 -4.73 20.00 -30.17
C LEU A 127 -3.84 20.42 -31.31
N LEU A 128 -3.60 21.73 -31.34
CA LEU A 128 -2.67 22.30 -32.30
C LEU A 128 -1.50 22.78 -31.45
N ILE A 129 -0.34 22.15 -31.64
CA ILE A 129 0.85 22.54 -30.88
C ILE A 129 1.87 23.14 -31.83
N ALA A 130 2.14 24.42 -31.63
CA ALA A 130 3.07 25.14 -32.48
C ALA A 130 4.20 25.74 -31.66
N GLY A 131 5.40 25.71 -32.24
CA GLY A 131 6.53 26.28 -31.56
C GLY A 131 7.70 26.31 -32.52
N VAL A 132 8.87 26.64 -32.01
CA VAL A 132 10.07 26.67 -32.84
C VAL A 132 11.22 26.00 -32.15
N ASP A 133 11.63 24.86 -32.68
CA ASP A 133 12.78 24.18 -32.12
C ASP A 133 13.92 24.92 -32.82
N GLU A 134 14.55 24.26 -33.78
CA GLU A 134 15.61 24.89 -34.54
C GLU A 134 14.97 25.41 -35.84
N VAL A 135 13.73 24.97 -36.06
CA VAL A 135 12.94 25.34 -37.22
C VAL A 135 11.48 25.40 -36.73
N PRO A 136 10.64 26.22 -37.38
CA PRO A 136 9.24 26.27 -36.93
C PRO A 136 8.58 24.90 -37.06
N LYS A 137 7.64 24.60 -36.17
CA LYS A 137 6.96 23.32 -36.23
C LYS A 137 5.49 23.42 -35.82
N LEU A 138 4.67 22.56 -36.42
CA LEU A 138 3.24 22.53 -36.16
C LEU A 138 2.75 21.09 -36.12
N TYR A 139 2.12 20.72 -35.02
CA TYR A 139 1.59 19.39 -34.83
C TYR A 139 0.13 19.50 -34.43
N GLU A 140 -0.66 18.49 -34.79
CA GLU A 140 -2.05 18.48 -34.42
C GLU A 140 -2.28 17.09 -33.83
N THR A 141 -3.04 17.04 -32.74
CA THR A 141 -3.31 15.77 -32.07
C THR A 141 -4.75 15.33 -32.20
N ASP A 142 -4.97 14.05 -31.97
CA ASP A 142 -6.29 13.46 -32.08
C ASP A 142 -6.70 12.79 -30.76
N PRO A 143 -8.01 12.68 -30.51
CA PRO A 143 -8.50 12.05 -29.28
C PRO A 143 -7.90 10.66 -29.04
N SER A 144 -7.45 10.00 -30.09
CA SER A 144 -6.87 8.66 -29.98
C SER A 144 -5.41 8.70 -29.53
N GLY A 145 -4.78 9.86 -29.67
CA GLY A 145 -3.39 9.98 -29.29
C GLY A 145 -2.50 9.96 -30.52
N ALA A 146 -3.11 10.09 -31.69
CA ALA A 146 -2.37 10.08 -32.95
C ALA A 146 -1.78 11.49 -33.14
N LEU A 147 -0.56 11.53 -33.66
CA LEU A 147 0.15 12.78 -33.87
C LEU A 147 0.43 12.98 -35.35
N LEU A 148 0.40 14.24 -35.80
CA LEU A 148 0.67 14.55 -37.20
C LEU A 148 1.33 15.91 -37.33
N GLU A 149 2.35 16.00 -38.18
CA GLU A 149 3.02 17.28 -38.40
C GLU A 149 2.52 17.89 -39.71
N TYR A 150 1.99 19.10 -39.62
CA TYR A 150 1.46 19.82 -40.76
C TYR A 150 2.27 21.07 -41.11
N LYS A 151 2.12 21.53 -42.35
CA LYS A 151 2.76 22.74 -42.82
C LYS A 151 1.73 23.80 -42.50
N ALA A 152 0.47 23.40 -42.65
CA ALA A 152 -0.67 24.27 -42.37
C ALA A 152 -1.91 23.39 -42.20
N THR A 153 -2.83 23.79 -41.31
CA THR A 153 -4.02 22.99 -41.09
C THR A 153 -4.95 23.65 -40.11
N ALA A 154 -6.01 22.94 -39.75
CA ALA A 154 -7.00 23.45 -38.81
C ALA A 154 -7.76 22.31 -38.12
N ILE A 155 -8.41 22.65 -37.01
CA ILE A 155 -9.20 21.69 -36.26
C ILE A 155 -10.47 22.42 -35.89
N GLY A 156 -11.53 21.66 -35.61
CA GLY A 156 -12.77 22.32 -35.27
C GLY A 156 -13.78 22.22 -36.41
N MET A 157 -14.93 22.88 -36.26
CA MET A 157 -15.96 22.80 -37.29
C MET A 157 -15.51 23.40 -38.63
N GLY A 158 -14.88 24.56 -38.60
CA GLY A 158 -14.43 25.16 -39.84
C GLY A 158 -13.28 24.40 -40.48
N ARG A 159 -12.91 23.25 -39.92
CA ARG A 159 -11.79 22.49 -40.45
C ARG A 159 -11.73 22.41 -41.96
N ASN A 160 -12.56 21.54 -42.54
CA ASN A 160 -12.62 21.32 -43.99
C ASN A 160 -12.54 22.55 -44.86
N ALA A 161 -13.26 23.61 -44.47
CA ALA A 161 -13.24 24.83 -45.25
C ALA A 161 -11.79 25.27 -45.42
N VAL A 162 -11.13 25.60 -44.30
CA VAL A 162 -9.76 26.07 -44.36
C VAL A 162 -8.78 25.03 -44.88
N THR A 163 -9.12 23.76 -44.74
CA THR A 163 -8.22 22.71 -45.24
C THR A 163 -8.16 22.74 -46.76
N GLU A 164 -9.35 22.83 -47.38
CA GLU A 164 -9.47 22.88 -48.84
C GLU A 164 -8.81 24.16 -49.37
N PHE A 165 -9.01 25.26 -48.64
CA PHE A 165 -8.43 26.53 -49.03
C PHE A 165 -6.90 26.43 -49.02
N PHE A 166 -6.32 26.10 -47.87
CA PHE A 166 -4.86 25.98 -47.79
C PHE A 166 -4.36 25.00 -48.83
N GLU A 167 -5.15 23.98 -49.10
CA GLU A 167 -4.79 22.97 -50.08
C GLU A 167 -4.45 23.59 -51.42
N LYS A 168 -5.00 24.78 -51.67
CA LYS A 168 -4.75 25.48 -52.93
C LYS A 168 -3.84 26.69 -52.78
N GLU A 169 -4.11 27.54 -51.79
CA GLU A 169 -3.32 28.76 -51.56
C GLU A 169 -1.98 28.64 -50.85
N TYR A 170 -1.89 27.79 -49.83
CA TYR A 170 -0.64 27.64 -49.10
C TYR A 170 0.56 27.37 -49.99
N ARG A 171 1.70 27.94 -49.60
CA ARG A 171 2.95 27.79 -50.33
C ARG A 171 4.13 27.74 -49.36
N ASP A 172 5.07 26.85 -49.63
CA ASP A 172 6.25 26.68 -48.78
C ASP A 172 7.08 27.93 -48.57
N ASP A 173 6.96 28.90 -49.46
CA ASP A 173 7.75 30.12 -49.37
C ASP A 173 7.02 31.36 -48.90
N LEU A 174 5.81 31.19 -48.35
CA LEU A 174 5.07 32.34 -47.87
C LEU A 174 5.89 33.15 -46.87
N SER A 175 5.68 34.46 -46.87
CA SER A 175 6.38 35.33 -45.93
C SER A 175 5.56 35.27 -44.65
N PHE A 176 6.12 35.76 -43.55
CA PHE A 176 5.41 35.71 -42.29
C PHE A 176 4.05 36.39 -42.40
N ASP A 177 4.03 37.62 -42.87
CA ASP A 177 2.79 38.37 -43.02
C ASP A 177 1.85 37.72 -44.04
N ASP A 178 2.43 37.22 -45.12
CA ASP A 178 1.63 36.55 -46.14
C ASP A 178 0.97 35.36 -45.49
N ALA A 179 1.79 34.51 -44.89
CA ALA A 179 1.31 33.32 -44.22
C ALA A 179 0.21 33.66 -43.24
N MET A 180 0.40 34.71 -42.44
CA MET A 180 -0.62 35.07 -41.48
C MET A 180 -1.92 35.52 -42.16
N VAL A 181 -1.82 36.40 -43.15
CA VAL A 181 -3.01 36.87 -43.84
C VAL A 181 -3.76 35.70 -44.46
N LEU A 182 -3.02 34.77 -45.04
CA LEU A 182 -3.61 33.59 -45.67
C LEU A 182 -4.43 32.85 -44.62
N GLY A 183 -4.01 32.96 -43.37
CA GLY A 183 -4.71 32.30 -42.28
C GLY A 183 -5.97 33.04 -41.89
N LEU A 184 -5.89 34.37 -41.77
CA LEU A 184 -7.08 35.14 -41.41
C LEU A 184 -8.15 34.91 -42.48
N VAL A 185 -7.70 34.74 -43.73
CA VAL A 185 -8.61 34.50 -44.83
C VAL A 185 -9.28 33.16 -44.63
N ALA A 186 -8.48 32.12 -44.41
CA ALA A 186 -9.03 30.79 -44.19
C ALA A 186 -10.11 30.85 -43.11
N MET A 187 -9.84 31.64 -42.07
CA MET A 187 -10.80 31.81 -40.99
C MET A 187 -12.06 32.46 -41.54
N GLY A 188 -11.88 33.53 -42.30
CA GLY A 188 -13.01 34.23 -42.89
C GLY A 188 -13.93 33.30 -43.66
N LEU A 189 -13.36 32.56 -44.60
CA LEU A 189 -14.15 31.64 -45.38
C LEU A 189 -14.85 30.69 -44.44
N SER A 190 -14.11 30.25 -43.43
CA SER A 190 -14.64 29.32 -42.41
C SER A 190 -15.94 29.82 -41.78
N ILE A 191 -15.90 31.01 -41.19
CA ILE A 191 -17.09 31.55 -40.56
C ILE A 191 -18.04 32.13 -41.59
N GLU A 192 -17.67 32.00 -42.87
CA GLU A 192 -18.51 32.47 -43.97
C GLU A 192 -18.69 33.98 -43.98
N SER A 193 -17.62 34.74 -43.75
CA SER A 193 -17.74 36.20 -43.77
C SER A 193 -16.45 36.92 -43.39
N GLU A 194 -16.53 38.24 -43.38
CA GLU A 194 -15.38 39.06 -43.04
C GLU A 194 -15.14 38.93 -41.54
N LEU A 195 -13.88 39.05 -41.13
CA LEU A 195 -13.51 38.92 -39.73
C LEU A 195 -13.52 40.26 -39.00
N VAL A 196 -13.73 40.19 -37.70
CA VAL A 196 -13.73 41.37 -36.84
C VAL A 196 -12.51 41.16 -35.94
N PRO A 197 -11.52 42.05 -36.05
CA PRO A 197 -10.33 41.90 -35.21
C PRO A 197 -10.66 41.63 -33.74
N GLU A 198 -11.74 42.27 -33.29
CA GLU A 198 -12.17 42.16 -31.91
C GLU A 198 -12.62 40.78 -31.46
N ASN A 199 -12.75 39.83 -32.37
CA ASN A 199 -13.16 38.49 -31.97
C ASN A 199 -12.38 37.33 -32.57
N ILE A 200 -11.08 37.54 -32.72
CA ILE A 200 -10.18 36.49 -33.23
C ILE A 200 -8.87 36.66 -32.48
N GLU A 201 -8.21 35.54 -32.17
CA GLU A 201 -6.96 35.57 -31.43
C GLU A 201 -5.83 35.05 -32.28
N VAL A 202 -4.67 35.67 -32.15
CA VAL A 202 -3.51 35.26 -32.92
C VAL A 202 -2.26 35.24 -32.05
N GLY A 203 -1.52 34.14 -32.14
CA GLY A 203 -0.30 33.98 -31.38
C GLY A 203 0.69 33.38 -32.34
N TYR A 204 1.98 33.53 -32.07
CA TYR A 204 2.99 32.99 -32.96
C TYR A 204 4.31 32.86 -32.22
N VAL A 205 5.29 32.29 -32.92
CA VAL A 205 6.64 32.09 -32.40
C VAL A 205 7.57 32.21 -33.59
N LYS A 206 8.28 33.33 -33.69
CA LYS A 206 9.20 33.57 -34.79
C LYS A 206 10.54 32.90 -34.58
N VAL A 207 11.06 32.28 -35.64
CA VAL A 207 12.34 31.57 -35.57
C VAL A 207 13.50 32.46 -35.10
N ASP A 208 13.36 33.78 -35.19
CA ASP A 208 14.44 34.65 -34.76
C ASP A 208 14.61 34.68 -33.24
N ASP A 209 13.56 35.06 -32.51
CA ASP A 209 13.64 35.11 -31.05
C ASP A 209 12.73 34.09 -30.36
N ARG A 210 12.80 32.85 -30.82
CA ARG A 210 12.00 31.73 -30.31
C ARG A 210 11.13 31.98 -29.08
N THR A 211 10.34 33.03 -29.07
CA THR A 211 9.48 33.28 -27.91
C THR A 211 8.04 33.59 -28.31
N PHE A 212 7.13 32.84 -27.73
CA PHE A 212 5.73 33.01 -28.04
C PHE A 212 5.26 34.40 -27.67
N LYS A 213 4.74 35.11 -28.66
CA LYS A 213 4.19 36.43 -28.47
C LYS A 213 2.79 36.36 -29.07
N GLU A 214 1.89 37.21 -28.61
CA GLU A 214 0.52 37.19 -29.12
C GLU A 214 0.21 38.52 -29.80
N VAL A 215 -0.22 38.48 -31.06
CA VAL A 215 -0.54 39.69 -31.81
C VAL A 215 -1.56 40.56 -31.09
N SER A 216 -1.20 41.80 -30.82
CA SER A 216 -2.08 42.72 -30.11
C SER A 216 -3.24 43.12 -31.02
N PRO A 217 -4.38 43.53 -30.42
CA PRO A 217 -5.54 43.93 -31.23
C PRO A 217 -5.20 45.05 -32.23
N GLU A 218 -4.31 45.95 -31.84
CA GLU A 218 -3.90 47.05 -32.71
C GLU A 218 -3.05 46.52 -33.86
N GLU A 219 -2.10 45.66 -33.55
CA GLU A 219 -1.24 45.09 -34.59
C GLU A 219 -2.08 44.22 -35.49
N LEU A 220 -3.28 43.89 -35.04
CA LEU A 220 -4.20 43.04 -35.81
C LEU A 220 -4.91 43.81 -36.91
N LYS A 221 -5.44 44.98 -36.55
CA LYS A 221 -6.16 45.86 -37.48
C LYS A 221 -5.70 45.71 -38.92
N PRO A 222 -4.45 46.09 -39.23
CA PRO A 222 -3.95 45.97 -40.59
C PRO A 222 -4.12 44.60 -41.22
N TYR A 223 -3.76 43.54 -40.49
CA TYR A 223 -3.88 42.18 -41.02
C TYR A 223 -5.31 41.76 -41.30
N VAL A 224 -6.21 42.02 -40.35
CA VAL A 224 -7.62 41.67 -40.52
C VAL A 224 -8.16 42.40 -41.75
N GLU A 225 -7.85 43.70 -41.79
CA GLU A 225 -8.26 44.57 -42.88
C GLU A 225 -7.82 44.02 -44.24
N ARG A 226 -6.52 43.78 -44.39
CA ARG A 226 -5.97 43.24 -45.63
C ARG A 226 -6.50 41.85 -45.95
N ALA A 227 -7.04 41.17 -44.93
CA ALA A 227 -7.57 39.83 -45.12
C ALA A 227 -9.03 39.93 -45.54
N ASN A 228 -9.78 40.77 -44.83
CA ASN A 228 -11.18 40.98 -45.13
C ASN A 228 -11.28 41.33 -46.61
N GLU A 229 -10.21 41.93 -47.13
CA GLU A 229 -10.16 42.32 -48.53
C GLU A 229 -10.43 41.07 -49.36
N ARG A 230 -9.42 40.22 -49.47
CA ARG A 230 -9.50 38.99 -50.25
C ARG A 230 -10.68 38.11 -49.83
N ILE A 231 -11.21 38.34 -48.65
CA ILE A 231 -12.35 37.56 -48.17
C ILE A 231 -13.60 37.95 -48.99
N ARG A 232 -13.97 39.22 -48.91
CA ARG A 232 -15.12 39.74 -49.63
C ARG A 232 -15.01 39.26 -51.07
N GLU A 233 -13.84 39.53 -51.64
CA GLU A 233 -13.52 39.12 -53.00
C GLU A 233 -13.80 37.63 -53.20
N LEU A 234 -13.26 36.81 -52.30
CA LEU A 234 -13.40 35.36 -52.37
C LEU A 234 -14.82 34.88 -52.12
N LEU A 235 -15.60 35.67 -51.40
CA LEU A 235 -16.99 35.28 -51.11
C LEU A 235 -17.94 35.63 -52.25
N LYS A 236 -17.47 35.48 -53.48
CA LYS A 236 -18.30 35.78 -54.65
C LYS A 236 -19.19 34.60 -54.99
N LYS A 237 -18.57 33.44 -55.19
CA LYS A 237 -19.30 32.23 -55.54
C LYS A 237 -20.19 31.80 -54.37
N ARG B 1 -19.51 -11.35 -21.70
CA ARG B 1 -19.80 -10.67 -20.40
C ARG B 1 -18.53 -10.39 -19.61
N ALA B 2 -17.61 -9.64 -20.20
CA ALA B 2 -16.35 -9.30 -19.54
C ALA B 2 -15.49 -8.36 -20.37
N ILE B 3 -14.81 -8.90 -21.37
CA ILE B 3 -13.93 -8.13 -22.23
C ILE B 3 -13.37 -9.03 -23.34
N THR B 4 -12.14 -9.51 -23.16
CA THR B 4 -11.53 -10.40 -24.11
C THR B 4 -11.79 -11.81 -23.57
N VAL B 5 -12.75 -12.50 -24.19
CA VAL B 5 -13.10 -13.85 -23.77
C VAL B 5 -13.26 -14.77 -24.95
N PHE B 6 -13.27 -16.07 -24.66
CA PHE B 6 -13.40 -17.07 -25.69
C PHE B 6 -14.81 -17.13 -26.28
N SER B 7 -14.88 -17.39 -27.59
CA SER B 7 -16.15 -17.55 -28.28
C SER B 7 -16.35 -19.05 -28.36
N PRO B 8 -17.56 -19.50 -28.70
CA PRO B 8 -17.75 -20.96 -28.79
C PRO B 8 -16.80 -21.61 -29.79
N ASP B 9 -16.26 -20.80 -30.69
CA ASP B 9 -15.33 -21.27 -31.73
C ASP B 9 -13.92 -21.45 -31.16
N GLY B 10 -13.71 -20.93 -29.96
CA GLY B 10 -12.41 -21.03 -29.34
C GLY B 10 -11.51 -19.90 -29.77
N ARG B 11 -12.12 -18.81 -30.22
CA ARG B 11 -11.33 -17.67 -30.65
C ARG B 11 -11.63 -16.45 -29.79
N LEU B 12 -10.77 -15.45 -29.88
CA LEU B 12 -10.89 -14.21 -29.12
C LEU B 12 -11.30 -13.09 -30.07
N PHE B 13 -12.57 -12.73 -30.05
CA PHE B 13 -13.06 -11.71 -30.94
C PHE B 13 -12.32 -10.38 -30.83
N GLN B 14 -12.02 -9.93 -29.62
CA GLN B 14 -11.32 -8.67 -29.48
C GLN B 14 -10.01 -8.71 -30.24
N VAL B 15 -9.30 -9.84 -30.15
CA VAL B 15 -8.03 -9.99 -30.84
C VAL B 15 -8.24 -9.98 -32.34
N GLU B 16 -9.28 -10.65 -32.78
CA GLU B 16 -9.56 -10.70 -34.21
C GLU B 16 -10.03 -9.35 -34.70
N TYR B 17 -10.79 -8.63 -33.88
CA TYR B 17 -11.22 -7.32 -34.28
C TYR B 17 -10.01 -6.40 -34.37
N ALA B 18 -9.07 -6.58 -33.46
CA ALA B 18 -7.87 -5.77 -33.47
C ALA B 18 -7.16 -6.00 -34.80
N ARG B 19 -7.13 -7.26 -35.22
CA ARG B 19 -6.51 -7.61 -36.48
C ARG B 19 -7.16 -6.86 -37.63
N GLU B 20 -8.46 -6.65 -37.56
CA GLU B 20 -9.15 -5.89 -38.61
C GLU B 20 -8.57 -4.49 -38.71
N ALA B 21 -8.09 -3.98 -37.57
CA ALA B 21 -7.50 -2.65 -37.54
C ALA B 21 -6.16 -2.64 -38.29
N VAL B 22 -5.35 -3.67 -38.08
CA VAL B 22 -4.04 -3.71 -38.74
C VAL B 22 -4.17 -3.83 -40.26
N LYS B 23 -5.20 -4.54 -40.72
CA LYS B 23 -5.44 -4.69 -42.15
C LYS B 23 -5.67 -3.33 -42.82
N ARG B 24 -6.33 -2.43 -42.10
CA ARG B 24 -6.60 -1.10 -42.61
C ARG B 24 -5.32 -0.26 -42.55
N GLY B 25 -4.30 -0.80 -41.89
CA GLY B 25 -3.06 -0.07 -41.72
C GLY B 25 -2.21 0.17 -42.97
N ALA B 26 -1.39 1.22 -42.92
CA ALA B 26 -0.51 1.54 -44.02
C ALA B 26 0.43 0.34 -44.16
N THR B 27 0.76 -0.02 -45.39
CA THR B 27 1.59 -1.20 -45.61
C THR B 27 3.10 -1.02 -45.35
N ALA B 28 3.72 -2.07 -44.82
CA ALA B 28 5.13 -2.07 -44.52
C ALA B 28 5.69 -3.43 -44.97
N ILE B 29 6.91 -3.40 -45.51
CA ILE B 29 7.56 -4.60 -46.02
C ILE B 29 8.92 -4.88 -45.41
N GLY B 30 9.27 -6.16 -45.30
CA GLY B 30 10.56 -6.54 -44.76
C GLY B 30 11.18 -7.66 -45.56
N ILE B 31 12.45 -7.50 -45.95
CA ILE B 31 13.15 -8.52 -46.73
C ILE B 31 14.50 -8.86 -46.12
N LYS B 32 14.76 -10.15 -46.00
CA LYS B 32 16.01 -10.58 -45.43
C LYS B 32 16.89 -11.29 -46.46
N CYS B 33 18.16 -10.93 -46.52
CA CYS B 33 19.11 -11.59 -47.40
C CYS B 33 20.34 -11.90 -46.54
N LYS B 34 21.39 -12.43 -47.16
CA LYS B 34 22.59 -12.77 -46.41
C LYS B 34 23.31 -11.51 -45.91
N GLU B 35 23.36 -10.48 -46.74
CA GLU B 35 24.05 -9.25 -46.37
C GLU B 35 23.30 -8.38 -45.38
N GLY B 36 22.08 -8.76 -45.02
CA GLY B 36 21.33 -7.95 -44.09
C GLY B 36 19.82 -8.00 -44.25
N VAL B 37 19.13 -7.06 -43.61
CA VAL B 37 17.66 -7.02 -43.68
C VAL B 37 17.18 -5.60 -43.96
N ILE B 38 16.22 -5.47 -44.88
CA ILE B 38 15.67 -4.17 -45.23
C ILE B 38 14.22 -4.11 -44.78
N LEU B 39 13.81 -2.90 -44.42
CA LEU B 39 12.45 -2.62 -43.98
C LEU B 39 12.05 -1.39 -44.77
N ILE B 40 11.00 -1.52 -45.56
CA ILE B 40 10.54 -0.38 -46.36
C ILE B 40 9.06 -0.15 -46.05
N ALA B 41 8.71 1.12 -45.88
CA ALA B 41 7.33 1.47 -45.55
C ALA B 41 6.71 2.54 -46.43
N ASP B 42 5.40 2.47 -46.57
CA ASP B 42 4.63 3.43 -47.35
C ASP B 42 4.51 4.73 -46.57
N LYS B 43 5.25 5.73 -47.01
CA LYS B 43 5.29 7.05 -46.35
C LYS B 43 4.27 8.04 -46.92
N ARG B 44 3.58 7.61 -47.98
CA ARG B 44 2.56 8.39 -48.68
C ARG B 44 1.53 9.14 -47.81
N VAL B 45 1.35 10.43 -48.10
CA VAL B 45 0.43 11.27 -47.36
C VAL B 45 -0.78 11.71 -48.20
N GLY B 46 -1.85 12.11 -47.52
CA GLY B 46 -3.06 12.54 -48.21
C GLY B 46 -3.32 14.04 -48.27
N SER B 47 -2.29 14.87 -48.04
CA SER B 47 -2.44 16.32 -48.09
C SER B 47 -1.10 17.03 -48.19
N LYS B 48 -1.02 18.04 -49.04
CA LYS B 48 0.24 18.77 -49.20
C LYS B 48 0.54 19.55 -47.94
N LEU B 49 -0.44 19.57 -47.03
CA LEU B 49 -0.29 20.29 -45.78
C LEU B 49 0.48 19.52 -44.71
N LEU B 50 0.66 18.22 -44.89
CA LEU B 50 1.41 17.44 -43.92
C LEU B 50 2.89 17.49 -44.20
N GLU B 51 3.72 17.67 -43.16
CA GLU B 51 5.16 17.70 -43.33
C GLU B 51 5.61 16.30 -43.70
N ALA B 52 5.68 16.02 -44.99
CA ALA B 52 6.09 14.69 -45.42
C ALA B 52 7.55 14.38 -45.08
N ASP B 53 8.42 15.38 -45.19
CA ASP B 53 9.84 15.19 -44.89
C ASP B 53 10.06 14.70 -43.47
N THR B 54 9.10 14.96 -42.59
CA THR B 54 9.18 14.55 -41.20
C THR B 54 8.66 13.16 -40.93
N ILE B 55 7.38 12.94 -41.20
CA ILE B 55 6.75 11.66 -40.97
C ILE B 55 7.72 10.48 -41.04
N GLU B 56 7.77 9.73 -39.95
CA GLU B 56 8.67 8.58 -39.83
C GLU B 56 7.85 7.31 -39.69
N LYS B 57 8.21 6.30 -40.47
CA LYS B 57 7.48 5.05 -40.43
C LYS B 57 8.34 3.85 -40.04
N ILE B 58 9.65 4.05 -40.03
CA ILE B 58 10.58 2.99 -39.66
C ILE B 58 11.32 3.49 -38.42
N TYR B 59 11.20 2.75 -37.33
CA TYR B 59 11.82 3.15 -36.08
C TYR B 59 13.07 2.39 -35.64
N LYS B 60 13.96 3.14 -35.01
CA LYS B 60 15.20 2.59 -34.48
C LYS B 60 14.86 2.15 -33.05
N ILE B 61 15.11 0.88 -32.76
CA ILE B 61 14.86 0.33 -31.43
C ILE B 61 16.18 0.40 -30.65
N ASP B 62 17.24 -0.11 -31.27
CA ASP B 62 18.58 -0.08 -30.69
C ASP B 62 19.51 0.18 -31.88
N GLU B 63 20.82 0.02 -31.68
CA GLU B 63 21.79 0.23 -32.75
C GLU B 63 21.64 -0.80 -33.85
N HIS B 64 21.30 -2.02 -33.47
CA HIS B 64 21.18 -3.11 -34.43
C HIS B 64 19.74 -3.58 -34.62
N ILE B 65 18.78 -2.74 -34.27
CA ILE B 65 17.39 -3.15 -34.43
C ILE B 65 16.46 -2.02 -34.79
N CYS B 66 15.60 -2.27 -35.77
CA CYS B 66 14.63 -1.30 -36.19
C CYS B 66 13.30 -2.03 -36.28
N ALA B 67 12.22 -1.28 -36.46
CA ALA B 67 10.92 -1.89 -36.55
C ALA B 67 9.92 -1.04 -37.32
N ALA B 68 8.99 -1.71 -37.99
CA ALA B 68 7.96 -1.05 -38.75
C ALA B 68 6.67 -1.43 -38.06
N THR B 69 5.67 -0.56 -38.13
CA THR B 69 4.40 -0.81 -37.46
C THR B 69 3.18 -0.68 -38.38
N SER B 70 2.07 -1.30 -37.99
CA SER B 70 0.80 -1.18 -38.75
C SER B 70 -0.39 -1.43 -37.85
N GLY B 71 -1.43 -0.61 -38.02
CA GLY B 71 -2.63 -0.70 -37.20
C GLY B 71 -2.85 0.63 -36.49
N LEU B 72 -3.50 0.61 -35.31
CA LEU B 72 -3.71 1.86 -34.60
C LEU B 72 -2.38 2.57 -34.37
N VAL B 73 -2.25 3.75 -34.95
CA VAL B 73 -1.05 4.56 -34.87
C VAL B 73 -0.62 4.93 -33.43
N ALA B 74 -1.56 5.32 -32.57
CA ALA B 74 -1.22 5.69 -31.20
C ALA B 74 -0.71 4.48 -30.41
N ASP B 75 -1.40 3.35 -30.53
CA ASP B 75 -1.00 2.12 -29.86
C ASP B 75 0.43 1.80 -30.29
N ALA B 76 0.68 1.84 -31.59
CA ALA B 76 2.00 1.53 -32.10
C ALA B 76 3.10 2.30 -31.38
N ARG B 77 2.88 3.60 -31.17
CA ARG B 77 3.85 4.45 -30.49
C ARG B 77 4.28 3.83 -29.15
N VAL B 78 3.31 3.62 -28.26
CA VAL B 78 3.64 3.07 -26.96
C VAL B 78 4.35 1.75 -27.13
N LEU B 79 3.96 0.97 -28.13
CA LEU B 79 4.60 -0.31 -28.35
C LEU B 79 6.08 -0.22 -28.77
N ILE B 80 6.47 0.75 -29.59
CA ILE B 80 7.89 0.80 -29.96
C ILE B 80 8.70 1.37 -28.81
N ASP B 81 8.12 2.33 -28.09
CA ASP B 81 8.84 2.92 -26.97
C ASP B 81 9.05 1.81 -25.95
N ARG B 82 8.05 0.94 -25.84
CA ARG B 82 8.12 -0.18 -24.93
C ARG B 82 9.28 -1.04 -25.36
N ALA B 83 9.37 -1.31 -26.65
CA ALA B 83 10.45 -2.13 -27.19
C ALA B 83 11.80 -1.46 -26.92
N ARG B 84 11.85 -0.14 -27.08
CA ARG B 84 13.08 0.61 -26.85
C ARG B 84 13.54 0.44 -25.38
N ILE B 85 12.61 0.68 -24.45
CA ILE B 85 12.92 0.51 -23.04
C ILE B 85 13.44 -0.91 -22.84
N GLU B 86 12.69 -1.87 -23.35
CA GLU B 86 13.08 -3.26 -23.21
C GLU B 86 14.53 -3.49 -23.64
N ALA B 87 14.91 -2.91 -24.77
CA ALA B 87 16.27 -3.05 -25.28
C ALA B 87 17.33 -2.47 -24.33
N GLN B 88 17.11 -1.25 -23.83
CA GLN B 88 18.05 -0.63 -22.91
C GLN B 88 18.15 -1.46 -21.62
N ILE B 89 17.00 -1.93 -21.14
CA ILE B 89 17.00 -2.74 -19.93
C ILE B 89 17.96 -3.90 -20.11
N ASN B 90 17.92 -4.57 -21.25
CA ASN B 90 18.84 -5.69 -21.45
C ASN B 90 20.28 -5.23 -21.26
N ARG B 91 20.60 -4.05 -21.79
CA ARG B 91 21.94 -3.49 -21.68
C ARG B 91 22.27 -3.24 -20.21
N LEU B 92 21.34 -2.58 -19.53
CA LEU B 92 21.49 -2.24 -18.13
C LEU B 92 21.81 -3.45 -17.26
N THR B 93 21.13 -4.56 -17.49
CA THR B 93 21.35 -5.74 -16.68
C THR B 93 22.43 -6.72 -17.10
N TYR B 94 22.78 -6.76 -18.38
CA TYR B 94 23.80 -7.70 -18.83
C TYR B 94 24.94 -7.01 -19.54
N ASP B 95 24.82 -5.70 -19.70
CA ASP B 95 25.84 -4.94 -20.39
C ASP B 95 26.02 -5.50 -21.79
N GLU B 96 24.92 -5.87 -22.42
CA GLU B 96 24.96 -6.40 -23.77
C GLU B 96 23.71 -6.09 -24.54
N PRO B 97 23.83 -5.87 -25.85
CA PRO B 97 22.65 -5.55 -26.66
C PRO B 97 21.73 -6.76 -26.69
N ILE B 98 20.43 -6.49 -26.69
CA ILE B 98 19.47 -7.58 -26.74
C ILE B 98 19.39 -8.14 -28.17
N THR B 99 19.17 -9.45 -28.28
CA THR B 99 19.05 -10.08 -29.59
C THR B 99 17.69 -9.69 -30.16
N VAL B 100 17.57 -9.65 -31.48
CA VAL B 100 16.31 -9.31 -32.13
C VAL B 100 15.22 -10.29 -31.70
N LYS B 101 15.58 -11.58 -31.66
CA LYS B 101 14.65 -12.61 -31.26
C LYS B 101 14.07 -12.38 -29.85
N GLU B 102 14.95 -12.07 -28.89
CA GLU B 102 14.54 -11.83 -27.51
C GLU B 102 13.65 -10.61 -27.40
N LEU B 103 14.08 -9.52 -28.03
CA LEU B 103 13.31 -8.29 -28.00
C LEU B 103 11.88 -8.56 -28.46
N ALA B 104 11.76 -9.35 -29.53
CA ALA B 104 10.46 -9.68 -30.12
C ALA B 104 9.61 -10.44 -29.12
N LYS B 105 10.18 -11.48 -28.51
CA LYS B 105 9.44 -12.27 -27.55
C LYS B 105 8.93 -11.39 -26.42
N LYS B 106 9.75 -10.44 -26.00
CA LYS B 106 9.34 -9.54 -24.93
C LYS B 106 8.17 -8.64 -25.27
N ILE B 107 8.19 -7.95 -26.41
CA ILE B 107 7.02 -7.12 -26.71
C ILE B 107 5.80 -7.98 -27.02
N CYS B 108 6.05 -9.21 -27.48
CA CYS B 108 4.93 -10.09 -27.75
C CYS B 108 4.28 -10.54 -26.45
N ASP B 109 5.10 -10.73 -25.42
CA ASP B 109 4.57 -11.14 -24.12
C ASP B 109 3.80 -9.96 -23.58
N PHE B 110 4.33 -8.78 -23.82
CA PHE B 110 3.68 -7.56 -23.36
C PHE B 110 2.29 -7.52 -23.97
N LYS B 111 2.21 -7.65 -25.29
CA LYS B 111 0.95 -7.60 -26.01
C LYS B 111 0.00 -8.72 -25.61
N GLN B 112 0.56 -9.88 -25.30
CA GLN B 112 -0.28 -11.00 -24.92
C GLN B 112 -1.13 -10.74 -23.68
N GLN B 113 -0.58 -9.99 -22.72
CA GLN B 113 -1.30 -9.69 -21.49
C GLN B 113 -2.58 -8.90 -21.71
N TYR B 114 -2.52 -7.89 -22.58
CA TYR B 114 -3.68 -7.07 -22.88
C TYR B 114 -4.72 -7.90 -23.61
N THR B 115 -4.41 -9.18 -23.72
CA THR B 115 -5.25 -10.14 -24.37
C THR B 115 -6.02 -11.01 -23.39
N GLN B 116 -5.64 -11.01 -22.11
CA GLN B 116 -6.38 -11.83 -21.16
C GLN B 116 -6.57 -11.21 -19.78
N TYR B 117 -6.50 -9.89 -19.69
CA TYR B 117 -6.65 -9.23 -18.40
C TYR B 117 -7.78 -8.23 -18.25
N GLY B 118 -8.99 -8.68 -18.53
CA GLY B 118 -10.19 -7.87 -18.39
C GLY B 118 -10.31 -6.35 -18.47
N GLY B 119 -9.60 -5.62 -17.63
CA GLY B 119 -9.73 -4.19 -17.65
C GLY B 119 -8.94 -3.49 -18.73
N VAL B 120 -8.65 -4.19 -19.81
CA VAL B 120 -7.85 -3.60 -20.85
C VAL B 120 -8.20 -4.18 -22.23
N ARG B 121 -7.77 -3.52 -23.30
CA ARG B 121 -8.05 -4.01 -24.63
C ARG B 121 -6.74 -4.32 -25.35
N PRO B 122 -6.80 -5.19 -26.37
CA PRO B 122 -5.60 -5.56 -27.12
C PRO B 122 -5.03 -4.39 -27.88
N PHE B 123 -3.77 -4.51 -28.32
CA PHE B 123 -3.15 -3.45 -29.10
C PHE B 123 -3.55 -3.66 -30.56
N GLY B 124 -4.19 -2.67 -31.16
CA GLY B 124 -4.60 -2.83 -32.54
C GLY B 124 -3.42 -2.56 -33.44
N VAL B 125 -2.34 -3.32 -33.26
CA VAL B 125 -1.16 -3.12 -34.07
C VAL B 125 -0.33 -4.38 -34.29
N SER B 126 0.36 -4.41 -35.43
CA SER B 126 1.21 -5.51 -35.81
C SER B 126 2.61 -4.92 -36.04
N LEU B 127 3.63 -5.71 -35.74
CA LEU B 127 4.98 -5.19 -35.89
C LEU B 127 5.93 -5.99 -36.74
N LEU B 128 6.83 -5.27 -37.40
CA LEU B 128 7.89 -5.89 -38.18
C LEU B 128 9.14 -5.48 -37.43
N ILE B 129 9.82 -6.46 -36.84
CA ILE B 129 11.06 -6.17 -36.10
C ILE B 129 12.22 -6.77 -36.87
N ALA B 130 13.12 -5.90 -37.31
CA ALA B 130 14.27 -6.35 -38.07
C ALA B 130 15.57 -5.89 -37.45
N GLY B 131 16.57 -6.77 -37.52
CA GLY B 131 17.87 -6.42 -36.98
C GLY B 131 18.88 -7.50 -37.34
N VAL B 132 20.10 -7.35 -36.84
CA VAL B 132 21.12 -8.34 -37.12
C VAL B 132 21.80 -8.80 -35.85
N ASP B 133 21.57 -10.05 -35.46
CA ASP B 133 22.24 -10.60 -34.30
C ASP B 133 23.56 -11.05 -34.95
N GLU B 134 23.76 -12.36 -35.05
CA GLU B 134 24.96 -12.85 -35.69
C GLU B 134 24.62 -13.07 -37.16
N VAL B 135 23.33 -13.05 -37.45
CA VAL B 135 22.80 -13.21 -38.80
C VAL B 135 21.60 -12.29 -38.92
N PRO B 136 21.26 -11.83 -40.13
CA PRO B 136 20.09 -10.95 -40.25
C PRO B 136 18.83 -11.68 -39.80
N LYS B 137 17.88 -10.95 -39.21
CA LYS B 137 16.64 -11.56 -38.74
C LYS B 137 15.43 -10.65 -38.94
N LEU B 138 14.29 -11.28 -39.20
CA LEU B 138 13.05 -10.56 -39.40
C LEU B 138 11.88 -11.26 -38.72
N TYR B 139 11.18 -10.53 -37.85
CA TYR B 139 10.05 -11.07 -37.12
C TYR B 139 8.86 -10.15 -37.33
N GLU B 140 7.67 -10.73 -37.29
CA GLU B 140 6.46 -9.94 -37.44
C GLU B 140 5.57 -10.36 -36.27
N THR B 141 4.92 -9.38 -35.64
CA THR B 141 4.07 -9.63 -34.48
C THR B 141 2.59 -9.41 -34.74
N ASP B 142 1.76 -10.09 -33.96
CA ASP B 142 0.32 -10.03 -34.07
C ASP B 142 -0.35 -9.43 -32.83
N PRO B 143 -1.53 -8.82 -32.97
CA PRO B 143 -2.24 -8.23 -31.83
C PRO B 143 -2.41 -9.22 -30.66
N SER B 144 -2.38 -10.50 -30.96
CA SER B 144 -2.54 -11.54 -29.93
C SER B 144 -1.27 -11.77 -29.13
N GLY B 145 -0.13 -11.41 -29.73
CA GLY B 145 1.16 -11.62 -29.09
C GLY B 145 1.90 -12.77 -29.78
N ALA B 146 1.38 -13.23 -30.91
CA ALA B 146 2.00 -14.32 -31.64
C ALA B 146 3.23 -13.79 -32.39
N LEU B 147 4.28 -14.61 -32.42
CA LEU B 147 5.53 -14.22 -33.08
C LEU B 147 5.86 -15.14 -34.25
N LEU B 148 6.39 -14.56 -35.33
CA LEU B 148 6.77 -15.36 -36.50
C LEU B 148 8.01 -14.83 -37.18
N GLU B 149 8.92 -15.74 -37.53
CA GLU B 149 10.13 -15.33 -38.23
C GLU B 149 10.00 -15.58 -39.74
N TYR B 150 10.10 -14.50 -40.51
CA TYR B 150 9.99 -14.56 -41.96
C TYR B 150 11.32 -14.31 -42.68
N LYS B 151 11.39 -14.76 -43.92
CA LYS B 151 12.57 -14.52 -44.74
C LYS B 151 12.23 -13.18 -45.41
N ALA B 152 10.95 -13.02 -45.71
CA ALA B 152 10.42 -11.82 -46.34
C ALA B 152 8.89 -11.81 -46.14
N THR B 153 8.31 -10.63 -45.96
CA THR B 153 6.86 -10.52 -45.71
C THR B 153 6.40 -9.08 -45.64
N ALA B 154 5.15 -8.91 -45.22
CA ALA B 154 4.58 -7.58 -45.09
C ALA B 154 3.36 -7.60 -44.19
N ILE B 155 2.98 -6.42 -43.73
CA ILE B 155 1.83 -6.25 -42.87
C ILE B 155 1.12 -5.04 -43.43
N GLY B 156 -0.15 -4.88 -43.09
CA GLY B 156 -0.88 -3.72 -43.60
C GLY B 156 -1.83 -4.13 -44.69
N MET B 157 -2.50 -3.16 -45.30
CA MET B 157 -3.45 -3.48 -46.36
C MET B 157 -2.77 -4.13 -47.57
N GLY B 158 -1.64 -3.59 -48.00
CA GLY B 158 -0.96 -4.17 -49.14
C GLY B 158 -0.36 -5.53 -48.84
N ARG B 159 -0.65 -6.08 -47.67
CA ARG B 159 -0.07 -7.36 -47.32
C ARG B 159 -0.11 -8.41 -48.41
N ASN B 160 -1.28 -9.00 -48.63
CA ASN B 160 -1.49 -10.04 -49.63
C ASN B 160 -0.81 -9.84 -50.98
N ALA B 161 -0.88 -8.61 -51.50
CA ALA B 161 -0.23 -8.31 -52.77
C ALA B 161 1.23 -8.75 -52.71
N VAL B 162 2.02 -8.02 -51.92
CA VAL B 162 3.44 -8.30 -51.77
C VAL B 162 3.75 -9.71 -51.26
N THR B 163 2.84 -10.32 -50.51
CA THR B 163 3.06 -11.68 -49.99
C THR B 163 3.06 -12.65 -51.17
N GLU B 164 2.07 -12.49 -52.05
CA GLU B 164 1.93 -13.35 -53.23
C GLU B 164 3.13 -13.15 -54.13
N PHE B 165 3.56 -11.90 -54.26
CA PHE B 165 4.68 -11.56 -55.09
C PHE B 165 5.96 -12.20 -54.58
N PHE B 166 6.32 -11.94 -53.32
CA PHE B 166 7.51 -12.54 -52.76
C PHE B 166 7.43 -14.06 -52.83
N GLU B 167 6.21 -14.58 -52.73
CA GLU B 167 6.00 -16.01 -52.78
C GLU B 167 6.57 -16.61 -54.07
N LYS B 168 6.69 -15.77 -55.10
CA LYS B 168 7.21 -16.21 -56.39
C LYS B 168 8.63 -15.68 -56.67
N GLU B 169 8.83 -14.38 -56.47
CA GLU B 169 10.12 -13.77 -56.74
C GLU B 169 11.24 -13.93 -55.71
N TYR B 170 10.91 -13.85 -54.43
CA TYR B 170 11.93 -13.98 -53.40
C TYR B 170 12.83 -15.20 -53.58
N ARG B 171 14.10 -15.04 -53.20
CA ARG B 171 15.10 -16.10 -53.31
C ARG B 171 16.11 -15.98 -52.17
N ASP B 172 16.48 -17.11 -51.57
CA ASP B 172 17.42 -17.14 -50.46
C ASP B 172 18.79 -16.51 -50.76
N ASP B 173 19.16 -16.41 -52.02
CA ASP B 173 20.45 -15.87 -52.41
C ASP B 173 20.44 -14.47 -52.98
N LEU B 174 19.35 -13.75 -52.81
CA LEU B 174 19.28 -12.40 -53.35
C LEU B 174 20.42 -11.57 -52.80
N SER B 175 20.89 -10.61 -53.58
CA SER B 175 21.96 -9.73 -53.12
C SER B 175 21.25 -8.63 -52.34
N PHE B 176 22.00 -7.79 -51.66
CA PHE B 176 21.39 -6.73 -50.89
C PHE B 176 20.58 -5.80 -51.78
N ASP B 177 21.17 -5.34 -52.87
CA ASP B 177 20.47 -4.43 -53.79
C ASP B 177 19.32 -5.12 -54.49
N ASP B 178 19.51 -6.38 -54.86
CA ASP B 178 18.46 -7.14 -55.52
C ASP B 178 17.29 -7.27 -54.56
N ALA B 179 17.61 -7.72 -53.34
CA ALA B 179 16.61 -7.90 -52.30
C ALA B 179 15.86 -6.60 -52.07
N MET B 180 16.56 -5.48 -52.02
CA MET B 180 15.88 -4.22 -51.81
C MET B 180 14.98 -3.87 -52.96
N VAL B 181 15.50 -3.98 -54.17
CA VAL B 181 14.70 -3.67 -55.35
C VAL B 181 13.44 -4.53 -55.38
N LEU B 182 13.60 -5.81 -55.09
CA LEU B 182 12.48 -6.74 -55.09
C LEU B 182 11.42 -6.23 -54.15
N GLY B 183 11.86 -5.51 -53.12
CA GLY B 183 10.97 -4.93 -52.13
C GLY B 183 10.25 -3.69 -52.60
N LEU B 184 10.96 -2.79 -53.27
CA LEU B 184 10.34 -1.58 -53.78
C LEU B 184 9.29 -1.98 -54.80
N VAL B 185 9.56 -3.09 -55.49
CA VAL B 185 8.64 -3.60 -56.49
C VAL B 185 7.37 -4.05 -55.79
N ALA B 186 7.53 -4.93 -54.80
CA ALA B 186 6.37 -5.44 -54.06
C ALA B 186 5.51 -4.26 -53.61
N MET B 187 6.17 -3.20 -53.14
CA MET B 187 5.46 -2.01 -52.70
C MET B 187 4.68 -1.46 -53.88
N GLY B 188 5.36 -1.31 -55.02
CA GLY B 188 4.73 -0.79 -56.22
C GLY B 188 3.46 -1.52 -56.58
N LEU B 189 3.55 -2.84 -56.70
CA LEU B 189 2.38 -3.62 -57.02
C LEU B 189 1.33 -3.34 -55.95
N SER B 190 1.77 -3.30 -54.69
CA SER B 190 0.90 -3.04 -53.57
C SER B 190 0.03 -1.80 -53.77
N ILE B 191 0.66 -0.65 -53.96
CA ILE B 191 -0.08 0.59 -54.16
C ILE B 191 -0.61 0.70 -55.59
N GLU B 192 -0.41 -0.38 -56.37
CA GLU B 192 -0.90 -0.44 -57.74
C GLU B 192 -0.30 0.61 -58.67
N SER B 193 1.01 0.83 -58.59
CA SER B 193 1.63 1.82 -59.46
C SER B 193 3.11 2.02 -59.15
N GLU B 194 3.73 2.91 -59.92
CA GLU B 194 5.14 3.23 -59.76
C GLU B 194 5.30 4.03 -58.46
N LEU B 195 6.45 3.84 -57.80
CA LEU B 195 6.73 4.52 -56.55
C LEU B 195 7.40 5.86 -56.74
N VAL B 196 7.20 6.75 -55.77
CA VAL B 196 7.83 8.07 -55.78
C VAL B 196 8.81 8.04 -54.62
N PRO B 197 10.12 8.16 -54.91
CA PRO B 197 11.10 8.13 -53.81
C PRO B 197 10.70 9.04 -52.65
N GLU B 198 10.13 10.19 -52.99
CA GLU B 198 9.73 11.17 -52.00
C GLU B 198 8.65 10.74 -51.01
N ASN B 199 8.03 9.57 -51.21
CA ASN B 199 7.00 9.14 -50.26
C ASN B 199 7.05 7.68 -49.83
N ILE B 200 8.27 7.18 -49.65
CA ILE B 200 8.47 5.82 -49.18
C ILE B 200 9.70 5.92 -48.28
N GLU B 201 9.73 5.10 -47.24
CA GLU B 201 10.85 5.10 -46.31
C GLU B 201 11.55 3.76 -46.33
N VAL B 202 12.87 3.77 -46.20
CA VAL B 202 13.65 2.55 -46.21
C VAL B 202 14.74 2.58 -45.15
N GLY B 203 14.83 1.51 -44.39
CA GLY B 203 15.84 1.41 -43.36
C GLY B 203 16.37 0.01 -43.46
N TYR B 204 17.57 -0.21 -42.93
CA TYR B 204 18.16 -1.54 -42.97
C TYR B 204 19.24 -1.68 -41.91
N VAL B 205 19.81 -2.88 -41.85
CA VAL B 205 20.87 -3.20 -40.94
C VAL B 205 21.70 -4.28 -41.62
N LYS B 206 22.88 -3.89 -42.10
CA LYS B 206 23.79 -4.81 -42.79
C LYS B 206 24.62 -5.65 -41.83
N VAL B 207 24.73 -6.94 -42.12
CA VAL B 207 25.49 -7.88 -41.30
C VAL B 207 26.95 -7.47 -41.07
N ASP B 208 27.47 -6.58 -41.90
CA ASP B 208 28.86 -6.15 -41.75
C ASP B 208 29.05 -5.23 -40.53
N ASP B 209 28.35 -4.10 -40.51
CA ASP B 209 28.47 -3.17 -39.40
C ASP B 209 27.17 -3.04 -38.60
N ARG B 210 26.63 -4.17 -38.18
CA ARG B 210 25.38 -4.24 -37.41
C ARG B 210 24.78 -2.94 -36.88
N THR B 211 24.62 -1.93 -37.73
CA THR B 211 24.03 -0.68 -37.25
C THR B 211 22.95 -0.16 -38.19
N PHE B 212 21.78 0.08 -37.62
CA PHE B 212 20.65 0.56 -38.38
C PHE B 212 20.91 1.89 -39.04
N LYS B 213 20.85 1.92 -40.35
CA LYS B 213 21.04 3.14 -41.11
C LYS B 213 19.77 3.25 -41.93
N GLU B 214 19.41 4.46 -42.34
CA GLU B 214 18.22 4.66 -43.14
C GLU B 214 18.58 5.23 -44.51
N VAL B 215 18.14 4.55 -45.58
CA VAL B 215 18.46 5.01 -46.93
C VAL B 215 18.04 6.44 -47.17
N SER B 216 18.99 7.26 -47.59
CA SER B 216 18.75 8.67 -47.87
C SER B 216 17.95 8.83 -49.15
N PRO B 217 17.17 9.91 -49.26
CA PRO B 217 16.37 10.11 -50.47
C PRO B 217 17.21 10.06 -51.74
N GLU B 218 18.45 10.53 -51.68
CA GLU B 218 19.32 10.52 -52.84
C GLU B 218 19.77 9.11 -53.18
N GLU B 219 20.13 8.36 -52.15
CA GLU B 219 20.57 6.99 -52.35
C GLU B 219 19.40 6.15 -52.83
N LEU B 220 18.18 6.66 -52.64
CA LEU B 220 16.95 5.98 -53.06
C LEU B 220 16.70 6.10 -54.56
N LYS B 221 16.83 7.32 -55.08
CA LYS B 221 16.63 7.59 -56.49
C LYS B 221 16.92 6.37 -57.36
N PRO B 222 18.19 5.94 -57.43
CA PRO B 222 18.51 4.78 -58.26
C PRO B 222 17.66 3.53 -58.02
N TYR B 223 17.46 3.17 -56.75
CA TYR B 223 16.67 1.99 -56.44
C TYR B 223 15.23 2.13 -56.87
N VAL B 224 14.61 3.26 -56.54
CA VAL B 224 13.22 3.51 -56.92
C VAL B 224 13.09 3.41 -58.43
N GLU B 225 14.01 4.07 -59.11
CA GLU B 225 14.07 4.11 -60.56
C GLU B 225 14.13 2.69 -61.15
N ARG B 226 15.14 1.93 -60.74
CA ARG B 226 15.31 0.56 -61.21
C ARG B 226 14.13 -0.34 -60.84
N ALA B 227 13.35 0.07 -59.84
CA ALA B 227 12.20 -0.71 -59.40
C ALA B 227 10.99 -0.32 -60.24
N ASN B 228 10.79 0.98 -60.41
CA ASN B 228 9.68 1.46 -61.22
C ASN B 228 9.74 0.80 -62.59
N GLU B 229 10.95 0.41 -62.97
CA GLU B 229 11.17 -0.26 -64.22
C GLU B 229 10.28 -1.48 -64.24
N ARG B 230 10.72 -2.52 -63.52
CA ARG B 230 9.99 -3.79 -63.44
C ARG B 230 8.54 -3.63 -62.98
N ILE B 231 8.21 -2.49 -62.36
CA ILE B 231 6.85 -2.25 -61.91
C ILE B 231 5.97 -2.03 -63.13
N ARG B 232 6.29 -1.00 -63.91
CA ARG B 232 5.55 -0.68 -65.12
C ARG B 232 5.38 -1.95 -65.93
N GLU B 233 6.49 -2.64 -66.14
CA GLU B 233 6.51 -3.89 -66.89
C GLU B 233 5.55 -4.90 -66.25
N LEU B 234 5.63 -5.04 -64.93
CA LEU B 234 4.79 -5.97 -64.21
C LEU B 234 3.31 -5.56 -64.18
N LEU B 235 3.04 -4.27 -64.32
CA LEU B 235 1.67 -3.79 -64.31
C LEU B 235 1.00 -3.90 -65.69
N LYS B 236 1.25 -5.01 -66.37
CA LYS B 236 0.67 -5.23 -67.70
C LYS B 236 -0.70 -5.87 -67.57
N LYS B 237 -0.75 -7.01 -66.88
CA LYS B 237 -2.00 -7.74 -66.68
C LYS B 237 -2.96 -6.90 -65.84
N ARG C 1 -23.06 -13.09 -16.13
CA ARG C 1 -22.90 -11.69 -15.66
C ARG C 1 -21.63 -11.52 -14.83
N ALA C 2 -20.49 -11.84 -15.41
CA ALA C 2 -19.21 -11.72 -14.71
C ALA C 2 -18.03 -12.06 -15.61
N ILE C 3 -17.78 -13.35 -15.79
CA ILE C 3 -16.68 -13.81 -16.63
C ILE C 3 -16.72 -15.35 -16.76
N THR C 4 -15.92 -16.03 -15.94
CA THR C 4 -15.91 -17.48 -15.96
C THR C 4 -16.84 -17.91 -14.83
N VAL C 5 -18.06 -18.30 -15.16
CA VAL C 5 -19.02 -18.73 -14.15
C VAL C 5 -19.68 -20.06 -14.50
N PHE C 6 -20.42 -20.59 -13.54
CA PHE C 6 -21.11 -21.87 -13.75
C PHE C 6 -22.39 -21.73 -14.57
N SER C 7 -22.61 -22.70 -15.45
CA SER C 7 -23.82 -22.73 -16.26
C SER C 7 -24.76 -23.65 -15.50
N PRO C 8 -26.05 -23.64 -15.85
CA PRO C 8 -26.99 -24.52 -15.14
C PRO C 8 -26.58 -25.99 -15.24
N ASP C 9 -25.75 -26.31 -16.22
CA ASP C 9 -25.26 -27.68 -16.42
C ASP C 9 -24.12 -27.98 -15.45
N GLY C 10 -23.62 -26.96 -14.79
CA GLY C 10 -22.52 -27.17 -13.86
C GLY C 10 -21.19 -27.13 -14.59
N ARG C 11 -21.17 -26.51 -15.76
CA ARG C 11 -19.92 -26.40 -16.51
C ARG C 11 -19.48 -24.95 -16.70
N LEU C 12 -18.20 -24.78 -17.01
CA LEU C 12 -17.61 -23.46 -17.24
C LEU C 12 -17.41 -23.24 -18.73
N PHE C 13 -18.31 -22.49 -19.34
CA PHE C 13 -18.24 -22.23 -20.77
C PHE C 13 -16.93 -21.63 -21.24
N GLN C 14 -16.38 -20.68 -20.48
CA GLN C 14 -15.11 -20.09 -20.88
C GLN C 14 -14.03 -21.15 -21.02
N VAL C 15 -13.97 -22.07 -20.07
CA VAL C 15 -13.00 -23.15 -20.10
C VAL C 15 -13.27 -24.05 -21.29
N GLU C 16 -14.54 -24.33 -21.55
CA GLU C 16 -14.89 -25.18 -22.67
C GLU C 16 -14.59 -24.52 -24.00
N TYR C 17 -14.81 -23.21 -24.07
CA TYR C 17 -14.52 -22.47 -25.28
C TYR C 17 -13.00 -22.42 -25.49
N ALA C 18 -12.27 -22.36 -24.39
CA ALA C 18 -10.83 -22.33 -24.49
C ALA C 18 -10.40 -23.66 -25.09
N ARG C 19 -11.07 -24.73 -24.66
CA ARG C 19 -10.77 -26.06 -25.17
C ARG C 19 -10.99 -26.13 -26.69
N GLU C 20 -11.96 -25.36 -27.19
CA GLU C 20 -12.20 -25.35 -28.63
C GLU C 20 -10.98 -24.80 -29.33
N ALA C 21 -10.25 -23.92 -28.66
CA ALA C 21 -9.07 -23.32 -29.25
C ALA C 21 -7.93 -24.33 -29.34
N VAL C 22 -7.83 -25.22 -28.37
CA VAL C 22 -6.76 -26.20 -28.39
C VAL C 22 -7.02 -27.22 -29.50
N LYS C 23 -8.28 -27.54 -29.74
CA LYS C 23 -8.64 -28.49 -30.80
C LYS C 23 -8.11 -27.98 -32.14
N ARG C 24 -8.22 -26.68 -32.35
CA ARG C 24 -7.76 -26.05 -33.58
C ARG C 24 -6.22 -26.01 -33.61
N GLY C 25 -5.59 -26.34 -32.49
CA GLY C 25 -4.13 -26.29 -32.43
C GLY C 25 -3.40 -27.35 -33.22
N ALA C 26 -2.15 -27.05 -33.59
CA ALA C 26 -1.32 -27.98 -34.33
C ALA C 26 -1.17 -29.20 -33.43
N THR C 27 -1.11 -30.38 -34.03
CA THR C 27 -1.04 -31.61 -33.25
C THR C 27 0.34 -31.96 -32.67
N ALA C 28 0.34 -32.46 -31.43
CA ALA C 28 1.56 -32.87 -30.74
C ALA C 28 1.33 -34.25 -30.10
N ILE C 29 2.38 -35.08 -30.09
CA ILE C 29 2.26 -36.43 -29.57
C ILE C 29 3.32 -36.75 -28.55
N GLY C 30 2.98 -37.65 -27.63
CA GLY C 30 3.92 -38.07 -26.61
C GLY C 30 3.79 -39.55 -26.36
N ILE C 31 4.93 -40.24 -26.30
CA ILE C 31 4.95 -41.69 -26.05
C ILE C 31 5.97 -42.03 -25.00
N LYS C 32 5.55 -42.88 -24.06
CA LYS C 32 6.42 -43.30 -22.98
C LYS C 32 6.68 -44.80 -23.05
N CYS C 33 7.95 -45.17 -22.88
CA CYS C 33 8.33 -46.58 -22.86
C CYS C 33 9.27 -46.71 -21.68
N LYS C 34 9.85 -47.89 -21.49
CA LYS C 34 10.76 -48.07 -20.36
C LYS C 34 12.05 -47.26 -20.47
N GLU C 35 12.58 -47.16 -21.68
CA GLU C 35 13.83 -46.45 -21.94
C GLU C 35 13.72 -44.93 -21.94
N GLY C 36 12.49 -44.42 -21.84
CA GLY C 36 12.31 -42.99 -21.83
C GLY C 36 10.98 -42.52 -22.40
N VAL C 37 10.92 -41.25 -22.74
CA VAL C 37 9.71 -40.66 -23.28
C VAL C 37 10.02 -39.75 -24.45
N ILE C 38 9.24 -39.88 -25.51
CA ILE C 38 9.42 -39.07 -26.70
C ILE C 38 8.25 -38.12 -26.86
N LEU C 39 8.53 -36.96 -27.45
CA LEU C 39 7.54 -35.94 -27.70
C LEU C 39 7.81 -35.54 -29.12
N ILE C 40 6.80 -35.69 -29.97
CA ILE C 40 6.97 -35.34 -31.38
C ILE C 40 5.87 -34.37 -31.78
N ALA C 41 6.26 -33.33 -32.50
CA ALA C 41 5.31 -32.30 -32.90
C ALA C 41 5.30 -31.95 -34.39
N ASP C 42 4.11 -31.59 -34.87
CA ASP C 42 3.94 -31.20 -36.27
C ASP C 42 4.56 -29.82 -36.44
N LYS C 43 5.63 -29.77 -37.23
CA LYS C 43 6.37 -28.55 -37.49
C LYS C 43 6.02 -27.91 -38.83
N ARG C 44 5.16 -28.58 -39.59
CA ARG C 44 4.73 -28.12 -40.93
C ARG C 44 4.29 -26.65 -41.00
N VAL C 45 4.76 -25.97 -42.03
CA VAL C 45 4.44 -24.56 -42.24
C VAL C 45 3.60 -24.36 -43.50
N GLY C 46 2.96 -23.21 -43.60
CA GLY C 46 2.12 -22.94 -44.76
C GLY C 46 2.66 -21.94 -45.76
N SER C 47 3.97 -21.75 -45.79
CA SER C 47 4.59 -20.81 -46.73
C SER C 47 6.09 -20.98 -46.76
N LYS C 48 6.68 -20.92 -47.94
CA LYS C 48 8.12 -21.09 -48.06
C LYS C 48 8.83 -19.87 -47.49
N LEU C 49 8.06 -18.84 -47.14
CA LEU C 49 8.64 -17.62 -46.59
C LEU C 49 8.94 -17.66 -45.10
N LEU C 50 8.42 -18.67 -44.41
CA LEU C 50 8.68 -18.82 -42.97
C LEU C 50 9.97 -19.61 -42.74
N GLU C 51 10.78 -19.17 -41.79
CA GLU C 51 12.01 -19.87 -41.45
C GLU C 51 11.63 -21.17 -40.75
N ALA C 52 11.52 -22.25 -41.52
CA ALA C 52 11.15 -23.54 -40.96
C ALA C 52 12.25 -24.12 -40.08
N ASP C 53 13.50 -23.95 -40.49
CA ASP C 53 14.63 -24.45 -39.70
C ASP C 53 14.66 -23.87 -38.29
N THR C 54 13.97 -22.75 -38.08
CA THR C 54 13.92 -22.08 -36.78
C THR C 54 12.75 -22.57 -35.92
N ILE C 55 11.54 -22.37 -36.43
CA ILE C 55 10.34 -22.77 -35.71
C ILE C 55 10.56 -23.95 -34.75
N GLU C 56 10.31 -23.69 -33.47
CA GLU C 56 10.48 -24.69 -32.42
C GLU C 56 9.12 -25.03 -31.82
N LYS C 57 8.84 -26.33 -31.70
CA LYS C 57 7.57 -26.78 -31.17
C LYS C 57 7.71 -27.66 -29.94
N ILE C 58 8.94 -28.04 -29.63
CA ILE C 58 9.18 -28.84 -28.43
C ILE C 58 10.14 -28.00 -27.58
N TYR C 59 9.71 -27.68 -26.37
CA TYR C 59 10.48 -26.84 -25.48
C TYR C 59 11.13 -27.54 -24.31
N LYS C 60 12.32 -27.05 -23.97
CA LYS C 60 13.10 -27.57 -22.86
C LYS C 60 12.64 -26.76 -21.66
N ILE C 61 12.23 -27.46 -20.61
CA ILE C 61 11.81 -26.76 -19.42
C ILE C 61 13.00 -26.75 -18.48
N ASP C 62 13.57 -27.93 -18.25
CA ASP C 62 14.76 -28.11 -17.41
C ASP C 62 15.64 -29.14 -18.12
N GLU C 63 16.70 -29.60 -17.47
CA GLU C 63 17.60 -30.58 -18.07
C GLU C 63 16.91 -31.89 -18.35
N HIS C 64 16.00 -32.28 -17.46
CA HIS C 64 15.29 -33.54 -17.58
C HIS C 64 13.79 -33.37 -17.92
N ILE C 65 13.42 -32.19 -18.44
CA ILE C 65 12.03 -31.95 -18.77
C ILE C 65 11.80 -31.11 -20.02
N CYS C 66 10.84 -31.53 -20.83
CA CYS C 66 10.50 -30.77 -22.04
C CYS C 66 9.01 -30.77 -22.09
N ALA C 67 8.47 -29.94 -22.98
CA ALA C 67 7.04 -29.88 -23.12
C ALA C 67 6.60 -29.45 -24.49
N ALA C 68 5.41 -29.91 -24.88
CA ALA C 68 4.83 -29.57 -26.17
C ALA C 68 3.57 -28.80 -25.85
N THR C 69 3.16 -27.93 -26.76
CA THR C 69 1.99 -27.13 -26.51
C THR C 69 0.96 -27.17 -27.63
N SER C 70 -0.25 -26.74 -27.34
CA SER C 70 -1.33 -26.68 -28.33
C SER C 70 -2.46 -25.74 -27.90
N GLY C 71 -2.88 -24.85 -28.80
CA GLY C 71 -3.91 -23.89 -28.50
C GLY C 71 -3.39 -22.52 -28.86
N LEU C 72 -3.87 -21.46 -28.19
CA LEU C 72 -3.39 -20.11 -28.47
C LEU C 72 -1.87 -20.07 -28.28
N VAL C 73 -1.18 -19.82 -29.39
CA VAL C 73 0.28 -19.78 -29.41
C VAL C 73 0.89 -18.76 -28.41
N ALA C 74 0.34 -17.55 -28.33
CA ALA C 74 0.87 -16.54 -27.41
C ALA C 74 0.72 -16.99 -25.97
N ASP C 75 -0.46 -17.49 -25.61
CA ASP C 75 -0.72 -17.97 -24.25
C ASP C 75 0.31 -19.05 -23.92
N ALA C 76 0.50 -19.98 -24.85
CA ALA C 76 1.44 -21.07 -24.65
C ALA C 76 2.82 -20.56 -24.25
N ARG C 77 3.29 -19.49 -24.89
CA ARG C 77 4.59 -18.91 -24.60
C ARG C 77 4.77 -18.59 -23.14
N VAL C 78 3.84 -17.80 -22.60
CA VAL C 78 3.90 -17.41 -21.21
C VAL C 78 3.81 -18.62 -20.32
N LEU C 79 3.03 -19.60 -20.72
CA LEU C 79 2.89 -20.81 -19.93
C LEU C 79 4.18 -21.63 -19.84
N ILE C 80 4.95 -21.76 -20.92
CA ILE C 80 6.17 -22.55 -20.80
C ILE C 80 7.24 -21.79 -20.02
N ASP C 81 7.27 -20.46 -20.20
CA ASP C 81 8.25 -19.64 -19.48
C ASP C 81 7.91 -19.75 -18.02
N ARG C 82 6.61 -19.76 -17.72
CA ARG C 82 6.12 -19.91 -16.37
C ARG C 82 6.63 -21.22 -15.80
N ALA C 83 6.52 -22.29 -16.58
CA ALA C 83 6.99 -23.59 -16.16
C ALA C 83 8.50 -23.57 -15.95
N ARG C 84 9.20 -22.83 -16.81
CA ARG C 84 10.65 -22.73 -16.70
C ARG C 84 11.05 -22.06 -15.39
N ILE C 85 10.43 -20.91 -15.10
CA ILE C 85 10.68 -20.20 -13.86
C ILE C 85 10.43 -21.17 -12.70
N GLU C 86 9.26 -21.78 -12.74
CA GLU C 86 8.85 -22.72 -11.71
C GLU C 86 9.94 -23.75 -11.44
N ALA C 87 10.52 -24.29 -12.51
CA ALA C 87 11.57 -25.31 -12.37
C ALA C 87 12.80 -24.78 -11.64
N GLN C 88 13.27 -23.62 -12.07
CA GLN C 88 14.42 -23.03 -11.44
C GLN C 88 14.11 -22.70 -9.97
N ILE C 89 12.93 -22.15 -9.70
CA ILE C 89 12.59 -21.83 -8.35
C ILE C 89 12.78 -23.06 -7.50
N ASN C 90 12.35 -24.22 -7.99
CA ASN C 90 12.53 -25.43 -7.20
C ASN C 90 14.02 -25.61 -6.87
N ARG C 91 14.88 -25.38 -7.86
CA ARG C 91 16.31 -25.51 -7.66
C ARG C 91 16.80 -24.52 -6.62
N LEU C 92 16.32 -23.29 -6.74
CA LEU C 92 16.69 -22.20 -5.84
C LEU C 92 16.36 -22.49 -4.39
N THR C 93 15.23 -23.14 -4.15
CA THR C 93 14.83 -23.40 -2.78
C THR C 93 15.24 -24.74 -2.16
N TYR C 94 15.45 -25.76 -2.99
CA TYR C 94 15.82 -27.07 -2.46
C TYR C 94 17.14 -27.59 -3.01
N ASP C 95 17.71 -26.84 -3.96
CA ASP C 95 18.96 -27.20 -4.60
C ASP C 95 18.75 -28.54 -5.28
N GLU C 96 17.56 -28.73 -5.85
CA GLU C 96 17.25 -29.97 -6.53
C GLU C 96 16.29 -29.76 -7.68
N PRO C 97 16.44 -30.57 -8.75
CA PRO C 97 15.55 -30.44 -9.90
C PRO C 97 14.13 -30.82 -9.48
N ILE C 98 13.16 -30.13 -10.05
CA ILE C 98 11.77 -30.42 -9.74
C ILE C 98 11.37 -31.70 -10.48
N THR C 99 10.48 -32.49 -9.88
CA THR C 99 10.00 -33.71 -10.52
C THR C 99 9.05 -33.28 -11.62
N VAL C 100 8.87 -34.13 -12.62
CA VAL C 100 7.96 -33.81 -13.72
C VAL C 100 6.54 -33.67 -13.18
N LYS C 101 6.18 -34.56 -12.27
CA LYS C 101 4.85 -34.53 -11.69
C LYS C 101 4.57 -33.23 -10.94
N GLU C 102 5.54 -32.76 -10.17
CA GLU C 102 5.37 -31.55 -9.39
C GLU C 102 5.24 -30.35 -10.29
N LEU C 103 6.11 -30.28 -11.29
CA LEU C 103 6.10 -29.18 -12.23
C LEU C 103 4.74 -29.05 -12.90
N ALA C 104 4.18 -30.20 -13.28
CA ALA C 104 2.88 -30.21 -13.94
C ALA C 104 1.82 -29.65 -13.02
N LYS C 105 1.77 -30.14 -11.79
CA LYS C 105 0.78 -29.67 -10.84
C LYS C 105 0.85 -28.15 -10.70
N LYS C 106 2.08 -27.64 -10.63
CA LYS C 106 2.25 -26.20 -10.47
C LYS C 106 1.71 -25.35 -11.62
N ILE C 107 1.98 -25.71 -12.88
CA ILE C 107 1.42 -24.89 -13.95
C ILE C 107 -0.08 -25.13 -14.02
N CYS C 108 -0.52 -26.31 -13.59
CA CYS C 108 -1.94 -26.60 -13.62
C CYS C 108 -2.65 -25.73 -12.58
N ASP C 109 -2.00 -25.50 -11.44
CA ASP C 109 -2.61 -24.66 -10.43
C ASP C 109 -2.64 -23.24 -10.95
N PHE C 110 -1.58 -22.88 -11.66
CA PHE C 110 -1.48 -21.56 -12.24
C PHE C 110 -2.68 -21.36 -13.16
N LYS C 111 -2.85 -22.27 -14.11
CA LYS C 111 -3.95 -22.20 -15.07
C LYS C 111 -5.32 -22.20 -14.39
N GLN C 112 -5.45 -22.96 -13.33
CA GLN C 112 -6.71 -23.06 -12.63
C GLN C 112 -7.22 -21.71 -12.11
N GLN C 113 -6.32 -20.85 -11.69
CA GLN C 113 -6.74 -19.56 -11.16
C GLN C 113 -7.42 -18.69 -12.22
N TYR C 114 -6.88 -18.71 -13.43
CA TYR C 114 -7.44 -17.91 -14.52
C TYR C 114 -8.78 -18.49 -14.90
N THR C 115 -9.21 -19.44 -14.11
CA THR C 115 -10.45 -20.14 -14.31
C THR C 115 -11.52 -19.69 -13.31
N GLN C 116 -11.14 -19.00 -12.24
CA GLN C 116 -12.16 -18.55 -11.29
C GLN C 116 -11.93 -17.18 -10.69
N TYR C 117 -11.16 -16.32 -11.36
CA TYR C 117 -10.91 -14.99 -10.83
C TYR C 117 -11.34 -13.76 -11.64
N GLY C 118 -12.61 -13.73 -11.97
CA GLY C 118 -13.22 -12.60 -12.68
C GLY C 118 -12.56 -11.72 -13.72
N GLY C 119 -11.53 -10.99 -13.34
CA GLY C 119 -10.90 -10.07 -14.30
C GLY C 119 -9.86 -10.68 -15.21
N VAL C 120 -10.04 -11.94 -15.54
CA VAL C 120 -9.07 -12.60 -16.38
C VAL C 120 -9.76 -13.73 -17.15
N ARG C 121 -9.10 -14.25 -18.19
CA ARG C 121 -9.68 -15.34 -18.95
C ARG C 121 -8.76 -16.55 -18.85
N PRO C 122 -9.29 -17.75 -19.15
CA PRO C 122 -8.49 -18.99 -19.09
C PRO C 122 -7.44 -19.01 -20.21
N PHE C 123 -6.45 -19.89 -20.07
CA PHE C 123 -5.43 -20.03 -21.10
C PHE C 123 -5.95 -20.94 -22.19
N GLY C 124 -5.97 -20.43 -23.42
CA GLY C 124 -6.46 -21.28 -24.49
C GLY C 124 -5.37 -22.23 -24.94
N VAL C 125 -4.86 -23.03 -24.02
CA VAL C 125 -3.78 -23.95 -24.35
C VAL C 125 -3.72 -25.21 -23.50
N SER C 126 -3.25 -26.28 -24.12
CA SER C 126 -3.11 -27.56 -23.45
C SER C 126 -1.62 -27.90 -23.51
N LEU C 127 -1.13 -28.66 -22.54
CA LEU C 127 0.28 -29.00 -22.54
C LEU C 127 0.63 -30.46 -22.41
N LEU C 128 1.74 -30.83 -23.01
CA LEU C 128 2.26 -32.17 -22.93
C LEU C 128 3.59 -31.98 -22.22
N ILE C 129 3.69 -32.48 -21.00
CA ILE C 129 4.93 -32.34 -20.22
C ILE C 129 5.58 -33.69 -20.05
N ALA C 130 6.79 -33.83 -20.59
CA ALA C 130 7.48 -35.10 -20.52
C ALA C 130 8.88 -34.93 -19.95
N GLY C 131 9.28 -35.91 -19.16
CA GLY C 131 10.60 -35.89 -18.58
C GLY C 131 10.84 -37.21 -17.91
N VAL C 132 11.95 -37.29 -17.18
CA VAL C 132 12.28 -38.51 -16.48
C VAL C 132 12.69 -38.24 -15.05
N ASP C 133 11.85 -38.65 -14.11
CA ASP C 133 12.19 -38.51 -12.70
C ASP C 133 13.03 -39.75 -12.49
N GLU C 134 12.49 -40.74 -11.78
CA GLU C 134 13.23 -41.97 -11.56
C GLU C 134 12.72 -42.96 -12.60
N VAL C 135 11.65 -42.57 -13.27
CA VAL C 135 11.04 -43.36 -14.32
C VAL C 135 10.50 -42.37 -15.35
N PRO C 136 10.41 -42.77 -16.63
CA PRO C 136 9.88 -41.80 -17.60
C PRO C 136 8.45 -41.39 -17.24
N LYS C 137 8.09 -40.14 -17.55
CA LYS C 137 6.75 -39.67 -17.24
C LYS C 137 6.19 -38.74 -18.31
N LEU C 138 4.88 -38.82 -18.50
CA LEU C 138 4.18 -38.00 -19.47
C LEU C 138 2.88 -37.50 -18.86
N TYR C 139 2.67 -36.19 -18.96
CA TYR C 139 1.46 -35.57 -18.43
C TYR C 139 0.91 -34.65 -19.49
N GLU C 140 -0.41 -34.47 -19.49
CA GLU C 140 -1.04 -33.56 -20.43
C GLU C 140 -1.97 -32.67 -19.60
N THR C 141 -1.93 -31.37 -19.86
CA THR C 141 -2.74 -30.41 -19.11
C THR C 141 -3.91 -29.87 -19.90
N ASP C 142 -4.90 -29.34 -19.18
CA ASP C 142 -6.11 -28.79 -19.80
C ASP C 142 -6.32 -27.32 -19.44
N PRO C 143 -7.01 -26.55 -20.29
CA PRO C 143 -7.26 -25.14 -20.00
C PRO C 143 -7.86 -24.91 -18.61
N SER C 144 -8.53 -25.93 -18.07
CA SER C 144 -9.15 -25.82 -16.77
C SER C 144 -8.16 -26.00 -15.64
N GLY C 145 -7.01 -26.60 -15.96
CA GLY C 145 -6.01 -26.83 -14.93
C GLY C 145 -6.03 -28.28 -14.51
N ALA C 146 -6.75 -29.11 -15.27
CA ALA C 146 -6.81 -30.53 -14.95
C ALA C 146 -5.54 -31.24 -15.44
N LEU C 147 -5.04 -32.18 -14.64
CA LEU C 147 -3.82 -32.90 -14.96
C LEU C 147 -4.11 -34.39 -15.19
N LEU C 148 -3.40 -34.99 -16.15
CA LEU C 148 -3.57 -36.42 -16.46
C LEU C 148 -2.25 -37.08 -16.91
N GLU C 149 -1.97 -38.25 -16.36
CA GLU C 149 -0.76 -38.95 -16.71
C GLU C 149 -1.09 -40.01 -17.72
N TYR C 150 -0.44 -39.93 -18.88
CA TYR C 150 -0.64 -40.88 -19.96
C TYR C 150 0.57 -41.78 -20.24
N LYS C 151 0.32 -42.93 -20.86
CA LYS C 151 1.37 -43.85 -21.26
C LYS C 151 1.75 -43.31 -22.64
N ALA C 152 0.72 -42.91 -23.38
CA ALA C 152 0.88 -42.34 -24.72
C ALA C 152 -0.39 -41.56 -25.05
N THR C 153 -0.24 -40.44 -25.76
CA THR C 153 -1.40 -39.60 -26.09
C THR C 153 -1.04 -38.46 -27.06
N ALA C 154 -2.01 -37.60 -27.30
CA ALA C 154 -1.80 -36.46 -28.19
C ALA C 154 -2.79 -35.33 -27.89
N ILE C 155 -2.44 -34.14 -28.34
CA ILE C 155 -3.26 -32.96 -28.15
C ILE C 155 -3.27 -32.24 -29.49
N GLY C 156 -4.28 -31.40 -29.72
CA GLY C 156 -4.39 -30.71 -30.99
C GLY C 156 -5.45 -31.35 -31.89
N MET C 157 -5.56 -30.88 -33.11
CA MET C 157 -6.55 -31.40 -34.06
C MET C 157 -6.37 -32.89 -34.37
N GLY C 158 -5.16 -33.31 -34.66
CA GLY C 158 -4.95 -34.71 -34.95
C GLY C 158 -5.10 -35.60 -33.73
N ARG C 159 -5.59 -35.05 -32.63
CA ARG C 159 -5.73 -35.82 -31.40
C ARG C 159 -6.36 -37.20 -31.58
N ASN C 160 -7.68 -37.23 -31.78
CA ASN C 160 -8.43 -38.46 -31.95
C ASN C 160 -7.80 -39.51 -32.85
N ALA C 161 -7.27 -39.08 -34.00
CA ALA C 161 -6.66 -40.03 -34.91
C ALA C 161 -5.61 -40.84 -34.17
N VAL C 162 -4.57 -40.17 -33.68
CA VAL C 162 -3.48 -40.85 -32.99
C VAL C 162 -3.92 -41.51 -31.69
N THR C 163 -5.01 -41.02 -31.09
CA THR C 163 -5.50 -41.59 -29.85
C THR C 163 -6.08 -42.97 -30.13
N GLU C 164 -6.89 -43.05 -31.18
CA GLU C 164 -7.52 -44.31 -31.58
C GLU C 164 -6.43 -45.30 -32.00
N PHE C 165 -5.44 -44.79 -32.72
CA PHE C 165 -4.33 -45.61 -33.19
C PHE C 165 -3.53 -46.20 -32.03
N PHE C 166 -3.06 -45.36 -31.10
CA PHE C 166 -2.28 -45.84 -29.96
C PHE C 166 -3.13 -46.81 -29.15
N GLU C 167 -4.43 -46.53 -29.13
CA GLU C 167 -5.37 -47.36 -28.39
C GLU C 167 -5.24 -48.83 -28.80
N LYS C 168 -4.79 -49.05 -30.04
CA LYS C 168 -4.63 -50.39 -30.58
C LYS C 168 -3.18 -50.85 -30.65
N GLU C 169 -2.31 -50.00 -31.21
CA GLU C 169 -0.89 -50.35 -31.37
C GLU C 169 0.03 -50.21 -30.16
N TYR C 170 -0.16 -49.18 -29.35
CA TYR C 170 0.70 -48.98 -28.18
C TYR C 170 0.84 -50.22 -27.30
N ARG C 171 2.02 -50.39 -26.73
CA ARG C 171 2.31 -51.52 -25.87
C ARG C 171 3.28 -51.11 -24.77
N ASP C 172 3.04 -51.61 -23.56
CA ASP C 172 3.88 -51.30 -22.41
C ASP C 172 5.35 -51.67 -22.56
N ASP C 173 5.62 -52.65 -23.42
CA ASP C 173 6.98 -53.10 -23.63
C ASP C 173 7.69 -52.61 -24.89
N LEU C 174 7.14 -51.58 -25.55
CA LEU C 174 7.77 -51.07 -26.75
C LEU C 174 9.21 -50.66 -26.47
N SER C 175 10.06 -50.78 -27.48
CA SER C 175 11.45 -50.38 -27.33
C SER C 175 11.47 -48.89 -27.62
N PHE C 176 12.59 -48.23 -27.34
CA PHE C 176 12.67 -46.80 -27.59
C PHE C 176 12.39 -46.48 -29.08
N ASP C 177 13.10 -47.17 -29.96
CA ASP C 177 12.95 -46.94 -31.40
C ASP C 177 11.55 -47.35 -31.88
N ASP C 178 11.06 -48.46 -31.33
CA ASP C 178 9.73 -48.95 -31.69
C ASP C 178 8.71 -47.90 -31.28
N ALA C 179 8.81 -47.49 -30.01
CA ALA C 179 7.91 -46.48 -29.46
C ALA C 179 7.96 -45.22 -30.32
N MET C 180 9.17 -44.78 -30.69
CA MET C 180 9.27 -43.58 -31.48
C MET C 180 8.61 -43.74 -32.84
N VAL C 181 8.92 -44.84 -33.52
CA VAL C 181 8.35 -45.09 -34.85
C VAL C 181 6.83 -45.14 -34.76
N LEU C 182 6.32 -45.79 -33.71
CA LEU C 182 4.88 -45.88 -33.51
C LEU C 182 4.31 -44.47 -33.47
N GLY C 183 5.09 -43.53 -32.94
CA GLY C 183 4.67 -42.14 -32.84
C GLY C 183 4.69 -41.44 -34.18
N LEU C 184 5.75 -41.63 -34.97
CA LEU C 184 5.82 -40.99 -36.27
C LEU C 184 4.63 -41.44 -37.11
N VAL C 185 4.26 -42.72 -36.94
CA VAL C 185 3.15 -43.29 -37.67
C VAL C 185 1.85 -42.58 -37.28
N ALA C 186 1.60 -42.53 -35.99
CA ALA C 186 0.40 -41.87 -35.47
C ALA C 186 0.32 -40.49 -36.11
N MET C 187 1.45 -39.80 -36.16
CA MET C 187 1.51 -38.47 -36.76
C MET C 187 1.07 -38.57 -38.22
N GLY C 188 1.68 -39.50 -38.95
CA GLY C 188 1.34 -39.70 -40.34
C GLY C 188 -0.16 -39.87 -40.57
N LEU C 189 -0.76 -40.81 -39.86
CA LEU C 189 -2.20 -41.03 -40.00
C LEU C 189 -2.90 -39.71 -39.72
N SER C 190 -2.44 -39.03 -38.68
CA SER C 190 -2.99 -37.75 -38.27
C SER C 190 -3.11 -36.77 -39.44
N ILE C 191 -1.97 -36.46 -40.05
CA ILE C 191 -1.95 -35.53 -41.17
C ILE C 191 -2.43 -36.18 -42.46
N GLU C 192 -2.85 -37.45 -42.34
CA GLU C 192 -3.39 -38.19 -43.47
C GLU C 192 -2.38 -38.41 -44.60
N SER C 193 -1.14 -38.76 -44.25
CA SER C 193 -0.12 -39.01 -45.27
C SER C 193 1.25 -39.32 -44.70
N GLU C 194 2.20 -39.53 -45.60
CA GLU C 194 3.57 -39.83 -45.19
C GLU C 194 4.19 -38.55 -44.64
N LEU C 195 5.13 -38.69 -43.72
CA LEU C 195 5.79 -37.56 -43.11
C LEU C 195 7.06 -37.13 -43.83
N VAL C 196 7.39 -35.85 -43.68
CA VAL C 196 8.60 -35.30 -44.28
C VAL C 196 9.49 -34.95 -43.09
N PRO C 197 10.64 -35.62 -42.96
CA PRO C 197 11.52 -35.31 -41.81
C PRO C 197 11.71 -33.81 -41.60
N GLU C 198 11.77 -33.09 -42.72
CA GLU C 198 11.99 -31.66 -42.70
C GLU C 198 10.92 -30.79 -42.04
N ASN C 199 9.77 -31.38 -41.72
CA ASN C 199 8.72 -30.60 -41.08
C ASN C 199 8.06 -31.24 -39.86
N ILE C 200 8.85 -31.96 -39.09
CA ILE C 200 8.38 -32.58 -37.85
C ILE C 200 9.53 -32.46 -36.86
N GLU C 201 9.19 -32.27 -35.59
CA GLU C 201 10.18 -32.11 -34.54
C GLU C 201 10.06 -33.24 -33.55
N VAL C 202 11.20 -33.70 -33.04
CA VAL C 202 11.19 -34.78 -32.06
C VAL C 202 12.19 -34.52 -30.94
N GLY C 203 11.70 -34.64 -29.71
CA GLY C 203 12.53 -34.43 -28.55
C GLY C 203 12.27 -35.58 -27.62
N TYR C 204 13.21 -35.87 -26.73
CA TYR C 204 13.04 -36.98 -25.80
C TYR C 204 13.96 -36.84 -24.59
N VAL C 205 13.79 -37.76 -23.66
CA VAL C 205 14.59 -37.80 -22.46
C VAL C 205 14.69 -39.27 -22.07
N LYS C 206 15.87 -39.83 -22.25
CA LYS C 206 16.09 -41.24 -21.93
C LYS C 206 16.41 -41.42 -20.45
N VAL C 207 15.87 -42.49 -19.90
CA VAL C 207 16.05 -42.83 -18.50
C VAL C 207 17.52 -43.02 -18.11
N ASP C 208 18.37 -43.29 -19.09
CA ASP C 208 19.79 -43.49 -18.80
C ASP C 208 20.50 -42.20 -18.39
N ASP C 209 20.50 -41.19 -19.26
CA ASP C 209 21.16 -39.92 -18.94
C ASP C 209 20.16 -38.75 -18.82
N ARG C 210 19.10 -38.96 -18.03
CA ARG C 210 18.03 -37.97 -17.80
C ARG C 210 18.23 -36.57 -18.37
N THR C 211 18.60 -36.43 -19.63
CA THR C 211 18.79 -35.09 -20.18
C THR C 211 18.10 -34.93 -21.52
N PHE C 212 17.24 -33.91 -21.60
CA PHE C 212 16.51 -33.65 -22.82
C PHE C 212 17.41 -33.37 -24.00
N LYS C 213 17.27 -34.20 -25.03
CA LYS C 213 18.04 -34.06 -26.25
C LYS C 213 16.97 -34.03 -27.33
N GLU C 214 17.27 -33.41 -28.46
CA GLU C 214 16.31 -33.33 -29.55
C GLU C 214 16.87 -34.05 -30.77
N VAL C 215 16.10 -35.01 -31.31
CA VAL C 215 16.54 -35.77 -32.49
C VAL C 215 16.90 -34.88 -33.67
N SER C 216 18.14 -35.01 -34.15
CA SER C 216 18.63 -34.22 -35.29
C SER C 216 17.94 -34.64 -36.57
N PRO C 217 17.85 -33.72 -37.53
CA PRO C 217 17.21 -34.05 -38.81
C PRO C 217 17.81 -35.29 -39.47
N GLU C 218 19.12 -35.48 -39.29
CA GLU C 218 19.82 -36.62 -39.88
C GLU C 218 19.44 -37.91 -39.16
N GLU C 219 19.42 -37.87 -37.83
CA GLU C 219 19.06 -39.04 -37.04
C GLU C 219 17.59 -39.36 -37.30
N LEU C 220 16.86 -38.38 -37.82
CA LEU C 220 15.43 -38.55 -38.11
C LEU C 220 15.20 -39.38 -39.37
N LYS C 221 15.91 -39.04 -40.44
CA LYS C 221 15.80 -39.74 -41.72
C LYS C 221 15.37 -41.20 -41.55
N PRO C 222 16.23 -42.04 -40.94
CA PRO C 222 15.86 -43.45 -40.77
C PRO C 222 14.48 -43.70 -40.15
N TYR C 223 14.17 -43.00 -39.05
CA TYR C 223 12.89 -43.19 -38.37
C TYR C 223 11.70 -42.78 -39.23
N VAL C 224 11.76 -41.60 -39.82
CA VAL C 224 10.69 -41.12 -40.69
C VAL C 224 10.47 -42.13 -41.81
N GLU C 225 11.58 -42.56 -42.41
CA GLU C 225 11.58 -43.53 -43.49
C GLU C 225 10.90 -44.83 -43.08
N ARG C 226 11.36 -45.42 -41.99
CA ARG C 226 10.79 -46.66 -41.50
C ARG C 226 9.33 -46.49 -41.08
N ALA C 227 8.95 -45.25 -40.79
CA ALA C 227 7.58 -44.97 -40.39
C ALA C 227 6.70 -44.76 -41.63
N ASN C 228 7.18 -43.95 -42.57
CA ASN C 228 6.44 -43.71 -43.80
C ASN C 228 6.07 -45.06 -44.39
N GLU C 229 6.88 -46.07 -44.06
CA GLU C 229 6.65 -47.42 -44.53
C GLU C 229 5.25 -47.81 -44.10
N ARG C 230 5.12 -48.18 -42.83
CA ARG C 230 3.86 -48.60 -42.27
C ARG C 230 2.72 -47.60 -42.48
N ILE C 231 3.07 -46.35 -42.80
CA ILE C 231 2.05 -45.32 -43.04
C ILE C 231 1.35 -45.61 -44.36
N ARG C 232 2.11 -45.64 -45.44
CA ARG C 232 1.58 -45.93 -46.78
C ARG C 232 0.73 -47.19 -46.67
N GLU C 233 1.32 -48.23 -46.10
CA GLU C 233 0.66 -49.50 -45.89
C GLU C 233 -0.67 -49.29 -45.15
N LEU C 234 -0.61 -48.56 -44.04
CA LEU C 234 -1.78 -48.29 -43.22
C LEU C 234 -2.81 -47.38 -43.88
N LEU C 235 -2.38 -46.57 -44.85
CA LEU C 235 -3.29 -45.67 -45.55
C LEU C 235 -4.00 -46.38 -46.72
N LYS C 236 -4.35 -47.64 -46.52
CA LYS C 236 -5.03 -48.42 -47.55
C LYS C 236 -6.53 -48.16 -47.51
N LYS C 237 -7.13 -48.38 -46.34
CA LYS C 237 -8.57 -48.17 -46.16
C LYS C 237 -8.91 -46.69 -46.33
N ARG D 1 -27.22 -9.40 -11.73
CA ARG D 1 -26.35 -8.27 -12.15
C ARG D 1 -25.14 -8.13 -11.24
N ALA D 2 -24.34 -9.19 -11.13
CA ALA D 2 -23.15 -9.17 -10.29
C ALA D 2 -22.33 -10.45 -10.41
N ILE D 3 -22.78 -11.49 -9.71
CA ILE D 3 -22.09 -12.79 -9.72
C ILE D 3 -22.92 -13.79 -8.93
N THR D 4 -22.52 -14.05 -7.68
CA THR D 4 -23.26 -14.97 -6.83
C THR D 4 -24.21 -14.12 -5.98
N VAL D 5 -25.48 -14.08 -6.39
CA VAL D 5 -26.50 -13.31 -5.68
C VAL D 5 -27.76 -14.12 -5.39
N PHE D 6 -28.66 -13.54 -4.62
CA PHE D 6 -29.89 -14.20 -4.25
C PHE D 6 -30.95 -14.16 -5.35
N SER D 7 -31.69 -15.25 -5.47
CA SER D 7 -32.77 -15.32 -6.44
C SER D 7 -34.02 -15.01 -5.62
N PRO D 8 -35.14 -14.73 -6.28
CA PRO D 8 -36.35 -14.43 -5.53
C PRO D 8 -36.74 -15.56 -4.60
N ASP D 9 -36.24 -16.77 -4.90
CA ASP D 9 -36.52 -17.96 -4.09
C ASP D 9 -35.64 -17.98 -2.84
N GLY D 10 -34.65 -17.09 -2.80
CA GLY D 10 -33.78 -17.04 -1.65
C GLY D 10 -32.64 -18.03 -1.79
N ARG D 11 -32.34 -18.44 -3.01
CA ARG D 11 -31.25 -19.37 -3.24
C ARG D 11 -30.15 -18.74 -4.09
N LEU D 12 -28.98 -19.38 -4.10
CA LEU D 12 -27.82 -18.91 -4.86
C LEU D 12 -27.62 -19.82 -6.06
N PHE D 13 -28.01 -19.35 -7.23
CA PHE D 13 -27.89 -20.18 -8.41
C PHE D 13 -26.50 -20.68 -8.70
N GLN D 14 -25.50 -19.81 -8.56
CA GLN D 14 -24.11 -20.22 -8.81
C GLN D 14 -23.73 -21.43 -7.96
N VAL D 15 -24.12 -21.40 -6.69
CA VAL D 15 -23.85 -22.49 -5.76
C VAL D 15 -24.57 -23.75 -6.22
N GLU D 16 -25.83 -23.58 -6.62
CA GLU D 16 -26.62 -24.69 -7.08
C GLU D 16 -26.08 -25.26 -8.36
N TYR D 17 -25.62 -24.39 -9.25
CA TYR D 17 -25.05 -24.85 -10.50
C TYR D 17 -23.75 -25.58 -10.20
N ALA D 18 -23.00 -25.08 -9.22
CA ALA D 18 -21.75 -25.72 -8.84
C ALA D 18 -22.11 -27.13 -8.39
N ARG D 19 -23.22 -27.25 -7.68
CA ARG D 19 -23.65 -28.56 -7.21
C ARG D 19 -23.92 -29.49 -8.39
N GLU D 20 -24.37 -28.93 -9.50
CA GLU D 20 -24.64 -29.79 -10.66
C GLU D 20 -23.32 -30.41 -11.13
N ALA D 21 -22.22 -29.71 -10.90
CA ALA D 21 -20.92 -30.21 -11.31
C ALA D 21 -20.50 -31.39 -10.46
N VAL D 22 -20.77 -31.31 -9.15
CA VAL D 22 -20.38 -32.41 -8.28
C VAL D 22 -21.16 -33.68 -8.58
N LYS D 23 -22.43 -33.53 -8.99
CA LYS D 23 -23.27 -34.67 -9.33
C LYS D 23 -22.64 -35.45 -10.48
N ARG D 24 -22.05 -34.71 -11.41
CA ARG D 24 -21.40 -35.32 -12.56
C ARG D 24 -20.07 -35.95 -12.16
N GLY D 25 -19.62 -35.66 -10.95
CA GLY D 25 -18.35 -36.21 -10.50
C GLY D 25 -18.30 -37.70 -10.27
N ALA D 26 -17.08 -38.24 -10.26
CA ALA D 26 -16.86 -39.66 -10.01
C ALA D 26 -17.31 -39.89 -8.59
N THR D 27 -17.95 -41.03 -8.33
CA THR D 27 -18.46 -41.30 -7.00
C THR D 27 -17.40 -41.71 -5.97
N ALA D 28 -17.61 -41.28 -4.73
CA ALA D 28 -16.71 -41.59 -3.62
C ALA D 28 -17.56 -41.93 -2.41
N ILE D 29 -17.11 -42.91 -1.62
CA ILE D 29 -17.88 -43.35 -0.45
C ILE D 29 -17.11 -43.31 0.86
N GLY D 30 -17.84 -43.07 1.94
CA GLY D 30 -17.24 -43.04 3.26
C GLY D 30 -18.07 -43.81 4.27
N ILE D 31 -17.43 -44.65 5.08
CA ILE D 31 -18.15 -45.41 6.09
C ILE D 31 -17.40 -45.32 7.41
N LYS D 32 -18.14 -45.14 8.48
CA LYS D 32 -17.54 -45.03 9.81
C LYS D 32 -18.04 -46.13 10.74
N CYS D 33 -17.11 -46.78 11.42
CA CYS D 33 -17.48 -47.81 12.38
C CYS D 33 -16.71 -47.49 13.66
N LYS D 34 -16.78 -48.36 14.65
CA LYS D 34 -16.07 -48.11 15.90
C LYS D 34 -14.56 -48.19 15.75
N GLU D 35 -14.09 -49.16 14.97
CA GLU D 35 -12.66 -49.37 14.74
C GLU D 35 -11.99 -48.36 13.80
N GLY D 36 -12.78 -47.49 13.18
CA GLY D 36 -12.21 -46.51 12.26
C GLY D 36 -13.16 -46.03 11.18
N VAL D 37 -12.59 -45.40 10.16
CA VAL D 37 -13.36 -44.87 9.04
C VAL D 37 -12.66 -45.20 7.74
N ILE D 38 -13.44 -45.69 6.77
CA ILE D 38 -12.90 -46.06 5.46
C ILE D 38 -13.43 -45.13 4.41
N LEU D 39 -12.59 -44.83 3.43
CA LEU D 39 -12.95 -43.97 2.34
C LEU D 39 -12.60 -44.78 1.09
N ILE D 40 -13.58 -45.01 0.23
CA ILE D 40 -13.35 -45.78 -0.98
C ILE D 40 -13.81 -44.96 -2.19
N ALA D 41 -12.97 -44.92 -3.22
CA ALA D 41 -13.27 -44.13 -4.40
C ALA D 41 -13.17 -44.88 -5.72
N ASP D 42 -14.03 -44.50 -6.67
CA ASP D 42 -14.07 -45.08 -8.01
C ASP D 42 -12.85 -44.57 -8.80
N LYS D 43 -11.92 -45.49 -9.04
CA LYS D 43 -10.67 -45.19 -9.73
C LYS D 43 -10.71 -45.55 -11.21
N ARG D 44 -11.84 -46.08 -11.65
CA ARG D 44 -12.04 -46.50 -13.05
C ARG D 44 -11.67 -45.45 -14.08
N VAL D 45 -10.96 -45.88 -15.12
CA VAL D 45 -10.53 -45.00 -16.20
C VAL D 45 -11.22 -45.37 -17.53
N GLY D 46 -11.20 -44.44 -18.49
CA GLY D 46 -11.83 -44.71 -19.77
C GLY D 46 -10.92 -44.99 -20.95
N SER D 47 -9.67 -45.36 -20.67
CA SER D 47 -8.70 -45.66 -21.72
C SER D 47 -7.50 -46.40 -21.19
N LYS D 48 -7.03 -47.40 -21.93
CA LYS D 48 -5.88 -48.17 -21.50
C LYS D 48 -4.61 -47.31 -21.55
N LEU D 49 -4.72 -46.12 -22.12
CA LEU D 49 -3.59 -45.21 -22.24
C LEU D 49 -3.27 -44.37 -20.99
N LEU D 50 -4.19 -44.33 -20.03
CA LEU D 50 -3.97 -43.58 -18.81
C LEU D 50 -3.26 -44.46 -17.80
N GLU D 51 -2.30 -43.90 -17.08
CA GLU D 51 -1.57 -44.64 -16.05
C GLU D 51 -2.52 -44.90 -14.90
N ALA D 52 -3.18 -46.05 -14.90
CA ALA D 52 -4.13 -46.35 -13.83
C ALA D 52 -3.45 -46.54 -12.47
N ASP D 53 -2.29 -47.20 -12.47
CA ASP D 53 -1.55 -47.45 -11.24
C ASP D 53 -1.16 -46.16 -10.53
N THR D 54 -1.23 -45.04 -11.23
CA THR D 54 -0.87 -43.75 -10.65
C THR D 54 -2.06 -43.00 -10.07
N ILE D 55 -3.05 -42.75 -10.92
CA ILE D 55 -4.24 -42.00 -10.53
C ILE D 55 -4.61 -42.21 -9.05
N GLU D 56 -4.68 -41.11 -8.32
CA GLU D 56 -4.99 -41.12 -6.90
C GLU D 56 -6.30 -40.39 -6.66
N LYS D 57 -7.19 -41.03 -5.90
CA LYS D 57 -8.50 -40.44 -5.64
C LYS D 57 -8.77 -40.23 -4.16
N ILE D 58 -7.89 -40.75 -3.32
CA ILE D 58 -8.02 -40.58 -1.87
C ILE D 58 -6.76 -39.86 -1.42
N TYR D 59 -6.94 -38.70 -0.80
CA TYR D 59 -5.79 -37.90 -0.39
C TYR D 59 -5.51 -37.85 1.09
N LYS D 60 -4.22 -37.84 1.40
CA LYS D 60 -3.77 -37.76 2.78
C LYS D 60 -3.67 -36.27 3.08
N ILE D 61 -4.35 -35.84 4.12
CA ILE D 61 -4.33 -34.44 4.53
C ILE D 61 -3.27 -34.28 5.59
N ASP D 62 -3.32 -35.17 6.59
CA ASP D 62 -2.36 -35.17 7.67
C ASP D 62 -2.19 -36.64 8.03
N GLU D 63 -1.44 -36.92 9.09
CA GLU D 63 -1.22 -38.30 9.52
C GLU D 63 -2.52 -39.01 9.86
N HIS D 64 -3.44 -38.27 10.46
CA HIS D 64 -4.69 -38.86 10.88
C HIS D 64 -5.89 -38.39 10.08
N ILE D 65 -5.64 -37.87 8.87
CA ILE D 65 -6.76 -37.38 8.09
C ILE D 65 -6.56 -37.55 6.60
N CYS D 66 -7.62 -38.01 5.94
CA CYS D 66 -7.59 -38.18 4.50
C CYS D 66 -8.90 -37.58 3.96
N ALA D 67 -8.99 -37.44 2.66
CA ALA D 67 -10.18 -36.89 2.06
C ALA D 67 -10.38 -37.36 0.64
N ALA D 68 -11.64 -37.41 0.23
CA ALA D 68 -12.04 -37.80 -1.11
C ALA D 68 -12.74 -36.59 -1.68
N THR D 69 -12.68 -36.46 -3.00
CA THR D 69 -13.26 -35.30 -3.66
C THR D 69 -14.19 -35.67 -4.82
N SER D 70 -15.04 -34.73 -5.24
CA SER D 70 -15.96 -34.93 -6.37
C SER D 70 -16.41 -33.57 -6.89
N GLY D 71 -16.45 -33.44 -8.22
CA GLY D 71 -16.81 -32.18 -8.86
C GLY D 71 -15.64 -31.74 -9.74
N LEU D 72 -15.51 -30.45 -10.06
CA LEU D 72 -14.40 -30.00 -10.89
C LEU D 72 -13.07 -30.49 -10.30
N VAL D 73 -12.38 -31.30 -11.07
CA VAL D 73 -11.12 -31.88 -10.66
C VAL D 73 -10.00 -30.88 -10.30
N ALA D 74 -9.87 -29.81 -11.10
CA ALA D 74 -8.86 -28.80 -10.85
C ALA D 74 -9.16 -28.04 -9.55
N ASP D 75 -10.42 -27.66 -9.35
CA ASP D 75 -10.82 -26.96 -8.13
C ASP D 75 -10.50 -27.84 -6.92
N ALA D 76 -10.83 -29.13 -7.03
CA ALA D 76 -10.58 -30.07 -5.95
C ALA D 76 -9.12 -30.02 -5.49
N ARG D 77 -8.21 -29.96 -6.46
CA ARG D 77 -6.77 -29.93 -6.18
C ARG D 77 -6.41 -28.81 -5.20
N VAL D 78 -6.76 -27.58 -5.56
CA VAL D 78 -6.42 -26.44 -4.72
C VAL D 78 -7.09 -26.59 -3.36
N LEU D 79 -8.25 -27.19 -3.34
CA LEU D 79 -8.97 -27.37 -2.09
C LEU D 79 -8.28 -28.36 -1.15
N ILE D 80 -7.72 -29.47 -1.65
CA ILE D 80 -7.07 -30.37 -0.72
C ILE D 80 -5.74 -29.79 -0.27
N ASP D 81 -5.06 -29.10 -1.16
CA ASP D 81 -3.78 -28.51 -0.79
C ASP D 81 -4.06 -27.48 0.29
N ARG D 82 -5.17 -26.76 0.10
CA ARG D 82 -5.59 -25.76 1.04
C ARG D 82 -5.79 -26.44 2.38
N ALA D 83 -6.49 -27.57 2.36
CA ALA D 83 -6.74 -28.32 3.57
C ALA D 83 -5.43 -28.78 4.20
N ARG D 84 -4.47 -29.16 3.36
CA ARG D 84 -3.16 -29.61 3.83
C ARG D 84 -2.44 -28.47 4.55
N ILE D 85 -2.37 -27.32 3.89
CA ILE D 85 -1.73 -26.16 4.49
C ILE D 85 -2.41 -25.88 5.83
N GLU D 86 -3.73 -25.86 5.82
CA GLU D 86 -4.52 -25.61 7.01
C GLU D 86 -4.16 -26.55 8.18
N ALA D 87 -3.85 -27.81 7.87
CA ALA D 87 -3.48 -28.77 8.90
C ALA D 87 -2.10 -28.47 9.47
N GLN D 88 -1.14 -28.16 8.61
CA GLN D 88 0.20 -27.84 9.07
C GLN D 88 0.21 -26.56 9.88
N ILE D 89 -0.61 -25.59 9.47
CA ILE D 89 -0.68 -24.34 10.21
C ILE D 89 -1.13 -24.64 11.63
N ASN D 90 -2.08 -25.55 11.80
CA ASN D 90 -2.51 -25.85 13.16
C ASN D 90 -1.31 -26.35 13.99
N ARG D 91 -0.49 -27.21 13.38
CA ARG D 91 0.69 -27.75 14.05
C ARG D 91 1.67 -26.62 14.37
N LEU D 92 1.88 -25.74 13.40
CA LEU D 92 2.80 -24.62 13.54
C LEU D 92 2.46 -23.68 14.71
N THR D 93 1.17 -23.46 14.92
CA THR D 93 0.74 -22.55 15.99
C THR D 93 0.40 -23.18 17.35
N TYR D 94 0.02 -24.45 17.36
CA TYR D 94 -0.32 -25.09 18.61
C TYR D 94 0.51 -26.33 18.92
N ASP D 95 1.37 -26.70 17.98
CA ASP D 95 2.23 -27.86 18.12
C ASP D 95 1.36 -29.08 18.36
N GLU D 96 0.25 -29.15 17.65
CA GLU D 96 -0.68 -30.26 17.78
C GLU D 96 -1.44 -30.45 16.49
N PRO D 97 -1.80 -31.70 16.19
CA PRO D 97 -2.55 -32.01 14.99
C PRO D 97 -3.94 -31.40 15.08
N ILE D 98 -4.47 -30.97 13.94
CA ILE D 98 -5.79 -30.38 13.89
C ILE D 98 -6.81 -31.51 13.96
N THR D 99 -7.94 -31.24 14.60
CA THR D 99 -9.00 -32.26 14.67
C THR D 99 -9.69 -32.31 13.30
N VAL D 100 -10.29 -33.44 12.97
CA VAL D 100 -10.97 -33.58 11.69
C VAL D 100 -12.08 -32.56 11.57
N LYS D 101 -12.80 -32.35 12.67
CA LYS D 101 -13.91 -31.42 12.68
C LYS D 101 -13.48 -30.00 12.37
N GLU D 102 -12.41 -29.54 13.03
CA GLU D 102 -11.86 -28.19 12.85
C GLU D 102 -11.38 -27.95 11.42
N LEU D 103 -10.65 -28.93 10.88
CA LEU D 103 -10.14 -28.84 9.53
C LEU D 103 -11.30 -28.68 8.56
N ALA D 104 -12.37 -29.43 8.78
CA ALA D 104 -13.52 -29.36 7.91
C ALA D 104 -14.13 -27.97 7.96
N LYS D 105 -14.32 -27.45 9.17
CA LYS D 105 -14.90 -26.12 9.30
C LYS D 105 -14.05 -25.10 8.55
N LYS D 106 -12.74 -25.24 8.63
CA LYS D 106 -11.89 -24.29 7.96
C LYS D 106 -11.98 -24.32 6.44
N ILE D 107 -11.92 -25.48 5.78
CA ILE D 107 -12.05 -25.43 4.32
C ILE D 107 -13.46 -25.02 3.93
N CYS D 108 -14.42 -25.27 4.82
CA CYS D 108 -15.80 -24.90 4.53
C CYS D 108 -15.95 -23.39 4.58
N ASP D 109 -15.23 -22.74 5.49
CA ASP D 109 -15.28 -21.28 5.59
C ASP D 109 -14.60 -20.71 4.36
N PHE D 110 -13.52 -21.37 3.94
CA PHE D 110 -12.78 -20.96 2.77
C PHE D 110 -13.73 -20.97 1.57
N LYS D 111 -14.41 -22.10 1.38
CA LYS D 111 -15.34 -22.28 0.28
C LYS D 111 -16.51 -21.32 0.35
N GLN D 112 -16.95 -21.01 1.57
CA GLN D 112 -18.06 -20.09 1.73
C GLN D 112 -17.77 -18.70 1.17
N GLN D 113 -16.53 -18.23 1.29
CA GLN D 113 -16.20 -16.90 0.79
C GLN D 113 -16.40 -16.76 -0.72
N TYR D 114 -15.99 -17.78 -1.47
CA TYR D 114 -16.13 -17.77 -2.91
C TYR D 114 -17.60 -17.81 -3.28
N THR D 115 -18.43 -17.73 -2.25
CA THR D 115 -19.87 -17.78 -2.38
C THR D 115 -20.52 -16.43 -2.20
N GLN D 116 -19.78 -15.45 -1.68
CA GLN D 116 -20.37 -14.12 -1.53
C GLN D 116 -19.46 -12.95 -1.80
N TYR D 117 -18.42 -13.13 -2.63
CA TYR D 117 -17.49 -12.05 -2.92
C TYR D 117 -17.26 -11.63 -4.37
N GLY D 118 -18.36 -11.36 -5.05
CA GLY D 118 -18.34 -10.87 -6.43
C GLY D 118 -17.32 -11.19 -7.52
N GLY D 119 -16.04 -10.98 -7.29
CA GLY D 119 -15.08 -11.24 -8.34
C GLY D 119 -14.56 -12.67 -8.39
N VAL D 120 -15.38 -13.60 -7.93
CA VAL D 120 -14.93 -14.95 -7.89
C VAL D 120 -16.13 -15.88 -8.02
N ARG D 121 -15.87 -17.15 -8.34
CA ARG D 121 -16.95 -18.14 -8.46
C ARG D 121 -16.77 -19.22 -7.40
N PRO D 122 -17.84 -19.95 -7.08
CA PRO D 122 -17.77 -21.02 -6.08
C PRO D 122 -16.92 -22.19 -6.56
N PHE D 123 -16.54 -23.06 -5.63
CA PHE D 123 -15.75 -24.23 -5.99
C PHE D 123 -16.73 -25.31 -6.44
N GLY D 124 -16.55 -25.81 -7.66
CA GLY D 124 -17.44 -26.85 -8.15
C GLY D 124 -17.05 -28.19 -7.59
N VAL D 125 -16.95 -28.28 -6.28
CA VAL D 125 -16.51 -29.53 -5.66
C VAL D 125 -17.07 -29.78 -4.27
N SER D 126 -17.22 -31.06 -3.94
CA SER D 126 -17.72 -31.49 -2.65
C SER D 126 -16.64 -32.39 -2.05
N LEU D 127 -16.53 -32.38 -0.73
CA LEU D 127 -15.49 -33.19 -0.08
C LEU D 127 -15.95 -34.18 0.98
N LEU D 128 -15.22 -35.28 1.07
CA LEU D 128 -15.45 -36.29 2.10
C LEU D 128 -14.15 -36.22 2.90
N ILE D 129 -14.24 -35.77 4.14
CA ILE D 129 -13.07 -35.67 5.00
C ILE D 129 -13.22 -36.67 6.10
N ALA D 130 -12.29 -37.63 6.14
CA ALA D 130 -12.31 -38.69 7.14
C ALA D 130 -11.01 -38.76 7.93
N GLY D 131 -11.17 -39.01 9.22
CA GLY D 131 -10.02 -39.12 10.08
C GLY D 131 -10.42 -39.63 11.46
N VAL D 132 -9.46 -39.68 12.36
CA VAL D 132 -9.76 -40.13 13.71
C VAL D 132 -9.20 -39.19 14.75
N ASP D 133 -10.09 -38.48 15.43
CA ASP D 133 -9.67 -37.60 16.50
C ASP D 133 -9.57 -38.60 17.63
N GLU D 134 -10.47 -38.50 18.60
CA GLU D 134 -10.46 -39.46 19.68
C GLU D 134 -11.40 -40.60 19.30
N VAL D 135 -12.21 -40.33 18.29
CA VAL D 135 -13.19 -41.29 17.77
C VAL D 135 -13.16 -41.10 16.26
N PRO D 136 -13.49 -42.14 15.48
CA PRO D 136 -13.48 -41.94 14.02
C PRO D 136 -14.50 -40.89 13.62
N LYS D 137 -14.21 -40.14 12.55
CA LYS D 137 -15.15 -39.10 12.09
C LYS D 137 -15.17 -38.96 10.58
N LEU D 138 -16.35 -38.61 10.08
CA LEU D 138 -16.58 -38.44 8.65
C LEU D 138 -17.44 -37.22 8.40
N TYR D 139 -16.94 -36.32 7.57
CA TYR D 139 -17.67 -35.10 7.21
C TYR D 139 -17.70 -35.00 5.69
N GLU D 140 -18.77 -34.38 5.18
CA GLU D 140 -18.89 -34.19 3.74
C GLU D 140 -19.18 -32.69 3.58
N THR D 141 -18.53 -32.06 2.59
CA THR D 141 -18.67 -30.64 2.34
C THR D 141 -19.42 -30.32 1.06
N ASP D 142 -19.99 -29.12 1.01
CA ASP D 142 -20.77 -28.70 -0.13
C ASP D 142 -20.17 -27.45 -0.77
N PRO D 143 -20.42 -27.22 -2.07
CA PRO D 143 -19.90 -26.04 -2.74
C PRO D 143 -20.24 -24.73 -2.03
N SER D 144 -21.30 -24.74 -1.22
CA SER D 144 -21.73 -23.55 -0.50
C SER D 144 -20.89 -23.29 0.73
N GLY D 145 -20.29 -24.34 1.27
CA GLY D 145 -19.49 -24.21 2.46
C GLY D 145 -20.20 -24.90 3.61
N ALA D 146 -21.31 -25.57 3.32
CA ALA D 146 -22.08 -26.27 4.35
C ALA D 146 -21.37 -27.57 4.74
N LEU D 147 -21.36 -27.84 6.04
CA LEU D 147 -20.70 -29.03 6.58
C LEU D 147 -21.72 -30.01 7.18
N LEU D 148 -21.45 -31.31 7.04
CA LEU D 148 -22.32 -32.34 7.61
C LEU D 148 -21.56 -33.58 8.07
N GLU D 149 -21.86 -34.05 9.27
CA GLU D 149 -21.19 -35.24 9.79
C GLU D 149 -22.06 -36.47 9.56
N TYR D 150 -21.53 -37.43 8.81
CA TYR D 150 -22.25 -38.65 8.51
C TYR D 150 -21.64 -39.88 9.17
N LYS D 151 -22.47 -40.91 9.33
CA LYS D 151 -22.04 -42.18 9.89
C LYS D 151 -21.50 -42.94 8.68
N ALA D 152 -22.16 -42.71 7.55
CA ALA D 152 -21.82 -43.30 6.26
C ALA D 152 -22.52 -42.50 5.16
N THR D 153 -21.88 -42.35 4.01
CA THR D 153 -22.48 -41.59 2.92
C THR D 153 -21.65 -41.66 1.64
N ALA D 154 -21.99 -40.81 0.68
CA ALA D 154 -21.29 -40.77 -0.59
C ALA D 154 -21.57 -39.46 -1.33
N ILE D 155 -20.68 -39.16 -2.26
CA ILE D 155 -20.80 -37.96 -3.07
C ILE D 155 -20.50 -38.40 -4.50
N GLY D 156 -20.98 -37.64 -5.47
CA GLY D 156 -20.73 -38.01 -6.85
C GLY D 156 -21.99 -38.54 -7.50
N MET D 157 -21.87 -39.01 -8.73
CA MET D 157 -23.04 -39.52 -9.44
C MET D 157 -23.68 -40.72 -8.77
N GLY D 158 -22.89 -41.70 -8.36
CA GLY D 158 -23.45 -42.85 -7.70
C GLY D 158 -24.01 -42.55 -6.33
N ARG D 159 -24.06 -41.28 -5.95
CA ARG D 159 -24.54 -40.90 -4.63
C ARG D 159 -25.78 -41.62 -4.15
N ASN D 160 -26.93 -41.22 -4.70
CA ASN D 160 -28.23 -41.81 -4.33
C ASN D 160 -28.27 -43.33 -4.20
N ALA D 161 -27.64 -44.03 -5.14
CA ALA D 161 -27.61 -45.48 -5.09
C ALA D 161 -27.10 -45.93 -3.73
N VAL D 162 -25.84 -45.62 -3.43
CA VAL D 162 -25.23 -46.04 -2.19
C VAL D 162 -25.90 -45.44 -0.96
N THR D 163 -26.51 -44.27 -1.11
CA THR D 163 -27.19 -43.63 0.03
C THR D 163 -28.39 -44.48 0.44
N GLU D 164 -29.19 -44.88 -0.54
CA GLU D 164 -30.39 -45.68 -0.31
C GLU D 164 -29.97 -47.02 0.28
N PHE D 165 -28.87 -47.57 -0.24
CA PHE D 165 -28.36 -48.84 0.22
C PHE D 165 -27.92 -48.78 1.67
N PHE D 166 -27.03 -47.85 2.01
CA PHE D 166 -26.59 -47.72 3.40
C PHE D 166 -27.79 -47.44 4.29
N GLU D 167 -28.76 -46.73 3.76
CA GLU D 167 -29.96 -46.39 4.51
C GLU D 167 -30.60 -47.64 5.10
N LYS D 168 -30.40 -48.76 4.41
CA LYS D 168 -30.96 -50.03 4.85
C LYS D 168 -29.93 -50.97 5.49
N GLU D 169 -28.78 -51.14 4.86
CA GLU D 169 -27.75 -52.04 5.36
C GLU D 169 -26.85 -51.54 6.50
N TYR D 170 -26.40 -50.29 6.43
CA TYR D 170 -25.52 -49.75 7.45
C TYR D 170 -26.01 -50.01 8.87
N ARG D 171 -25.06 -50.20 9.79
CA ARG D 171 -25.35 -50.47 11.19
C ARG D 171 -24.24 -49.89 12.08
N ASP D 172 -24.63 -49.27 13.19
CA ASP D 172 -23.69 -48.66 14.13
C ASP D 172 -22.64 -49.61 14.70
N ASP D 173 -22.92 -50.91 14.69
CA ASP D 173 -21.99 -51.88 15.24
C ASP D 173 -21.18 -52.67 14.20
N LEU D 174 -21.22 -52.28 12.93
CA LEU D 174 -20.46 -53.00 11.92
C LEU D 174 -19.00 -53.16 12.33
N SER D 175 -18.37 -54.25 11.88
CA SER D 175 -16.96 -54.46 12.21
C SER D 175 -16.19 -53.72 11.12
N PHE D 176 -14.89 -53.54 11.30
CA PHE D 176 -14.11 -52.84 10.30
C PHE D 176 -14.24 -53.51 8.93
N ASP D 177 -14.03 -54.81 8.88
CA ASP D 177 -14.11 -55.55 7.61
C ASP D 177 -15.54 -55.56 7.09
N ASP D 178 -16.51 -55.69 7.98
CA ASP D 178 -17.90 -55.70 7.57
C ASP D 178 -18.22 -54.35 6.97
N ALA D 179 -17.88 -53.30 7.71
CA ALA D 179 -18.10 -51.92 7.27
C ALA D 179 -17.46 -51.67 5.90
N MET D 180 -16.24 -52.15 5.71
CA MET D 180 -15.57 -51.96 4.44
C MET D 180 -16.26 -52.71 3.31
N VAL D 181 -16.60 -53.97 3.55
CA VAL D 181 -17.26 -54.78 2.53
C VAL D 181 -18.58 -54.14 2.13
N LEU D 182 -19.32 -53.65 3.13
CA LEU D 182 -20.59 -52.98 2.89
C LEU D 182 -20.37 -51.82 1.92
N GLY D 183 -19.21 -51.19 2.04
CA GLY D 183 -18.86 -50.08 1.16
C GLY D 183 -18.55 -50.53 -0.26
N LEU D 184 -17.76 -51.58 -0.43
CA LEU D 184 -17.43 -52.08 -1.76
C LEU D 184 -18.70 -52.49 -2.47
N VAL D 185 -19.67 -52.96 -1.69
CA VAL D 185 -20.95 -53.38 -2.24
C VAL D 185 -21.69 -52.16 -2.75
N ALA D 186 -21.81 -51.14 -1.90
CA ALA D 186 -22.49 -49.91 -2.28
C ALA D 186 -21.88 -49.40 -3.58
N MET D 187 -20.56 -49.48 -3.68
CA MET D 187 -19.88 -49.05 -4.90
C MET D 187 -20.37 -49.90 -6.06
N GLY D 188 -20.38 -51.21 -5.86
CA GLY D 188 -20.82 -52.13 -6.89
C GLY D 188 -22.19 -51.79 -7.44
N LEU D 189 -23.17 -51.66 -6.55
CA LEU D 189 -24.51 -51.31 -7.00
C LEU D 189 -24.44 -49.99 -7.76
N SER D 190 -23.66 -49.06 -7.22
CA SER D 190 -23.48 -47.76 -7.84
C SER D 190 -23.12 -47.87 -9.31
N ILE D 191 -22.00 -48.52 -9.59
CA ILE D 191 -21.54 -48.67 -10.97
C ILE D 191 -22.36 -49.73 -11.69
N GLU D 192 -23.33 -50.29 -11.00
CA GLU D 192 -24.22 -51.29 -11.58
C GLU D 192 -23.53 -52.59 -11.99
N SER D 193 -22.60 -53.08 -11.18
CA SER D 193 -21.92 -54.34 -11.49
C SER D 193 -20.87 -54.72 -10.47
N GLU D 194 -20.17 -55.82 -10.75
CA GLU D 194 -19.13 -56.31 -9.87
C GLU D 194 -17.92 -55.39 -10.00
N LEU D 195 -17.18 -55.25 -8.92
CA LEU D 195 -16.01 -54.39 -8.90
C LEU D 195 -14.74 -55.13 -9.31
N VAL D 196 -13.77 -54.37 -9.81
CA VAL D 196 -12.47 -54.89 -10.21
C VAL D 196 -11.48 -54.23 -9.25
N PRO D 197 -10.84 -55.03 -8.38
CA PRO D 197 -9.88 -54.44 -7.44
C PRO D 197 -8.92 -53.45 -8.09
N GLU D 198 -8.55 -53.74 -9.32
CA GLU D 198 -7.62 -52.92 -10.07
C GLU D 198 -8.10 -51.51 -10.40
N ASN D 199 -9.38 -51.22 -10.17
CA ASN D 199 -9.86 -49.88 -10.47
C ASN D 199 -10.73 -49.24 -9.39
N ILE D 200 -10.36 -49.45 -8.13
CA ILE D 200 -11.03 -48.85 -7.00
C ILE D 200 -9.96 -48.56 -5.97
N GLU D 201 -10.09 -47.44 -5.26
CA GLU D 201 -9.10 -47.05 -4.27
C GLU D 201 -9.71 -47.07 -2.88
N VAL D 202 -8.94 -47.53 -1.90
CA VAL D 202 -9.45 -47.57 -0.54
C VAL D 202 -8.40 -47.05 0.43
N GLY D 203 -8.83 -46.17 1.32
CA GLY D 203 -7.96 -45.59 2.33
C GLY D 203 -8.72 -45.58 3.63
N TYR D 204 -8.01 -45.58 4.75
CA TYR D 204 -8.69 -45.60 6.05
C TYR D 204 -7.79 -45.08 7.16
N VAL D 205 -8.38 -44.96 8.35
CA VAL D 205 -7.66 -44.51 9.52
C VAL D 205 -8.29 -45.22 10.68
N LYS D 206 -7.58 -46.20 11.22
CA LYS D 206 -8.08 -46.99 12.36
C LYS D 206 -7.85 -46.29 13.69
N VAL D 207 -8.85 -46.34 14.56
CA VAL D 207 -8.80 -45.72 15.88
C VAL D 207 -7.62 -46.18 16.75
N ASP D 208 -7.05 -47.33 16.41
CA ASP D 208 -5.92 -47.84 17.18
C ASP D 208 -4.63 -47.03 16.95
N ASP D 209 -4.16 -46.98 15.71
CA ASP D 209 -2.94 -46.24 15.40
C ASP D 209 -3.20 -45.02 14.51
N ARG D 210 -4.16 -44.20 14.91
CA ARG D 210 -4.54 -42.99 14.18
C ARG D 210 -3.68 -42.55 13.01
N THR D 211 -3.39 -43.44 12.07
CA THR D 211 -2.59 -43.04 10.91
C THR D 211 -3.19 -43.55 9.61
N PHE D 212 -3.36 -42.62 8.68
CA PHE D 212 -3.93 -42.94 7.38
C PHE D 212 -3.06 -43.90 6.60
N LYS D 213 -3.65 -45.05 6.28
CA LYS D 213 -2.97 -46.07 5.51
C LYS D 213 -3.91 -46.33 4.35
N GLU D 214 -3.37 -46.82 3.24
CA GLU D 214 -4.19 -47.11 2.08
C GLU D 214 -4.14 -48.60 1.77
N VAL D 215 -5.32 -49.23 1.65
CA VAL D 215 -5.38 -50.66 1.36
C VAL D 215 -4.66 -51.02 0.06
N SER D 216 -3.69 -51.92 0.16
CA SER D 216 -2.91 -52.35 -0.99
C SER D 216 -3.76 -53.21 -1.91
N PRO D 217 -3.43 -53.21 -3.21
CA PRO D 217 -4.20 -54.01 -4.17
C PRO D 217 -4.33 -55.47 -3.74
N GLU D 218 -3.28 -56.01 -3.15
CA GLU D 218 -3.32 -57.39 -2.69
C GLU D 218 -4.28 -57.54 -1.52
N GLU D 219 -4.18 -56.65 -0.54
CA GLU D 219 -5.06 -56.72 0.61
C GLU D 219 -6.49 -56.51 0.18
N LEU D 220 -6.66 -55.94 -1.03
CA LEU D 220 -7.99 -55.67 -1.60
C LEU D 220 -8.67 -56.92 -2.13
N LYS D 221 -7.94 -57.70 -2.91
CA LYS D 221 -8.45 -58.95 -3.49
C LYS D 221 -9.54 -59.60 -2.65
N PRO D 222 -9.21 -60.05 -1.43
CA PRO D 222 -10.24 -60.69 -0.60
C PRO D 222 -11.51 -59.88 -0.41
N TYR D 223 -11.38 -58.60 -0.06
CA TYR D 223 -12.53 -57.75 0.15
C TYR D 223 -13.39 -57.58 -1.10
N VAL D 224 -12.76 -57.24 -2.21
CA VAL D 224 -13.48 -57.05 -3.46
C VAL D 224 -14.23 -58.34 -3.77
N GLU D 225 -13.52 -59.45 -3.66
CA GLU D 225 -14.07 -60.77 -3.91
C GLU D 225 -15.32 -61.02 -3.05
N ARG D 226 -15.15 -60.91 -1.74
CA ARG D 226 -16.26 -61.13 -0.82
C ARG D 226 -17.40 -60.14 -1.08
N ALA D 227 -17.08 -59.01 -1.68
CA ALA D 227 -18.08 -58.00 -1.98
C ALA D 227 -18.81 -58.32 -3.27
N ASN D 228 -18.04 -58.66 -4.31
CA ASN D 228 -18.62 -59.01 -5.60
C ASN D 228 -19.64 -60.11 -5.37
N GLU D 229 -19.44 -60.86 -4.29
CA GLU D 229 -20.33 -61.94 -3.92
C GLU D 229 -21.72 -61.33 -3.79
N ARG D 230 -21.94 -60.65 -2.67
CA ARG D 230 -23.23 -60.04 -2.39
C ARG D 230 -23.70 -59.09 -3.49
N ILE D 231 -22.78 -58.63 -4.32
CA ILE D 231 -23.16 -57.74 -5.41
C ILE D 231 -23.96 -58.52 -6.46
N ARG D 232 -23.35 -59.57 -7.01
CA ARG D 232 -24.01 -60.42 -7.99
C ARG D 232 -25.38 -60.80 -7.46
N GLU D 233 -25.38 -61.29 -6.22
CA GLU D 233 -26.61 -61.69 -5.55
C GLU D 233 -27.61 -60.54 -5.51
N LEU D 234 -27.14 -59.37 -5.11
CA LEU D 234 -27.98 -58.20 -5.01
C LEU D 234 -28.44 -57.65 -6.36
N LEU D 235 -27.68 -57.94 -7.42
CA LEU D 235 -28.05 -57.46 -8.74
C LEU D 235 -29.07 -58.37 -9.42
N LYS D 236 -30.00 -58.90 -8.64
CA LYS D 236 -31.03 -59.79 -9.18
C LYS D 236 -32.18 -58.99 -9.77
N LYS D 237 -32.77 -58.11 -8.96
CA LYS D 237 -33.88 -57.28 -9.39
C LYS D 237 -33.42 -56.31 -10.48
N ARG E 1 -28.67 -2.73 -11.83
CA ARG E 1 -27.36 -2.67 -12.54
C ARG E 1 -26.20 -2.47 -11.56
N ALA E 2 -26.06 -3.41 -10.62
CA ALA E 2 -25.00 -3.32 -9.62
C ALA E 2 -24.97 -4.55 -8.71
N ILE E 3 -25.88 -4.56 -7.73
CA ILE E 3 -25.96 -5.65 -6.76
C ILE E 3 -27.17 -5.42 -5.83
N THR E 4 -26.89 -4.90 -4.64
CA THR E 4 -27.95 -4.61 -3.69
C THR E 4 -28.26 -3.13 -3.89
N VAL E 5 -29.38 -2.84 -4.56
CA VAL E 5 -29.78 -1.46 -4.79
C VAL E 5 -31.25 -1.25 -4.49
N PHE E 6 -31.67 0.00 -4.49
CA PHE E 6 -33.06 0.33 -4.22
C PHE E 6 -33.99 0.09 -5.40
N SER E 7 -35.20 -0.37 -5.09
CA SER E 7 -36.22 -0.63 -6.09
C SER E 7 -37.10 0.63 -6.07
N PRO E 8 -37.95 0.80 -7.09
CA PRO E 8 -38.81 1.98 -7.10
C PRO E 8 -39.68 2.04 -5.86
N ASP E 9 -39.85 0.90 -5.22
CA ASP E 9 -40.66 0.79 -4.00
C ASP E 9 -39.88 1.26 -2.77
N GLY E 10 -38.57 1.44 -2.94
CA GLY E 10 -37.76 1.87 -1.83
C GLY E 10 -37.28 0.69 -1.01
N ARG E 11 -37.32 -0.50 -1.59
CA ARG E 11 -36.88 -1.70 -0.90
C ARG E 11 -35.66 -2.33 -1.57
N LEU E 12 -34.95 -3.17 -0.81
CA LEU E 12 -33.75 -3.85 -1.29
C LEU E 12 -34.09 -5.29 -1.60
N PHE E 13 -34.23 -5.62 -2.87
CA PHE E 13 -34.59 -6.97 -3.24
C PHE E 13 -33.64 -8.04 -2.73
N GLN E 14 -32.34 -7.80 -2.81
CA GLN E 14 -31.40 -8.80 -2.31
C GLN E 14 -31.68 -9.14 -0.85
N VAL E 15 -31.97 -8.12 -0.06
CA VAL E 15 -32.25 -8.34 1.35
C VAL E 15 -33.52 -9.15 1.51
N GLU E 16 -34.52 -8.82 0.70
CA GLU E 16 -35.79 -9.51 0.78
C GLU E 16 -35.68 -10.95 0.31
N TYR E 17 -34.88 -11.15 -0.72
CA TYR E 17 -34.69 -12.50 -1.21
C TYR E 17 -33.94 -13.29 -0.14
N ALA E 18 -33.00 -12.63 0.52
CA ALA E 18 -32.24 -13.27 1.58
C ALA E 18 -33.24 -13.72 2.65
N ARG E 19 -34.22 -12.86 2.95
CA ARG E 19 -35.24 -13.22 3.93
C ARG E 19 -36.02 -14.45 3.50
N GLU E 20 -36.17 -14.65 2.20
CA GLU E 20 -36.88 -15.84 1.74
C GLU E 20 -36.12 -17.09 2.15
N ALA E 21 -34.80 -16.96 2.22
CA ALA E 21 -33.95 -18.07 2.62
C ALA E 21 -34.12 -18.43 4.09
N VAL E 22 -34.30 -17.43 4.95
CA VAL E 22 -34.46 -17.68 6.36
C VAL E 22 -35.80 -18.36 6.63
N LYS E 23 -36.81 -17.98 5.85
CA LYS E 23 -38.14 -18.58 6.01
C LYS E 23 -38.06 -20.09 5.82
N ARG E 24 -37.24 -20.50 4.85
CA ARG E 24 -37.06 -21.91 4.55
C ARG E 24 -36.26 -22.59 5.63
N GLY E 25 -35.64 -21.79 6.50
CA GLY E 25 -34.83 -22.37 7.56
C GLY E 25 -35.54 -23.17 8.63
N ALA E 26 -34.79 -24.02 9.31
CA ALA E 26 -35.33 -24.83 10.40
C ALA E 26 -35.76 -23.85 11.47
N THR E 27 -36.85 -24.15 12.17
CA THR E 27 -37.37 -23.24 13.19
C THR E 27 -36.65 -23.22 14.54
N ALA E 28 -36.50 -22.02 15.10
CA ALA E 28 -35.83 -21.84 16.40
C ALA E 28 -36.69 -20.90 17.24
N ILE E 29 -36.77 -21.16 18.55
CA ILE E 29 -37.62 -20.36 19.44
C ILE E 29 -36.86 -19.79 20.63
N GLY E 30 -37.32 -18.64 21.11
CA GLY E 30 -36.68 -18.01 22.26
C GLY E 30 -37.74 -17.45 23.18
N ILE E 31 -37.62 -17.73 24.48
CA ILE E 31 -38.56 -17.24 25.47
C ILE E 31 -37.81 -16.61 26.64
N LYS E 32 -38.26 -15.45 27.07
CA LYS E 32 -37.64 -14.76 28.17
C LYS E 32 -38.61 -14.62 29.34
N CYS E 33 -38.12 -14.92 30.54
CA CYS E 33 -38.92 -14.80 31.74
C CYS E 33 -38.05 -14.06 32.74
N LYS E 34 -38.50 -13.96 33.99
CA LYS E 34 -37.71 -13.26 34.97
C LYS E 34 -36.45 -14.04 35.35
N GLU E 35 -36.59 -15.35 35.51
CA GLU E 35 -35.47 -16.21 35.92
C GLU E 35 -34.44 -16.49 34.83
N GLY E 36 -34.72 -16.04 33.61
CA GLY E 36 -33.77 -16.25 32.54
C GLY E 36 -34.38 -16.29 31.15
N VAL E 37 -33.61 -16.77 30.18
CA VAL E 37 -34.05 -16.88 28.81
C VAL E 37 -33.69 -18.25 28.24
N ILE E 38 -34.65 -18.86 27.56
CA ILE E 38 -34.43 -20.18 26.97
C ILE E 38 -34.44 -20.06 25.48
N LEU E 39 -33.66 -20.93 24.83
CA LEU E 39 -33.59 -20.96 23.39
C LEU E 39 -33.77 -22.43 23.05
N ILE E 40 -34.76 -22.74 22.24
CA ILE E 40 -35.02 -24.11 21.84
C ILE E 40 -35.07 -24.19 20.32
N ALA E 41 -34.39 -25.20 19.77
CA ALA E 41 -34.30 -25.36 18.32
C ALA E 41 -34.65 -26.75 17.81
N ASP E 42 -35.21 -26.79 16.60
CA ASP E 42 -35.61 -28.03 15.95
C ASP E 42 -34.37 -28.75 15.44
N LYS E 43 -34.04 -29.84 16.11
CA LYS E 43 -32.86 -30.64 15.81
C LYS E 43 -33.13 -31.83 14.89
N ARG E 44 -34.40 -32.03 14.54
CA ARG E 44 -34.83 -33.14 13.69
C ARG E 44 -34.01 -33.32 12.43
N VAL E 45 -33.73 -34.57 12.10
CA VAL E 45 -32.95 -34.91 10.91
C VAL E 45 -33.75 -35.76 9.93
N GLY E 46 -33.33 -35.76 8.66
CA GLY E 46 -34.05 -36.52 7.64
C GLY E 46 -33.44 -37.83 7.19
N SER E 47 -32.55 -38.39 8.00
CA SER E 47 -31.92 -39.66 7.66
C SER E 47 -31.27 -40.28 8.89
N LYS E 48 -31.41 -41.60 9.06
CA LYS E 48 -30.82 -42.26 10.21
C LYS E 48 -29.29 -42.28 10.07
N LEU E 49 -28.80 -41.88 8.91
CA LEU E 49 -27.36 -41.85 8.62
C LEU E 49 -26.60 -40.62 9.17
N LEU E 50 -27.33 -39.58 9.57
CA LEU E 50 -26.69 -38.40 10.12
C LEU E 50 -26.51 -38.55 11.62
N GLU E 51 -25.36 -38.14 12.12
CA GLU E 51 -25.07 -38.21 13.54
C GLU E 51 -25.97 -37.20 14.26
N ALA E 52 -27.12 -37.66 14.74
CA ALA E 52 -28.03 -36.75 15.42
C ALA E 52 -27.48 -36.26 16.77
N ASP E 53 -26.84 -37.15 17.51
CA ASP E 53 -26.27 -36.80 18.81
C ASP E 53 -25.26 -35.65 18.73
N THR E 54 -24.70 -35.44 17.53
CA THR E 54 -23.72 -34.40 17.31
C THR E 54 -24.34 -33.06 16.91
N ILE E 55 -25.11 -33.05 15.83
CA ILE E 55 -25.74 -31.83 15.35
C ILE E 55 -26.09 -30.84 16.46
N GLU E 56 -25.53 -29.64 16.33
CA GLU E 56 -25.73 -28.57 17.31
C GLU E 56 -26.47 -27.39 16.65
N LYS E 57 -27.53 -26.95 17.30
CA LYS E 57 -28.32 -25.85 16.76
C LYS E 57 -28.37 -24.63 17.65
N ILE E 58 -27.84 -24.75 18.86
CA ILE E 58 -27.80 -23.62 19.77
C ILE E 58 -26.33 -23.41 20.08
N TYR E 59 -25.84 -22.21 19.79
CA TYR E 59 -24.42 -21.93 19.99
C TYR E 59 -24.09 -21.04 21.16
N LYS E 60 -22.95 -21.34 21.78
CA LYS E 60 -22.47 -20.56 22.91
C LYS E 60 -21.61 -19.45 22.29
N ILE E 61 -21.93 -18.21 22.62
CA ILE E 61 -21.17 -17.09 22.10
C ILE E 61 -20.13 -16.72 23.15
N ASP E 62 -20.59 -16.60 24.40
CA ASP E 62 -19.72 -16.28 25.51
C ASP E 62 -20.30 -17.05 26.68
N GLU E 63 -19.77 -16.81 27.88
CA GLU E 63 -20.27 -17.50 29.06
C GLU E 63 -21.74 -17.19 29.32
N HIS E 64 -22.13 -15.94 29.11
CA HIS E 64 -23.49 -15.52 29.38
C HIS E 64 -24.32 -15.28 28.11
N ILE E 65 -23.87 -15.81 26.98
CA ILE E 65 -24.60 -15.57 25.75
C ILE E 65 -24.61 -16.76 24.81
N CYS E 66 -25.78 -17.02 24.23
CA CYS E 66 -25.92 -18.10 23.27
C CYS E 66 -26.73 -17.54 22.12
N ALA E 67 -26.83 -18.29 21.04
CA ALA E 67 -27.58 -17.83 19.89
C ALA E 67 -28.05 -18.97 19.02
N ALA E 68 -29.20 -18.76 18.40
CA ALA E 68 -29.78 -19.74 17.49
C ALA E 68 -29.74 -19.09 16.12
N THR E 69 -29.74 -19.90 15.08
CA THR E 69 -29.65 -19.37 13.73
C THR E 69 -30.66 -19.97 12.74
N SER E 70 -30.95 -19.24 11.66
CA SER E 70 -31.87 -19.71 10.64
C SER E 70 -31.57 -19.06 9.28
N GLY E 71 -31.60 -19.88 8.22
CA GLY E 71 -31.29 -19.35 6.91
C GLY E 71 -30.16 -20.17 6.35
N LEU E 72 -29.38 -19.61 5.43
CA LEU E 72 -28.25 -20.35 4.85
C LEU E 72 -27.32 -20.82 5.95
N VAL E 73 -27.20 -22.13 6.08
CA VAL E 73 -26.38 -22.75 7.11
C VAL E 73 -24.91 -22.33 7.11
N ALA E 74 -24.30 -22.17 5.94
CA ALA E 74 -22.89 -21.77 5.86
C ALA E 74 -22.67 -20.31 6.27
N ASP E 75 -23.57 -19.44 5.84
CA ASP E 75 -23.46 -18.04 6.22
C ASP E 75 -23.56 -17.93 7.74
N ALA E 76 -24.51 -18.67 8.32
CA ALA E 76 -24.73 -18.67 9.77
C ALA E 76 -23.43 -18.96 10.52
N ARG E 77 -22.72 -19.99 10.08
CA ARG E 77 -21.45 -20.35 10.71
C ARG E 77 -20.53 -19.16 10.87
N VAL E 78 -20.21 -18.48 9.77
CA VAL E 78 -19.30 -17.35 9.85
C VAL E 78 -19.88 -16.29 10.75
N LEU E 79 -21.20 -16.15 10.75
CA LEU E 79 -21.85 -15.15 11.56
C LEU E 79 -21.70 -15.39 13.06
N ILE E 80 -21.83 -16.64 13.53
CA ILE E 80 -21.69 -16.87 14.97
C ILE E 80 -20.23 -16.79 15.38
N ASP E 81 -19.33 -17.20 14.49
CA ASP E 81 -17.90 -17.12 14.80
C ASP E 81 -17.55 -15.65 14.88
N ARG E 82 -18.16 -14.87 14.00
CA ARG E 82 -17.94 -13.44 13.99
C ARG E 82 -18.36 -12.92 15.36
N ALA E 83 -19.55 -13.34 15.80
CA ALA E 83 -20.09 -12.93 17.10
C ALA E 83 -19.17 -13.35 18.23
N ARG E 84 -18.58 -14.53 18.10
CA ARG E 84 -17.67 -15.04 19.11
C ARG E 84 -16.47 -14.13 19.21
N ILE E 85 -15.84 -13.86 18.09
CA ILE E 85 -14.67 -12.97 18.05
C ILE E 85 -15.04 -11.64 18.72
N GLU E 86 -16.13 -11.06 18.25
CA GLU E 86 -16.63 -9.79 18.74
C GLU E 86 -16.74 -9.78 20.28
N ALA E 87 -17.20 -10.89 20.86
CA ALA E 87 -17.34 -11.00 22.30
C ALA E 87 -15.99 -11.00 23.00
N GLN E 88 -15.05 -11.77 22.47
CA GLN E 88 -13.73 -11.83 23.06
C GLN E 88 -13.03 -10.49 22.93
N ILE E 89 -13.22 -9.83 21.79
CA ILE E 89 -12.59 -8.54 21.59
C ILE E 89 -13.01 -7.59 22.69
N ASN E 90 -14.29 -7.59 23.04
CA ASN E 90 -14.76 -6.71 24.10
C ASN E 90 -13.96 -7.00 25.36
N ARG E 91 -13.76 -8.28 25.67
CA ARG E 91 -12.99 -8.66 26.85
C ARG E 91 -11.54 -8.15 26.73
N LEU E 92 -10.94 -8.38 25.57
CA LEU E 92 -9.58 -7.95 25.32
C LEU E 92 -9.39 -6.45 25.56
N THR E 93 -10.37 -5.64 25.21
CA THR E 93 -10.20 -4.21 25.35
C THR E 93 -10.73 -3.55 26.63
N TYR E 94 -11.70 -4.16 27.27
CA TYR E 94 -12.27 -3.58 28.49
C TYR E 94 -12.15 -4.51 29.69
N ASP E 95 -11.68 -5.71 29.42
CA ASP E 95 -11.54 -6.70 30.47
C ASP E 95 -12.91 -6.95 31.06
N GLU E 96 -13.93 -6.96 30.21
CA GLU E 96 -15.29 -7.21 30.66
C GLU E 96 -16.12 -7.87 29.62
N PRO E 97 -17.05 -8.73 30.04
CA PRO E 97 -17.90 -9.43 29.07
C PRO E 97 -18.79 -8.42 28.34
N ILE E 98 -19.02 -8.68 27.05
CA ILE E 98 -19.85 -7.79 26.26
C ILE E 98 -21.31 -8.01 26.64
N THR E 99 -22.11 -6.94 26.64
CA THR E 99 -23.54 -7.08 26.94
C THR E 99 -24.24 -7.74 25.73
N VAL E 100 -25.34 -8.42 25.98
CA VAL E 100 -26.05 -9.08 24.89
C VAL E 100 -26.49 -8.05 23.86
N LYS E 101 -26.93 -6.89 24.34
CA LYS E 101 -27.39 -5.84 23.46
C LYS E 101 -26.27 -5.34 22.54
N GLU E 102 -25.11 -5.06 23.13
CA GLU E 102 -23.97 -4.58 22.35
C GLU E 102 -23.55 -5.58 21.29
N LEU E 103 -23.40 -6.83 21.71
CA LEU E 103 -23.00 -7.90 20.80
C LEU E 103 -23.95 -7.99 19.62
N ALA E 104 -25.24 -7.84 19.87
CA ALA E 104 -26.25 -7.90 18.82
C ALA E 104 -26.06 -6.75 17.82
N LYS E 105 -25.91 -5.53 18.33
CA LYS E 105 -25.72 -4.38 17.47
C LYS E 105 -24.49 -4.59 16.58
N LYS E 106 -23.43 -5.13 17.15
CA LYS E 106 -22.22 -5.36 16.38
C LYS E 106 -22.38 -6.33 15.22
N ILE E 107 -22.96 -7.51 15.44
CA ILE E 107 -23.13 -8.41 14.30
C ILE E 107 -24.18 -7.87 13.35
N CYS E 108 -25.07 -7.01 13.85
CA CYS E 108 -26.07 -6.43 12.98
C CYS E 108 -25.41 -5.38 12.11
N ASP E 109 -24.40 -4.69 12.63
CA ASP E 109 -23.70 -3.69 11.85
C ASP E 109 -22.88 -4.40 10.80
N PHE E 110 -22.37 -5.56 11.16
CA PHE E 110 -21.56 -6.37 10.27
C PHE E 110 -22.43 -6.79 9.10
N LYS E 111 -23.61 -7.29 9.41
CA LYS E 111 -24.55 -7.74 8.40
C LYS E 111 -25.04 -6.62 7.51
N GLN E 112 -25.20 -5.44 8.09
CA GLN E 112 -25.68 -4.28 7.36
C GLN E 112 -24.76 -3.87 6.20
N GLN E 113 -23.45 -4.04 6.38
CA GLN E 113 -22.52 -3.67 5.33
C GLN E 113 -22.68 -4.48 4.07
N TYR E 114 -22.90 -5.78 4.23
CA TYR E 114 -23.07 -6.68 3.09
C TYR E 114 -24.38 -6.37 2.42
N THR E 115 -24.96 -5.27 2.87
CA THR E 115 -26.22 -4.80 2.37
C THR E 115 -26.06 -3.56 1.50
N GLN E 116 -24.89 -2.93 1.49
CA GLN E 116 -24.73 -1.75 0.65
C GLN E 116 -23.34 -1.57 0.04
N TYR E 117 -22.60 -2.66 -0.14
CA TYR E 117 -21.27 -2.55 -0.70
C TYR E 117 -20.94 -3.33 -1.95
N GLY E 118 -21.77 -3.13 -2.96
CA GLY E 118 -21.60 -3.76 -4.27
C GLY E 118 -20.98 -5.13 -4.55
N GLY E 119 -19.71 -5.34 -4.22
CA GLY E 119 -19.11 -6.62 -4.52
C GLY E 119 -19.36 -7.73 -3.53
N VAL E 120 -20.54 -7.72 -2.92
CA VAL E 120 -20.84 -8.72 -1.92
C VAL E 120 -22.36 -8.91 -1.85
N ARG E 121 -22.81 -10.00 -1.23
CA ARG E 121 -24.24 -10.25 -1.09
C ARG E 121 -24.57 -10.31 0.39
N PRO E 122 -25.83 -10.08 0.75
CA PRO E 122 -26.27 -10.12 2.15
C PRO E 122 -26.16 -11.54 2.72
N PHE E 123 -26.25 -11.66 4.04
CA PHE E 123 -26.19 -12.97 4.69
C PHE E 123 -27.62 -13.52 4.68
N GLY E 124 -27.80 -14.71 4.12
CA GLY E 124 -29.14 -15.27 4.10
C GLY E 124 -29.44 -15.91 5.43
N VAL E 125 -29.29 -15.16 6.52
CA VAL E 125 -29.53 -15.71 7.84
C VAL E 125 -30.09 -14.74 8.88
N SER E 126 -30.89 -15.28 9.79
CA SER E 126 -31.50 -14.50 10.85
C SER E 126 -30.96 -15.08 12.16
N LEU E 127 -30.85 -14.25 13.19
CA LEU E 127 -30.31 -14.73 14.45
C LEU E 127 -31.13 -14.48 15.69
N LEU E 128 -31.04 -15.41 16.63
CA LEU E 128 -31.70 -15.27 17.91
C LEU E 128 -30.53 -15.23 18.88
N ILE E 129 -30.33 -14.09 19.53
CA ILE E 129 -29.26 -13.95 20.49
C ILE E 129 -29.84 -13.79 21.87
N ALA E 130 -29.59 -14.77 22.72
CA ALA E 130 -30.09 -14.75 24.08
C ALA E 130 -28.98 -14.78 25.10
N GLY E 131 -29.19 -14.05 26.20
CA GLY E 131 -28.20 -14.03 27.27
C GLY E 131 -28.74 -13.30 28.47
N VAL E 132 -27.86 -13.06 29.46
CA VAL E 132 -28.28 -12.35 30.65
C VAL E 132 -27.27 -11.28 31.02
N ASP E 133 -27.67 -10.02 30.88
CA ASP E 133 -26.79 -8.94 31.27
C ASP E 133 -27.15 -8.83 32.74
N GLU E 134 -27.84 -7.77 33.12
CA GLU E 134 -28.23 -7.66 34.50
C GLU E 134 -29.63 -8.25 34.60
N VAL E 135 -30.25 -8.42 33.44
CA VAL E 135 -31.60 -8.96 33.29
C VAL E 135 -31.59 -9.83 32.04
N PRO E 136 -32.45 -10.87 31.97
CA PRO E 136 -32.45 -11.69 30.77
C PRO E 136 -32.78 -10.87 29.52
N LYS E 137 -32.19 -11.25 28.39
CA LYS E 137 -32.46 -10.54 27.14
C LYS E 137 -32.53 -11.45 25.94
N LEU E 138 -33.39 -11.08 25.00
CA LEU E 138 -33.59 -11.83 23.76
C LEU E 138 -33.69 -10.89 22.56
N TYR E 139 -32.83 -11.09 21.58
CA TYR E 139 -32.82 -10.25 20.38
C TYR E 139 -32.86 -11.15 19.16
N GLU E 140 -33.44 -10.65 18.08
CA GLU E 140 -33.48 -11.42 16.86
C GLU E 140 -32.97 -10.48 15.77
N THR E 141 -32.18 -11.02 14.85
CA THR E 141 -31.60 -10.22 13.78
C THR E 141 -32.13 -10.55 12.40
N ASP E 142 -32.02 -9.59 11.50
CA ASP E 142 -32.52 -9.76 10.16
C ASP E 142 -31.39 -9.66 9.14
N PRO E 143 -31.57 -10.26 7.95
CA PRO E 143 -30.53 -10.19 6.93
C PRO E 143 -30.08 -8.76 6.62
N SER E 144 -30.98 -7.82 6.82
CA SER E 144 -30.69 -6.42 6.53
C SER E 144 -29.80 -5.77 7.58
N GLY E 145 -29.81 -6.34 8.78
CA GLY E 145 -29.01 -5.79 9.86
C GLY E 145 -29.93 -5.12 10.87
N ALA E 146 -31.22 -5.39 10.75
CA ALA E 146 -32.21 -4.85 11.66
C ALA E 146 -32.19 -5.66 12.97
N LEU E 147 -32.32 -4.97 14.09
CA LEU E 147 -32.28 -5.61 15.40
C LEU E 147 -33.61 -5.40 16.12
N LEU E 148 -34.05 -6.41 16.86
CA LEU E 148 -35.31 -6.32 17.62
C LEU E 148 -35.26 -7.10 18.94
N GLU E 149 -35.72 -6.47 20.01
CA GLU E 149 -35.74 -7.14 21.32
C GLU E 149 -37.13 -7.70 21.60
N TYR E 150 -37.21 -9.01 21.75
CA TYR E 150 -38.48 -9.67 22.01
C TYR E 150 -38.58 -10.21 23.43
N LYS E 151 -39.81 -10.47 23.85
CA LYS E 151 -40.07 -11.06 25.15
C LYS E 151 -40.04 -12.55 24.82
N ALA E 152 -40.61 -12.89 23.66
CA ALA E 152 -40.66 -14.26 23.17
C ALA E 152 -40.90 -14.22 21.66
N THR E 153 -40.27 -15.12 20.92
CA THR E 153 -40.45 -15.11 19.47
C THR E 153 -39.84 -16.33 18.82
N ALA E 154 -39.80 -16.32 17.49
CA ALA E 154 -39.24 -17.43 16.73
C ALA E 154 -38.82 -16.96 15.36
N ILE E 155 -37.97 -17.76 14.72
CA ILE E 155 -37.48 -17.49 13.38
C ILE E 155 -37.52 -18.83 12.66
N GLY E 156 -37.58 -18.80 11.35
CA GLY E 156 -37.64 -20.05 10.61
C GLY E 156 -39.02 -20.30 10.06
N MET E 157 -39.21 -21.44 9.41
CA MET E 157 -40.50 -21.76 8.83
C MET E 157 -41.62 -21.79 9.85
N GLY E 158 -41.39 -22.42 10.99
CA GLY E 158 -42.41 -22.50 12.02
C GLY E 158 -42.68 -21.18 12.71
N ARG E 159 -42.07 -20.13 12.21
CA ARG E 159 -42.22 -18.81 12.82
C ARG E 159 -43.65 -18.46 13.21
N ASN E 160 -44.47 -18.14 12.20
CA ASN E 160 -45.86 -17.74 12.40
C ASN E 160 -46.66 -18.58 13.40
N ALA E 161 -46.54 -19.89 13.31
CA ALA E 161 -47.26 -20.77 14.21
C ALA E 161 -46.99 -20.37 15.66
N VAL E 162 -45.73 -20.49 16.09
CA VAL E 162 -45.35 -20.17 17.45
C VAL E 162 -45.54 -18.71 17.80
N THR E 163 -45.52 -17.84 16.79
CA THR E 163 -45.70 -16.42 17.04
C THR E 163 -47.14 -16.18 17.48
N GLU E 164 -48.07 -16.76 16.72
CA GLU E 164 -49.49 -16.61 17.01
C GLU E 164 -49.79 -17.22 18.35
N PHE E 165 -49.15 -18.35 18.62
CA PHE E 165 -49.35 -19.05 19.89
C PHE E 165 -48.88 -18.20 21.08
N PHE E 166 -47.62 -17.77 21.08
CA PHE E 166 -47.10 -16.94 22.18
C PHE E 166 -47.94 -15.69 22.32
N GLU E 167 -48.43 -15.18 21.19
CA GLU E 167 -49.26 -13.99 21.18
C GLU E 167 -50.45 -14.14 22.13
N LYS E 168 -50.85 -15.38 22.38
CA LYS E 168 -51.97 -15.64 23.26
C LYS E 168 -51.54 -16.20 24.62
N GLU E 169 -50.67 -17.19 24.59
CA GLU E 169 -50.23 -17.85 25.81
C GLU E 169 -49.15 -17.15 26.65
N TYR E 170 -48.15 -16.58 26.00
CA TYR E 170 -47.06 -15.94 26.72
C TYR E 170 -47.54 -14.96 27.78
N ARG E 171 -46.80 -14.88 28.89
CA ARG E 171 -47.13 -13.98 29.99
C ARG E 171 -45.85 -13.49 30.64
N ASP E 172 -45.83 -12.21 31.00
CA ASP E 172 -44.65 -11.61 31.63
C ASP E 172 -44.19 -12.28 32.93
N ASP E 173 -45.09 -12.98 33.60
CA ASP E 173 -44.76 -13.62 34.86
C ASP E 173 -44.50 -15.13 34.82
N LEU E 174 -44.37 -15.70 33.63
CA LEU E 174 -44.14 -17.14 33.53
C LEU E 174 -42.95 -17.54 34.38
N SER E 175 -42.99 -18.75 34.92
CA SER E 175 -41.89 -19.26 35.72
C SER E 175 -40.91 -19.85 34.70
N PHE E 176 -39.70 -20.16 35.13
CA PHE E 176 -38.72 -20.70 34.22
C PHE E 176 -39.22 -21.97 33.56
N ASP E 177 -39.74 -22.90 34.34
CA ASP E 177 -40.23 -24.15 33.79
C ASP E 177 -41.47 -23.91 32.95
N ASP E 178 -42.34 -23.02 33.42
CA ASP E 178 -43.57 -22.72 32.67
C ASP E 178 -43.19 -22.15 31.31
N ALA E 179 -42.31 -21.17 31.33
CA ALA E 179 -41.84 -20.52 30.13
C ALA E 179 -41.22 -21.56 29.19
N MET E 180 -40.41 -22.46 29.72
CA MET E 180 -39.81 -23.46 28.86
C MET E 180 -40.85 -24.37 28.23
N VAL E 181 -41.77 -24.87 29.04
CA VAL E 181 -42.82 -25.77 28.54
C VAL E 181 -43.64 -25.04 27.47
N LEU E 182 -43.93 -23.77 27.72
CA LEU E 182 -44.69 -22.98 26.76
C LEU E 182 -43.96 -23.00 25.43
N GLY E 183 -42.63 -23.04 25.50
CA GLY E 183 -41.80 -23.09 24.31
C GLY E 183 -41.84 -24.44 23.60
N LEU E 184 -41.72 -25.53 24.35
CA LEU E 184 -41.77 -26.84 23.74
C LEU E 184 -43.10 -27.02 23.06
N VAL E 185 -44.14 -26.42 23.63
CA VAL E 185 -45.47 -26.52 23.06
C VAL E 185 -45.50 -25.80 21.71
N ALA E 186 -45.05 -24.55 21.71
CA ALA E 186 -45.00 -23.75 20.49
C ALA E 186 -44.32 -24.58 19.40
N MET E 187 -43.21 -25.22 19.76
CA MET E 187 -42.47 -26.05 18.83
C MET E 187 -43.40 -27.14 18.31
N GLY E 188 -44.08 -27.80 19.25
CA GLY E 188 -44.99 -28.87 18.90
C GLY E 188 -46.02 -28.48 17.87
N LEU E 189 -46.70 -27.37 18.11
CA LEU E 189 -47.70 -26.88 17.17
C LEU E 189 -46.99 -26.60 15.85
N SER E 190 -45.81 -26.01 15.95
CA SER E 190 -44.99 -25.68 14.79
C SER E 190 -44.84 -26.87 13.85
N ILE E 191 -44.23 -27.94 14.37
CA ILE E 191 -44.00 -29.13 13.56
C ILE E 191 -45.27 -29.95 13.38
N GLU E 192 -46.37 -29.43 13.93
CA GLU E 192 -47.68 -30.07 13.81
C GLU E 192 -47.78 -31.44 14.49
N SER E 193 -47.23 -31.58 15.69
CA SER E 193 -47.29 -32.85 16.39
C SER E 193 -46.54 -32.85 17.71
N GLU E 194 -46.52 -34.00 18.37
CA GLU E 194 -45.84 -34.14 19.64
C GLU E 194 -44.34 -34.17 19.39
N LEU E 195 -43.57 -33.69 20.36
CA LEU E 195 -42.13 -33.62 20.24
C LEU E 195 -41.44 -34.88 20.75
N VAL E 196 -40.25 -35.14 20.21
CA VAL E 196 -39.43 -36.28 20.63
C VAL E 196 -38.20 -35.63 21.26
N PRO E 197 -37.99 -35.83 22.56
CA PRO E 197 -36.82 -35.23 23.22
C PRO E 197 -35.51 -35.42 22.45
N GLU E 198 -35.39 -36.57 21.81
CA GLU E 198 -34.20 -36.94 21.05
C GLU E 198 -33.91 -36.07 19.83
N ASN E 199 -34.86 -35.23 19.43
CA ASN E 199 -34.60 -34.38 18.28
C ASN E 199 -34.97 -32.91 18.44
N ILE E 200 -34.70 -32.38 19.63
CA ILE E 200 -34.91 -30.96 19.90
C ILE E 200 -33.79 -30.56 20.86
N GLU E 201 -33.29 -29.34 20.69
CA GLU E 201 -32.19 -28.84 21.50
C GLU E 201 -32.66 -27.68 22.36
N VAL E 202 -32.18 -27.61 23.59
CA VAL E 202 -32.58 -26.53 24.47
C VAL E 202 -31.39 -25.98 25.24
N GLY E 203 -31.23 -24.67 25.19
CA GLY E 203 -30.15 -24.00 25.88
C GLY E 203 -30.75 -22.83 26.62
N TYR E 204 -30.05 -22.33 27.63
CA TYR E 204 -30.58 -21.22 28.41
C TYR E 204 -29.49 -20.55 29.21
N VAL E 205 -29.87 -19.48 29.89
CA VAL E 205 -28.96 -18.72 30.73
C VAL E 205 -29.80 -18.12 31.84
N LYS E 206 -29.67 -18.68 33.04
CA LYS E 206 -30.45 -18.20 34.17
C LYS E 206 -29.81 -16.96 34.80
N VAL E 207 -30.67 -16.04 35.24
CA VAL E 207 -30.23 -14.80 35.83
C VAL E 207 -29.44 -15.00 37.11
N ASP E 208 -29.56 -16.17 37.73
CA ASP E 208 -28.83 -16.44 38.96
C ASP E 208 -27.33 -16.63 38.72
N ASP E 209 -26.95 -17.61 37.90
CA ASP E 209 -25.54 -17.85 37.61
C ASP E 209 -25.16 -17.57 36.15
N ARG E 210 -25.57 -16.40 35.65
CA ARG E 210 -25.31 -15.96 34.28
C ARG E 210 -24.41 -16.83 33.40
N THR E 211 -24.66 -18.13 33.32
CA THR E 211 -23.81 -18.96 32.47
C THR E 211 -24.62 -19.91 31.62
N PHE E 212 -24.37 -19.83 30.32
CA PHE E 212 -25.06 -20.69 29.38
C PHE E 212 -24.86 -22.15 29.65
N LYS E 213 -25.96 -22.85 29.87
CA LYS E 213 -25.96 -24.27 30.10
C LYS E 213 -26.96 -24.83 29.10
N GLU E 214 -26.79 -26.08 28.70
CA GLU E 214 -27.70 -26.69 27.74
C GLU E 214 -28.43 -27.85 28.40
N VAL E 215 -29.76 -27.84 28.33
CA VAL E 215 -30.57 -28.89 28.94
C VAL E 215 -30.22 -30.27 28.40
N SER E 216 -29.86 -31.17 29.30
CA SER E 216 -29.49 -32.54 28.94
C SER E 216 -30.71 -33.32 28.46
N PRO E 217 -30.50 -34.33 27.60
CA PRO E 217 -31.61 -35.13 27.09
C PRO E 217 -32.47 -35.74 28.21
N GLU E 218 -31.83 -36.08 29.32
CA GLU E 218 -32.55 -36.65 30.46
C GLU E 218 -33.36 -35.59 31.18
N GLU E 219 -32.76 -34.42 31.38
CA GLU E 219 -33.45 -33.32 32.04
C GLU E 219 -34.59 -32.87 31.14
N LEU E 220 -34.52 -33.27 29.88
CA LEU E 220 -35.54 -32.90 28.90
C LEU E 220 -36.79 -33.75 29.05
N LYS E 221 -36.62 -35.07 29.14
CA LYS E 221 -37.74 -36.03 29.26
C LYS E 221 -38.97 -35.45 29.92
N PRO E 222 -38.86 -35.05 31.20
CA PRO E 222 -40.03 -34.49 31.89
C PRO E 222 -40.69 -33.31 31.16
N TYR E 223 -39.91 -32.34 30.71
CA TYR E 223 -40.46 -31.17 30.03
C TYR E 223 -41.16 -31.53 28.72
N VAL E 224 -40.51 -32.32 27.88
CA VAL E 224 -41.07 -32.73 26.59
C VAL E 224 -42.38 -33.45 26.87
N GLU E 225 -42.35 -34.29 27.89
CA GLU E 225 -43.50 -35.08 28.29
C GLU E 225 -44.68 -34.20 28.69
N ARG E 226 -44.42 -33.29 29.64
CA ARG E 226 -45.45 -32.37 30.10
C ARG E 226 -45.91 -31.42 29.01
N ALA E 227 -45.10 -31.28 27.96
CA ALA E 227 -45.44 -30.41 26.85
C ALA E 227 -46.28 -31.20 25.87
N ASN E 228 -45.80 -32.39 25.51
CA ASN E 228 -46.53 -33.25 24.57
C ASN E 228 -47.97 -33.38 25.06
N GLU E 229 -48.14 -33.18 26.36
CA GLU E 229 -49.45 -33.26 26.97
C GLU E 229 -50.34 -32.24 26.29
N ARG E 230 -50.13 -30.98 26.65
CA ARG E 230 -50.90 -29.87 26.10
C ARG E 230 -50.86 -29.81 24.58
N ILE E 231 -49.87 -30.44 23.97
CA ILE E 231 -49.79 -30.43 22.53
C ILE E 231 -50.93 -31.27 21.98
N ARG E 232 -50.97 -32.54 22.36
CA ARG E 232 -52.02 -33.46 21.92
C ARG E 232 -53.37 -32.82 22.12
N GLU E 233 -53.56 -32.28 23.32
CA GLU E 233 -54.79 -31.59 23.67
C GLU E 233 -55.04 -30.43 22.70
N LEU E 234 -54.01 -29.62 22.48
CA LEU E 234 -54.11 -28.46 21.60
C LEU E 234 -54.31 -28.82 20.12
N LEU E 235 -53.86 -30.00 19.71
CA LEU E 235 -53.99 -30.42 18.31
C LEU E 235 -55.37 -31.02 18.02
N LYS E 236 -56.40 -30.49 18.66
CA LYS E 236 -57.75 -30.97 18.46
C LYS E 236 -58.35 -30.38 17.18
N LYS E 237 -58.36 -29.06 17.11
CA LYS E 237 -58.89 -28.36 15.94
C LYS E 237 -58.07 -28.68 14.71
N ARG F 1 -26.41 2.23 -16.30
CA ARG F 1 -25.27 1.28 -16.47
C ARG F 1 -24.14 1.58 -15.50
N ALA F 2 -24.45 1.55 -14.20
CA ALA F 2 -23.44 1.82 -13.18
C ALA F 2 -24.00 1.64 -11.77
N ILE F 3 -24.73 2.66 -11.31
CA ILE F 3 -25.32 2.63 -9.96
C ILE F 3 -26.21 3.85 -9.75
N THR F 4 -25.67 4.86 -9.08
CA THR F 4 -26.41 6.09 -8.83
C THR F 4 -25.94 7.04 -9.94
N VAL F 5 -26.78 7.21 -10.95
CA VAL F 5 -26.46 8.10 -12.07
C VAL F 5 -27.63 9.00 -12.41
N PHE F 6 -27.37 9.97 -13.26
CA PHE F 6 -28.38 10.93 -13.68
C PHE F 6 -29.35 10.36 -14.71
N SER F 7 -30.60 10.76 -14.57
CA SER F 7 -31.63 10.34 -15.49
C SER F 7 -31.74 11.49 -16.47
N PRO F 8 -32.44 11.29 -17.60
CA PRO F 8 -32.56 12.39 -18.54
C PRO F 8 -33.23 13.63 -17.90
N ASP F 9 -33.97 13.40 -16.82
CA ASP F 9 -34.68 14.46 -16.11
C ASP F 9 -33.72 15.22 -15.22
N GLY F 10 -32.50 14.71 -15.09
CA GLY F 10 -31.53 15.37 -14.24
C GLY F 10 -31.69 14.97 -12.80
N ARG F 11 -32.31 13.82 -12.56
CA ARG F 11 -32.53 13.34 -11.21
C ARG F 11 -31.82 12.00 -10.96
N LEU F 12 -31.60 11.70 -9.68
CA LEU F 12 -30.96 10.46 -9.26
C LEU F 12 -32.01 9.50 -8.77
N PHE F 13 -32.32 8.48 -9.57
CA PHE F 13 -33.36 7.54 -9.16
C PHE F 13 -33.07 6.79 -7.86
N GLN F 14 -31.82 6.39 -7.66
CA GLN F 14 -31.47 5.67 -6.45
C GLN F 14 -31.82 6.52 -5.23
N VAL F 15 -31.50 7.81 -5.29
CA VAL F 15 -31.80 8.73 -4.21
C VAL F 15 -33.31 8.85 -4.01
N GLU F 16 -34.04 8.95 -5.12
CA GLU F 16 -35.48 9.08 -5.05
C GLU F 16 -36.13 7.81 -4.58
N TYR F 17 -35.55 6.67 -4.92
CA TYR F 17 -36.09 5.40 -4.47
C TYR F 17 -35.82 5.28 -2.98
N ALA F 18 -34.66 5.77 -2.54
CA ALA F 18 -34.32 5.73 -1.13
C ALA F 18 -35.37 6.54 -0.37
N ARG F 19 -35.76 7.67 -0.97
CA ARG F 19 -36.77 8.54 -0.37
C ARG F 19 -38.08 7.80 -0.19
N GLU F 20 -38.38 6.85 -1.09
CA GLU F 20 -39.60 6.09 -0.96
C GLU F 20 -39.56 5.27 0.32
N ALA F 21 -38.36 4.83 0.69
CA ALA F 21 -38.17 4.05 1.90
C ALA F 21 -38.44 4.88 3.16
N VAL F 22 -37.99 6.13 3.17
CA VAL F 22 -38.21 6.97 4.32
C VAL F 22 -39.71 7.23 4.51
N LYS F 23 -40.43 7.41 3.41
CA LYS F 23 -41.87 7.66 3.50
C LYS F 23 -42.55 6.51 4.24
N ARG F 24 -42.10 5.29 3.98
CA ARG F 24 -42.68 4.12 4.62
C ARG F 24 -42.28 4.06 6.09
N GLY F 25 -41.31 4.90 6.48
CA GLY F 25 -40.84 4.89 7.85
C GLY F 25 -41.81 5.37 8.91
N ALA F 26 -41.56 4.96 10.15
CA ALA F 26 -42.40 5.38 11.28
C ALA F 26 -42.26 6.89 11.38
N THR F 27 -43.33 7.58 11.74
CA THR F 27 -43.26 9.02 11.80
C THR F 27 -42.57 9.60 13.05
N ALA F 28 -41.84 10.70 12.84
CA ALA F 28 -41.11 11.41 13.90
C ALA F 28 -41.34 12.90 13.71
N ILE F 29 -41.51 13.62 14.82
CA ILE F 29 -41.80 15.05 14.78
C ILE F 29 -40.82 15.90 15.58
N GLY F 30 -40.59 17.12 15.11
CA GLY F 30 -39.70 18.04 15.79
C GLY F 30 -40.29 19.43 15.86
N ILE F 31 -40.26 20.06 17.03
CA ILE F 31 -40.80 21.41 17.22
C ILE F 31 -39.81 22.26 17.98
N LYS F 32 -39.60 23.47 17.49
CA LYS F 32 -38.68 24.39 18.10
C LYS F 32 -39.41 25.63 18.63
N CYS F 33 -39.06 26.05 19.84
CA CYS F 33 -39.65 27.25 20.43
C CYS F 33 -38.48 28.02 21.03
N LYS F 34 -38.77 29.08 21.77
CA LYS F 34 -37.69 29.88 22.35
C LYS F 34 -36.98 29.15 23.50
N GLU F 35 -37.75 28.46 24.32
CA GLU F 35 -37.22 27.71 25.47
C GLU F 35 -36.49 26.41 25.11
N GLY F 36 -36.56 25.99 23.85
CA GLY F 36 -35.90 24.76 23.48
C GLY F 36 -36.52 24.04 22.28
N VAL F 37 -36.11 22.80 22.06
CA VAL F 37 -36.59 22.01 20.94
C VAL F 37 -37.02 20.61 21.36
N ILE F 38 -38.20 20.20 20.93
CA ILE F 38 -38.70 18.88 21.30
C ILE F 38 -38.67 17.96 20.10
N LEU F 39 -38.47 16.68 20.36
CA LEU F 39 -38.45 15.67 19.33
C LEU F 39 -39.33 14.56 19.85
N ILE F 40 -40.42 14.27 19.15
CA ILE F 40 -41.33 13.23 19.57
C ILE F 40 -41.46 12.19 18.46
N ALA F 41 -41.44 10.91 18.85
CA ALA F 41 -41.51 9.84 17.87
C ALA F 41 -42.55 8.77 18.17
N ASP F 42 -43.06 8.17 17.11
CA ASP F 42 -44.06 7.11 17.21
C ASP F 42 -43.36 5.82 17.66
N LYS F 43 -43.62 5.43 18.90
CA LYS F 43 -43.00 4.25 19.50
C LYS F 43 -43.88 2.99 19.38
N ARG F 44 -45.07 3.15 18.83
CA ARG F 44 -46.04 2.04 18.67
C ARG F 44 -45.50 0.75 18.05
N VAL F 45 -45.86 -0.38 18.66
CA VAL F 45 -45.41 -1.68 18.20
C VAL F 45 -46.59 -2.49 17.70
N GLY F 46 -46.30 -3.55 16.95
CA GLY F 46 -47.35 -4.39 16.40
C GLY F 46 -47.49 -5.78 17.01
N SER F 47 -46.99 -5.95 18.23
CA SER F 47 -47.09 -7.24 18.91
C SER F 47 -46.74 -7.11 20.39
N LYS F 48 -47.55 -7.75 21.24
CA LYS F 48 -47.31 -7.66 22.68
C LYS F 48 -46.01 -8.40 23.02
N LEU F 49 -45.44 -9.08 22.04
CA LEU F 49 -44.21 -9.83 22.25
C LEU F 49 -42.94 -9.01 22.16
N LEU F 50 -43.04 -7.78 21.68
CA LEU F 50 -41.86 -6.91 21.59
C LEU F 50 -41.71 -6.13 22.89
N GLU F 51 -40.46 -6.00 23.35
CA GLU F 51 -40.19 -5.23 24.57
C GLU F 51 -40.40 -3.76 24.25
N ALA F 52 -41.61 -3.26 24.52
CA ALA F 52 -41.93 -1.86 24.24
C ALA F 52 -41.16 -0.89 25.13
N ASP F 53 -41.02 -1.24 26.40
CA ASP F 53 -40.31 -0.40 27.34
C ASP F 53 -38.87 -0.14 26.92
N THR F 54 -38.34 -0.98 26.05
CA THR F 54 -36.96 -0.84 25.57
C THR F 54 -36.83 0.02 24.33
N ILE F 55 -37.49 -0.42 23.26
CA ILE F 55 -37.46 0.27 21.98
C ILE F 55 -37.22 1.78 22.14
N GLU F 56 -36.13 2.25 21.51
CA GLU F 56 -35.72 3.66 21.57
C GLU F 56 -35.81 4.28 20.19
N LYS F 57 -36.48 5.41 20.08
CA LYS F 57 -36.64 6.06 18.79
C LYS F 57 -36.01 7.45 18.72
N ILE F 58 -35.61 7.97 19.87
CA ILE F 58 -34.97 9.27 19.94
C ILE F 58 -33.59 9.02 20.52
N TYR F 59 -32.56 9.37 19.76
CA TYR F 59 -31.20 9.13 20.18
C TYR F 59 -30.42 10.35 20.63
N LYS F 60 -29.55 10.11 21.61
CA LYS F 60 -28.68 11.14 22.14
C LYS F 60 -27.42 11.08 21.31
N ILE F 61 -27.03 12.21 20.73
CA ILE F 61 -25.81 12.26 19.93
C ILE F 61 -24.72 12.77 20.85
N ASP F 62 -24.98 13.89 21.50
CA ASP F 62 -24.06 14.47 22.45
C ASP F 62 -24.90 14.99 23.61
N GLU F 63 -24.28 15.71 24.53
CA GLU F 63 -25.01 16.23 25.69
C GLU F 63 -26.11 17.20 25.27
N HIS F 64 -25.83 17.99 24.24
CA HIS F 64 -26.78 18.98 23.78
C HIS F 64 -27.39 18.64 22.44
N ILE F 65 -27.33 17.39 22.02
CA ILE F 65 -27.88 17.05 20.73
C ILE F 65 -28.51 15.68 20.71
N CYS F 66 -29.68 15.59 20.10
CA CYS F 66 -30.38 14.31 19.97
C CYS F 66 -30.86 14.24 18.53
N ALA F 67 -31.35 13.07 18.12
CA ALA F 67 -31.82 12.95 16.76
C ALA F 67 -32.88 11.87 16.64
N ALA F 68 -33.74 12.03 15.65
CA ALA F 68 -34.79 11.06 15.36
C ALA F 68 -34.48 10.55 13.95
N THR F 69 -34.93 9.34 13.65
CA THR F 69 -34.64 8.76 12.35
C THR F 69 -35.86 8.15 11.66
N SER F 70 -35.78 8.04 10.33
CA SER F 70 -36.85 7.42 9.56
C SER F 70 -36.33 6.83 8.26
N GLY F 71 -36.80 5.63 7.95
CA GLY F 71 -36.37 4.93 6.74
C GLY F 71 -35.82 3.57 7.09
N LEU F 72 -34.86 3.05 6.32
CA LEU F 72 -34.26 1.75 6.62
C LEU F 72 -33.65 1.80 8.02
N VAL F 73 -34.22 1.00 8.92
CA VAL F 73 -33.79 0.96 10.31
C VAL F 73 -32.29 0.66 10.54
N ALA F 74 -31.76 -0.32 9.81
CA ALA F 74 -30.36 -0.67 9.96
C ALA F 74 -29.44 0.45 9.49
N ASP F 75 -29.78 1.10 8.38
CA ASP F 75 -28.96 2.19 7.87
C ASP F 75 -28.91 3.29 8.92
N ALA F 76 -30.08 3.58 9.50
CA ALA F 76 -30.20 4.62 10.51
C ALA F 76 -29.20 4.41 11.62
N ARG F 77 -29.10 3.18 12.08
CA ARG F 77 -28.19 2.86 13.14
C ARG F 77 -26.79 3.38 12.85
N VAL F 78 -26.22 2.96 11.72
CA VAL F 78 -24.85 3.36 11.38
C VAL F 78 -24.74 4.87 11.26
N LEU F 79 -25.82 5.48 10.78
CA LEU F 79 -25.86 6.93 10.64
C LEU F 79 -25.81 7.69 11.99
N ILE F 80 -26.55 7.23 13.00
CA ILE F 80 -26.48 7.95 14.27
C ILE F 80 -25.16 7.68 14.97
N ASP F 81 -24.61 6.48 14.81
CA ASP F 81 -23.34 6.18 15.45
C ASP F 81 -22.30 7.05 14.76
N ARG F 82 -22.47 7.19 13.45
CA ARG F 82 -21.58 8.03 12.67
C ARG F 82 -21.62 9.44 13.23
N ALA F 83 -22.82 9.91 13.53
CA ALA F 83 -23.03 11.26 14.09
C ALA F 83 -22.42 11.37 15.49
N ARG F 84 -22.49 10.28 16.24
CA ARG F 84 -21.92 10.24 17.58
C ARG F 84 -20.40 10.38 17.52
N ILE F 85 -19.77 9.58 16.68
CA ILE F 85 -18.33 9.63 16.50
C ILE F 85 -17.96 11.04 16.07
N GLU F 86 -18.68 11.55 15.08
CA GLU F 86 -18.43 12.89 14.56
C GLU F 86 -18.40 13.93 15.68
N ALA F 87 -19.37 13.88 16.58
CA ALA F 87 -19.46 14.82 17.71
C ALA F 87 -18.27 14.73 18.65
N GLN F 88 -17.86 13.50 18.98
CA GLN F 88 -16.72 13.30 19.86
C GLN F 88 -15.45 13.78 19.17
N ILE F 89 -15.33 13.51 17.87
CA ILE F 89 -14.15 13.96 17.17
C ILE F 89 -14.01 15.47 17.36
N ASN F 90 -15.10 16.20 17.25
CA ASN F 90 -15.05 17.63 17.40
C ASN F 90 -14.44 17.97 18.75
N ARG F 91 -14.87 17.24 19.78
CA ARG F 91 -14.36 17.46 21.13
C ARG F 91 -12.88 17.14 21.23
N LEU F 92 -12.49 16.03 20.62
CA LEU F 92 -11.11 15.56 20.63
C LEU F 92 -10.16 16.57 19.99
N THR F 93 -10.61 17.26 18.95
CA THR F 93 -9.75 18.22 18.25
C THR F 93 -9.82 19.68 18.67
N TYR F 94 -10.95 20.11 19.19
CA TYR F 94 -11.08 21.51 19.59
C TYR F 94 -11.44 21.67 21.05
N ASP F 95 -11.63 20.56 21.73
CA ASP F 95 -11.99 20.55 23.14
C ASP F 95 -13.28 21.33 23.32
N GLU F 96 -14.19 21.18 22.36
CA GLU F 96 -15.47 21.87 22.42
C GLU F 96 -16.57 21.09 21.75
N PRO F 97 -17.79 21.21 22.27
CA PRO F 97 -18.93 20.50 21.70
C PRO F 97 -19.23 21.00 20.30
N ILE F 98 -19.60 20.08 19.42
CA ILE F 98 -19.90 20.45 18.05
C ILE F 98 -21.25 21.15 18.04
N THR F 99 -21.42 22.13 17.15
CA THR F 99 -22.69 22.82 17.05
C THR F 99 -23.65 21.89 16.31
N VAL F 100 -24.93 22.05 16.54
CA VAL F 100 -25.92 21.21 15.88
C VAL F 100 -25.83 21.40 14.37
N LYS F 101 -25.60 22.63 13.93
CA LYS F 101 -25.49 22.93 12.50
C LYS F 101 -24.33 22.19 11.84
N GLU F 102 -23.15 22.27 12.44
CA GLU F 102 -21.95 21.59 11.92
C GLU F 102 -22.12 20.07 11.87
N LEU F 103 -22.62 19.49 12.97
CA LEU F 103 -22.86 18.05 13.03
C LEU F 103 -23.74 17.62 11.86
N ALA F 104 -24.78 18.41 11.59
CA ALA F 104 -25.72 18.10 10.52
C ALA F 104 -24.99 18.09 9.19
N LYS F 105 -24.24 19.14 8.91
CA LYS F 105 -23.51 19.22 7.65
C LYS F 105 -22.61 18.00 7.47
N LYS F 106 -21.95 17.60 8.54
CA LYS F 106 -21.06 16.47 8.47
C LYS F 106 -21.72 15.15 8.12
N ILE F 107 -22.83 14.79 8.76
CA ILE F 107 -23.46 13.52 8.38
C ILE F 107 -24.10 13.67 7.01
N CYS F 108 -24.43 14.90 6.63
CA CYS F 108 -25.03 15.11 5.33
C CYS F 108 -23.98 14.93 4.25
N ASP F 109 -22.74 15.34 4.54
CA ASP F 109 -21.67 15.15 3.58
C ASP F 109 -21.37 13.65 3.49
N PHE F 110 -21.50 12.98 4.61
CA PHE F 110 -21.26 11.55 4.65
C PHE F 110 -22.23 10.89 3.71
N LYS F 111 -23.52 11.19 3.91
CA LYS F 111 -24.59 10.61 3.11
C LYS F 111 -24.48 10.94 1.63
N GLN F 112 -24.04 12.16 1.33
CA GLN F 112 -23.90 12.61 -0.03
C GLN F 112 -22.94 11.75 -0.83
N GLN F 113 -21.88 11.23 -0.21
CA GLN F 113 -20.91 10.41 -0.94
C GLN F 113 -21.50 9.11 -1.45
N TYR F 114 -22.36 8.49 -0.65
CA TYR F 114 -22.99 7.23 -1.04
C TYR F 114 -23.98 7.51 -2.12
N THR F 115 -23.96 8.75 -2.58
CA THR F 115 -24.83 9.23 -3.63
C THR F 115 -24.11 9.37 -4.97
N GLN F 116 -22.77 9.39 -4.95
CA GLN F 116 -22.05 9.50 -6.22
C GLN F 116 -20.81 8.64 -6.37
N TYR F 117 -20.72 7.52 -5.65
CA TYR F 117 -19.53 6.67 -5.75
C TYR F 117 -19.68 5.21 -6.14
N GLY F 118 -20.27 4.99 -7.31
CA GLY F 118 -20.47 3.67 -7.86
C GLY F 118 -20.67 2.36 -7.09
N GLY F 119 -19.69 1.96 -6.29
CA GLY F 119 -19.82 0.69 -5.58
C GLY F 119 -20.58 0.72 -4.28
N VAL F 120 -21.53 1.64 -4.16
CA VAL F 120 -22.27 1.75 -2.91
C VAL F 120 -23.67 2.28 -3.18
N ARG F 121 -24.59 2.12 -2.24
CA ARG F 121 -25.94 2.64 -2.45
C ARG F 121 -26.21 3.75 -1.42
N PRO F 122 -27.22 4.60 -1.66
CA PRO F 122 -27.55 5.68 -0.72
C PRO F 122 -28.15 5.12 0.55
N PHE F 123 -28.19 5.94 1.60
CA PHE F 123 -28.78 5.52 2.85
C PHE F 123 -30.28 5.73 2.73
N GLY F 124 -31.06 4.67 2.90
CA GLY F 124 -32.49 4.82 2.84
C GLY F 124 -33.02 5.42 4.14
N VAL F 125 -32.52 6.59 4.53
CA VAL F 125 -32.94 7.20 5.79
C VAL F 125 -32.86 8.73 5.86
N SER F 126 -33.80 9.30 6.60
CA SER F 126 -33.87 10.76 6.80
C SER F 126 -33.68 11.00 8.29
N LEU F 127 -33.09 12.13 8.64
CA LEU F 127 -32.87 12.42 10.04
C LEU F 127 -33.43 13.74 10.54
N LEU F 128 -33.74 13.76 11.83
CA LEU F 128 -34.21 14.97 12.50
C LEU F 128 -33.17 15.17 13.57
N ILE F 129 -32.35 16.22 13.42
CA ILE F 129 -31.32 16.50 14.39
C ILE F 129 -31.71 17.74 15.15
N ALA F 130 -31.87 17.60 16.47
CA ALA F 130 -32.26 18.71 17.32
C ALA F 130 -31.28 18.89 18.47
N GLY F 131 -31.01 20.15 18.77
CA GLY F 131 -30.11 20.48 19.85
C GLY F 131 -30.17 21.96 20.16
N VAL F 132 -29.31 22.41 21.05
CA VAL F 132 -29.27 23.82 21.40
C VAL F 132 -27.83 24.33 21.39
N ASP F 133 -27.52 25.20 20.44
CA ASP F 133 -26.18 25.79 20.39
C ASP F 133 -26.39 26.95 21.35
N GLU F 134 -26.46 28.16 20.81
CA GLU F 134 -26.71 29.31 21.64
C GLU F 134 -28.21 29.57 21.60
N VAL F 135 -28.88 28.91 20.67
CA VAL F 135 -30.32 29.02 20.46
C VAL F 135 -30.83 27.64 20.04
N PRO F 136 -32.09 27.32 20.31
CA PRO F 136 -32.54 25.99 19.88
C PRO F 136 -32.45 25.83 18.36
N LYS F 137 -32.19 24.62 17.91
CA LYS F 137 -32.09 24.34 16.47
C LYS F 137 -32.66 22.99 16.07
N LEU F 138 -33.24 22.95 14.88
CA LEU F 138 -33.83 21.73 14.33
C LEU F 138 -33.49 21.61 12.85
N TYR F 139 -32.89 20.48 12.49
CA TYR F 139 -32.50 20.21 11.11
C TYR F 139 -33.04 18.85 10.69
N GLU F 140 -33.37 18.71 9.43
CA GLU F 140 -33.87 17.44 8.93
C GLU F 140 -33.01 17.13 7.71
N THR F 141 -32.58 15.87 7.61
CA THR F 141 -31.73 15.43 6.51
C THR F 141 -32.42 14.52 5.50
N ASP F 142 -31.89 14.49 4.29
CA ASP F 142 -32.45 13.69 3.22
C ASP F 142 -31.44 12.65 2.71
N PRO F 143 -31.91 11.53 2.14
CA PRO F 143 -31.04 10.47 1.62
C PRO F 143 -29.97 10.98 0.64
N SER F 144 -30.23 12.14 0.05
CA SER F 144 -29.30 12.75 -0.92
C SER F 144 -28.17 13.50 -0.23
N GLY F 145 -28.40 13.90 1.03
CA GLY F 145 -27.41 14.64 1.77
C GLY F 145 -27.84 16.10 1.89
N ALA F 146 -29.09 16.36 1.52
CA ALA F 146 -29.64 17.71 1.58
C ALA F 146 -30.02 18.08 3.02
N LEU F 147 -29.66 19.29 3.42
CA LEU F 147 -29.93 19.77 4.77
C LEU F 147 -30.96 20.90 4.80
N LEU F 148 -31.80 20.91 5.83
CA LEU F 148 -32.81 21.97 5.95
C LEU F 148 -33.16 22.30 7.39
N GLU F 149 -33.12 23.60 7.71
CA GLU F 149 -33.44 24.02 9.07
C GLU F 149 -34.90 24.37 9.15
N TYR F 150 -35.62 23.72 10.06
CA TYR F 150 -37.04 23.94 10.25
C TYR F 150 -37.36 24.55 11.60
N LYS F 151 -38.52 25.17 11.71
CA LYS F 151 -39.02 25.74 12.95
C LYS F 151 -39.78 24.56 13.59
N ALA F 152 -40.44 23.79 12.74
CA ALA F 152 -41.22 22.62 13.13
C ALA F 152 -41.46 21.77 11.89
N THR F 153 -41.47 20.46 12.03
CA THR F 153 -41.65 19.59 10.86
C THR F 153 -41.74 18.14 11.30
N ALA F 154 -41.77 17.24 10.30
CA ALA F 154 -41.84 15.80 10.56
C ALA F 154 -41.30 15.02 9.36
N ILE F 155 -40.98 13.75 9.61
CA ILE F 155 -40.46 12.85 8.58
C ILE F 155 -41.19 11.54 8.83
N GLY F 156 -41.26 10.70 7.81
CA GLY F 156 -41.96 9.44 7.98
C GLY F 156 -43.31 9.49 7.28
N MET F 157 -44.07 8.42 7.40
CA MET F 157 -45.37 8.35 6.76
C MET F 157 -46.35 9.44 7.20
N GLY F 158 -46.43 9.70 8.50
CA GLY F 158 -47.35 10.73 8.96
C GLY F 158 -46.89 12.14 8.61
N ARG F 159 -45.83 12.24 7.82
CA ARG F 159 -45.28 13.55 7.47
C ARG F 159 -46.31 14.63 7.13
N ASN F 160 -46.87 14.54 5.93
CA ASN F 160 -47.85 15.52 5.43
C ASN F 160 -48.94 15.92 6.42
N ALA F 161 -49.48 14.96 7.16
CA ALA F 161 -50.53 15.26 8.12
C ALA F 161 -50.02 16.33 9.06
N VAL F 162 -48.98 16.02 9.82
CA VAL F 162 -48.45 16.98 10.78
C VAL F 162 -47.87 18.24 10.11
N THR F 163 -47.44 18.12 8.87
CA THR F 163 -46.88 19.28 8.17
C THR F 163 -47.99 20.31 7.93
N GLU F 164 -49.13 19.84 7.42
CA GLU F 164 -50.27 20.71 7.13
C GLU F 164 -50.79 21.32 8.43
N PHE F 165 -50.80 20.51 9.48
CA PHE F 165 -51.26 20.95 10.77
C PHE F 165 -50.37 22.05 11.32
N PHE F 166 -49.06 21.80 11.44
CA PHE F 166 -48.15 22.84 11.95
C PHE F 166 -48.25 24.09 11.07
N GLU F 167 -48.44 23.87 9.77
CA GLU F 167 -48.54 24.96 8.81
C GLU F 167 -49.59 25.98 9.25
N LYS F 168 -50.57 25.51 10.02
CA LYS F 168 -51.64 26.36 10.53
C LYS F 168 -51.51 26.72 12.01
N GLU F 169 -51.29 25.73 12.86
CA GLU F 169 -51.19 25.94 14.30
C GLU F 169 -49.88 26.48 14.87
N TYR F 170 -48.75 26.05 14.31
CA TYR F 170 -47.45 26.51 14.83
C TYR F 170 -47.30 28.01 14.90
N ARG F 171 -46.58 28.47 15.92
CA ARG F 171 -46.37 29.90 16.14
C ARG F 171 -44.99 30.14 16.74
N ASP F 172 -44.31 31.18 16.28
CA ASP F 172 -42.97 31.52 16.76
C ASP F 172 -42.87 31.77 18.24
N ASP F 173 -43.98 32.08 18.88
CA ASP F 173 -43.97 32.37 20.32
C ASP F 173 -44.53 31.29 21.23
N LEU F 174 -44.75 30.09 20.71
CA LEU F 174 -45.28 29.01 21.53
C LEU F 174 -44.41 28.84 22.78
N SER F 175 -45.04 28.42 23.88
CA SER F 175 -44.30 28.18 25.11
C SER F 175 -43.79 26.75 24.97
N PHE F 176 -42.90 26.34 25.85
CA PHE F 176 -42.37 24.98 25.78
C PHE F 176 -43.47 23.92 25.85
N ASP F 177 -44.33 24.03 26.86
CA ASP F 177 -45.42 23.08 27.02
C ASP F 177 -46.41 23.19 25.87
N ASP F 178 -46.67 24.42 25.43
CA ASP F 178 -47.60 24.61 24.33
C ASP F 178 -47.03 23.93 23.11
N ALA F 179 -45.77 24.25 22.82
CA ALA F 179 -45.08 23.69 21.68
C ALA F 179 -45.14 22.17 21.73
N MET F 180 -44.85 21.59 22.89
CA MET F 180 -44.90 20.14 23.01
C MET F 180 -46.28 19.56 22.78
N VAL F 181 -47.29 20.16 23.39
CA VAL F 181 -48.66 19.68 23.22
C VAL F 181 -49.07 19.74 21.75
N LEU F 182 -48.68 20.82 21.08
CA LEU F 182 -48.98 21.01 19.67
C LEU F 182 -48.39 19.85 18.87
N GLY F 183 -47.28 19.32 19.37
CA GLY F 183 -46.62 18.19 18.72
C GLY F 183 -47.33 16.88 18.96
N LEU F 184 -47.76 16.64 20.20
CA LEU F 184 -48.48 15.41 20.52
C LEU F 184 -49.75 15.39 19.69
N VAL F 185 -50.33 16.56 19.47
CA VAL F 185 -51.55 16.66 18.67
C VAL F 185 -51.26 16.26 17.23
N ALA F 186 -50.23 16.88 16.65
CA ALA F 186 -49.83 16.57 15.29
C ALA F 186 -49.67 15.06 15.16
N MET F 187 -49.04 14.44 16.16
CA MET F 187 -48.86 12.99 16.16
C MET F 187 -50.22 12.32 16.10
N GLY F 188 -51.10 12.75 17.01
CA GLY F 188 -52.44 12.20 17.08
C GLY F 188 -53.16 12.22 15.75
N LEU F 189 -53.19 13.37 15.11
CA LEU F 189 -53.85 13.47 13.82
C LEU F 189 -53.17 12.52 12.85
N SER F 190 -51.85 12.46 12.94
CA SER F 190 -51.01 11.58 12.12
C SER F 190 -51.48 10.14 12.15
N ILE F 191 -51.52 9.57 13.34
CA ILE F 191 -51.94 8.18 13.50
C ILE F 191 -53.46 8.06 13.44
N GLU F 192 -54.13 9.19 13.23
CA GLU F 192 -55.58 9.23 13.11
C GLU F 192 -56.32 8.81 14.39
N SER F 193 -55.87 9.31 15.55
CA SER F 193 -56.53 8.96 16.80
C SER F 193 -55.81 9.54 18.02
N GLU F 194 -56.37 9.25 19.20
CA GLU F 194 -55.81 9.71 20.46
C GLU F 194 -54.55 8.92 20.73
N LEU F 195 -53.60 9.56 21.41
CA LEU F 195 -52.32 8.92 21.71
C LEU F 195 -52.34 8.18 23.05
N VAL F 196 -51.47 7.19 23.15
CA VAL F 196 -51.30 6.40 24.36
C VAL F 196 -49.88 6.72 24.85
N PRO F 197 -49.76 7.38 26.02
CA PRO F 197 -48.43 7.71 26.53
C PRO F 197 -47.45 6.55 26.45
N GLU F 198 -47.96 5.35 26.67
CA GLU F 198 -47.15 4.15 26.67
C GLU F 198 -46.53 3.78 25.34
N ASN F 199 -46.89 4.46 24.25
CA ASN F 199 -46.28 4.12 22.97
C ASN F 199 -45.82 5.29 22.11
N ILE F 200 -45.30 6.33 22.78
CA ILE F 200 -44.76 7.51 22.11
C ILE F 200 -43.54 7.93 22.92
N GLU F 201 -42.50 8.39 22.24
CA GLU F 201 -41.29 8.80 22.92
C GLU F 201 -41.07 10.29 22.74
N VAL F 202 -40.59 10.95 23.79
CA VAL F 202 -40.33 12.37 23.70
C VAL F 202 -39.01 12.75 24.33
N GLY F 203 -38.22 13.51 23.59
CA GLY F 203 -36.92 13.95 24.07
C GLY F 203 -36.82 15.43 23.77
N TYR F 204 -35.96 16.13 24.49
CA TYR F 204 -35.82 17.56 24.25
C TYR F 204 -34.49 18.08 24.77
N VAL F 205 -34.25 19.37 24.52
CA VAL F 205 -33.04 20.05 24.97
C VAL F 205 -33.43 21.50 25.22
N LYS F 206 -33.56 21.86 26.48
CA LYS F 206 -33.94 23.23 26.84
C LYS F 206 -32.74 24.18 26.79
N VAL F 207 -33.00 25.40 26.33
CA VAL F 207 -31.97 26.41 26.19
C VAL F 207 -31.34 26.77 27.52
N ASP F 208 -32.04 26.51 28.62
CA ASP F 208 -31.50 26.83 29.93
C ASP F 208 -30.30 25.95 30.33
N ASP F 209 -30.48 24.65 30.35
CA ASP F 209 -29.40 23.75 30.71
C ASP F 209 -28.98 22.82 29.56
N ARG F 210 -28.78 23.40 28.38
CA ARG F 210 -28.39 22.66 27.18
C ARG F 210 -28.05 21.18 27.32
N THR F 211 -28.94 20.39 27.90
CA THR F 211 -28.65 18.95 28.00
C THR F 211 -29.86 18.13 27.64
N PHE F 212 -29.66 17.18 26.75
CA PHE F 212 -30.72 16.31 26.29
C PHE F 212 -31.30 15.46 27.41
N LYS F 213 -32.59 15.66 27.66
CA LYS F 213 -33.30 14.90 28.67
C LYS F 213 -34.48 14.28 27.95
N GLU F 214 -34.98 13.18 28.46
CA GLU F 214 -36.11 12.53 27.80
C GLU F 214 -37.29 12.52 28.76
N VAL F 215 -38.43 13.02 28.30
CA VAL F 215 -39.64 13.06 29.12
C VAL F 215 -40.03 11.67 29.61
N SER F 216 -40.14 11.54 30.93
CA SER F 216 -40.50 10.27 31.56
C SER F 216 -41.97 9.94 31.32
N PRO F 217 -42.31 8.64 31.29
CA PRO F 217 -43.70 8.25 31.05
C PRO F 217 -44.70 8.94 31.99
N GLU F 218 -44.26 9.21 33.21
CA GLU F 218 -45.12 9.87 34.19
C GLU F 218 -45.28 11.33 33.82
N GLU F 219 -44.17 11.97 33.47
CA GLU F 219 -44.22 13.38 33.10
C GLU F 219 -45.02 13.54 31.80
N LEU F 220 -45.21 12.41 31.10
CA LEU F 220 -45.94 12.42 29.84
C LEU F 220 -47.46 12.47 30.06
N LYS F 221 -47.96 11.61 30.94
CA LYS F 221 -49.38 11.54 31.26
C LYS F 221 -50.11 12.85 31.02
N PRO F 222 -49.78 13.90 31.80
CA PRO F 222 -50.46 15.19 31.61
C PRO F 222 -50.46 15.75 30.19
N TYR F 223 -49.31 15.72 29.52
CA TYR F 223 -49.22 16.23 28.16
C TYR F 223 -50.07 15.44 27.17
N VAL F 224 -49.94 14.12 27.21
CA VAL F 224 -50.71 13.26 26.32
C VAL F 224 -52.18 13.53 26.56
N GLU F 225 -52.55 13.57 27.83
CA GLU F 225 -53.93 13.81 28.24
C GLU F 225 -54.45 15.11 27.66
N ARG F 226 -53.75 16.21 27.94
CA ARG F 226 -54.13 17.52 27.43
C ARG F 226 -54.13 17.58 25.91
N ALA F 227 -53.36 16.68 25.28
CA ALA F 227 -53.28 16.63 23.82
C ALA F 227 -54.42 15.81 23.27
N ASN F 228 -54.69 14.64 23.87
CA ASN F 228 -55.79 13.79 23.42
C ASN F 228 -57.08 14.62 23.45
N GLU F 229 -57.07 15.66 24.27
CA GLU F 229 -58.20 16.55 24.38
C GLU F 229 -58.49 17.12 22.99
N ARG F 230 -57.64 18.06 22.59
CA ARG F 230 -57.78 18.72 21.29
C ARG F 230 -57.78 17.75 20.12
N ILE F 231 -57.27 16.55 20.32
CA ILE F 231 -57.25 15.55 19.25
C ILE F 231 -58.68 15.10 18.97
N ARG F 232 -59.35 14.58 20.00
CA ARG F 232 -60.73 14.11 19.87
C ARG F 232 -61.57 15.19 19.24
N GLU F 233 -61.40 16.41 19.77
CA GLU F 233 -62.10 17.59 19.28
C GLU F 233 -61.77 17.82 17.81
N LEU F 234 -60.49 17.74 17.47
CA LEU F 234 -60.03 17.96 16.10
C LEU F 234 -60.44 16.84 15.13
N LEU F 235 -60.66 15.64 15.65
CA LEU F 235 -61.05 14.51 14.82
C LEU F 235 -62.55 14.50 14.55
N LYS F 236 -63.13 15.68 14.34
CA LYS F 236 -64.55 15.77 14.08
C LYS F 236 -64.82 15.55 12.59
N LYS F 237 -64.17 16.34 11.76
CA LYS F 237 -64.33 16.25 10.32
C LYS F 237 -63.82 14.90 9.82
N ARG G 1 -22.22 1.59 -21.86
CA ARG G 1 -21.73 0.40 -21.10
C ARG G 1 -20.56 0.77 -20.19
N ALA G 2 -20.79 1.72 -19.28
CA ALA G 2 -19.74 2.15 -18.35
C ALA G 2 -20.27 3.18 -17.35
N ILE G 3 -20.38 4.43 -17.79
CA ILE G 3 -20.85 5.51 -16.92
C ILE G 3 -20.98 6.80 -17.75
N THR G 4 -19.96 7.65 -17.67
CA THR G 4 -19.95 8.90 -18.42
C THR G 4 -19.12 8.61 -19.67
N VAL G 5 -19.81 8.38 -20.79
CA VAL G 5 -19.15 8.10 -22.05
C VAL G 5 -19.69 8.93 -23.18
N PHE G 6 -19.00 8.87 -24.32
CA PHE G 6 -19.42 9.63 -25.49
C PHE G 6 -20.61 9.02 -26.23
N SER G 7 -21.47 9.88 -26.75
CA SER G 7 -22.61 9.43 -27.53
C SER G 7 -22.16 9.60 -28.98
N PRO G 8 -22.89 9.01 -29.91
CA PRO G 8 -22.49 9.16 -31.31
C PRO G 8 -22.42 10.63 -31.74
N ASP G 9 -23.12 11.49 -31.01
CA ASP G 9 -23.17 12.92 -31.29
C ASP G 9 -21.91 13.61 -30.75
N GLY G 10 -21.11 12.87 -29.98
CA GLY G 10 -19.91 13.46 -29.42
C GLY G 10 -20.19 14.21 -28.13
N ARG G 11 -21.30 13.89 -27.50
CA ARG G 11 -21.66 14.54 -26.25
C ARG G 11 -21.69 13.54 -25.09
N LEU G 12 -21.67 14.09 -23.88
CA LEU G 12 -21.69 13.29 -22.64
C LEU G 12 -23.06 13.40 -22.00
N PHE G 13 -23.89 12.38 -22.19
CA PHE G 13 -25.24 12.44 -21.63
C PHE G 13 -25.30 12.68 -20.13
N GLN G 14 -24.41 12.06 -19.38
CA GLN G 14 -24.43 12.26 -17.94
C GLN G 14 -24.27 13.74 -17.60
N VAL G 15 -23.36 14.40 -18.31
CA VAL G 15 -23.09 15.82 -18.09
C VAL G 15 -24.31 16.63 -18.48
N GLU G 16 -24.93 16.23 -19.58
CA GLU G 16 -26.10 16.94 -20.05
C GLU G 16 -27.27 16.74 -19.10
N TYR G 17 -27.41 15.53 -18.58
CA TYR G 17 -28.48 15.27 -17.65
C TYR G 17 -28.22 16.08 -16.36
N ALA G 18 -26.96 16.19 -15.98
CA ALA G 18 -26.61 16.94 -14.78
C ALA G 18 -27.07 18.36 -14.99
N ARG G 19 -26.88 18.86 -16.21
CA ARG G 19 -27.29 20.21 -16.53
C ARG G 19 -28.80 20.37 -16.35
N GLU G 20 -29.56 19.31 -16.62
CA GLU G 20 -30.98 19.39 -16.43
C GLU G 20 -31.33 19.67 -14.98
N ALA G 21 -30.47 19.18 -14.08
CA ALA G 21 -30.67 19.37 -12.65
C ALA G 21 -30.44 20.81 -12.25
N VAL G 22 -29.45 21.45 -12.87
CA VAL G 22 -29.16 22.84 -12.52
C VAL G 22 -30.30 23.74 -13.00
N LYS G 23 -30.89 23.39 -14.13
CA LYS G 23 -31.99 24.18 -14.66
C LYS G 23 -33.12 24.24 -13.64
N ARG G 24 -33.38 23.11 -12.99
CA ARG G 24 -34.43 23.03 -12.00
C ARG G 24 -34.07 23.81 -10.73
N GLY G 25 -32.79 24.18 -10.63
CA GLY G 25 -32.32 24.90 -9.46
C GLY G 25 -32.87 26.30 -9.22
N ALA G 26 -32.80 26.75 -7.96
CA ALA G 26 -33.25 28.08 -7.59
C ALA G 26 -32.34 29.04 -8.35
N THR G 27 -32.89 30.15 -8.81
CA THR G 27 -32.10 31.09 -9.59
C THR G 27 -31.15 31.99 -8.78
N ALA G 28 -29.99 32.27 -9.35
CA ALA G 28 -28.98 33.12 -8.73
C ALA G 28 -28.45 34.06 -9.81
N ILE G 29 -28.16 35.31 -9.43
CA ILE G 29 -27.70 36.34 -10.37
C ILE G 29 -26.41 37.03 -9.93
N GLY G 30 -25.59 37.39 -10.90
CA GLY G 30 -24.35 38.08 -10.62
C GLY G 30 -24.14 39.23 -11.59
N ILE G 31 -23.77 40.40 -11.05
CA ILE G 31 -23.54 41.58 -11.86
C ILE G 31 -22.21 42.23 -11.51
N LYS G 32 -21.46 42.58 -12.53
CA LYS G 32 -20.16 43.20 -12.33
C LYS G 32 -20.14 44.61 -12.86
N CYS G 33 -19.62 45.53 -12.05
CA CYS G 33 -19.49 46.93 -12.47
C CYS G 33 -18.08 47.32 -12.10
N LYS G 34 -17.75 48.61 -12.22
CA LYS G 34 -16.40 49.05 -11.92
C LYS G 34 -16.11 49.05 -10.42
N GLU G 35 -17.10 49.44 -9.64
CA GLU G 35 -16.95 49.51 -8.19
C GLU G 35 -16.99 48.16 -7.49
N GLY G 36 -17.30 47.10 -8.23
CA GLY G 36 -17.36 45.78 -7.64
C GLY G 36 -18.26 44.77 -8.35
N VAL G 37 -18.59 43.69 -7.65
CA VAL G 37 -19.45 42.65 -8.19
C VAL G 37 -20.48 42.22 -7.15
N ILE G 38 -21.74 42.14 -7.57
CA ILE G 38 -22.81 41.73 -6.67
C ILE G 38 -23.33 40.37 -7.04
N LEU G 39 -23.80 39.65 -6.05
CA LEU G 39 -24.34 38.32 -6.25
C LEU G 39 -25.64 38.35 -5.48
N ILE G 40 -26.74 38.07 -6.15
CA ILE G 40 -28.03 38.08 -5.48
C ILE G 40 -28.72 36.74 -5.76
N ALA G 41 -29.31 36.16 -4.72
CA ALA G 41 -29.96 34.86 -4.87
C ALA G 41 -31.39 34.79 -4.35
N ASP G 42 -32.18 33.91 -4.97
CA ASP G 42 -33.57 33.70 -4.58
C ASP G 42 -33.59 32.87 -3.30
N LYS G 43 -33.96 33.53 -2.21
CA LYS G 43 -33.99 32.92 -0.89
C LYS G 43 -35.39 32.40 -0.52
N ARG G 44 -36.37 32.68 -1.36
CA ARG G 44 -37.76 32.25 -1.13
C ARG G 44 -37.95 30.81 -0.69
N VAL G 45 -38.83 30.62 0.30
CA VAL G 45 -39.12 29.28 0.83
C VAL G 45 -40.58 28.90 0.58
N GLY G 46 -40.87 27.60 0.67
CA GLY G 46 -42.21 27.13 0.43
C GLY G 46 -43.03 26.75 1.65
N SER G 47 -42.62 27.20 2.84
CA SER G 47 -43.36 26.88 4.06
C SER G 47 -42.95 27.79 5.19
N LYS G 48 -43.92 28.26 5.96
CA LYS G 48 -43.61 29.14 7.08
C LYS G 48 -42.83 28.37 8.15
N LEU G 49 -42.74 27.05 7.99
CA LEU G 49 -42.05 26.20 8.95
C LEU G 49 -40.53 26.16 8.78
N LEU G 50 -40.02 26.66 7.66
CA LEU G 50 -38.57 26.69 7.45
C LEU G 50 -37.99 27.97 8.03
N GLU G 51 -36.83 27.87 8.68
CA GLU G 51 -36.16 29.03 9.25
C GLU G 51 -35.61 29.86 8.09
N ALA G 52 -36.37 30.85 7.63
CA ALA G 52 -35.94 31.67 6.52
C ALA G 52 -34.76 32.56 6.89
N ASP G 53 -34.78 33.11 8.10
CA ASP G 53 -33.71 33.99 8.54
C ASP G 53 -32.35 33.30 8.50
N THR G 54 -32.35 31.97 8.52
CA THR G 54 -31.10 31.20 8.49
C THR G 54 -30.60 30.85 7.10
N ILE G 55 -31.45 30.19 6.32
CA ILE G 55 -31.12 29.77 4.96
C ILE G 55 -30.16 30.74 4.28
N GLU G 56 -29.01 30.20 3.88
CA GLU G 56 -27.96 30.96 3.22
C GLU G 56 -27.78 30.47 1.77
N LYS G 57 -27.79 31.41 0.84
CA LYS G 57 -27.65 31.05 -0.56
C LYS G 57 -26.41 31.66 -1.23
N ILE G 58 -25.75 32.57 -0.54
CA ILE G 58 -24.54 33.19 -1.06
C ILE G 58 -23.42 32.85 -0.07
N TYR G 59 -22.40 32.16 -0.56
CA TYR G 59 -21.33 31.72 0.31
C TYR G 59 -20.02 32.47 0.20
N LYS G 60 -19.36 32.60 1.34
CA LYS G 60 -18.08 33.25 1.44
C LYS G 60 -17.03 32.17 1.19
N ILE G 61 -16.17 32.38 0.20
CA ILE G 61 -15.13 31.40 -0.08
C ILE G 61 -13.87 31.84 0.65
N ASP G 62 -13.52 33.11 0.49
CA ASP G 62 -12.36 33.69 1.14
C ASP G 62 -12.79 35.13 1.48
N GLU G 63 -11.86 35.97 1.90
CA GLU G 63 -12.15 37.35 2.27
C GLU G 63 -12.62 38.17 1.07
N HIS G 64 -12.06 37.87 -0.09
CA HIS G 64 -12.38 38.60 -1.30
C HIS G 64 -13.14 37.75 -2.33
N ILE G 65 -13.76 36.66 -1.88
CA ILE G 65 -14.47 35.82 -2.83
C ILE G 65 -15.71 35.18 -2.25
N CYS G 66 -16.78 35.21 -3.03
CA CYS G 66 -18.02 34.59 -2.62
C CYS G 66 -18.52 33.79 -3.82
N ALA G 67 -19.56 32.99 -3.59
CA ALA G 67 -20.10 32.19 -4.67
C ALA G 67 -21.54 31.84 -4.43
N ALA G 68 -22.26 31.66 -5.53
CA ALA G 68 -23.66 31.27 -5.48
C ALA G 68 -23.71 29.92 -6.18
N THR G 69 -24.72 29.12 -5.84
CA THR G 69 -24.81 27.79 -6.41
C THR G 69 -26.21 27.43 -6.95
N SER G 70 -26.27 26.45 -7.84
CA SER G 70 -27.54 25.98 -8.38
C SER G 70 -27.42 24.56 -8.89
N GLY G 71 -28.44 23.75 -8.59
CA GLY G 71 -28.45 22.34 -8.99
C GLY G 71 -28.65 21.49 -7.74
N LEU G 72 -28.17 20.25 -7.74
CA LEU G 72 -28.30 19.39 -6.56
C LEU G 72 -27.67 20.09 -5.36
N VAL G 73 -28.51 20.38 -4.38
CA VAL G 73 -28.11 21.09 -3.19
C VAL G 73 -27.00 20.40 -2.37
N ALA G 74 -27.04 19.07 -2.27
CA ALA G 74 -26.02 18.36 -1.51
C ALA G 74 -24.66 18.47 -2.21
N ASP G 75 -24.63 18.21 -3.51
CA ASP G 75 -23.40 18.31 -4.31
C ASP G 75 -22.79 19.71 -4.16
N ALA G 76 -23.63 20.73 -4.23
CA ALA G 76 -23.16 22.11 -4.10
C ALA G 76 -22.35 22.29 -2.83
N ARG G 77 -22.87 21.76 -1.72
CA ARG G 77 -22.20 21.89 -0.44
C ARG G 77 -20.75 21.43 -0.49
N VAL G 78 -20.52 20.21 -0.97
CA VAL G 78 -19.15 19.70 -1.02
C VAL G 78 -18.31 20.54 -1.96
N LEU G 79 -18.95 21.07 -3.00
CA LEU G 79 -18.25 21.89 -3.98
C LEU G 79 -17.76 23.21 -3.40
N ILE G 80 -18.57 23.91 -2.60
CA ILE G 80 -18.10 25.18 -2.02
C ILE G 80 -17.06 24.93 -0.93
N ASP G 81 -17.22 23.86 -0.16
CA ASP G 81 -16.24 23.55 0.86
C ASP G 81 -14.94 23.25 0.14
N ARG G 82 -15.06 22.54 -0.97
CA ARG G 82 -13.91 22.20 -1.79
C ARG G 82 -13.21 23.48 -2.20
N ALA G 83 -14.02 24.44 -2.66
CA ALA G 83 -13.48 25.72 -3.08
C ALA G 83 -12.81 26.44 -1.92
N ARG G 84 -13.41 26.32 -0.73
CA ARG G 84 -12.88 26.94 0.48
C ARG G 84 -11.52 26.37 0.81
N ILE G 85 -11.43 25.05 0.81
CA ILE G 85 -10.17 24.38 1.08
C ILE G 85 -9.14 24.89 0.08
N GLU G 86 -9.53 24.85 -1.19
CA GLU G 86 -8.66 25.28 -2.26
C GLU G 86 -8.06 26.68 -2.01
N ALA G 87 -8.92 27.59 -1.54
CA ALA G 87 -8.48 28.95 -1.25
C ALA G 87 -7.42 28.99 -0.15
N GLN G 88 -7.70 28.31 0.96
CA GLN G 88 -6.77 28.25 2.09
C GLN G 88 -5.46 27.58 1.71
N ILE G 89 -5.53 26.55 0.89
CA ILE G 89 -4.31 25.88 0.46
C ILE G 89 -3.42 26.89 -0.27
N ASN G 90 -4.03 27.76 -1.09
CA ASN G 90 -3.23 28.73 -1.79
C ASN G 90 -2.46 29.62 -0.81
N ARG G 91 -3.13 30.01 0.27
CA ARG G 91 -2.50 30.84 1.28
C ARG G 91 -1.38 30.08 1.96
N LEU G 92 -1.69 28.84 2.34
CA LEU G 92 -0.73 27.96 3.00
C LEU G 92 0.58 27.82 2.23
N THR G 93 0.50 27.72 0.91
CA THR G 93 1.69 27.53 0.09
C THR G 93 2.36 28.77 -0.47
N TYR G 94 1.61 29.85 -0.66
CA TYR G 94 2.21 31.07 -1.20
C TYR G 94 2.06 32.26 -0.27
N ASP G 95 1.35 32.06 0.83
CA ASP G 95 1.12 33.12 1.78
C ASP G 95 0.41 34.26 1.09
N GLU G 96 -0.47 33.91 0.16
CA GLU G 96 -1.22 34.92 -0.57
C GLU G 96 -2.58 34.42 -0.94
N PRO G 97 -3.58 35.32 -0.99
CA PRO G 97 -4.94 34.94 -1.34
C PRO G 97 -4.99 34.49 -2.77
N ILE G 98 -5.82 33.51 -3.05
CA ILE G 98 -5.94 33.00 -4.41
C ILE G 98 -6.79 33.96 -5.24
N THR G 99 -6.44 34.12 -6.52
CA THR G 99 -7.19 34.99 -7.42
C THR G 99 -8.53 34.30 -7.71
N VAL G 100 -9.56 35.08 -8.04
CA VAL G 100 -10.88 34.52 -8.34
C VAL G 100 -10.80 33.63 -9.57
N LYS G 101 -9.97 34.01 -10.51
CA LYS G 101 -9.80 33.24 -11.72
C LYS G 101 -9.20 31.86 -11.44
N GLU G 102 -8.11 31.85 -10.65
CA GLU G 102 -7.42 30.60 -10.31
C GLU G 102 -8.33 29.63 -9.54
N LEU G 103 -9.06 30.18 -8.56
CA LEU G 103 -9.96 29.39 -7.74
C LEU G 103 -10.99 28.71 -8.63
N ALA G 104 -11.52 29.46 -9.59
CA ALA G 104 -12.51 28.94 -10.52
C ALA G 104 -11.96 27.77 -11.33
N LYS G 105 -10.78 27.96 -11.90
CA LYS G 105 -10.15 26.90 -12.68
C LYS G 105 -9.98 25.63 -11.85
N LYS G 106 -9.59 25.81 -10.59
CA LYS G 106 -9.40 24.66 -9.72
C LYS G 106 -10.66 23.86 -9.43
N ILE G 107 -11.77 24.50 -9.07
CA ILE G 107 -12.98 23.68 -8.83
C ILE G 107 -13.51 23.14 -10.15
N CYS G 108 -13.23 23.85 -11.23
CA CYS G 108 -13.67 23.40 -12.53
C CYS G 108 -12.88 22.15 -12.91
N ASP G 109 -11.60 22.09 -12.55
CA ASP G 109 -10.79 20.91 -12.83
C ASP G 109 -11.29 19.77 -11.96
N PHE G 110 -11.65 20.10 -10.74
CA PHE G 110 -12.18 19.11 -9.83
C PHE G 110 -13.40 18.48 -10.49
N LYS G 111 -14.39 19.31 -10.81
CA LYS G 111 -15.62 18.84 -11.41
C LYS G 111 -15.39 18.04 -12.72
N GLN G 112 -14.35 18.43 -13.45
CA GLN G 112 -14.08 17.77 -14.72
C GLN G 112 -13.75 16.30 -14.57
N GLN G 113 -13.09 15.95 -13.47
CA GLN G 113 -12.70 14.57 -13.24
C GLN G 113 -13.90 13.67 -13.06
N TYR G 114 -14.92 14.17 -12.37
CA TYR G 114 -16.11 13.38 -12.15
C TYR G 114 -16.87 13.26 -13.44
N THR G 115 -16.21 13.68 -14.49
CA THR G 115 -16.77 13.68 -15.81
C THR G 115 -16.15 12.60 -16.70
N GLN G 116 -14.98 12.09 -16.31
CA GLN G 116 -14.37 11.04 -17.12
C GLN G 116 -13.73 9.88 -16.35
N TYR G 117 -14.19 9.62 -15.13
CA TYR G 117 -13.60 8.54 -14.34
C TYR G 117 -14.50 7.41 -13.84
N GLY G 118 -15.19 6.78 -14.77
CA GLY G 118 -16.05 5.64 -14.49
C GLY G 118 -16.80 5.35 -13.20
N GLY G 119 -16.11 5.23 -12.07
CA GLY G 119 -16.82 4.92 -10.84
C GLY G 119 -17.43 6.08 -10.09
N VAL G 120 -17.77 7.15 -10.80
CA VAL G 120 -18.30 8.32 -10.15
C VAL G 120 -19.27 9.03 -11.08
N ARG G 121 -20.08 9.94 -10.56
CA ARG G 121 -20.99 10.68 -11.41
C ARG G 121 -20.63 12.19 -11.37
N PRO G 122 -21.09 12.96 -12.37
CA PRO G 122 -20.79 14.39 -12.38
C PRO G 122 -21.55 15.14 -11.27
N PHE G 123 -21.14 16.38 -11.01
CA PHE G 123 -21.80 17.18 -9.99
C PHE G 123 -22.98 17.87 -10.61
N GLY G 124 -24.18 17.58 -10.11
CA GLY G 124 -25.37 18.22 -10.66
C GLY G 124 -25.47 19.65 -10.17
N VAL G 125 -24.40 20.43 -10.39
CA VAL G 125 -24.42 21.80 -9.93
C VAL G 125 -23.61 22.78 -10.79
N SER G 126 -24.06 24.02 -10.81
CA SER G 126 -23.41 25.10 -11.55
C SER G 126 -23.03 26.17 -10.52
N LEU G 127 -21.93 26.88 -10.74
CA LEU G 127 -21.51 27.89 -9.78
C LEU G 127 -21.28 29.31 -10.29
N LEU G 128 -21.56 30.28 -9.43
CA LEU G 128 -21.31 31.67 -9.75
C LEU G 128 -20.25 32.07 -8.74
N ILE G 129 -19.06 32.36 -9.23
CA ILE G 129 -17.96 32.73 -8.36
C ILE G 129 -17.63 34.18 -8.62
N ALA G 130 -17.78 35.00 -7.59
CA ALA G 130 -17.49 36.43 -7.71
C ALA G 130 -16.50 36.87 -6.66
N GLY G 131 -15.69 37.83 -7.02
CA GLY G 131 -14.71 38.36 -6.11
C GLY G 131 -14.00 39.52 -6.76
N VAL G 132 -12.97 40.03 -6.09
CA VAL G 132 -12.21 41.13 -6.63
C VAL G 132 -10.71 40.88 -6.51
N ASP G 133 -10.06 40.66 -7.64
CA ASP G 133 -8.63 40.49 -7.63
C ASP G 133 -8.17 41.93 -7.64
N GLU G 134 -7.64 42.39 -8.78
CA GLU G 134 -7.23 43.78 -8.88
C GLU G 134 -8.38 44.53 -9.53
N VAL G 135 -9.34 43.76 -10.05
CA VAL G 135 -10.53 44.30 -10.70
C VAL G 135 -11.67 43.34 -10.34
N PRO G 136 -12.93 43.82 -10.35
CA PRO G 136 -14.01 42.88 -10.01
C PRO G 136 -14.08 41.75 -11.04
N LYS G 137 -14.48 40.55 -10.62
CA LYS G 137 -14.58 39.41 -11.55
C LYS G 137 -15.73 38.49 -11.26
N LEU G 138 -16.30 37.91 -12.32
CA LEU G 138 -17.44 37.03 -12.20
C LEU G 138 -17.31 35.84 -13.13
N TYR G 139 -17.38 34.64 -12.57
CA TYR G 139 -17.27 33.44 -13.36
C TYR G 139 -18.45 32.53 -13.05
N GLU G 140 -18.82 31.70 -14.02
CA GLU G 140 -19.92 30.77 -13.82
C GLU G 140 -19.39 29.42 -14.28
N THR G 141 -19.68 28.37 -13.52
CA THR G 141 -19.19 27.03 -13.83
C THR G 141 -20.29 26.09 -14.29
N ASP G 142 -19.89 25.05 -15.01
CA ASP G 142 -20.82 24.07 -15.53
C ASP G 142 -20.52 22.68 -15.01
N PRO G 143 -21.53 21.81 -14.98
CA PRO G 143 -21.32 20.45 -14.48
C PRO G 143 -20.15 19.72 -15.17
N SER G 144 -19.85 20.11 -16.40
CA SER G 144 -18.77 19.49 -17.16
C SER G 144 -17.39 19.98 -16.71
N GLY G 145 -17.37 21.14 -16.06
CA GLY G 145 -16.13 21.72 -15.61
C GLY G 145 -15.71 22.88 -16.49
N ALA G 146 -16.65 23.36 -17.31
CA ALA G 146 -16.38 24.47 -18.23
C ALA G 146 -16.46 25.78 -17.48
N LEU G 147 -15.54 26.68 -17.78
CA LEU G 147 -15.48 27.98 -17.11
C LEU G 147 -15.79 29.15 -18.07
N LEU G 148 -16.52 30.15 -17.57
CA LEU G 148 -16.86 31.32 -18.38
C LEU G 148 -16.89 32.60 -17.56
N GLU G 149 -16.26 33.65 -18.08
CA GLU G 149 -16.26 34.92 -17.36
C GLU G 149 -17.31 35.86 -17.92
N TYR G 150 -18.26 36.25 -17.09
CA TYR G 150 -19.34 37.13 -17.51
C TYR G 150 -19.23 38.54 -16.95
N LYS G 151 -19.94 39.47 -17.57
CA LYS G 151 -19.99 40.84 -17.09
C LYS G 151 -21.21 40.80 -16.18
N ALA G 152 -22.19 40.00 -16.57
CA ALA G 152 -23.43 39.83 -15.81
C ALA G 152 -24.12 38.57 -16.34
N THR G 153 -24.78 37.81 -15.45
CA THR G 153 -25.43 36.58 -15.87
C THR G 153 -26.23 35.96 -14.74
N ALA G 154 -26.74 34.77 -15.00
CA ALA G 154 -27.52 34.05 -14.00
C ALA G 154 -27.52 32.55 -14.27
N ILE G 155 -27.86 31.78 -13.27
CA ILE G 155 -27.93 30.33 -13.37
C ILE G 155 -29.22 29.96 -12.65
N GLY G 156 -29.75 28.78 -12.94
CA GLY G 156 -30.99 28.38 -12.31
C GLY G 156 -32.15 28.53 -13.28
N MET G 157 -33.35 28.17 -12.83
CA MET G 157 -34.51 28.23 -13.70
C MET G 157 -34.74 29.64 -14.27
N GLY G 158 -34.65 30.66 -13.43
CA GLY G 158 -34.88 32.01 -13.91
C GLY G 158 -33.78 32.50 -14.86
N ARG G 159 -32.86 31.62 -15.21
CA ARG G 159 -31.74 32.01 -16.08
C ARG G 159 -32.11 32.88 -17.26
N ASN G 160 -32.68 32.26 -18.29
CA ASN G 160 -33.08 32.94 -19.53
C ASN G 160 -33.75 34.31 -19.35
N ALA G 161 -34.71 34.39 -18.44
CA ALA G 161 -35.40 35.64 -18.19
C ALA G 161 -34.37 36.75 -17.95
N VAL G 162 -33.62 36.65 -16.86
CA VAL G 162 -32.64 37.66 -16.52
C VAL G 162 -31.54 37.78 -17.56
N THR G 163 -31.27 36.70 -18.28
CA THR G 163 -30.24 36.77 -19.31
C THR G 163 -30.70 37.73 -20.43
N GLU G 164 -31.92 37.50 -20.91
CA GLU G 164 -32.49 38.35 -21.96
C GLU G 164 -32.56 39.79 -21.48
N PHE G 165 -32.98 39.95 -20.23
CA PHE G 165 -33.08 41.28 -19.66
C PHE G 165 -31.73 41.98 -19.63
N PHE G 166 -30.73 41.37 -18.98
CA PHE G 166 -29.41 41.99 -18.93
C PHE G 166 -28.88 42.27 -20.32
N GLU G 167 -29.25 41.39 -21.26
CA GLU G 167 -28.83 41.51 -22.65
C GLU G 167 -29.21 42.89 -23.21
N LYS G 168 -30.26 43.48 -22.64
CA LYS G 168 -30.73 44.79 -23.08
C LYS G 168 -30.38 45.94 -22.13
N GLU G 169 -30.62 45.74 -20.84
CA GLU G 169 -30.35 46.77 -19.84
C GLU G 169 -28.93 46.94 -19.33
N TYR G 170 -28.20 45.85 -19.14
CA TYR G 170 -26.84 45.94 -18.63
C TYR G 170 -25.93 46.92 -19.40
N ARG G 171 -25.04 47.59 -18.68
CA ARG G 171 -24.13 48.56 -19.27
C ARG G 171 -22.79 48.55 -18.53
N ASP G 172 -21.70 48.61 -19.29
CA ASP G 172 -20.35 48.60 -18.71
C ASP G 172 -20.06 49.69 -17.68
N ASP G 173 -20.83 50.78 -17.74
CA ASP G 173 -20.62 51.89 -16.83
C ASP G 173 -21.62 52.03 -15.67
N LEU G 174 -22.45 51.01 -15.46
CA LEU G 174 -23.42 51.08 -14.36
C LEU G 174 -22.73 51.44 -13.06
N SER G 175 -23.44 52.11 -12.17
CA SER G 175 -22.86 52.46 -10.88
C SER G 175 -23.12 51.24 -10.01
N PHE G 176 -22.53 51.21 -8.81
CA PHE G 176 -22.74 50.08 -7.92
C PHE G 176 -24.21 49.88 -7.59
N ASP G 177 -24.87 50.95 -7.17
CA ASP G 177 -26.29 50.88 -6.82
C ASP G 177 -27.16 50.60 -8.04
N ASP G 178 -26.80 51.21 -9.18
CA ASP G 178 -27.54 51.00 -10.42
C ASP G 178 -27.44 49.52 -10.78
N ALA G 179 -26.20 49.05 -10.81
CA ALA G 179 -25.92 47.67 -11.14
C ALA G 179 -26.71 46.74 -10.24
N MET G 180 -26.71 47.02 -8.94
CA MET G 180 -27.46 46.17 -8.01
C MET G 180 -28.95 46.22 -8.28
N VAL G 181 -29.50 47.42 -8.46
CA VAL G 181 -30.93 47.55 -8.71
C VAL G 181 -31.32 46.81 -9.98
N LEU G 182 -30.47 46.92 -11.00
CA LEU G 182 -30.70 46.22 -12.26
C LEU G 182 -30.82 44.72 -12.00
N GLY G 183 -30.08 44.26 -10.99
CA GLY G 183 -30.09 42.86 -10.62
C GLY G 183 -31.37 42.46 -9.93
N LEU G 184 -31.81 43.25 -8.95
CA LEU G 184 -33.05 42.95 -8.22
C LEU G 184 -34.21 42.92 -9.21
N VAL G 185 -34.14 43.76 -10.24
CA VAL G 185 -35.18 43.82 -11.25
C VAL G 185 -35.18 42.51 -12.03
N ALA G 186 -34.01 42.13 -12.52
CA ALA G 186 -33.86 40.89 -13.26
C ALA G 186 -34.49 39.76 -12.43
N MET G 187 -34.21 39.74 -11.14
CA MET G 187 -34.77 38.74 -10.26
C MET G 187 -36.27 38.83 -10.34
N GLY G 188 -36.78 40.04 -10.15
CA GLY G 188 -38.21 40.28 -10.18
C GLY G 188 -38.90 39.69 -11.40
N LEU G 189 -38.40 40.04 -12.58
CA LEU G 189 -38.98 39.53 -13.82
C LEU G 189 -38.91 38.02 -13.76
N SER G 190 -37.78 37.52 -13.30
CA SER G 190 -37.53 36.09 -13.17
C SER G 190 -38.68 35.39 -12.44
N ILE G 191 -38.92 35.78 -11.19
CA ILE G 191 -39.99 35.17 -10.40
C ILE G 191 -41.36 35.69 -10.84
N GLU G 192 -41.37 36.53 -11.86
CA GLU G 192 -42.61 37.07 -12.41
C GLU G 192 -43.40 37.96 -11.42
N SER G 193 -42.71 38.86 -10.71
CA SER G 193 -43.40 39.73 -9.76
C SER G 193 -42.46 40.60 -8.95
N GLU G 194 -43.04 41.38 -8.03
CA GLU G 194 -42.26 42.26 -7.16
C GLU G 194 -41.56 41.40 -6.11
N LEU G 195 -40.38 41.84 -5.70
CA LEU G 195 -39.59 41.12 -4.71
C LEU G 195 -39.92 41.52 -3.30
N VAL G 196 -39.65 40.60 -2.36
CA VAL G 196 -39.87 40.83 -0.94
C VAL G 196 -38.46 40.79 -0.34
N PRO G 197 -37.99 41.92 0.20
CA PRO G 197 -36.65 41.93 0.79
C PRO G 197 -36.38 40.74 1.70
N GLU G 198 -37.42 40.32 2.42
CA GLU G 198 -37.33 39.21 3.36
C GLU G 198 -37.01 37.84 2.75
N ASN G 199 -37.05 37.71 1.44
CA ASN G 199 -36.76 36.42 0.84
C ASN G 199 -35.80 36.44 -0.36
N ILE G 200 -34.80 37.32 -0.29
CA ILE G 200 -33.76 37.41 -1.32
C ILE G 200 -32.48 37.73 -0.58
N GLU G 201 -31.37 37.18 -1.05
CA GLU G 201 -30.10 37.41 -0.39
C GLU G 201 -29.16 38.15 -1.34
N VAL G 202 -28.35 39.04 -0.78
CA VAL G 202 -27.43 39.79 -1.60
C VAL G 202 -26.07 39.86 -0.94
N GLY G 203 -25.03 39.58 -1.73
CA GLY G 203 -23.67 39.63 -1.23
C GLY G 203 -22.85 40.33 -2.28
N TYR G 204 -21.73 40.93 -1.89
CA TYR G 204 -20.90 41.64 -2.84
C TYR G 204 -19.45 41.81 -2.37
N VAL G 205 -18.63 42.37 -3.23
CA VAL G 205 -17.25 42.60 -2.90
C VAL G 205 -16.84 43.85 -3.67
N LYS G 206 -16.70 44.96 -2.96
CA LYS G 206 -16.33 46.21 -3.60
C LYS G 206 -14.84 46.32 -3.82
N VAL G 207 -14.46 46.85 -4.97
CA VAL G 207 -13.07 47.03 -5.35
C VAL G 207 -12.24 47.88 -4.37
N ASP G 208 -12.92 48.67 -3.55
CA ASP G 208 -12.22 49.52 -2.59
C ASP G 208 -11.60 48.73 -1.43
N ASP G 209 -12.43 47.98 -0.70
CA ASP G 209 -11.94 47.18 0.42
C ASP G 209 -12.10 45.68 0.22
N ARG G 210 -11.68 45.19 -0.95
CA ARG G 210 -11.77 43.78 -1.33
C ARG G 210 -12.24 42.78 -0.29
N THR G 211 -13.38 43.02 0.36
CA THR G 211 -13.85 42.08 1.35
C THR G 211 -15.32 41.79 1.19
N PHE G 212 -15.64 40.51 1.09
CA PHE G 212 -17.01 40.09 0.94
C PHE G 212 -17.88 40.53 2.11
N LYS G 213 -18.92 41.29 1.82
CA LYS G 213 -19.85 41.76 2.84
C LYS G 213 -21.21 41.34 2.27
N GLU G 214 -22.20 41.19 3.13
CA GLU G 214 -23.53 40.80 2.66
C GLU G 214 -24.54 41.90 3.04
N VAL G 215 -25.31 42.36 2.06
CA VAL G 215 -26.29 43.42 2.30
C VAL G 215 -27.31 43.03 3.36
N SER G 216 -27.39 43.82 4.42
CA SER G 216 -28.31 43.57 5.52
C SER G 216 -29.74 43.81 5.07
N PRO G 217 -30.71 43.12 5.70
CA PRO G 217 -32.11 43.27 5.33
C PRO G 217 -32.59 44.73 5.33
N GLU G 218 -32.03 45.54 6.23
CA GLU G 218 -32.39 46.94 6.32
C GLU G 218 -31.80 47.73 5.16
N GLU G 219 -30.54 47.46 4.85
CA GLU G 219 -29.89 48.15 3.75
C GLU G 219 -30.55 47.73 2.44
N LEU G 220 -31.29 46.62 2.49
CA LEU G 220 -31.98 46.10 1.31
C LEU G 220 -33.26 46.88 1.00
N LYS G 221 -34.05 47.14 2.03
CA LYS G 221 -35.31 47.87 1.90
C LYS G 221 -35.30 48.86 0.73
N PRO G 222 -34.46 49.90 0.82
CA PRO G 222 -34.41 50.89 -0.28
C PRO G 222 -34.19 50.31 -1.67
N TYR G 223 -33.22 49.40 -1.82
CA TYR G 223 -32.96 48.80 -3.13
C TYR G 223 -34.13 47.98 -3.67
N VAL G 224 -34.69 47.10 -2.83
CA VAL G 224 -35.82 46.28 -3.23
C VAL G 224 -36.95 47.20 -3.64
N GLU G 225 -37.18 48.23 -2.85
CA GLU G 225 -38.23 49.20 -3.10
C GLU G 225 -38.04 49.85 -4.47
N ARG G 226 -36.88 50.48 -4.67
CA ARG G 226 -36.58 51.14 -5.93
C ARG G 226 -36.60 50.19 -7.12
N ALA G 227 -36.45 48.89 -6.84
CA ALA G 227 -36.46 47.88 -7.89
C ALA G 227 -37.90 47.46 -8.19
N ASN G 228 -38.67 47.20 -7.13
CA ASN G 228 -40.07 46.82 -7.29
C ASN G 228 -40.75 47.87 -8.15
N GLU G 229 -40.22 49.07 -8.12
CA GLU G 229 -40.74 50.18 -8.89
C GLU G 229 -40.75 49.75 -10.35
N ARG G 230 -39.57 49.76 -10.96
CA ARG G 230 -39.39 49.38 -12.36
C ARG G 230 -39.93 47.99 -12.67
N ILE G 231 -40.10 47.15 -11.66
CA ILE G 231 -40.62 45.81 -11.88
C ILE G 231 -42.09 45.90 -12.27
N ARG G 232 -42.88 46.50 -11.39
CA ARG G 232 -44.32 46.67 -11.64
C ARG G 232 -44.48 47.29 -13.02
N GLU G 233 -43.75 48.38 -13.24
CA GLU G 233 -43.76 49.09 -14.52
C GLU G 233 -43.45 48.11 -15.65
N LEU G 234 -42.36 47.37 -15.50
CA LEU G 234 -41.93 46.41 -16.52
C LEU G 234 -42.88 45.25 -16.71
N LEU G 235 -43.65 44.91 -15.67
CA LEU G 235 -44.61 43.81 -15.78
C LEU G 235 -45.93 44.22 -16.45
N LYS G 236 -45.83 45.09 -17.44
CA LYS G 236 -47.02 45.54 -18.16
C LYS G 236 -47.42 44.55 -19.23
N LYS G 237 -46.49 44.25 -20.13
CA LYS G 237 -46.74 43.30 -21.21
C LYS G 237 -46.98 41.90 -20.64
N THR H 1 32.45 31.14 0.56
CA THR H 1 31.22 31.86 0.06
C THR H 1 30.81 33.08 0.86
N THR H 2 30.34 34.07 0.13
CA THR H 2 29.83 35.29 0.72
C THR H 2 28.95 35.97 -0.33
N THR H 3 27.75 36.34 0.09
CA THR H 3 26.79 37.00 -0.78
C THR H 3 26.09 38.10 0.03
N VAL H 4 25.79 39.20 -0.62
CA VAL H 4 25.12 40.30 0.05
C VAL H 4 23.88 40.70 -0.73
N GLY H 5 23.00 41.41 -0.05
CA GLY H 5 21.78 41.87 -0.65
C GLY H 5 21.33 43.11 0.08
N LEU H 6 21.00 44.16 -0.68
CA LEU H 6 20.53 45.38 -0.06
C LEU H 6 19.35 45.98 -0.79
N VAL H 7 18.36 46.42 -0.01
CA VAL H 7 17.16 47.04 -0.56
C VAL H 7 17.35 48.56 -0.58
N CYS H 8 17.46 49.11 -1.77
CA CYS H 8 17.67 50.53 -1.95
C CYS H 8 16.33 51.22 -2.12
N LYS H 9 16.36 52.54 -2.25
CA LYS H 9 15.14 53.31 -2.43
C LYS H 9 14.58 53.11 -3.84
N ASP H 10 15.47 52.79 -4.77
CA ASP H 10 15.09 52.59 -6.16
C ASP H 10 15.34 51.18 -6.68
N GLY H 11 15.23 50.17 -5.82
CA GLY H 11 15.47 48.83 -6.30
C GLY H 11 16.18 47.84 -5.38
N VAL H 12 16.77 46.82 -5.98
CA VAL H 12 17.45 45.78 -5.22
C VAL H 12 18.79 45.39 -5.84
N VAL H 13 19.77 45.15 -4.97
CA VAL H 13 21.11 44.75 -5.40
C VAL H 13 21.51 43.48 -4.64
N MET H 14 22.10 42.55 -5.37
CA MET H 14 22.56 41.28 -4.82
C MET H 14 23.87 40.93 -5.48
N ALA H 15 24.83 40.45 -4.69
CA ALA H 15 26.14 40.08 -5.22
C ALA H 15 26.74 38.89 -4.46
N THR H 16 27.65 38.18 -5.13
CA THR H 16 28.32 37.02 -4.54
C THR H 16 29.73 36.91 -5.15
N GLU H 17 30.59 36.08 -4.57
CA GLU H 17 31.89 35.91 -5.19
C GLU H 17 31.81 34.60 -5.95
N LYS H 18 32.94 34.11 -6.45
CA LYS H 18 32.92 32.91 -7.29
C LYS H 18 33.65 31.68 -6.77
N ARG H 19 33.99 31.65 -5.49
CA ARG H 19 34.74 30.51 -5.01
C ARG H 19 33.92 29.33 -4.48
N ALA H 20 34.38 28.12 -4.78
CA ALA H 20 33.75 26.89 -4.32
C ALA H 20 34.88 26.05 -3.74
N THR H 21 34.71 25.63 -2.49
CA THR H 21 35.74 24.86 -1.82
C THR H 21 35.28 23.53 -1.22
N MET H 22 36.26 22.67 -0.95
CA MET H 22 36.03 21.39 -0.31
C MET H 22 37.24 21.28 0.60
N GLY H 23 37.10 21.82 1.80
CA GLY H 23 38.20 21.84 2.74
C GLY H 23 38.99 23.06 2.35
N ASN H 24 40.28 22.87 2.10
CA ASN H 24 41.13 23.98 1.70
C ASN H 24 41.32 23.91 0.20
N PHE H 25 40.76 22.86 -0.40
CA PHE H 25 40.86 22.68 -1.84
C PHE H 25 39.95 23.63 -2.57
N ILE H 26 40.54 24.47 -3.41
CA ILE H 26 39.73 25.41 -4.16
C ILE H 26 39.26 24.62 -5.38
N ALA H 27 38.00 24.20 -5.35
CA ALA H 27 37.45 23.43 -6.45
C ALA H 27 37.06 24.30 -7.64
N SER H 28 36.64 25.53 -7.37
CA SER H 28 36.23 26.41 -8.46
C SER H 28 36.48 27.89 -8.20
N LYS H 29 36.95 28.58 -9.23
CA LYS H 29 37.23 30.01 -9.18
C LYS H 29 36.09 30.75 -9.87
N ALA H 30 35.13 30.02 -10.41
CA ALA H 30 34.03 30.68 -11.12
C ALA H 30 32.66 30.05 -10.91
N ALA H 31 32.39 29.61 -9.68
CA ALA H 31 31.10 29.02 -9.38
C ALA H 31 29.98 30.05 -9.51
N LYS H 32 28.84 29.61 -10.05
CA LYS H 32 27.69 30.50 -10.20
C LYS H 32 26.89 30.44 -8.89
N LYS H 33 26.62 31.60 -8.32
CA LYS H 33 25.89 31.62 -7.05
C LYS H 33 24.74 32.60 -7.07
N ILE H 34 24.39 33.07 -8.25
CA ILE H 34 23.29 34.02 -8.38
C ILE H 34 22.39 33.53 -9.52
N TYR H 35 21.10 33.36 -9.24
CA TYR H 35 20.13 32.84 -10.22
C TYR H 35 18.99 33.81 -10.42
N GLN H 36 18.41 33.79 -11.62
CA GLN H 36 17.27 34.65 -11.90
C GLN H 36 16.03 33.78 -11.82
N ILE H 37 15.08 34.19 -10.97
CA ILE H 37 13.86 33.44 -10.74
C ILE H 37 12.70 33.93 -11.59
N ALA H 38 12.52 35.24 -11.61
CA ALA H 38 11.49 35.89 -12.39
C ALA H 38 12.14 37.08 -13.06
N ASP H 39 11.35 37.90 -13.75
CA ASP H 39 11.94 39.04 -14.43
C ASP H 39 12.61 40.03 -13.49
N ARG H 40 11.98 40.27 -12.34
CA ARG H 40 12.53 41.19 -11.34
C ARG H 40 12.79 40.50 -9.99
N MET H 41 13.31 39.27 -10.06
CA MET H 41 13.61 38.47 -8.87
C MET H 41 14.88 37.66 -9.06
N ALA H 42 15.76 37.71 -8.07
CA ALA H 42 17.00 36.96 -8.15
C ALA H 42 17.16 36.15 -6.88
N MET H 43 18.13 35.24 -6.89
CA MET H 43 18.40 34.40 -5.73
C MET H 43 19.89 34.09 -5.64
N THR H 44 20.45 34.18 -4.44
CA THR H 44 21.87 33.86 -4.24
C THR H 44 21.85 32.60 -3.39
N THR H 45 22.82 31.73 -3.63
CA THR H 45 22.92 30.46 -2.92
C THR H 45 24.23 30.24 -2.19
N ALA H 46 24.13 29.99 -0.89
CA ALA H 46 25.31 29.70 -0.07
C ALA H 46 25.07 28.32 0.53
N GLY H 47 26.11 27.53 0.63
CA GLY H 47 25.93 26.21 1.22
C GLY H 47 26.42 25.08 0.35
N SER H 48 25.75 23.94 0.46
CA SER H 48 26.13 22.80 -0.31
C SER H 48 25.87 23.06 -1.78
N VAL H 49 26.92 22.91 -2.59
CA VAL H 49 26.76 23.13 -4.02
C VAL H 49 25.61 22.27 -4.58
N GLY H 50 25.72 20.95 -4.45
CA GLY H 50 24.69 20.06 -4.94
C GLY H 50 23.31 20.38 -4.39
N ASP H 51 23.21 20.71 -3.12
CA ASP H 51 21.90 21.00 -2.56
C ASP H 51 21.32 22.29 -3.14
N ALA H 52 22.16 23.33 -3.20
CA ALA H 52 21.74 24.62 -3.73
C ALA H 52 21.32 24.50 -5.18
N GLN H 53 22.18 23.88 -5.98
CA GLN H 53 21.89 23.67 -7.39
C GLN H 53 20.57 22.92 -7.56
N PHE H 54 20.37 21.87 -6.77
CA PHE H 54 19.15 21.10 -6.86
C PHE H 54 17.94 21.98 -6.55
N LEU H 55 18.01 22.70 -5.45
CA LEU H 55 16.92 23.57 -5.05
C LEU H 55 16.64 24.68 -6.06
N ALA H 56 17.72 25.25 -6.62
CA ALA H 56 17.60 26.32 -7.61
C ALA H 56 16.73 25.85 -8.79
N ARG H 57 17.00 24.66 -9.31
CA ARG H 57 16.19 24.15 -10.41
C ARG H 57 14.72 24.09 -10.00
N ILE H 58 14.43 23.52 -8.84
CA ILE H 58 13.06 23.41 -8.38
C ILE H 58 12.44 24.81 -8.30
N ILE H 59 13.16 25.75 -7.68
CA ILE H 59 12.63 27.10 -7.53
C ILE H 59 12.24 27.70 -8.88
N LYS H 60 13.18 27.69 -9.82
CA LYS H 60 12.91 28.25 -11.15
C LYS H 60 11.67 27.63 -11.79
N ILE H 61 11.72 26.32 -12.00
CA ILE H 61 10.62 25.58 -12.60
C ILE H 61 9.28 25.95 -11.99
N GLU H 62 9.21 26.01 -10.67
CA GLU H 62 7.95 26.35 -10.01
C GLU H 62 7.55 27.80 -10.20
N ALA H 63 8.51 28.70 -10.30
CA ALA H 63 8.17 30.10 -10.50
C ALA H 63 7.57 30.19 -11.89
N ASN H 64 8.24 29.56 -12.86
CA ASN H 64 7.78 29.56 -14.24
C ASN H 64 6.35 29.08 -14.33
N LEU H 65 6.17 27.82 -14.00
CA LEU H 65 4.88 27.18 -14.05
C LEU H 65 3.81 28.04 -13.37
N TYR H 66 4.17 28.69 -12.28
CA TYR H 66 3.21 29.53 -11.57
C TYR H 66 2.66 30.58 -12.54
N GLU H 67 3.58 31.34 -13.15
CA GLU H 67 3.21 32.37 -14.09
C GLU H 67 2.47 31.83 -15.31
N ILE H 68 3.07 30.87 -16.00
CA ILE H 68 2.45 30.27 -17.18
C ILE H 68 1.01 29.87 -16.86
N ARG H 69 0.77 29.31 -15.68
CA ARG H 69 -0.57 28.87 -15.32
C ARG H 69 -1.53 29.95 -14.89
N ARG H 70 -1.06 30.86 -14.05
CA ARG H 70 -1.95 31.92 -13.55
C ARG H 70 -1.80 33.23 -14.28
N GLU H 71 -0.95 33.24 -15.30
CA GLU H 71 -0.73 34.44 -16.08
C GLU H 71 -0.38 35.66 -15.22
N ARG H 72 0.18 35.41 -14.05
CA ARG H 72 0.62 36.47 -13.15
C ARG H 72 2.00 36.04 -12.73
N LYS H 73 2.87 37.01 -12.46
CA LYS H 73 4.21 36.66 -12.01
C LYS H 73 4.08 36.41 -10.52
N PRO H 74 4.85 35.45 -10.00
CA PRO H 74 4.76 35.17 -8.56
C PRO H 74 5.48 36.26 -7.77
N THR H 75 4.93 36.64 -6.64
CA THR H 75 5.54 37.65 -5.79
C THR H 75 6.72 37.00 -5.06
N VAL H 76 7.70 37.80 -4.61
CA VAL H 76 8.82 37.21 -3.87
C VAL H 76 8.27 36.50 -2.64
N ARG H 77 7.23 37.08 -2.03
CA ARG H 77 6.63 36.47 -0.87
C ARG H 77 6.18 35.04 -1.18
N ALA H 78 5.55 34.87 -2.33
CA ALA H 78 5.06 33.55 -2.75
C ALA H 78 6.21 32.56 -2.90
N ILE H 79 7.26 32.97 -3.60
CA ILE H 79 8.38 32.08 -3.80
C ILE H 79 9.07 31.78 -2.49
N ALA H 80 9.17 32.79 -1.63
CA ALA H 80 9.81 32.64 -0.33
C ALA H 80 9.04 31.67 0.56
N THR H 81 7.71 31.76 0.52
CA THR H 81 6.82 30.90 1.30
C THR H 81 6.93 29.49 0.76
N LEU H 82 6.91 29.40 -0.57
CA LEU H 82 7.01 28.14 -1.26
C LEU H 82 8.29 27.42 -0.80
N THR H 83 9.42 28.10 -0.95
CA THR H 83 10.73 27.58 -0.58
C THR H 83 10.85 27.26 0.91
N SER H 84 10.24 28.08 1.76
CA SER H 84 10.28 27.82 3.18
C SER H 84 9.68 26.45 3.47
N ASN H 85 8.46 26.27 3.00
CA ASN H 85 7.73 25.03 3.20
C ASN H 85 8.52 23.82 2.72
N LEU H 86 9.15 23.96 1.55
CA LEU H 86 9.90 22.85 1.02
C LEU H 86 11.07 22.53 1.94
N LEU H 87 11.81 23.57 2.32
CA LEU H 87 12.95 23.42 3.21
C LEU H 87 12.54 22.79 4.53
N ASN H 88 11.51 23.32 5.14
CA ASN H 88 11.09 22.80 6.43
C ASN H 88 10.57 21.37 6.39
N SER H 89 9.94 20.99 5.29
CA SER H 89 9.41 19.64 5.18
C SER H 89 10.57 18.66 5.37
N TYR H 90 11.76 19.03 4.93
CA TYR H 90 12.94 18.17 5.06
C TYR H 90 13.75 18.50 6.32
N ARG H 91 13.10 19.10 7.30
CA ARG H 91 13.81 19.50 8.51
C ARG H 91 14.62 18.43 9.24
N TYR H 92 14.35 17.15 9.01
CA TYR H 92 15.15 16.18 9.75
C TYR H 92 16.36 15.66 9.03
N PHE H 93 16.56 16.14 7.82
CA PHE H 93 17.71 15.79 6.97
C PHE H 93 17.71 16.95 5.99
N PRO H 94 17.77 18.19 6.51
CA PRO H 94 17.77 19.43 5.73
C PRO H 94 18.79 19.61 4.64
N TYR H 95 18.40 20.42 3.66
CA TYR H 95 19.29 20.75 2.57
C TYR H 95 20.21 21.83 3.15
N LEU H 96 21.50 21.56 3.24
CA LEU H 96 22.45 22.51 3.79
C LEU H 96 22.65 23.70 2.86
N VAL H 97 21.74 24.65 2.97
CA VAL H 97 21.78 25.80 2.10
C VAL H 97 21.23 27.06 2.78
N GLN H 98 21.79 28.22 2.44
CA GLN H 98 21.34 29.52 2.95
C GLN H 98 20.90 30.29 1.71
N LEU H 99 19.61 30.60 1.61
CA LEU H 99 19.17 31.29 0.43
C LEU H 99 18.78 32.72 0.66
N LEU H 100 18.92 33.49 -0.42
CA LEU H 100 18.58 34.89 -0.48
C LEU H 100 17.70 35.00 -1.70
N ILE H 101 16.42 35.32 -1.50
CA ILE H 101 15.49 35.46 -2.63
C ILE H 101 14.85 36.84 -2.57
N GLY H 102 15.09 37.66 -3.59
CA GLY H 102 14.53 38.99 -3.57
C GLY H 102 14.40 39.64 -4.93
N GLY H 103 13.79 40.83 -4.95
CA GLY H 103 13.59 41.55 -6.18
C GLY H 103 12.45 42.55 -6.00
N ILE H 104 11.77 42.89 -7.10
CA ILE H 104 10.67 43.86 -7.04
C ILE H 104 9.38 43.20 -7.53
N ASP H 105 8.27 43.49 -6.86
CA ASP H 105 7.00 42.91 -7.25
C ASP H 105 5.85 43.82 -6.86
N SER H 106 4.63 43.42 -7.21
CA SER H 106 3.47 44.24 -6.90
C SER H 106 3.43 44.73 -5.45
N GLU H 107 4.07 44.01 -4.55
CA GLU H 107 4.08 44.38 -3.13
C GLU H 107 5.14 45.40 -2.76
N GLY H 108 6.15 45.53 -3.64
CA GLY H 108 7.24 46.47 -3.40
C GLY H 108 8.59 45.86 -3.66
N LYS H 109 9.55 46.22 -2.83
CA LYS H 109 10.91 45.70 -2.93
C LYS H 109 11.20 44.95 -1.64
N SER H 110 11.88 43.80 -1.75
CA SER H 110 12.21 43.02 -0.56
C SER H 110 13.21 41.92 -0.84
N ILE H 111 13.80 41.41 0.23
CA ILE H 111 14.76 40.32 0.15
C ILE H 111 14.49 39.36 1.29
N TYR H 112 14.58 38.07 1.02
CA TYR H 112 14.36 37.09 2.08
C TYR H 112 15.59 36.22 2.26
N SER H 113 16.00 36.05 3.51
CA SER H 113 17.12 35.19 3.82
C SER H 113 16.48 33.90 4.37
N ILE H 114 16.77 32.76 3.75
CA ILE H 114 16.14 31.53 4.19
C ILE H 114 17.18 30.51 4.55
N ASP H 115 16.96 29.83 5.69
CA ASP H 115 17.90 28.80 6.17
C ASP H 115 17.44 27.38 5.88
N PRO H 116 18.31 26.41 6.15
CA PRO H 116 18.02 24.99 5.93
C PRO H 116 16.66 24.53 6.40
N ILE H 117 16.20 25.07 7.51
CA ILE H 117 14.92 24.65 8.08
C ILE H 117 13.72 25.47 7.59
N GLY H 118 13.97 26.32 6.60
CA GLY H 118 12.88 27.13 6.09
C GLY H 118 12.51 28.32 6.98
N GLY H 119 13.49 28.86 7.68
CA GLY H 119 13.25 30.01 8.53
C GLY H 119 13.60 31.21 7.68
N ALA H 120 12.58 32.01 7.35
CA ALA H 120 12.79 33.15 6.47
C ALA H 120 12.70 34.49 7.14
N ILE H 121 13.77 35.27 7.04
CA ILE H 121 13.78 36.62 7.61
C ILE H 121 13.61 37.61 6.47
N GLU H 122 12.70 38.55 6.65
CA GLU H 122 12.47 39.53 5.61
C GLU H 122 13.44 40.70 5.78
N GLU H 123 14.43 40.74 4.91
CA GLU H 123 15.44 41.78 4.93
C GLU H 123 14.92 43.13 4.43
N LYS H 124 14.76 44.08 5.35
CA LYS H 124 14.28 45.40 4.98
C LYS H 124 15.38 46.38 4.59
N ASP H 125 16.63 45.92 4.52
CA ASP H 125 17.72 46.79 4.13
C ASP H 125 19.05 46.12 3.76
N ILE H 126 19.69 45.50 4.74
CA ILE H 126 20.98 44.86 4.56
C ILE H 126 20.99 43.37 4.92
N VAL H 127 21.83 42.60 4.24
CA VAL H 127 21.94 41.17 4.51
C VAL H 127 23.16 40.54 3.83
N ALA H 128 23.82 39.64 4.53
CA ALA H 128 24.99 38.96 3.99
C ALA H 128 24.79 37.48 4.30
N THR H 129 25.45 36.63 3.51
CA THR H 129 25.28 35.21 3.64
C THR H 129 26.57 34.49 3.32
N GLY H 130 26.76 33.30 3.90
CA GLY H 130 27.98 32.55 3.65
C GLY H 130 29.12 32.73 4.65
N SER H 131 30.16 31.94 4.47
CA SER H 131 31.32 31.96 5.36
C SER H 131 31.95 33.33 5.55
N GLY H 132 31.69 34.25 4.61
CA GLY H 132 32.26 35.57 4.72
C GLY H 132 31.28 36.62 5.21
N SER H 133 30.00 36.26 5.28
CA SER H 133 28.99 37.21 5.72
C SER H 133 29.35 38.13 6.88
N LEU H 134 29.96 37.61 7.94
CA LEU H 134 30.31 38.43 9.11
C LEU H 134 31.26 39.58 8.83
N THR H 135 32.18 39.39 7.90
CA THR H 135 33.11 40.45 7.53
C THR H 135 32.36 41.43 6.64
N ALA H 136 31.59 40.88 5.70
CA ALA H 136 30.80 41.69 4.79
C ALA H 136 29.85 42.56 5.60
N TYR H 137 29.23 41.99 6.61
CA TYR H 137 28.31 42.75 7.46
C TYR H 137 28.98 43.98 8.05
N GLY H 138 30.29 43.88 8.23
CA GLY H 138 31.08 44.97 8.78
C GLY H 138 30.92 46.24 7.97
N VAL H 139 31.34 46.19 6.71
CA VAL H 139 31.21 47.37 5.87
C VAL H 139 29.75 47.72 5.58
N LEU H 140 28.90 46.73 5.29
CA LEU H 140 27.49 46.99 5.00
C LEU H 140 26.84 47.80 6.09
N GLU H 141 27.06 47.40 7.35
CA GLU H 141 26.43 48.13 8.44
C GLU H 141 27.10 49.47 8.69
N ASP H 142 28.27 49.66 8.08
CA ASP H 142 29.03 50.90 8.25
C ASP H 142 28.59 51.99 7.28
N ARG H 143 28.56 51.65 5.99
CA ARG H 143 28.22 52.58 4.92
C ARG H 143 26.78 52.59 4.41
N PHE H 144 25.92 51.72 4.90
CA PHE H 144 24.55 51.71 4.40
C PHE H 144 23.65 52.76 5.01
N THR H 145 22.74 53.27 4.17
CA THR H 145 21.73 54.26 4.54
C THR H 145 20.51 53.91 3.70
N PRO H 146 19.31 53.99 4.30
CA PRO H 146 18.10 53.66 3.53
C PRO H 146 17.92 54.41 2.21
N GLU H 147 18.47 55.62 2.12
CA GLU H 147 18.35 56.43 0.89
C GLU H 147 19.35 55.99 -0.18
N ILE H 148 20.23 55.06 0.14
CA ILE H 148 21.20 54.63 -0.86
C ILE H 148 20.47 54.22 -2.14
N GLY H 149 21.10 54.51 -3.27
CA GLY H 149 20.50 54.16 -4.55
C GLY H 149 21.20 52.95 -5.14
N VAL H 150 20.46 52.13 -5.87
CA VAL H 150 21.01 50.93 -6.45
C VAL H 150 22.39 51.10 -7.08
N ASP H 151 22.63 52.25 -7.70
CA ASP H 151 23.91 52.47 -8.37
C ASP H 151 25.11 52.52 -7.45
N GLU H 152 24.93 53.11 -6.27
CA GLU H 152 26.04 53.17 -5.33
C GLU H 152 25.98 51.92 -4.47
N ALA H 153 24.80 51.29 -4.44
CA ALA H 153 24.60 50.07 -3.68
C ALA H 153 25.41 48.95 -4.30
N VAL H 154 25.57 48.94 -5.62
CA VAL H 154 26.35 47.88 -6.24
C VAL H 154 27.81 48.12 -5.88
N GLU H 155 28.19 49.39 -5.72
CA GLU H 155 29.56 49.69 -5.34
C GLU H 155 29.75 49.15 -3.92
N LEU H 156 28.83 49.51 -3.03
CA LEU H 156 28.84 49.06 -1.66
C LEU H 156 28.96 47.55 -1.58
N ALA H 157 28.16 46.85 -2.39
CA ALA H 157 28.18 45.39 -2.41
C ALA H 157 29.56 44.87 -2.76
N VAL H 158 30.13 45.37 -3.84
CA VAL H 158 31.45 44.91 -4.24
C VAL H 158 32.44 45.20 -3.11
N ARG H 159 32.24 46.34 -2.46
CA ARG H 159 33.08 46.79 -1.37
C ARG H 159 33.10 45.76 -0.23
N ALA H 160 31.90 45.37 0.20
CA ALA H 160 31.74 44.39 1.28
C ALA H 160 32.31 43.02 0.94
N ILE H 161 31.96 42.50 -0.22
CA ILE H 161 32.46 41.20 -0.61
C ILE H 161 33.96 41.24 -0.81
N TYR H 162 34.50 42.42 -1.09
CA TYR H 162 35.93 42.55 -1.29
C TYR H 162 36.65 42.41 0.08
N SER H 163 36.06 43.00 1.12
CA SER H 163 36.63 42.94 2.45
C SER H 163 36.61 41.49 2.92
N ALA H 164 35.47 40.85 2.71
CA ALA H 164 35.29 39.48 3.11
C ALA H 164 36.31 38.54 2.48
N MET H 165 36.67 38.79 1.23
CA MET H 165 37.63 37.93 0.55
C MET H 165 39.00 38.01 1.19
N LYS H 166 39.20 39.07 1.96
CA LYS H 166 40.46 39.32 2.64
C LYS H 166 40.64 38.57 3.94
N ARG H 167 39.55 38.06 4.51
CA ARG H 167 39.64 37.36 5.78
C ARG H 167 38.96 35.98 5.77
N ASP H 168 38.28 35.66 4.66
CA ASP H 168 37.60 34.36 4.54
C ASP H 168 38.26 33.60 3.39
N SER H 169 39.13 32.63 3.70
CA SER H 169 39.80 31.90 2.64
C SER H 169 38.83 31.11 1.76
N ALA H 170 37.61 30.95 2.24
CA ALA H 170 36.61 30.21 1.47
C ALA H 170 35.93 31.11 0.44
N SER H 171 36.23 32.40 0.48
CA SER H 171 35.63 33.35 -0.45
C SER H 171 36.67 33.83 -1.44
N GLY H 172 36.24 34.54 -2.49
CA GLY H 172 37.19 35.06 -3.45
C GLY H 172 37.04 34.69 -4.92
N ASP H 173 38.12 34.98 -5.66
CA ASP H 173 38.22 34.69 -7.09
C ASP H 173 37.49 35.61 -8.06
N GLY H 174 36.57 36.43 -7.56
CA GLY H 174 35.85 37.36 -8.42
C GLY H 174 34.49 37.69 -7.82
N ILE H 175 33.69 38.50 -8.49
CA ILE H 175 32.37 38.82 -7.94
C ILE H 175 31.29 39.19 -8.96
N ASP H 176 30.12 38.57 -8.80
CA ASP H 176 28.97 38.84 -9.67
C ASP H 176 28.11 39.80 -8.91
N VAL H 177 27.46 40.68 -9.64
CA VAL H 177 26.56 41.67 -9.04
C VAL H 177 25.35 41.75 -9.92
N VAL H 178 24.21 42.05 -9.32
CA VAL H 178 22.98 42.15 -10.07
C VAL H 178 22.13 43.29 -9.52
N LYS H 179 21.66 44.12 -10.44
CA LYS H 179 20.84 45.26 -10.10
C LYS H 179 19.43 44.91 -10.56
N ILE H 180 18.44 45.19 -9.72
CA ILE H 180 17.05 44.93 -10.10
C ILE H 180 16.31 46.23 -9.85
N THR H 181 16.21 47.01 -10.91
CA THR H 181 15.60 48.35 -10.86
C THR H 181 14.10 48.43 -11.11
N GLU H 182 13.63 47.80 -12.19
CA GLU H 182 12.23 47.82 -12.59
C GLU H 182 12.25 47.96 -14.10
N ASP H 183 13.02 48.93 -14.56
CA ASP H 183 13.16 49.14 -15.98
C ASP H 183 14.15 48.07 -16.42
N GLU H 184 14.71 47.35 -15.45
CA GLU H 184 15.72 46.37 -15.79
C GLU H 184 16.12 45.37 -14.68
N PHE H 185 16.79 44.31 -15.12
CA PHE H 185 17.35 43.26 -14.27
C PHE H 185 18.72 43.16 -14.92
N TYR H 186 19.68 43.90 -14.39
CA TYR H 186 21.02 43.93 -14.97
C TYR H 186 22.10 43.14 -14.26
N GLN H 187 22.97 42.51 -15.05
CA GLN H 187 24.10 41.74 -14.53
C GLN H 187 25.39 42.31 -15.10
N TYR H 188 26.15 42.97 -14.24
CA TYR H 188 27.38 43.66 -14.59
C TYR H 188 28.54 43.11 -15.42
N SER H 189 28.66 41.81 -15.61
CA SER H 189 29.79 41.35 -16.43
C SER H 189 31.14 41.67 -15.77
N PRO H 190 32.10 40.74 -15.86
CA PRO H 190 33.44 40.90 -15.28
C PRO H 190 34.07 42.29 -15.45
N GLU H 191 34.07 42.77 -16.69
CA GLU H 191 34.65 44.07 -17.04
C GLU H 191 34.15 45.18 -16.13
N GLU H 192 32.83 45.32 -16.06
CA GLU H 192 32.23 46.35 -15.24
C GLU H 192 32.52 46.23 -13.76
N VAL H 193 32.58 45.01 -13.26
CA VAL H 193 32.85 44.81 -11.85
C VAL H 193 34.32 45.12 -11.62
N GLU H 194 35.17 44.56 -12.48
CA GLU H 194 36.61 44.75 -12.38
C GLU H 194 36.95 46.24 -12.34
N GLN H 195 36.11 47.04 -12.96
CA GLN H 195 36.32 48.48 -13.01
C GLN H 195 35.72 49.18 -11.79
N ILE H 196 34.79 48.52 -11.11
CA ILE H 196 34.15 49.10 -9.93
C ILE H 196 35.02 48.87 -8.70
N LEU H 197 35.68 47.72 -8.65
CA LEU H 197 36.53 47.44 -7.51
C LEU H 197 37.89 48.04 -7.80
N ALA H 198 38.05 48.59 -8.99
CA ALA H 198 39.30 49.21 -9.38
C ALA H 198 39.48 50.49 -8.57
N LYS H 199 38.36 51.07 -8.14
CA LYS H 199 38.38 52.29 -7.34
C LYS H 199 38.68 51.95 -5.88
N PHE H 200 39.14 50.73 -5.64
CA PHE H 200 39.46 50.27 -4.30
C PHE H 200 40.94 49.90 -4.17
N ARG H 201 41.32 48.71 -4.65
CA ARG H 201 42.72 48.30 -4.57
C ARG H 201 43.09 47.18 -5.55
N LYS H 202 42.09 46.54 -6.16
CA LYS H 202 42.34 45.47 -7.11
C LYS H 202 41.28 45.46 -8.21
N THR I 1 43.78 6.80 -7.73
CA THR I 1 43.02 7.46 -8.83
C THR I 1 43.36 8.93 -9.02
N THR I 2 43.44 9.33 -10.28
CA THR I 2 43.69 10.68 -10.71
C THR I 2 43.26 10.79 -12.18
N THR I 3 42.36 11.75 -12.44
CA THR I 3 41.85 11.97 -13.77
C THR I 3 41.88 13.46 -14.01
N VAL I 4 42.18 13.85 -15.25
CA VAL I 4 42.20 15.26 -15.59
C VAL I 4 41.31 15.51 -16.79
N GLY I 5 40.94 16.78 -16.96
CA GLY I 5 40.13 17.17 -18.08
C GLY I 5 40.43 18.61 -18.43
N LEU I 6 40.66 18.89 -19.72
CA LEU I 6 40.91 20.27 -20.15
C LEU I 6 40.16 20.64 -21.41
N VAL I 7 39.60 21.85 -21.41
CA VAL I 7 38.86 22.34 -22.56
C VAL I 7 39.82 23.21 -23.37
N CYS I 8 40.14 22.72 -24.56
CA CYS I 8 41.03 23.41 -25.46
C CYS I 8 40.26 24.31 -26.43
N LYS I 9 40.97 25.07 -27.23
CA LYS I 9 40.32 25.95 -28.20
C LYS I 9 39.64 25.09 -29.28
N ASP I 10 40.22 23.93 -29.58
CA ASP I 10 39.72 23.03 -30.60
C ASP I 10 39.17 21.67 -30.13
N GLY I 11 38.58 21.63 -28.93
CA GLY I 11 38.06 20.36 -28.43
C GLY I 11 38.21 20.11 -26.95
N VAL I 12 38.14 18.84 -26.58
CA VAL I 12 38.23 18.45 -25.18
C VAL I 12 39.15 17.24 -24.97
N VAL I 13 39.91 17.27 -23.88
CA VAL I 13 40.81 16.18 -23.56
C VAL I 13 40.51 15.66 -22.16
N MET I 14 40.53 14.34 -21.99
CA MET I 14 40.29 13.73 -20.69
C MET I 14 41.21 12.54 -20.55
N ALA I 15 41.77 12.36 -19.36
CA ALA I 15 42.67 11.23 -19.14
C ALA I 15 42.60 10.72 -17.70
N THR I 16 43.06 9.49 -17.50
CA THR I 16 43.05 8.88 -16.18
C THR I 16 44.16 7.81 -16.12
N GLU I 17 44.52 7.36 -14.94
CA GLU I 17 45.50 6.30 -14.88
C GLU I 17 44.72 4.99 -14.69
N LYS I 18 45.41 3.88 -14.46
CA LYS I 18 44.76 2.58 -14.37
C LYS I 18 44.81 1.85 -13.04
N ARG I 19 45.06 2.56 -11.95
CA ARG I 19 45.16 1.86 -10.68
C ARG I 19 43.88 1.81 -9.87
N ALA I 20 43.65 0.66 -9.22
CA ALA I 20 42.50 0.43 -8.37
C ALA I 20 43.07 -0.15 -7.09
N THR I 21 42.75 0.48 -5.97
CA THR I 21 43.28 0.02 -4.68
C THR I 21 42.22 -0.23 -3.62
N MET I 22 42.62 -0.96 -2.59
CA MET I 22 41.77 -1.25 -1.45
C MET I 22 42.78 -1.21 -0.33
N GLY I 23 42.97 -0.03 0.25
CA GLY I 23 43.97 0.14 1.27
C GLY I 23 45.27 0.35 0.52
N ASN I 24 46.27 -0.45 0.83
CA ASN I 24 47.54 -0.36 0.13
C ASN I 24 47.59 -1.47 -0.88
N PHE I 25 46.59 -2.33 -0.87
CA PHE I 25 46.52 -3.45 -1.81
C PHE I 25 46.21 -2.94 -3.20
N ILE I 26 47.09 -3.23 -4.15
CA ILE I 26 46.85 -2.80 -5.51
C ILE I 26 46.00 -3.92 -6.12
N ALA I 27 44.71 -3.64 -6.27
CA ALA I 27 43.77 -4.63 -6.81
C ALA I 27 43.81 -4.71 -8.32
N SER I 28 44.15 -3.60 -8.97
CA SER I 28 44.19 -3.59 -10.42
C SER I 28 45.16 -2.60 -11.03
N LYS I 29 45.86 -3.07 -12.05
CA LYS I 29 46.84 -2.26 -12.77
C LYS I 29 46.23 -1.78 -14.07
N ALA I 30 45.01 -2.23 -14.37
CA ALA I 30 44.37 -1.82 -15.62
C ALA I 30 42.88 -1.48 -15.52
N ALA I 31 42.47 -0.85 -14.42
CA ALA I 31 41.08 -0.50 -14.26
C ALA I 31 40.66 0.52 -15.30
N LYS I 32 39.43 0.39 -15.80
CA LYS I 32 38.89 1.33 -16.78
C LYS I 32 38.23 2.47 -16.01
N LYS I 33 38.59 3.70 -16.34
CA LYS I 33 38.04 4.84 -15.64
C LYS I 33 37.57 5.92 -16.59
N ILE I 34 37.50 5.58 -17.86
CA ILE I 34 37.06 6.54 -18.86
C ILE I 34 35.96 5.84 -19.70
N TYR I 35 34.77 6.44 -19.76
CA TYR I 35 33.63 5.87 -20.51
C TYR I 35 33.12 6.80 -21.62
N GLN I 36 32.58 6.21 -22.67
CA GLN I 36 32.04 7.02 -23.74
C GLN I 36 30.53 7.10 -23.54
N ILE I 37 30.00 8.31 -23.44
CA ILE I 37 28.57 8.51 -23.22
C ILE I 37 27.80 8.69 -24.52
N ALA I 38 28.30 9.60 -25.35
CA ALA I 38 27.72 9.89 -26.65
C ALA I 38 28.88 9.91 -27.66
N ASP I 39 28.61 10.29 -28.90
CA ASP I 39 29.66 10.33 -29.88
C ASP I 39 30.78 11.29 -29.55
N ARG I 40 30.41 12.46 -29.01
CA ARG I 40 31.40 13.47 -28.64
C ARG I 40 31.32 13.81 -27.15
N MET I 41 31.09 12.79 -26.34
CA MET I 41 30.99 12.96 -24.88
C MET I 41 31.64 11.81 -24.12
N ALA I 42 32.51 12.16 -23.17
CA ALA I 42 33.15 11.13 -22.36
C ALA I 42 32.91 11.41 -20.86
N MET I 43 33.27 10.43 -20.04
CA MET I 43 33.11 10.54 -18.59
C MET I 43 34.25 9.80 -17.87
N THR I 44 34.86 10.44 -16.88
CA THR I 44 35.91 9.77 -16.11
C THR I 44 35.29 9.56 -14.76
N THR I 45 35.66 8.46 -14.11
CA THR I 45 35.12 8.11 -12.81
C THR I 45 36.17 7.92 -11.74
N ALA I 46 36.00 8.66 -10.64
CA ALA I 46 36.87 8.53 -9.47
C ALA I 46 35.97 8.17 -8.29
N GLY I 47 36.46 7.33 -7.39
CA GLY I 47 35.68 6.95 -6.23
C GLY I 47 35.48 5.45 -6.05
N SER I 48 34.33 5.09 -5.52
CA SER I 48 34.01 3.68 -5.31
C SER I 48 33.88 2.96 -6.65
N VAL I 49 34.67 1.91 -6.86
CA VAL I 49 34.61 1.18 -8.11
C VAL I 49 33.17 0.74 -8.40
N GLY I 50 32.59 -0.01 -7.46
CA GLY I 50 31.22 -0.48 -7.64
C GLY I 50 30.24 0.64 -7.91
N ASP I 51 30.30 1.70 -7.12
CA ASP I 51 29.37 2.80 -7.32
C ASP I 51 29.55 3.44 -8.70
N ALA I 52 30.81 3.72 -9.07
CA ALA I 52 31.11 4.34 -10.36
C ALA I 52 30.62 3.46 -11.51
N GLN I 53 30.99 2.19 -11.49
CA GLN I 53 30.57 1.26 -12.53
C GLN I 53 29.05 1.22 -12.68
N PHE I 54 28.34 1.19 -11.55
CA PHE I 54 26.88 1.15 -11.57
C PHE I 54 26.35 2.41 -12.22
N LEU I 55 26.79 3.56 -11.73
CA LEU I 55 26.34 4.82 -12.27
C LEU I 55 26.68 4.95 -13.76
N ALA I 56 27.85 4.46 -14.14
CA ALA I 56 28.27 4.52 -15.53
C ALA I 56 27.21 3.86 -16.43
N ARG I 57 26.82 2.64 -16.07
CA ARG I 57 25.81 1.95 -16.84
C ARG I 57 24.53 2.82 -16.96
N ILE I 58 24.00 3.25 -15.83
CA ILE I 58 22.80 4.08 -15.87
C ILE I 58 23.00 5.25 -16.82
N ILE I 59 24.10 6.00 -16.65
CA ILE I 59 24.37 7.15 -17.50
C ILE I 59 24.32 6.80 -19.01
N LYS I 60 25.08 5.80 -19.42
CA LYS I 60 25.07 5.41 -20.82
C LYS I 60 23.65 5.10 -21.28
N ILE I 61 23.03 4.10 -20.67
CA ILE I 61 21.66 3.71 -21.03
C ILE I 61 20.74 4.90 -21.22
N GLU I 62 20.74 5.86 -20.29
CA GLU I 62 19.87 7.02 -20.42
C GLU I 62 20.26 7.98 -21.51
N ALA I 63 21.55 8.00 -21.85
CA ALA I 63 22.01 8.87 -22.90
C ALA I 63 21.50 8.27 -24.19
N ASN I 64 21.67 6.97 -24.35
CA ASN I 64 21.21 6.28 -25.56
C ASN I 64 19.73 6.47 -25.79
N LEU I 65 18.95 6.00 -24.82
CA LEU I 65 17.51 6.09 -24.85
C LEU I 65 17.08 7.52 -25.18
N TYR I 66 17.76 8.52 -24.63
CA TYR I 66 17.40 9.90 -24.91
C TYR I 66 17.42 10.16 -26.41
N GLU I 67 18.54 9.81 -27.03
CA GLU I 67 18.73 10.00 -28.45
C GLU I 67 17.76 9.14 -29.27
N ILE I 68 17.73 7.84 -29.00
CA ILE I 68 16.86 6.95 -29.75
C ILE I 68 15.43 7.48 -29.73
N ARG I 69 15.00 8.04 -28.61
CA ARG I 69 13.65 8.54 -28.50
C ARG I 69 13.38 9.91 -29.08
N ARG I 70 14.31 10.83 -28.89
CA ARG I 70 14.11 12.19 -29.38
C ARG I 70 14.87 12.49 -30.65
N GLU I 71 15.57 11.48 -31.16
CA GLU I 71 16.34 11.61 -32.39
C GLU I 71 17.31 12.80 -32.37
N ARG I 72 17.70 13.20 -31.16
CA ARG I 72 18.67 14.28 -30.95
C ARG I 72 19.66 13.71 -29.94
N LYS I 73 20.91 14.14 -30.04
CA LYS I 73 21.90 13.66 -29.09
C LYS I 73 21.74 14.56 -27.88
N PRO I 74 21.90 14.00 -26.67
CA PRO I 74 21.76 14.81 -25.46
C PRO I 74 22.99 15.68 -25.27
N THR I 75 22.77 16.91 -24.84
CA THR I 75 23.83 17.85 -24.59
C THR I 75 24.55 17.43 -23.29
N VAL I 76 25.81 17.83 -23.11
CA VAL I 76 26.51 17.47 -21.88
C VAL I 76 25.72 18.05 -20.71
N ARG I 77 25.18 19.26 -20.90
CA ARG I 77 24.40 19.90 -19.87
C ARG I 77 23.25 18.99 -19.43
N ALA I 78 22.54 18.41 -20.40
CA ALA I 78 21.43 17.52 -20.11
C ALA I 78 21.88 16.29 -19.34
N ILE I 79 23.00 15.68 -19.75
CA ILE I 79 23.50 14.52 -19.04
C ILE I 79 24.02 14.90 -17.63
N ALA I 80 24.65 16.08 -17.53
CA ALA I 80 25.17 16.56 -16.25
C ALA I 80 24.04 16.85 -15.26
N THR I 81 22.94 17.43 -15.76
CA THR I 81 21.80 17.76 -14.93
C THR I 81 21.11 16.47 -14.48
N LEU I 82 21.02 15.56 -15.44
CA LEU I 82 20.40 14.27 -15.17
C LEU I 82 21.17 13.61 -14.03
N THR I 83 22.49 13.55 -14.18
CA THR I 83 23.35 12.91 -13.19
C THR I 83 23.37 13.61 -11.84
N SER I 84 23.30 14.94 -11.86
CA SER I 84 23.29 15.69 -10.63
C SER I 84 22.05 15.31 -9.85
N ASN I 85 20.89 15.38 -10.49
CA ASN I 85 19.64 15.02 -9.83
C ASN I 85 19.68 13.61 -9.24
N LEU I 86 20.17 12.65 -10.01
CA LEU I 86 20.24 11.29 -9.51
C LEU I 86 21.10 11.26 -8.25
N LEU I 87 22.29 11.83 -8.36
CA LEU I 87 23.22 11.86 -7.25
C LEU I 87 22.61 12.52 -6.00
N ASN I 88 22.01 13.68 -6.17
CA ASN I 88 21.45 14.38 -5.04
C ASN I 88 20.29 13.64 -4.40
N SER I 89 19.49 12.95 -5.20
CA SER I 89 18.36 12.22 -4.63
C SER I 89 18.85 11.27 -3.53
N TYR I 90 20.04 10.72 -3.72
CA TYR I 90 20.60 9.79 -2.75
C TYR I 90 21.55 10.49 -1.80
N ARG I 91 21.35 11.79 -1.60
CA ARG I 91 22.22 12.55 -0.73
C ARG I 91 22.40 12.03 0.70
N TYR I 92 21.49 11.21 1.20
CA TYR I 92 21.68 10.73 2.57
C TYR I 92 22.39 9.41 2.71
N PHE I 93 22.79 8.85 1.58
CA PHE I 93 23.53 7.60 1.52
C PHE I 93 24.06 7.68 0.11
N PRO I 94 24.84 8.72 -0.20
CA PRO I 94 25.44 8.98 -1.50
C PRO I 94 26.35 7.94 -2.13
N TYR I 95 26.43 8.01 -3.45
CA TYR I 95 27.29 7.13 -4.21
C TYR I 95 28.65 7.82 -4.10
N LEU I 96 29.61 7.18 -3.45
CA LEU I 96 30.92 7.79 -3.28
C LEU I 96 31.68 7.84 -4.62
N VAL I 97 31.42 8.88 -5.38
CA VAL I 97 32.02 9.00 -6.69
C VAL I 97 32.20 10.45 -7.13
N GLN I 98 33.31 10.72 -7.82
CA GLN I 98 33.57 12.08 -8.34
C GLN I 98 33.55 11.92 -9.84
N LEU I 99 32.58 12.56 -10.50
CA LEU I 99 32.49 12.36 -11.94
C LEU I 99 32.92 13.54 -12.79
N LEU I 100 33.43 13.19 -13.97
CA LEU I 100 33.86 14.16 -14.95
C LEU I 100 33.10 13.82 -16.23
N ILE I 101 32.14 14.68 -16.60
CA ILE I 101 31.36 14.48 -17.83
C ILE I 101 31.56 15.65 -18.79
N GLY I 102 32.12 15.37 -19.97
CA GLY I 102 32.34 16.43 -20.91
C GLY I 102 32.49 15.99 -22.36
N GLY I 103 32.58 16.99 -23.23
CA GLY I 103 32.71 16.75 -24.65
C GLY I 103 32.23 17.97 -25.43
N ILE I 104 31.82 17.74 -26.67
CA ILE I 104 31.36 18.83 -27.54
C ILE I 104 29.90 18.60 -27.94
N ASP I 105 29.12 19.67 -27.95
CA ASP I 105 27.72 19.57 -28.30
C ASP I 105 27.22 20.88 -28.91
N SER I 106 25.96 20.89 -29.34
CA SER I 106 25.42 22.09 -29.95
C SER I 106 25.71 23.39 -29.15
N GLU I 107 25.92 23.28 -27.85
CA GLU I 107 26.18 24.46 -27.03
C GLU I 107 27.65 24.84 -27.00
N GLY I 108 28.52 23.95 -27.45
CA GLY I 108 29.95 24.24 -27.46
C GLY I 108 30.80 23.13 -26.86
N LYS I 109 31.86 23.51 -26.16
CA LYS I 109 32.74 22.54 -25.50
C LYS I 109 32.64 22.79 -24.01
N SER I 110 32.60 21.72 -23.22
CA SER I 110 32.52 21.89 -21.78
C SER I 110 32.77 20.60 -21.02
N ILE I 111 33.12 20.76 -19.75
CA ILE I 111 33.38 19.64 -18.87
C ILE I 111 32.70 19.93 -17.56
N TYR I 112 32.14 18.91 -16.94
CA TYR I 112 31.50 19.08 -15.66
C TYR I 112 32.12 18.14 -14.63
N SER I 113 32.38 18.68 -13.46
CA SER I 113 32.91 17.89 -12.36
C SER I 113 31.71 17.74 -11.42
N ILE I 114 31.34 16.51 -11.11
CA ILE I 114 30.18 16.27 -10.25
C ILE I 114 30.55 15.43 -9.04
N ASP I 115 30.10 15.87 -7.86
CA ASP I 115 30.39 15.17 -6.61
C ASP I 115 29.27 14.25 -6.12
N PRO I 116 29.55 13.47 -5.07
CA PRO I 116 28.54 12.55 -4.54
C PRO I 116 27.16 13.11 -4.34
N ILE I 117 27.09 14.38 -3.94
CA ILE I 117 25.80 15.04 -3.66
C ILE I 117 25.18 15.73 -4.89
N GLY I 118 25.80 15.50 -6.06
CA GLY I 118 25.29 16.10 -7.28
C GLY I 118 25.67 17.56 -7.45
N GLY I 119 26.77 17.97 -6.83
CA GLY I 119 27.23 19.33 -6.95
C GLY I 119 28.09 19.39 -8.21
N ALA I 120 27.60 20.10 -9.22
CA ALA I 120 28.34 20.15 -10.46
C ALA I 120 28.95 21.49 -10.79
N ILE I 121 30.24 21.49 -11.02
CA ILE I 121 30.97 22.71 -11.39
C ILE I 121 31.27 22.63 -12.88
N GLU I 122 31.01 23.73 -13.58
CA GLU I 122 31.29 23.76 -15.01
C GLU I 122 32.74 24.18 -15.26
N GLU I 123 33.54 23.23 -15.66
CA GLU I 123 34.95 23.45 -15.91
C GLU I 123 35.18 24.15 -17.24
N LYS I 124 35.56 25.43 -17.18
CA LYS I 124 35.80 26.21 -18.40
C LYS I 124 37.24 26.11 -18.90
N ASP I 125 38.08 25.28 -18.26
CA ASP I 125 39.46 25.12 -18.69
C ASP I 125 40.22 23.92 -18.15
N ILE I 126 40.46 23.89 -16.85
CA ILE I 126 41.22 22.82 -16.24
C ILE I 126 40.50 22.10 -15.09
N VAL I 127 40.79 20.82 -14.91
CA VAL I 127 40.17 20.05 -13.83
C VAL I 127 40.86 18.73 -13.62
N ALA I 128 40.99 18.37 -12.34
CA ALA I 128 41.63 17.11 -11.95
C ALA I 128 40.70 16.45 -10.96
N THR I 129 40.83 15.15 -10.79
CA THR I 129 39.93 14.42 -9.92
C THR I 129 40.64 13.21 -9.36
N GLY I 130 40.24 12.78 -8.17
CA GLY I 130 40.88 11.62 -7.57
C GLY I 130 41.96 11.95 -6.56
N SER I 131 42.43 10.92 -5.86
CA SER I 131 43.45 11.07 -4.82
C SER I 131 44.71 11.78 -5.27
N GLY I 132 44.92 11.86 -6.59
CA GLY I 132 46.12 12.50 -7.10
C GLY I 132 45.84 13.86 -7.71
N SER I 133 44.57 14.23 -7.75
CA SER I 133 44.21 15.49 -8.35
C SER I 133 45.06 16.70 -7.94
N LEU I 134 45.33 16.85 -6.65
CA LEU I 134 46.08 18.02 -6.17
C LEU I 134 47.47 18.16 -6.78
N THR I 135 48.13 17.03 -7.04
CA THR I 135 49.45 17.07 -7.64
C THR I 135 49.28 17.41 -9.11
N ALA I 136 48.32 16.74 -9.75
CA ALA I 136 47.99 16.96 -11.16
C ALA I 136 47.67 18.44 -11.38
N TYR I 137 46.88 19.03 -10.49
CA TYR I 137 46.54 20.44 -10.60
C TYR I 137 47.81 21.27 -10.67
N GLY I 138 48.86 20.80 -10.01
CA GLY I 138 50.11 21.52 -10.01
C GLY I 138 50.57 21.85 -11.39
N VAL I 139 50.87 20.82 -12.18
CA VAL I 139 51.34 21.04 -13.53
C VAL I 139 50.26 21.65 -14.45
N LEU I 140 49.01 21.20 -14.28
CA LEU I 140 47.94 21.74 -15.11
C LEU I 140 47.86 23.26 -14.96
N GLU I 141 47.86 23.76 -13.74
CA GLU I 141 47.75 25.20 -13.55
C GLU I 141 49.04 25.94 -13.91
N ASP I 142 50.10 25.18 -14.14
CA ASP I 142 51.39 25.76 -14.48
C ASP I 142 51.56 25.96 -15.99
N ARG I 143 51.29 24.90 -16.76
CA ARG I 143 51.43 24.91 -18.21
C ARG I 143 50.19 25.19 -19.06
N PHE I 144 49.02 25.32 -18.46
CA PHE I 144 47.82 25.53 -19.27
C PHE I 144 47.60 26.96 -19.71
N THR I 145 47.05 27.11 -20.90
CA THR I 145 46.73 28.39 -21.51
C THR I 145 45.46 28.14 -22.30
N PRO I 146 44.52 29.08 -22.28
CA PRO I 146 43.28 28.83 -23.04
C PRO I 146 43.46 28.50 -24.54
N GLU I 147 44.55 28.98 -25.14
CA GLU I 147 44.82 28.73 -26.56
C GLU I 147 45.39 27.35 -26.82
N ILE I 148 45.65 26.59 -25.76
CA ILE I 148 46.21 25.27 -25.95
C ILE I 148 45.32 24.44 -26.87
N GLY I 149 45.94 23.63 -27.71
CA GLY I 149 45.19 22.81 -28.64
C GLY I 149 45.13 21.41 -28.12
N VAL I 150 44.08 20.69 -28.49
CA VAL I 150 43.88 19.33 -28.02
C VAL I 150 45.12 18.45 -28.16
N ASP I 151 45.87 18.65 -29.23
CA ASP I 151 47.05 17.84 -29.45
C ASP I 151 48.16 17.98 -28.42
N GLU I 152 48.38 19.20 -27.95
CA GLU I 152 49.40 19.38 -26.93
C GLU I 152 48.72 19.20 -25.57
N ALA I 153 47.40 19.31 -25.57
CA ALA I 153 46.64 19.13 -24.35
C ALA I 153 46.72 17.68 -23.90
N VAL I 154 46.81 16.74 -24.83
CA VAL I 154 46.90 15.34 -24.40
C VAL I 154 48.30 15.11 -23.78
N GLU I 155 49.28 15.88 -24.23
CA GLU I 155 50.63 15.74 -23.68
C GLU I 155 50.57 16.27 -22.25
N LEU I 156 50.03 17.47 -22.10
CA LEU I 156 49.86 18.10 -20.80
C LEU I 156 49.16 17.14 -19.84
N ALA I 157 48.07 16.54 -20.32
CA ALA I 157 47.32 15.60 -19.51
C ALA I 157 48.20 14.47 -19.04
N VAL I 158 48.95 13.87 -19.96
CA VAL I 158 49.84 12.77 -19.60
C VAL I 158 50.89 13.25 -18.62
N ARG I 159 51.31 14.49 -18.83
CA ARG I 159 52.31 15.14 -18.01
C ARG I 159 51.85 15.23 -16.56
N ALA I 160 50.66 15.79 -16.38
CA ALA I 160 50.09 15.94 -15.05
C ALA I 160 49.83 14.60 -14.34
N ILE I 161 49.22 13.64 -15.04
CA ILE I 161 48.94 12.38 -14.39
C ILE I 161 50.23 11.66 -14.06
N TYR I 162 51.29 11.98 -14.78
CA TYR I 162 52.58 11.33 -14.56
C TYR I 162 53.19 11.87 -13.25
N SER I 163 53.06 13.18 -13.04
CA SER I 163 53.55 13.79 -11.82
C SER I 163 52.79 13.19 -10.65
N ALA I 164 51.47 13.17 -10.80
CA ALA I 164 50.62 12.62 -9.76
C ALA I 164 51.01 11.22 -9.35
N MET I 165 51.35 10.37 -10.30
CA MET I 165 51.70 8.99 -9.97
C MET I 165 52.94 8.93 -9.08
N LYS I 166 53.71 10.01 -9.12
CA LYS I 166 54.92 10.11 -8.36
C LYS I 166 54.74 10.41 -6.89
N ARG I 167 53.57 10.95 -6.50
CA ARG I 167 53.32 11.30 -5.10
C ARG I 167 52.03 10.73 -4.51
N ASP I 168 51.30 9.97 -5.32
CA ASP I 168 50.05 9.36 -4.88
C ASP I 168 50.18 7.87 -5.08
N SER I 169 50.41 7.14 -4.00
CA SER I 169 50.55 5.70 -4.14
C SER I 169 49.28 5.02 -4.66
N ALA I 170 48.16 5.75 -4.60
CA ALA I 170 46.89 5.22 -5.07
C ALA I 170 46.71 5.39 -6.57
N SER I 171 47.62 6.11 -7.22
CA SER I 171 47.54 6.33 -8.65
C SER I 171 48.63 5.51 -9.34
N GLY I 172 48.62 5.46 -10.67
CA GLY I 172 49.65 4.71 -11.37
C GLY I 172 49.28 3.59 -12.33
N ASP I 173 50.31 2.83 -12.72
CA ASP I 173 50.18 1.68 -13.63
C ASP I 173 50.02 1.95 -15.13
N GLY I 174 49.64 3.15 -15.51
CA GLY I 174 49.48 3.43 -16.92
C GLY I 174 48.52 4.57 -17.09
N ILE I 175 48.26 4.98 -18.31
CA ILE I 175 47.32 6.08 -18.51
C ILE I 175 46.56 6.12 -19.83
N ASP I 176 45.23 6.28 -19.72
CA ASP I 176 44.33 6.38 -20.87
C ASP I 176 44.12 7.83 -21.15
N VAL I 177 44.00 8.16 -22.42
CA VAL I 177 43.74 9.53 -22.80
C VAL I 177 42.68 9.47 -23.87
N VAL I 178 41.93 10.54 -23.99
CA VAL I 178 40.87 10.63 -24.98
C VAL I 178 40.79 12.06 -25.51
N LYS I 179 40.76 12.16 -26.84
CA LYS I 179 40.67 13.44 -27.51
C LYS I 179 39.26 13.55 -28.11
N ILE I 180 38.59 14.66 -27.90
CA ILE I 180 37.26 14.86 -28.44
C ILE I 180 37.33 16.13 -29.27
N THR I 181 37.57 15.94 -30.55
CA THR I 181 37.74 17.04 -31.49
C THR I 181 36.48 17.53 -32.19
N GLU I 182 35.73 16.61 -32.79
CA GLU I 182 34.51 16.94 -33.54
C GLU I 182 34.53 16.02 -34.74
N ASP I 183 35.67 16.00 -35.41
CA ASP I 183 35.84 15.15 -36.56
C ASP I 183 36.11 13.78 -35.94
N GLU I 184 36.24 13.74 -34.61
CA GLU I 184 36.59 12.48 -33.99
C GLU I 184 36.47 12.42 -32.47
N PHE I 185 36.46 11.19 -31.96
CA PHE I 185 36.44 10.86 -30.53
C PHE I 185 37.55 9.81 -30.53
N TYR I 186 38.77 10.22 -30.23
CA TYR I 186 39.88 9.30 -30.28
C TYR I 186 40.41 8.84 -28.94
N GLN I 187 40.84 7.58 -28.91
CA GLN I 187 41.42 6.99 -27.71
C GLN I 187 42.80 6.44 -28.10
N TYR I 188 43.84 7.08 -27.58
CA TYR I 188 45.23 6.77 -27.89
C TYR I 188 45.90 5.40 -27.84
N SER I 189 45.35 4.40 -27.15
CA SER I 189 46.04 3.10 -27.16
C SER I 189 47.39 3.16 -26.43
N PRO I 190 47.70 2.12 -25.65
CA PRO I 190 48.95 2.07 -24.90
C PRO I 190 50.18 2.58 -25.65
N GLU I 191 50.40 2.02 -26.84
CA GLU I 191 51.56 2.39 -27.66
C GLU I 191 51.73 3.89 -27.77
N GLU I 192 50.69 4.57 -28.24
CA GLU I 192 50.73 6.01 -28.42
C GLU I 192 50.97 6.78 -27.15
N VAL I 193 50.39 6.32 -26.04
CA VAL I 193 50.59 7.01 -24.78
C VAL I 193 52.03 6.78 -24.32
N GLU I 194 52.42 5.51 -24.35
CA GLU I 194 53.76 5.11 -23.95
C GLU I 194 54.82 5.92 -24.68
N GLN I 195 54.47 6.37 -25.88
CA GLN I 195 55.39 7.14 -26.70
C GLN I 195 55.30 8.63 -26.39
N ILE I 196 54.19 9.04 -25.78
CA ILE I 196 54.00 10.45 -25.43
C ILE I 196 54.69 10.77 -24.11
N LEU I 197 54.67 9.82 -23.19
CA LEU I 197 55.30 10.05 -21.90
C LEU I 197 56.78 9.68 -22.05
N ALA I 198 57.14 9.14 -23.21
CA ALA I 198 58.52 8.77 -23.47
C ALA I 198 59.37 10.03 -23.54
N LYS I 199 58.75 11.14 -23.93
CA LYS I 199 59.45 12.44 -24.03
C LYS I 199 59.58 13.06 -22.65
N PHE I 200 59.37 12.25 -21.62
CA PHE I 200 59.45 12.73 -20.24
C PHE I 200 60.52 11.99 -19.46
N ARG I 201 60.21 10.78 -18.99
CA ARG I 201 61.17 9.99 -18.24
C ARG I 201 60.88 8.49 -18.21
N LYS I 202 59.66 8.10 -18.61
CA LYS I 202 59.28 6.69 -18.62
C LYS I 202 58.32 6.40 -19.77
N THR J 1 40.72 -18.57 3.90
CA THR J 1 40.36 -18.60 2.45
C THR J 1 41.37 -17.93 1.56
N THR J 2 41.61 -18.57 0.42
CA THR J 2 42.48 -18.06 -0.61
C THR J 2 42.10 -18.77 -1.92
N THR J 3 41.89 -17.97 -2.95
CA THR J 3 41.51 -18.50 -4.25
C THR J 3 42.26 -17.72 -5.29
N VAL J 4 42.68 -18.41 -6.35
CA VAL J 4 43.42 -17.75 -7.41
C VAL J 4 42.73 -17.99 -8.75
N GLY J 5 43.06 -17.15 -9.72
CA GLY J 5 42.49 -17.28 -11.04
C GLY J 5 43.45 -16.71 -12.04
N LEU J 6 43.75 -17.46 -13.09
CA LEU J 6 44.65 -16.96 -14.13
C LEU J 6 44.16 -17.27 -15.53
N VAL J 7 44.27 -16.26 -16.40
CA VAL J 7 43.86 -16.38 -17.79
C VAL J 7 45.10 -16.75 -18.63
N CYS J 8 45.10 -17.99 -19.11
CA CYS J 8 46.19 -18.49 -19.91
C CYS J 8 45.95 -18.20 -21.39
N LYS J 9 46.88 -18.62 -22.24
CA LYS J 9 46.74 -18.40 -23.68
C LYS J 9 45.72 -19.39 -24.23
N ASP J 10 45.59 -20.51 -23.53
CA ASP J 10 44.69 -21.57 -23.92
C ASP J 10 43.54 -21.89 -22.98
N GLY J 11 43.07 -20.88 -22.26
CA GLY J 11 41.98 -21.14 -21.34
C GLY J 11 42.00 -20.38 -20.03
N VAL J 12 41.36 -20.95 -19.02
CA VAL J 12 41.27 -20.34 -17.70
C VAL J 12 41.45 -21.34 -16.57
N VAL J 13 42.15 -20.93 -15.52
CA VAL J 13 42.37 -21.79 -14.37
C VAL J 13 41.91 -21.06 -13.10
N MET J 14 41.30 -21.81 -12.18
CA MET J 14 40.83 -21.23 -10.94
C MET J 14 40.99 -22.29 -9.88
N ALA J 15 41.41 -21.88 -8.69
CA ALA J 15 41.61 -22.82 -7.60
C ALA J 15 41.34 -22.13 -6.26
N THR J 16 41.11 -22.95 -5.23
CA THR J 16 40.84 -22.47 -3.88
C THR J 16 41.28 -23.56 -2.91
N GLU J 17 41.38 -23.24 -1.62
CA GLU J 17 41.70 -24.29 -0.66
C GLU J 17 40.38 -24.67 -0.02
N LYS J 18 40.39 -25.49 1.02
CA LYS J 18 39.15 -25.99 1.63
C LYS J 18 38.88 -25.61 3.07
N ARG J 19 39.48 -24.53 3.56
CA ARG J 19 39.26 -24.21 4.96
C ARG J 19 38.18 -23.19 5.22
N ALA J 20 37.43 -23.40 6.30
CA ALA J 20 36.38 -22.49 6.69
C ALA J 20 36.60 -22.29 8.17
N THR J 21 36.66 -21.04 8.59
CA THR J 21 36.90 -20.71 9.99
C THR J 21 35.92 -19.71 10.56
N MET J 22 35.90 -19.69 11.89
CA MET J 22 35.09 -18.77 12.67
C MET J 22 36.04 -18.43 13.79
N GLY J 23 36.84 -17.40 13.57
CA GLY J 23 37.84 -17.00 14.54
C GLY J 23 39.03 -17.90 14.27
N ASN J 24 39.46 -18.61 15.31
CA ASN J 24 40.58 -19.54 15.16
C ASN J 24 40.02 -20.95 15.02
N PHE J 25 38.72 -21.09 15.27
CA PHE J 25 38.06 -22.37 15.16
C PHE J 25 38.01 -22.81 13.71
N ILE J 26 38.56 -23.99 13.45
CA ILE J 26 38.52 -24.52 12.09
C ILE J 26 37.20 -25.28 11.99
N ALA J 27 36.22 -24.66 11.37
CA ALA J 27 34.90 -25.25 11.24
C ALA J 27 34.85 -26.32 10.14
N SER J 28 35.69 -26.18 9.13
CA SER J 28 35.67 -27.13 8.05
C SER J 28 36.98 -27.27 7.31
N LYS J 29 37.31 -28.52 7.00
CA LYS J 29 38.53 -28.86 6.28
C LYS J 29 38.19 -29.17 4.83
N ALA J 30 36.91 -29.14 4.49
CA ALA J 30 36.52 -29.45 3.10
C ALA J 30 35.41 -28.56 2.52
N ALA J 31 35.42 -27.29 2.87
CA ALA J 31 34.40 -26.39 2.36
C ALA J 31 34.54 -26.26 0.84
N LYS J 32 33.39 -26.13 0.17
CA LYS J 32 33.36 -25.98 -1.27
C LYS J 32 33.45 -24.49 -1.57
N LYS J 33 34.38 -24.08 -2.42
CA LYS J 33 34.53 -22.67 -2.72
C LYS J 33 34.64 -22.43 -4.20
N ILE J 34 34.35 -23.47 -4.97
CA ILE J 34 34.40 -23.35 -6.42
C ILE J 34 33.07 -23.88 -6.99
N TYR J 35 32.38 -23.05 -7.78
CA TYR J 35 31.08 -23.41 -8.37
C TYR J 35 31.07 -23.32 -9.87
N GLN J 36 30.26 -24.18 -10.51
CA GLN J 36 30.12 -24.14 -11.97
C GLN J 36 28.86 -23.36 -12.33
N ILE J 37 29.03 -22.28 -13.08
CA ILE J 37 27.93 -21.43 -13.49
C ILE J 37 27.33 -21.86 -14.82
N ALA J 38 28.19 -22.06 -15.81
CA ALA J 38 27.79 -22.49 -17.14
C ALA J 38 28.75 -23.62 -17.54
N ASP J 39 28.72 -24.03 -18.80
CA ASP J 39 29.60 -25.10 -19.23
C ASP J 39 31.07 -24.71 -19.17
N ARG J 40 31.37 -23.48 -19.57
CA ARG J 40 32.74 -23.00 -19.57
C ARG J 40 32.90 -21.77 -18.69
N MET J 41 32.23 -21.81 -17.52
CA MET J 41 32.27 -20.69 -16.59
C MET J 41 32.24 -21.19 -15.15
N ALA J 42 33.18 -20.69 -14.34
CA ALA J 42 33.27 -21.09 -12.95
C ALA J 42 33.27 -19.86 -12.04
N MET J 43 33.09 -20.09 -10.75
CA MET J 43 33.09 -19.01 -9.77
C MET J 43 33.69 -19.47 -8.45
N THR J 44 34.58 -18.65 -7.89
CA THR J 44 35.18 -18.99 -6.58
C THR J 44 34.59 -18.00 -5.59
N THR J 45 34.37 -18.46 -4.37
CA THR J 45 33.78 -17.61 -3.34
C THR J 45 34.60 -17.44 -2.08
N ALA J 46 34.87 -16.18 -1.73
CA ALA J 46 35.59 -15.85 -0.49
C ALA J 46 34.69 -14.92 0.33
N GLY J 47 34.72 -15.07 1.65
CA GLY J 47 33.92 -14.20 2.48
C GLY J 47 32.97 -14.96 3.39
N SER J 48 31.79 -14.39 3.60
CA SER J 48 30.82 -15.03 4.44
C SER J 48 30.28 -16.31 3.80
N VAL J 49 30.39 -17.43 4.49
CA VAL J 49 29.90 -18.70 3.96
C VAL J 49 28.42 -18.58 3.58
N GLY J 50 27.58 -18.20 4.54
CA GLY J 50 26.17 -18.06 4.25
C GLY J 50 25.87 -17.09 3.11
N ASP J 51 26.58 -15.98 3.05
CA ASP J 51 26.34 -15.00 2.02
C ASP J 51 26.75 -15.55 0.67
N ALA J 52 27.94 -16.13 0.61
CA ALA J 52 28.47 -16.69 -0.62
C ALA J 52 27.58 -17.80 -1.13
N GLN J 53 27.23 -18.73 -0.28
CA GLN J 53 26.38 -19.84 -0.67
C GLN J 53 25.03 -19.34 -1.20
N PHE J 54 24.47 -18.32 -0.56
CA PHE J 54 23.20 -17.80 -0.98
C PHE J 54 23.34 -17.22 -2.37
N LEU J 55 24.33 -16.36 -2.54
CA LEU J 55 24.57 -15.72 -3.81
C LEU J 55 24.88 -16.74 -4.90
N ALA J 56 25.58 -17.80 -4.54
CA ALA J 56 25.91 -18.82 -5.52
C ALA J 56 24.63 -19.37 -6.17
N ARG J 57 23.67 -19.79 -5.33
CA ARG J 57 22.41 -20.33 -5.82
C ARG J 57 21.76 -19.36 -6.80
N ILE J 58 21.61 -18.10 -6.39
CA ILE J 58 21.01 -17.08 -7.23
C ILE J 58 21.75 -17.02 -8.55
N ILE J 59 23.09 -16.98 -8.51
CA ILE J 59 23.87 -16.88 -9.74
C ILE J 59 23.57 -18.04 -10.67
N LYS J 60 23.69 -19.27 -10.16
CA LYS J 60 23.42 -20.43 -10.98
C LYS J 60 22.04 -20.37 -11.61
N ILE J 61 21.01 -20.28 -10.79
CA ILE J 61 19.66 -20.24 -11.27
C ILE J 61 19.51 -19.23 -12.38
N GLU J 62 20.04 -18.04 -12.21
CA GLU J 62 19.88 -17.02 -13.23
C GLU J 62 20.63 -17.30 -14.51
N ALA J 63 21.77 -17.95 -14.39
CA ALA J 63 22.55 -18.29 -15.57
C ALA J 63 21.71 -19.30 -16.34
N ASN J 64 21.22 -20.32 -15.65
CA ASN J 64 20.40 -21.37 -16.27
C ASN J 64 19.23 -20.77 -17.02
N LEU J 65 18.33 -20.19 -16.26
CA LEU J 65 17.14 -19.58 -16.82
C LEU J 65 17.47 -18.72 -18.02
N TYR J 66 18.61 -18.03 -17.99
CA TYR J 66 19.00 -17.17 -19.10
C TYR J 66 19.12 -17.99 -20.37
N GLU J 67 19.89 -19.07 -20.29
CA GLU J 67 20.10 -19.93 -21.43
C GLU J 67 18.81 -20.63 -21.87
N ILE J 68 18.14 -21.30 -20.94
CA ILE J 68 16.89 -21.98 -21.24
C ILE J 68 15.94 -21.05 -21.98
N ARG J 69 15.87 -19.79 -21.55
CA ARG J 69 14.97 -18.84 -22.18
C ARG J 69 15.43 -18.23 -23.49
N ARG J 70 16.71 -17.90 -23.58
CA ARG J 70 17.25 -17.28 -24.80
C ARG J 70 17.99 -18.25 -25.70
N GLU J 71 18.06 -19.50 -25.28
CA GLU J 71 18.74 -20.52 -26.06
C GLU J 71 20.18 -20.14 -26.41
N ARG J 72 20.77 -19.26 -25.61
CA ARG J 72 22.16 -18.85 -25.78
C ARG J 72 22.74 -18.94 -24.38
N LYS J 73 24.03 -19.25 -24.29
CA LYS J 73 24.67 -19.31 -22.99
C LYS J 73 25.02 -17.88 -22.62
N PRO J 74 24.93 -17.55 -21.33
CA PRO J 74 25.26 -16.18 -20.97
C PRO J 74 26.77 -15.99 -21.00
N THR J 75 27.20 -14.80 -21.39
CA THR J 75 28.62 -14.48 -21.44
C THR J 75 29.08 -14.17 -20.01
N VAL J 76 30.37 -14.34 -19.71
CA VAL J 76 30.85 -14.02 -18.36
C VAL J 76 30.53 -12.56 -18.07
N ARG J 77 30.60 -11.72 -19.09
CA ARG J 77 30.30 -10.31 -18.90
C ARG J 77 28.87 -10.10 -18.38
N ALA J 78 27.94 -10.83 -18.96
CA ALA J 78 26.55 -10.72 -18.56
C ALA J 78 26.34 -11.22 -17.13
N ILE J 79 26.98 -12.32 -16.77
CA ILE J 79 26.83 -12.80 -15.39
C ILE J 79 27.52 -11.85 -14.42
N ALA J 80 28.65 -11.29 -14.82
CA ALA J 80 29.41 -10.37 -13.98
C ALA J 80 28.63 -9.09 -13.78
N THR J 81 27.99 -8.61 -14.83
CA THR J 81 27.21 -7.37 -14.74
C THR J 81 25.99 -7.61 -13.85
N LEU J 82 25.36 -8.76 -14.06
CA LEU J 82 24.18 -9.18 -13.31
C LEU J 82 24.51 -9.19 -11.82
N THR J 83 25.61 -9.87 -11.49
CA THR J 83 26.09 -9.98 -10.13
C THR J 83 26.47 -8.63 -9.53
N SER J 84 27.16 -7.80 -10.29
CA SER J 84 27.54 -6.47 -9.85
C SER J 84 26.33 -5.72 -9.36
N ASN J 85 25.36 -5.56 -10.26
CA ASN J 85 24.11 -4.86 -9.95
C ASN J 85 23.44 -5.39 -8.68
N LEU J 86 23.38 -6.71 -8.54
CA LEU J 86 22.74 -7.29 -7.38
C LEU J 86 23.50 -6.86 -6.14
N LEU J 87 24.81 -7.06 -6.17
CA LEU J 87 25.65 -6.70 -5.05
C LEU J 87 25.48 -5.23 -4.70
N ASN J 88 25.59 -4.36 -5.70
CA ASN J 88 25.49 -2.93 -5.43
C ASN J 88 24.15 -2.49 -4.90
N SER J 89 23.09 -3.18 -5.30
CA SER J 89 21.77 -2.77 -4.84
C SER J 89 21.73 -2.88 -3.32
N TYR J 90 22.50 -3.82 -2.78
CA TYR J 90 22.55 -4.01 -1.34
C TYR J 90 23.73 -3.31 -0.68
N ARG J 91 24.24 -2.26 -1.33
CA ARG J 91 25.40 -1.55 -0.84
C ARG J 91 25.34 -1.00 0.60
N TYR J 92 24.15 -0.84 1.17
CA TYR J 92 24.13 -0.33 2.51
C TYR J 92 24.04 -1.37 3.61
N PHE J 93 24.09 -2.62 3.19
CA PHE J 93 24.07 -3.78 4.08
C PHE J 93 24.52 -4.86 3.12
N PRO J 94 25.71 -4.69 2.55
CA PRO J 94 26.29 -5.60 1.58
C PRO J 94 26.56 -7.06 1.98
N TYR J 95 26.57 -7.92 0.97
CA TYR J 95 26.87 -9.32 1.19
C TYR J 95 28.40 -9.34 1.28
N LEU J 96 28.92 -9.73 2.45
CA LEU J 96 30.37 -9.79 2.67
C LEU J 96 30.98 -10.94 1.88
N VAL J 97 31.27 -10.67 0.62
CA VAL J 97 31.76 -11.71 -0.25
C VAL J 97 32.66 -11.16 -1.34
N GLN J 98 33.70 -11.91 -1.70
CA GLN J 98 34.61 -11.51 -2.79
C GLN J 98 34.43 -12.59 -3.82
N LEU J 99 33.96 -12.22 -5.00
CA LEU J 99 33.73 -13.24 -6.01
C LEU J 99 34.65 -13.19 -7.21
N LEU J 100 34.86 -14.39 -7.76
CA LEU J 100 35.69 -14.59 -8.94
C LEU J 100 34.82 -15.34 -9.93
N ILE J 101 34.44 -14.66 -11.01
CA ILE J 101 33.60 -15.26 -12.03
C ILE J 101 34.31 -15.20 -13.37
N GLY J 102 34.62 -16.35 -13.93
CA GLY J 102 35.31 -16.38 -15.19
C GLY J 102 35.19 -17.68 -15.95
N GLY J 103 35.73 -17.67 -17.18
CA GLY J 103 35.68 -18.82 -18.03
C GLY J 103 35.83 -18.38 -19.48
N ILE J 104 35.34 -19.18 -20.42
CA ILE J 104 35.46 -18.88 -21.84
C ILE J 104 34.09 -18.68 -22.47
N ASP J 105 33.98 -17.70 -23.36
CA ASP J 105 32.72 -17.44 -24.00
C ASP J 105 32.95 -16.79 -25.36
N SER J 106 31.88 -16.56 -26.10
CA SER J 106 31.99 -15.95 -27.43
C SER J 106 32.94 -14.75 -27.47
N GLU J 107 33.05 -14.03 -26.36
CA GLU J 107 33.91 -12.85 -26.33
C GLU J 107 35.38 -13.15 -26.11
N GLY J 108 35.68 -14.36 -25.64
CA GLY J 108 37.05 -14.75 -25.37
C GLY J 108 37.21 -15.42 -24.02
N LYS J 109 38.33 -15.12 -23.36
CA LYS J 109 38.63 -15.67 -22.04
C LYS J 109 38.74 -14.51 -21.07
N SER J 110 38.20 -14.67 -19.87
CA SER J 110 38.30 -13.59 -18.90
C SER J 110 37.89 -14.00 -17.50
N ILE J 111 38.31 -13.19 -16.55
CA ILE J 111 37.97 -13.42 -15.15
C ILE J 111 37.57 -12.10 -14.55
N TYR J 112 36.56 -12.12 -13.69
CA TYR J 112 36.15 -10.92 -13.01
C TYR J 112 36.24 -11.10 -11.51
N SER J 113 36.80 -10.09 -10.86
CA SER J 113 36.88 -10.10 -9.40
C SER J 113 35.83 -9.08 -8.99
N ILE J 114 34.89 -9.51 -8.15
CA ILE J 114 33.82 -8.62 -7.72
C ILE J 114 33.76 -8.52 -6.20
N ASP J 115 33.61 -7.30 -5.70
CA ASP J 115 33.54 -7.06 -4.26
C ASP J 115 32.12 -6.88 -3.73
N PRO J 116 31.98 -6.74 -2.40
CA PRO J 116 30.67 -6.58 -1.76
C PRO J 116 29.79 -5.50 -2.33
N ILE J 117 30.38 -4.46 -2.86
CA ILE J 117 29.63 -3.35 -3.40
C ILE J 117 29.40 -3.49 -4.91
N GLY J 118 29.78 -4.64 -5.46
CA GLY J 118 29.61 -4.86 -6.89
C GLY J 118 30.65 -4.17 -7.75
N GLY J 119 31.84 -3.96 -7.19
CA GLY J 119 32.92 -3.33 -7.96
C GLY J 119 33.61 -4.48 -8.65
N ALA J 120 33.58 -4.47 -9.98
CA ALA J 120 34.19 -5.58 -10.71
C ALA J 120 35.39 -5.19 -11.52
N ILE J 121 36.51 -5.89 -11.27
CA ILE J 121 37.73 -5.63 -12.02
C ILE J 121 37.89 -6.77 -13.02
N GLU J 122 38.21 -6.43 -14.26
CA GLU J 122 38.40 -7.46 -15.27
C GLU J 122 39.83 -7.96 -15.26
N GLU J 123 40.01 -9.17 -14.73
CA GLU J 123 41.34 -9.77 -14.63
C GLU J 123 41.86 -10.26 -15.97
N LYS J 124 42.84 -9.55 -16.52
CA LYS J 124 43.41 -9.95 -17.81
C LYS J 124 44.58 -10.91 -17.69
N ASP J 125 44.84 -11.42 -16.49
CA ASP J 125 45.94 -12.36 -16.29
C ASP J 125 46.01 -13.07 -14.95
N ILE J 126 46.31 -12.31 -13.89
CA ILE J 126 46.45 -12.87 -12.55
C ILE J 126 45.50 -12.29 -11.51
N VAL J 127 45.11 -13.11 -10.53
CA VAL J 127 44.19 -12.66 -9.48
C VAL J 127 44.07 -13.65 -8.33
N ALA J 128 44.09 -13.11 -7.12
CA ALA J 128 43.98 -13.90 -5.90
C ALA J 128 42.90 -13.26 -5.05
N THR J 129 42.34 -14.04 -4.15
CA THR J 129 41.24 -13.59 -3.33
C THR J 129 41.26 -14.29 -1.99
N GLY J 130 40.68 -13.64 -0.98
CA GLY J 130 40.65 -14.23 0.36
C GLY J 130 41.77 -13.79 1.28
N SER J 131 41.71 -14.24 2.53
CA SER J 131 42.70 -13.86 3.53
C SER J 131 44.13 -14.21 3.15
N GLY J 132 44.31 -15.14 2.21
CA GLY J 132 45.64 -15.53 1.80
C GLY J 132 46.09 -14.91 0.48
N SER J 133 45.19 -14.18 -0.16
CA SER J 133 45.52 -13.60 -1.47
C SER J 133 46.86 -12.88 -1.58
N LEU J 134 47.23 -12.06 -0.60
CA LEU J 134 48.50 -11.31 -0.68
C LEU J 134 49.75 -12.20 -0.80
N THR J 135 49.72 -13.35 -0.14
CA THR J 135 50.84 -14.28 -0.20
C THR J 135 50.79 -14.95 -1.58
N ALA J 136 49.60 -15.44 -1.94
CA ALA J 136 49.41 -16.09 -3.22
C ALA J 136 49.91 -15.16 -4.32
N TYR J 137 49.49 -13.90 -4.25
CA TYR J 137 49.91 -12.91 -5.25
C TYR J 137 51.44 -12.92 -5.40
N GLY J 138 52.13 -13.22 -4.31
CA GLY J 138 53.58 -13.25 -4.37
C GLY J 138 54.10 -14.16 -5.45
N VAL J 139 53.78 -15.45 -5.35
CA VAL J 139 54.26 -16.40 -6.35
C VAL J 139 53.60 -16.16 -7.71
N LEU J 140 52.31 -15.83 -7.72
CA LEU J 140 51.64 -15.57 -8.98
C LEU J 140 52.36 -14.50 -9.77
N GLU J 141 52.68 -13.38 -9.12
CA GLU J 141 53.34 -12.31 -9.84
C GLU J 141 54.81 -12.60 -10.15
N ASP J 142 55.32 -13.67 -9.56
CA ASP J 142 56.71 -14.05 -9.75
C ASP J 142 56.86 -14.98 -10.96
N ARG J 143 56.07 -16.04 -10.97
CA ARG J 143 56.13 -17.05 -12.03
C ARG J 143 55.20 -16.93 -13.24
N PHE J 144 54.25 -16.00 -13.23
CA PHE J 144 53.34 -15.87 -14.36
C PHE J 144 53.88 -15.16 -15.59
N THR J 145 53.44 -15.63 -16.75
CA THR J 145 53.80 -15.07 -18.06
C THR J 145 52.55 -15.25 -18.90
N PRO J 146 52.21 -14.26 -19.73
CA PRO J 146 51.00 -14.39 -20.56
C PRO J 146 50.94 -15.66 -21.43
N GLU J 147 52.10 -16.18 -21.82
CA GLU J 147 52.16 -17.38 -22.64
C GLU J 147 51.94 -18.65 -21.83
N ILE J 148 51.83 -18.54 -20.52
CA ILE J 148 51.63 -19.74 -19.73
C ILE J 148 50.41 -20.51 -20.24
N GLY J 149 50.50 -21.83 -20.17
CA GLY J 149 49.39 -22.66 -20.63
C GLY J 149 48.65 -23.23 -19.46
N VAL J 150 47.33 -23.40 -19.63
CA VAL J 150 46.47 -23.92 -18.58
C VAL J 150 47.08 -25.09 -17.79
N ASP J 151 47.79 -25.97 -18.47
CA ASP J 151 48.36 -27.13 -17.81
C ASP J 151 49.41 -26.83 -16.78
N GLU J 152 50.25 -25.83 -17.06
CA GLU J 152 51.26 -25.47 -16.09
C GLU J 152 50.63 -24.44 -15.14
N ALA J 153 49.58 -23.78 -15.64
CA ALA J 153 48.87 -22.79 -14.84
C ALA J 153 48.24 -23.45 -13.63
N VAL J 154 47.77 -24.68 -13.79
CA VAL J 154 47.17 -25.34 -12.64
C VAL J 154 48.25 -25.65 -11.63
N GLU J 155 49.48 -25.85 -12.12
CA GLU J 155 50.59 -26.13 -11.20
C GLU J 155 50.85 -24.84 -10.43
N LEU J 156 51.01 -23.76 -11.18
CA LEU J 156 51.25 -22.45 -10.61
C LEU J 156 50.22 -22.16 -9.54
N ALA J 157 48.95 -22.37 -9.87
CA ALA J 157 47.85 -22.12 -8.96
C ALA J 157 48.06 -22.90 -7.67
N VAL J 158 48.29 -24.20 -7.78
CA VAL J 158 48.51 -25.03 -6.60
C VAL J 158 49.70 -24.51 -5.82
N ARG J 159 50.69 -24.02 -6.55
CA ARG J 159 51.92 -23.48 -6.00
C ARG J 159 51.60 -22.29 -5.11
N ALA J 160 50.88 -21.31 -5.67
CA ALA J 160 50.51 -20.10 -4.93
C ALA J 160 49.68 -20.39 -3.67
N ILE J 161 48.59 -21.13 -3.82
CA ILE J 161 47.74 -21.46 -2.68
C ILE J 161 48.51 -22.28 -1.64
N TYR J 162 49.56 -22.97 -2.07
CA TYR J 162 50.35 -23.76 -1.12
C TYR J 162 51.19 -22.83 -0.26
N SER J 163 51.71 -21.77 -0.87
CA SER J 163 52.51 -20.77 -0.15
C SER J 163 51.60 -20.10 0.86
N ALA J 164 50.44 -19.65 0.38
CA ALA J 164 49.48 -18.97 1.22
C ALA J 164 49.08 -19.75 2.44
N MET J 165 48.85 -21.05 2.31
CA MET J 165 48.45 -21.83 3.48
C MET J 165 49.54 -21.78 4.53
N LYS J 166 50.76 -21.49 4.09
CA LYS J 166 51.89 -21.45 5.01
C LYS J 166 51.95 -20.20 5.91
N ARG J 167 51.25 -19.14 5.53
CA ARG J 167 51.29 -17.90 6.31
C ARG J 167 49.91 -17.33 6.67
N ASP J 168 48.86 -18.00 6.25
CA ASP J 168 47.50 -17.58 6.53
C ASP J 168 46.83 -18.74 7.28
N SER J 169 46.69 -18.63 8.59
CA SER J 169 46.08 -19.70 9.36
C SER J 169 44.64 -19.91 8.96
N ALA J 170 44.08 -18.98 8.20
CA ALA J 170 42.69 -19.10 7.78
C ALA J 170 42.55 -19.94 6.51
N SER J 171 43.67 -20.28 5.90
CA SER J 171 43.68 -21.08 4.68
C SER J 171 44.19 -22.48 4.96
N GLY J 172 44.08 -23.37 3.97
CA GLY J 172 44.59 -24.72 4.16
C GLY J 172 43.66 -25.91 4.00
N ASP J 173 44.14 -27.07 4.46
CA ASP J 173 43.40 -28.32 4.43
C ASP J 173 43.32 -29.07 3.10
N GLY J 174 43.60 -28.39 1.99
CA GLY J 174 43.52 -29.06 0.71
C GLY J 174 43.28 -28.06 -0.38
N ILE J 175 43.21 -28.50 -1.63
CA ILE J 175 42.97 -27.53 -2.71
C ILE J 175 42.26 -28.06 -3.94
N ASP J 176 41.23 -27.35 -4.40
CA ASP J 176 40.48 -27.71 -5.59
C ASP J 176 41.06 -26.88 -6.71
N VAL J 177 41.04 -27.42 -7.92
CA VAL J 177 41.54 -26.67 -9.05
C VAL J 177 40.58 -26.98 -10.17
N VAL J 178 40.46 -26.05 -11.10
CA VAL J 178 39.57 -26.23 -12.23
C VAL J 178 40.18 -25.64 -13.48
N LYS J 179 40.17 -26.43 -14.54
CA LYS J 179 40.71 -26.01 -15.81
C LYS J 179 39.51 -25.79 -16.72
N ILE J 180 39.54 -24.70 -17.49
CA ILE J 180 38.45 -24.43 -18.41
C ILE J 180 39.14 -24.16 -19.72
N THR J 181 39.21 -25.22 -20.52
CA THR J 181 39.89 -25.17 -21.82
C THR J 181 39.05 -24.77 -23.03
N GLU J 182 37.91 -25.45 -23.20
CA GLU J 182 37.00 -25.25 -24.32
C GLU J 182 36.53 -26.63 -24.69
N ASP J 183 37.47 -27.56 -24.81
CA ASP J 183 37.13 -28.94 -25.11
C ASP J 183 36.70 -29.53 -23.79
N GLU J 184 36.78 -28.72 -22.74
CA GLU J 184 36.44 -29.26 -21.44
C GLU J 184 36.37 -28.22 -20.30
N PHE J 185 35.81 -28.68 -19.18
CA PHE J 185 35.68 -27.94 -17.94
C PHE J 185 36.09 -29.06 -17.01
N TYR J 186 37.38 -29.10 -16.66
CA TYR J 186 37.87 -30.18 -15.82
C TYR J 186 38.13 -29.83 -14.35
N GLN J 187 37.82 -30.77 -13.46
CA GLN J 187 38.07 -30.59 -12.02
C GLN J 187 38.96 -31.77 -11.57
N TYR J 188 40.19 -31.43 -11.19
CA TYR J 188 41.21 -32.41 -10.81
C TYR J 188 41.08 -33.52 -9.78
N SER J 189 40.13 -33.48 -8.86
CA SER J 189 40.06 -34.60 -7.90
C SER J 189 41.26 -34.62 -6.98
N PRO J 190 41.04 -34.90 -5.69
CA PRO J 190 42.10 -34.94 -4.70
C PRO J 190 43.40 -35.61 -5.14
N GLU J 191 43.28 -36.82 -5.69
CA GLU J 191 44.42 -37.60 -6.17
C GLU J 191 45.34 -36.79 -7.07
N GLU J 192 44.78 -36.27 -8.16
CA GLU J 192 45.57 -35.50 -9.10
C GLU J 192 46.23 -34.26 -8.52
N VAL J 193 45.54 -33.59 -7.59
CA VAL J 193 46.09 -32.40 -6.96
C VAL J 193 47.22 -32.83 -6.03
N GLU J 194 46.92 -33.79 -5.18
CA GLU J 194 47.87 -34.33 -4.22
C GLU J 194 49.16 -34.72 -4.93
N GLN J 195 49.03 -35.09 -6.19
CA GLN J 195 50.18 -35.52 -6.99
C GLN J 195 50.85 -34.34 -7.64
N ILE J 196 50.14 -33.22 -7.76
CA ILE J 196 50.72 -32.03 -8.37
C ILE J 196 51.53 -31.24 -7.35
N LEU J 197 51.05 -31.21 -6.11
CA LEU J 197 51.76 -30.48 -5.06
C LEU J 197 52.82 -31.40 -4.49
N ALA J 198 52.83 -32.65 -4.95
CA ALA J 198 53.82 -33.63 -4.48
C ALA J 198 55.20 -33.24 -5.01
N LYS J 199 55.21 -32.53 -6.14
CA LYS J 199 56.46 -32.07 -6.76
C LYS J 199 56.95 -30.82 -6.03
N PHE J 200 56.38 -30.55 -4.86
CA PHE J 200 56.74 -29.37 -4.08
C PHE J 200 57.31 -29.77 -2.72
N ARG J 201 56.44 -30.11 -1.76
CA ARG J 201 56.90 -30.51 -0.44
C ARG J 201 55.86 -31.31 0.38
N LYS J 202 54.62 -31.33 -0.09
CA LYS J 202 53.57 -32.07 0.61
C LYS J 202 52.55 -32.64 -0.38
N THR K 1 25.74 -25.96 26.25
CA THR K 1 25.33 -26.85 25.11
C THR K 1 26.51 -27.38 24.37
N THR K 2 26.31 -28.58 23.86
CA THR K 2 27.28 -29.28 23.07
C THR K 2 26.53 -30.44 22.40
N THR K 3 26.66 -30.52 21.08
CA THR K 3 26.01 -31.56 20.31
C THR K 3 27.05 -32.09 19.32
N VAL K 4 26.97 -33.36 19.01
CA VAL K 4 27.91 -33.96 18.07
C VAL K 4 27.14 -34.70 16.99
N GLY K 5 27.83 -34.94 15.87
CA GLY K 5 27.24 -35.65 14.77
C GLY K 5 28.34 -36.35 14.00
N LEU K 6 28.16 -37.62 13.72
CA LEU K 6 29.17 -38.35 12.96
C LEU K 6 28.55 -39.28 11.94
N VAL K 7 29.12 -39.27 10.73
CA VAL K 7 28.64 -40.09 9.65
C VAL K 7 29.44 -41.38 9.61
N CYS K 8 28.76 -42.48 9.93
CA CYS K 8 29.40 -43.77 9.96
C CYS K 8 29.26 -44.47 8.63
N LYS K 9 29.85 -45.65 8.52
CA LYS K 9 29.76 -46.41 7.28
C LYS K 9 28.35 -46.97 7.11
N ASP K 10 27.69 -47.22 8.24
CA ASP K 10 26.35 -47.77 8.25
C ASP K 10 25.26 -46.85 8.81
N GLY K 11 25.41 -45.54 8.61
CA GLY K 11 24.38 -44.66 9.14
C GLY K 11 24.86 -43.36 9.74
N VAL K 12 24.02 -42.76 10.57
CA VAL K 12 24.31 -41.49 11.19
C VAL K 12 23.99 -41.45 12.69
N VAL K 13 24.85 -40.78 13.45
CA VAL K 13 24.66 -40.65 14.89
C VAL K 13 24.70 -39.16 15.27
N MET K 14 23.83 -38.76 16.19
CA MET K 14 23.76 -37.38 16.64
C MET K 14 23.41 -37.42 18.10
N ALA K 15 24.04 -36.55 18.89
CA ALA K 15 23.77 -36.53 20.32
C ALA K 15 23.96 -35.12 20.88
N THR K 16 23.39 -34.88 22.04
CA THR K 16 23.48 -33.57 22.72
C THR K 16 23.30 -33.81 24.22
N GLU K 17 23.59 -32.80 25.03
CA GLU K 17 23.35 -32.93 26.46
C GLU K 17 22.06 -32.17 26.75
N LYS K 18 21.69 -32.08 28.02
CA LYS K 18 20.40 -31.48 28.37
C LYS K 18 20.42 -30.17 29.15
N ARG K 19 21.51 -29.42 29.11
CA ARG K 19 21.54 -28.21 29.90
C ARG K 19 21.14 -26.96 29.17
N ALA K 20 20.43 -26.08 29.88
CA ALA K 20 19.95 -24.81 29.33
C ALA K 20 20.34 -23.76 30.36
N THR K 21 21.08 -22.75 29.93
CA THR K 21 21.55 -21.72 30.85
C THR K 21 21.24 -20.30 30.44
N MET K 22 21.30 -19.42 31.42
CA MET K 22 21.10 -17.99 31.24
C MET K 22 22.13 -17.42 32.18
N GLY K 23 23.34 -17.24 31.67
CA GLY K 23 24.44 -16.73 32.47
C GLY K 23 24.97 -17.96 33.18
N ASN K 24 25.02 -17.93 34.49
CA ASN K 24 25.48 -19.08 35.26
C ASN K 24 24.26 -19.82 35.81
N PHE K 25 23.09 -19.22 35.65
CA PHE K 25 21.85 -19.82 36.11
C PHE K 25 21.52 -21.04 35.27
N ILE K 26 21.40 -22.18 35.93
CA ILE K 26 21.06 -23.38 35.21
C ILE K 26 19.55 -23.39 35.17
N ALA K 27 18.99 -23.05 34.01
CA ALA K 27 17.56 -22.97 33.84
C ALA K 27 16.92 -24.32 33.60
N SER K 28 17.68 -25.25 33.06
CA SER K 28 17.13 -26.55 32.79
C SER K 28 18.14 -27.68 32.71
N LYS K 29 17.79 -28.80 33.33
CA LYS K 29 18.62 -29.99 33.37
C LYS K 29 18.10 -31.01 32.33
N ALA K 30 16.99 -30.70 31.68
CA ALA K 30 16.44 -31.63 30.70
C ALA K 30 15.92 -30.99 29.41
N ALA K 31 16.59 -29.95 28.94
CA ALA K 31 16.17 -29.29 27.72
C ALA K 31 16.28 -30.24 26.53
N LYS K 32 15.33 -30.17 25.61
CA LYS K 32 15.33 -31.01 24.41
C LYS K 32 16.13 -30.29 23.34
N LYS K 33 17.11 -30.97 22.76
CA LYS K 33 17.94 -30.32 21.75
C LYS K 33 18.09 -31.17 20.52
N ILE K 34 17.31 -32.24 20.44
CA ILE K 34 17.37 -33.13 19.29
C ILE K 34 15.94 -33.34 18.75
N TYR K 35 15.73 -32.98 17.47
CA TYR K 35 14.41 -33.09 16.83
C TYR K 35 14.39 -34.02 15.64
N GLN K 36 13.25 -34.68 15.42
CA GLN K 36 13.12 -35.56 14.28
C GLN K 36 12.43 -34.78 13.15
N ILE K 37 13.08 -34.72 11.99
CA ILE K 37 12.53 -33.97 10.88
C ILE K 37 11.73 -34.86 9.96
N ALA K 38 12.32 -35.98 9.58
CA ALA K 38 11.68 -36.96 8.71
C ALA K 38 11.93 -38.33 9.34
N ASP K 39 11.60 -39.40 8.63
CA ASP K 39 11.81 -40.73 9.18
C ASP K 39 13.28 -41.06 9.43
N ARG K 40 14.15 -40.60 8.55
CA ARG K 40 15.57 -40.87 8.69
C ARG K 40 16.37 -39.58 8.71
N MET K 41 15.82 -38.57 9.37
CA MET K 41 16.46 -37.25 9.43
C MET K 41 16.26 -36.62 10.79
N ALA K 42 17.35 -36.18 11.41
CA ALA K 42 17.24 -35.53 12.71
C ALA K 42 17.90 -34.16 12.67
N MET K 43 17.71 -33.40 13.75
CA MET K 43 18.29 -32.07 13.86
C MET K 43 18.63 -31.73 15.32
N THR K 44 19.83 -31.19 15.54
CA THR K 44 20.24 -30.78 16.87
C THR K 44 20.26 -29.27 16.85
N THR K 45 19.89 -28.66 17.98
CA THR K 45 19.87 -27.21 18.08
C THR K 45 20.75 -26.64 19.20
N ALA K 46 21.63 -25.72 18.83
CA ALA K 46 22.47 -25.03 19.79
C ALA K 46 22.19 -23.57 19.55
N GLY K 47 22.21 -22.77 20.63
CA GLY K 47 21.97 -21.34 20.50
C GLY K 47 20.82 -20.84 21.36
N SER K 48 20.10 -19.84 20.86
CA SER K 48 18.98 -19.28 21.59
C SER K 48 17.84 -20.29 21.64
N VAL K 49 17.39 -20.62 22.84
CA VAL K 49 16.30 -21.56 23.03
C VAL K 49 15.09 -21.10 22.23
N GLY K 50 14.60 -19.90 22.52
CA GLY K 50 13.46 -19.39 21.79
C GLY K 50 13.61 -19.44 20.27
N ASP K 51 14.75 -18.97 19.76
CA ASP K 51 15.02 -18.98 18.32
C ASP K 51 15.05 -20.40 17.77
N ALA K 52 15.80 -21.28 18.43
CA ALA K 52 15.92 -22.66 17.98
C ALA K 52 14.56 -23.34 17.96
N GLN K 53 13.80 -23.20 19.04
CA GLN K 53 12.48 -23.83 19.12
C GLN K 53 11.56 -23.35 18.01
N PHE K 54 11.59 -22.04 17.75
CA PHE K 54 10.78 -21.44 16.71
C PHE K 54 11.14 -22.07 15.40
N LEU K 55 12.42 -22.04 15.08
CA LEU K 55 12.91 -22.58 13.82
C LEU K 55 12.61 -24.06 13.65
N ALA K 56 12.75 -24.82 14.72
CA ALA K 56 12.48 -26.25 14.68
C ALA K 56 11.05 -26.48 14.16
N ARG K 57 10.08 -25.77 14.76
CA ARG K 57 8.69 -25.91 14.34
C ARG K 57 8.56 -25.70 12.84
N ILE K 58 9.10 -24.57 12.36
CA ILE K 58 9.05 -24.24 10.94
C ILE K 58 9.65 -25.38 10.12
N ILE K 59 10.82 -25.84 10.52
CA ILE K 59 11.49 -26.91 9.80
C ILE K 59 10.59 -28.16 9.69
N LYS K 60 10.08 -28.63 10.83
CA LYS K 60 9.22 -29.81 10.82
C LYS K 60 8.04 -29.65 9.85
N ILE K 61 7.22 -28.63 10.11
CA ILE K 61 6.06 -28.33 9.28
C ILE K 61 6.39 -28.34 7.80
N GLU K 62 7.46 -27.66 7.41
CA GLU K 62 7.82 -27.64 5.99
C GLU K 62 8.28 -28.98 5.46
N ALA K 63 8.93 -29.76 6.30
CA ALA K 63 9.37 -31.06 5.85
C ALA K 63 8.10 -31.88 5.58
N ASN K 64 7.17 -31.87 6.56
CA ASN K 64 5.93 -32.63 6.44
C ASN K 64 5.21 -32.27 5.16
N LEU K 65 4.78 -31.02 5.10
CA LEU K 65 4.05 -30.52 3.95
C LEU K 65 4.75 -30.93 2.65
N TYR K 66 6.08 -30.90 2.63
CA TYR K 66 6.82 -31.25 1.43
C TYR K 66 6.43 -32.64 0.99
N GLU K 67 6.57 -33.59 1.91
CA GLU K 67 6.23 -34.98 1.64
C GLU K 67 4.74 -35.19 1.31
N ILE K 68 3.85 -34.69 2.17
CA ILE K 68 2.42 -34.83 1.94
C ILE K 68 2.04 -34.30 0.54
N ARG K 69 2.64 -33.20 0.11
CA ARG K 69 2.31 -32.65 -1.20
C ARG K 69 2.97 -33.34 -2.38
N ARG K 70 4.23 -33.70 -2.25
CA ARG K 70 4.95 -34.33 -3.36
C ARG K 70 5.07 -35.85 -3.25
N GLU K 71 4.50 -36.41 -2.19
CA GLU K 71 4.55 -37.85 -1.97
C GLU K 71 5.96 -38.43 -2.04
N ARG K 72 6.95 -37.59 -1.73
CA ARG K 72 8.35 -37.97 -1.69
C ARG K 72 8.88 -37.36 -0.40
N LYS K 73 9.81 -38.03 0.26
CA LYS K 73 10.37 -37.48 1.48
C LYS K 73 11.42 -36.49 1.05
N PRO K 74 11.56 -35.39 1.80
CA PRO K 74 12.57 -34.40 1.41
C PRO K 74 13.97 -34.88 1.76
N THR K 75 14.93 -34.60 0.87
CA THR K 75 16.30 -34.99 1.09
C THR K 75 16.92 -34.04 2.10
N VAL K 76 17.93 -34.50 2.85
CA VAL K 76 18.56 -33.61 3.82
C VAL K 76 19.02 -32.35 3.09
N ARG K 77 19.54 -32.52 1.88
CA ARG K 77 20.00 -31.39 1.08
C ARG K 77 18.87 -30.37 0.90
N ALA K 78 17.66 -30.86 0.62
CA ALA K 78 16.51 -29.98 0.44
C ALA K 78 16.17 -29.23 1.72
N ILE K 79 16.15 -29.92 2.85
CA ILE K 79 15.87 -29.27 4.11
C ILE K 79 16.99 -28.28 4.51
N ALA K 80 18.23 -28.65 4.21
CA ALA K 80 19.38 -27.80 4.54
C ALA K 80 19.40 -26.54 3.68
N THR K 81 18.96 -26.65 2.44
CA THR K 81 18.95 -25.50 1.53
C THR K 81 17.82 -24.59 1.98
N LEU K 82 16.72 -25.23 2.31
CA LEU K 82 15.55 -24.50 2.76
C LEU K 82 15.92 -23.64 3.96
N THR K 83 16.53 -24.28 4.96
CA THR K 83 16.91 -23.65 6.21
C THR K 83 17.98 -22.61 6.01
N SER K 84 18.88 -22.85 5.08
CA SER K 84 19.90 -21.88 4.84
C SER K 84 19.24 -20.58 4.39
N ASN K 85 18.47 -20.68 3.30
CA ASN K 85 17.78 -19.52 2.74
C ASN K 85 17.00 -18.74 3.77
N LEU K 86 16.25 -19.44 4.61
CA LEU K 86 15.47 -18.78 5.64
C LEU K 86 16.41 -18.03 6.57
N LEU K 87 17.43 -18.73 7.07
CA LEU K 87 18.39 -18.11 7.97
C LEU K 87 19.04 -16.87 7.36
N ASN K 88 19.53 -17.00 6.14
CA ASN K 88 20.20 -15.89 5.50
C ASN K 88 19.29 -14.70 5.20
N SER K 89 18.01 -14.95 4.93
CA SER K 89 17.10 -13.85 4.66
C SER K 89 17.04 -12.91 5.86
N TYR K 90 17.28 -13.47 7.03
CA TYR K 90 17.27 -12.69 8.25
C TYR K 90 18.68 -12.33 8.69
N ARG K 91 19.61 -12.29 7.74
CA ARG K 91 21.00 -11.98 8.08
C ARG K 91 21.28 -10.69 8.82
N TYR K 92 20.37 -9.72 8.78
CA TYR K 92 20.65 -8.48 9.50
C TYR K 92 20.10 -8.38 10.89
N PHE K 93 19.47 -9.46 11.33
CA PHE K 93 18.93 -9.60 12.69
C PHE K 93 18.71 -11.10 12.76
N PRO K 94 19.77 -11.88 12.54
CA PRO K 94 19.78 -13.34 12.56
C PRO K 94 19.28 -14.08 13.77
N TYR K 95 18.82 -15.30 13.53
CA TYR K 95 18.36 -16.16 14.60
C TYR K 95 19.64 -16.77 15.18
N LEU K 96 19.96 -16.40 16.43
CA LEU K 96 21.18 -16.91 17.07
C LEU K 96 21.06 -18.39 17.33
N VAL K 97 21.44 -19.17 16.33
CA VAL K 97 21.31 -20.61 16.42
C VAL K 97 22.31 -21.33 15.53
N GLN K 98 22.78 -22.48 15.99
CA GLN K 98 23.72 -23.32 15.22
C GLN K 98 22.99 -24.62 15.01
N LEU K 99 22.69 -24.95 13.76
CA LEU K 99 21.95 -26.17 13.51
C LEU K 99 22.72 -27.28 12.86
N LEU K 100 22.29 -28.49 13.20
CA LEU K 100 22.85 -29.71 12.68
C LEU K 100 21.65 -30.48 12.09
N ILE K 101 21.65 -30.65 10.78
CA ILE K 101 20.55 -31.37 10.12
C ILE K 101 21.14 -32.52 9.29
N GLY K 102 20.76 -33.74 9.64
CA GLY K 102 21.31 -34.87 8.90
C GLY K 102 20.52 -36.15 9.04
N GLY K 103 20.94 -37.13 8.26
CA GLY K 103 20.29 -38.43 8.28
C GLY K 103 20.63 -39.20 7.02
N ILE K 104 19.71 -40.07 6.60
CA ILE K 104 19.92 -40.88 5.42
C ILE K 104 18.82 -40.63 4.39
N ASP K 105 19.20 -40.44 3.14
CA ASP K 105 18.21 -40.20 2.11
C ASP K 105 18.68 -40.77 0.78
N SER K 106 17.83 -40.71 -0.24
CA SER K 106 18.19 -41.25 -1.54
C SER K 106 19.62 -40.90 -1.97
N GLU K 107 20.15 -39.76 -1.56
CA GLU K 107 21.50 -39.37 -1.95
C GLU K 107 22.60 -40.02 -1.12
N GLY K 108 22.21 -40.61 0.00
CA GLY K 108 23.18 -41.25 0.88
C GLY K 108 23.04 -40.83 2.34
N LYS K 109 24.18 -40.67 3.00
CA LYS K 109 24.23 -40.27 4.40
C LYS K 109 24.96 -38.95 4.46
N SER K 110 24.50 -38.02 5.31
CA SER K 110 25.17 -36.73 5.43
C SER K 110 24.66 -35.89 6.59
N ILE K 111 25.48 -34.92 7.00
CA ILE K 111 25.13 -34.02 8.08
C ILE K 111 25.49 -32.62 7.64
N TYR K 112 24.64 -31.65 7.99
CA TYR K 112 24.94 -30.27 7.64
C TYR K 112 24.97 -29.47 8.91
N SER K 113 25.98 -28.63 9.03
CA SER K 113 26.08 -27.75 10.17
C SER K 113 25.70 -26.42 9.58
N ILE K 114 24.70 -25.75 10.17
CA ILE K 114 24.27 -24.45 9.66
C ILE K 114 24.34 -23.33 10.72
N ASP K 115 24.91 -22.19 10.33
CA ASP K 115 25.04 -21.05 11.23
C ASP K 115 23.92 -20.00 11.09
N PRO K 116 23.92 -18.99 11.98
CA PRO K 116 22.91 -17.93 11.95
C PRO K 116 22.64 -17.27 10.61
N ILE K 117 23.68 -17.14 9.80
CA ILE K 117 23.57 -16.50 8.49
C ILE K 117 23.26 -17.50 7.36
N GLY K 118 23.00 -18.75 7.73
CA GLY K 118 22.68 -19.73 6.72
C GLY K 118 23.90 -20.32 6.00
N GLY K 119 25.06 -20.27 6.65
CA GLY K 119 26.27 -20.84 6.07
C GLY K 119 26.25 -22.30 6.41
N ALA K 120 26.09 -23.17 5.42
CA ALA K 120 26.01 -24.60 5.69
C ALA K 120 27.19 -25.43 5.22
N ILE K 121 27.84 -26.11 6.16
CA ILE K 121 28.99 -26.95 5.84
C ILE K 121 28.50 -28.39 5.83
N GLU K 122 28.87 -29.12 4.77
CA GLU K 122 28.47 -30.50 4.67
C GLU K 122 29.49 -31.37 5.39
N GLU K 123 29.08 -31.87 6.55
CA GLU K 123 29.92 -32.71 7.37
C GLU K 123 30.03 -34.14 6.80
N LYS K 124 31.22 -34.49 6.30
CA LYS K 124 31.45 -35.82 5.73
C LYS K 124 31.97 -36.83 6.74
N ASP K 125 31.99 -36.49 8.03
CA ASP K 125 32.47 -37.41 9.05
C ASP K 125 32.23 -37.00 10.50
N ILE K 126 32.87 -35.93 10.94
CA ILE K 126 32.76 -35.47 12.31
C ILE K 126 32.30 -34.02 12.45
N VAL K 127 31.58 -33.74 13.53
CA VAL K 127 31.10 -32.39 13.82
C VAL K 127 30.57 -32.20 15.23
N ALA K 128 30.92 -31.06 15.82
CA ALA K 128 30.47 -30.74 17.17
C ALA K 128 29.90 -29.33 17.13
N THR K 129 29.01 -29.03 18.05
CA THR K 129 28.35 -27.75 18.07
C THR K 129 28.11 -27.32 19.50
N GLY K 130 28.03 -26.02 19.71
CA GLY K 130 27.76 -25.54 21.06
C GLY K 130 28.96 -25.05 21.83
N SER K 131 28.69 -24.52 23.01
CA SER K 131 29.73 -23.98 23.85
C SER K 131 30.79 -25.02 24.21
N GLY K 132 30.43 -26.31 24.09
CA GLY K 132 31.36 -27.36 24.43
C GLY K 132 31.98 -28.05 23.21
N SER K 133 31.55 -27.66 22.02
CA SER K 133 32.06 -28.27 20.81
C SER K 133 33.57 -28.44 20.73
N LEU K 134 34.33 -27.43 21.12
CA LEU K 134 35.78 -27.53 21.03
C LEU K 134 36.39 -28.66 21.84
N THR K 135 35.82 -28.95 23.00
CA THR K 135 36.34 -30.03 23.83
C THR K 135 35.92 -31.35 23.22
N ALA K 136 34.65 -31.41 22.81
CA ALA K 136 34.10 -32.60 22.15
C ALA K 136 34.96 -32.94 20.93
N TYR K 137 35.26 -31.94 20.10
CA TYR K 137 36.08 -32.14 18.91
C TYR K 137 37.37 -32.88 19.26
N GLY K 138 37.88 -32.62 20.46
CA GLY K 138 39.11 -33.24 20.91
C GLY K 138 39.06 -34.76 20.79
N VAL K 139 38.10 -35.37 21.49
CA VAL K 139 38.00 -36.81 21.43
C VAL K 139 37.51 -37.29 20.07
N LEU K 140 36.53 -36.58 19.50
CA LEU K 140 36.02 -36.97 18.18
C LEU K 140 37.14 -37.07 17.16
N GLU K 141 38.03 -36.09 17.15
CA GLU K 141 39.09 -36.15 16.17
C GLU K 141 40.19 -37.13 16.56
N ASP K 142 40.12 -37.63 17.79
CA ASP K 142 41.11 -38.56 18.29
C ASP K 142 40.75 -40.00 17.95
N ARG K 143 39.52 -40.38 18.31
CA ARG K 143 39.01 -41.73 18.11
C ARG K 143 38.21 -42.07 16.84
N PHE K 144 37.90 -41.08 16.01
CA PHE K 144 37.10 -41.38 14.83
C PHE K 144 37.88 -41.93 13.66
N THR K 145 37.22 -42.83 12.94
CA THR K 145 37.75 -43.46 11.74
C THR K 145 36.55 -43.61 10.83
N PRO K 146 36.74 -43.41 9.52
CA PRO K 146 35.60 -43.54 8.62
C PRO K 146 34.87 -44.89 8.69
N GLU K 147 35.60 -45.96 9.02
CA GLU K 147 34.97 -47.28 9.11
C GLU K 147 34.15 -47.45 10.37
N ILE K 148 34.18 -46.48 11.26
CA ILE K 148 33.41 -46.61 12.48
C ILE K 148 31.95 -46.93 12.17
N GLY K 149 31.37 -47.82 12.99
CA GLY K 149 29.98 -48.21 12.81
C GLY K 149 29.09 -47.45 13.77
N VAL K 150 27.85 -47.19 13.37
CA VAL K 150 26.93 -46.45 14.19
C VAL K 150 26.90 -46.90 15.65
N ASP K 151 27.01 -48.21 15.88
CA ASP K 151 26.96 -48.73 17.23
C ASP K 151 28.07 -48.28 18.17
N GLU K 152 29.28 -48.16 17.64
CA GLU K 152 30.39 -47.70 18.47
C GLU K 152 30.42 -46.17 18.34
N ALA K 153 29.77 -45.65 17.31
CA ALA K 153 29.73 -44.22 17.10
C ALA K 153 28.87 -43.58 18.17
N VAL K 154 27.85 -44.28 18.67
CA VAL K 154 27.03 -43.67 19.72
C VAL K 154 27.85 -43.66 21.01
N GLU K 155 28.75 -44.62 21.17
CA GLU K 155 29.58 -44.66 22.37
C GLU K 155 30.53 -43.46 22.23
N LEU K 156 31.15 -43.32 21.07
CA LEU K 156 32.06 -42.22 20.80
C LEU K 156 31.39 -40.90 21.09
N ALA K 157 30.16 -40.77 20.63
CA ALA K 157 29.39 -39.56 20.83
C ALA K 157 29.23 -39.29 22.31
N VAL K 158 28.82 -40.29 23.06
CA VAL K 158 28.63 -40.11 24.51
C VAL K 158 29.94 -39.74 25.17
N ARG K 159 31.00 -40.32 24.65
CA ARG K 159 32.35 -40.12 25.14
C ARG K 159 32.71 -38.64 25.03
N ALA K 160 32.56 -38.11 23.82
CA ALA K 160 32.88 -36.72 23.56
C ALA K 160 32.06 -35.73 24.40
N ILE K 161 30.75 -35.90 24.41
CA ILE K 161 29.92 -34.98 25.16
C ILE K 161 30.21 -35.09 26.66
N TYR K 162 30.72 -36.24 27.07
CA TYR K 162 31.05 -36.44 28.48
C TYR K 162 32.30 -35.60 28.81
N SER K 163 33.27 -35.58 27.90
CA SER K 163 34.48 -34.79 28.11
C SER K 163 34.11 -33.34 28.18
N ALA K 164 33.30 -32.92 27.22
CA ALA K 164 32.85 -31.54 27.14
C ALA K 164 32.18 -31.08 28.42
N MET K 165 31.35 -31.92 29.01
CA MET K 165 30.64 -31.51 30.21
C MET K 165 31.60 -31.23 31.35
N LYS K 166 32.82 -31.75 31.22
CA LYS K 166 33.82 -31.57 32.25
C LYS K 166 34.53 -30.22 32.18
N ARG K 167 34.46 -29.55 31.03
CA ARG K 167 35.17 -28.28 30.90
C ARG K 167 34.29 -27.13 30.42
N ASP K 168 33.03 -27.41 30.19
CA ASP K 168 32.09 -26.38 29.75
C ASP K 168 30.96 -26.33 30.78
N SER K 169 30.97 -25.33 31.65
CA SER K 169 29.92 -25.25 32.67
C SER K 169 28.53 -25.07 32.06
N ALA K 170 28.49 -24.69 30.79
CA ALA K 170 27.22 -24.49 30.08
C ALA K 170 26.64 -25.80 29.54
N SER K 171 27.41 -26.89 29.66
CA SER K 171 26.96 -28.21 29.20
C SER K 171 26.68 -29.12 30.38
N GLY K 172 26.06 -30.28 30.12
CA GLY K 172 25.80 -31.21 31.20
C GLY K 172 24.39 -31.70 31.45
N ASP K 173 24.23 -32.31 32.62
CA ASP K 173 22.96 -32.84 33.12
C ASP K 173 22.46 -34.17 32.56
N GLY K 174 22.94 -34.55 31.38
CA GLY K 174 22.51 -35.81 30.80
C GLY K 174 22.83 -35.78 29.33
N ILE K 175 22.49 -36.83 28.59
CA ILE K 175 22.76 -36.82 27.16
C ILE K 175 21.83 -37.71 26.33
N ASP K 176 21.29 -37.13 25.25
CA ASP K 176 20.40 -37.84 24.34
C ASP K 176 21.24 -38.29 23.20
N VAL K 177 20.91 -39.43 22.64
CA VAL K 177 21.65 -39.93 21.51
C VAL K 177 20.62 -40.46 20.52
N VAL K 178 20.98 -40.41 19.25
CA VAL K 178 20.08 -40.89 18.22
C VAL K 178 20.88 -41.59 17.14
N LYS K 179 20.39 -42.77 16.77
CA LYS K 179 21.01 -43.57 15.75
C LYS K 179 20.05 -43.53 14.56
N ILE K 180 20.60 -43.37 13.36
CA ILE K 180 19.77 -43.35 12.15
C ILE K 180 20.44 -44.35 11.23
N THR K 181 19.92 -45.56 11.26
CA THR K 181 20.48 -46.66 10.49
C THR K 181 19.90 -46.89 9.09
N GLU K 182 18.58 -46.93 9.01
CA GLU K 182 17.86 -47.17 7.75
C GLU K 182 16.73 -48.10 8.12
N ASP K 183 17.08 -49.14 8.86
CA ASP K 183 16.08 -50.10 9.33
C ASP K 183 15.45 -49.42 10.54
N GLU K 184 15.98 -48.25 10.89
CA GLU K 184 15.49 -47.58 12.08
C GLU K 184 16.00 -46.14 12.30
N PHE K 185 15.31 -45.47 13.22
CA PHE K 185 15.62 -44.12 13.70
C PHE K 185 15.44 -44.40 15.17
N TYR K 186 16.54 -44.70 15.86
CA TYR K 186 16.46 -45.04 17.28
C TYR K 186 16.91 -43.97 18.27
N GLN K 187 16.21 -43.87 19.38
CA GLN K 187 16.57 -42.91 20.43
C GLN K 187 16.75 -43.72 21.71
N TYR K 188 17.99 -43.75 22.17
CA TYR K 188 18.39 -44.53 23.34
C TYR K 188 17.77 -44.50 24.73
N SER K 189 17.01 -43.48 25.10
CA SER K 189 16.42 -43.52 26.44
C SER K 189 17.49 -43.42 27.54
N PRO K 190 17.20 -42.67 28.60
CA PRO K 190 18.14 -42.50 29.70
C PRO K 190 18.88 -43.77 30.13
N GLU K 191 18.13 -44.83 30.42
CA GLU K 191 18.69 -46.10 30.85
C GLU K 191 19.85 -46.56 29.98
N GLU K 192 19.60 -46.70 28.69
CA GLU K 192 20.62 -47.14 27.78
C GLU K 192 21.84 -46.24 27.72
N VAL K 193 21.62 -44.93 27.81
CA VAL K 193 22.73 -44.00 27.76
C VAL K 193 23.52 -44.11 29.06
N GLU K 194 22.79 -44.09 30.17
CA GLU K 194 23.39 -44.19 31.50
C GLU K 194 24.27 -45.43 31.60
N GLN K 195 23.92 -46.44 30.82
CA GLN K 195 24.67 -47.67 30.84
C GLN K 195 25.83 -47.63 29.87
N ILE K 196 25.77 -46.73 28.90
CA ILE K 196 26.85 -46.62 27.94
C ILE K 196 27.99 -45.78 28.50
N LEU K 197 27.64 -44.75 29.25
CA LEU K 197 28.65 -43.88 29.84
C LEU K 197 29.14 -44.52 31.13
N ALA K 198 28.49 -45.62 31.54
CA ALA K 198 28.87 -46.35 32.74
C ALA K 198 30.22 -47.00 32.54
N LYS K 199 30.56 -47.27 31.29
CA LYS K 199 31.82 -47.90 30.93
C LYS K 199 32.92 -46.83 30.90
N PHE K 200 32.61 -45.65 31.44
CA PHE K 200 33.55 -44.55 31.47
C PHE K 200 33.89 -44.15 32.91
N ARG K 201 33.01 -43.40 33.56
CA ARG K 201 33.26 -42.98 34.94
C ARG K 201 32.01 -42.56 35.71
N LYS K 202 30.90 -42.35 34.98
CA LYS K 202 29.64 -41.93 35.61
C LYS K 202 28.44 -42.54 34.87
N THR L 1 10.01 -9.71 42.78
CA THR L 1 9.16 -10.85 42.29
C THR L 1 9.83 -12.20 42.38
N THR L 2 9.01 -13.19 42.70
CA THR L 2 9.44 -14.56 42.81
C THR L 2 8.18 -15.44 42.74
N THR L 3 8.20 -16.40 41.84
CA THR L 3 7.08 -17.32 41.65
C THR L 3 7.68 -18.70 41.47
N VAL L 4 6.96 -19.70 41.98
CA VAL L 4 7.42 -21.06 41.87
C VAL L 4 6.34 -21.92 41.25
N GLY L 5 6.76 -23.08 40.77
CA GLY L 5 5.83 -24.02 40.19
C GLY L 5 6.39 -25.42 40.33
N LEU L 6 5.57 -26.35 40.81
CA LEU L 6 6.04 -27.72 40.95
C LEU L 6 5.00 -28.73 40.49
N VAL L 7 5.47 -29.72 39.74
CA VAL L 7 4.60 -30.78 39.23
C VAL L 7 4.67 -31.96 40.21
N CYS L 8 3.55 -32.20 40.87
CA CYS L 8 3.45 -33.27 41.84
C CYS L 8 2.89 -34.53 41.18
N LYS L 9 2.81 -35.61 41.94
CA LYS L 9 2.28 -36.87 41.41
C LYS L 9 0.78 -36.73 41.20
N ASP L 10 0.13 -35.88 42.00
CA ASP L 10 -1.31 -35.68 41.92
C ASP L 10 -1.75 -34.28 41.49
N GLY L 11 -0.99 -33.63 40.63
CA GLY L 11 -1.40 -32.31 40.21
C GLY L 11 -0.28 -31.31 39.99
N VAL L 12 -0.63 -30.02 40.10
CA VAL L 12 0.30 -28.93 39.90
C VAL L 12 0.06 -27.82 40.89
N VAL L 13 1.16 -27.22 41.36
CA VAL L 13 1.08 -26.11 42.31
C VAL L 13 1.89 -24.94 41.76
N MET L 14 1.38 -23.74 41.96
CA MET L 14 2.02 -22.52 41.52
C MET L 14 1.77 -21.44 42.53
N ALA L 15 2.80 -20.65 42.82
CA ALA L 15 2.65 -19.57 43.80
C ALA L 15 3.53 -18.37 43.44
N THR L 16 3.19 -17.21 44.01
CA THR L 16 3.92 -15.97 43.78
C THR L 16 3.74 -15.06 44.99
N GLU L 17 4.57 -14.05 45.13
CA GLU L 17 4.34 -13.12 46.24
C GLU L 17 3.58 -11.93 45.65
N LYS L 18 3.39 -10.87 46.43
CA LYS L 18 2.61 -9.73 45.98
C LYS L 18 3.30 -8.40 45.81
N ARG L 19 4.62 -8.39 45.67
CA ARG L 19 5.29 -7.10 45.56
C ARG L 19 5.56 -6.63 44.14
N ALA L 20 5.44 -5.31 43.94
CA ALA L 20 5.70 -4.68 42.65
C ALA L 20 6.57 -3.48 42.97
N THR L 21 7.73 -3.41 42.33
CA THR L 21 8.66 -2.32 42.59
C THR L 21 9.09 -1.55 41.35
N MET L 22 9.66 -0.38 41.59
CA MET L 22 10.19 0.46 40.53
C MET L 22 11.39 1.05 41.25
N GLY L 23 12.50 0.33 41.13
CA GLY L 23 13.73 0.72 41.81
C GLY L 23 13.63 0.18 43.22
N ASN L 24 13.72 1.07 44.19
CA ASN L 24 13.60 0.67 45.58
C ASN L 24 12.21 1.02 46.08
N PHE L 25 11.48 1.76 45.25
CA PHE L 25 10.12 2.17 45.57
C PHE L 25 9.18 0.96 45.54
N ILE L 26 8.51 0.70 46.65
CA ILE L 26 7.56 -0.39 46.70
C ILE L 26 6.25 0.23 46.17
N ALA L 27 5.89 -0.13 44.94
CA ALA L 27 4.72 0.41 44.31
C ALA L 27 3.46 -0.33 44.73
N SER L 28 3.60 -1.60 45.03
CA SER L 28 2.45 -2.37 45.45
C SER L 28 2.75 -3.53 46.37
N LYS L 29 1.89 -3.69 47.37
CA LYS L 29 2.00 -4.76 48.35
C LYS L 29 1.02 -5.86 47.99
N ALA L 30 0.23 -5.66 46.94
CA ALA L 30 -0.75 -6.67 46.58
C ALA L 30 -0.93 -6.91 45.07
N ALA L 31 0.15 -6.82 44.32
CA ALA L 31 0.09 -7.03 42.88
C ALA L 31 -0.35 -8.46 42.58
N LYS L 32 -1.16 -8.63 41.52
CA LYS L 32 -1.63 -9.95 41.12
C LYS L 32 -0.61 -10.50 40.14
N LYS L 33 -0.16 -11.73 40.37
CA LYS L 33 0.85 -12.32 39.50
C LYS L 33 0.49 -13.72 39.08
N ILE L 34 -0.72 -14.14 39.43
CA ILE L 34 -1.18 -15.47 39.08
C ILE L 34 -2.52 -15.33 38.34
N TYR L 35 -2.62 -15.92 37.15
CA TYR L 35 -3.82 -15.82 36.32
C TYR L 35 -4.38 -17.18 35.93
N GLN L 36 -5.69 -17.26 35.75
CA GLN L 36 -6.30 -18.51 35.33
C GLN L 36 -6.55 -18.44 33.82
N ILE L 37 -5.99 -19.41 33.10
CA ILE L 37 -6.11 -19.47 31.65
C ILE L 37 -7.30 -20.34 31.24
N ALA L 38 -7.35 -21.54 31.80
CA ALA L 38 -8.41 -22.48 31.53
C ALA L 38 -8.86 -23.08 32.86
N ASP L 39 -9.75 -24.06 32.83
CA ASP L 39 -10.21 -24.63 34.08
C ASP L 39 -9.11 -25.28 34.91
N ARG L 40 -8.19 -25.94 34.25
CA ARG L 40 -7.09 -26.60 34.94
C ARG L 40 -5.73 -26.08 34.45
N MET L 41 -5.66 -24.77 34.22
CA MET L 41 -4.44 -24.13 33.75
C MET L 41 -4.25 -22.75 34.37
N ALA L 42 -3.06 -22.49 34.91
CA ALA L 42 -2.76 -21.20 35.51
C ALA L 42 -1.51 -20.63 34.87
N MET L 43 -1.21 -19.38 35.18
CA MET L 43 -0.04 -18.71 34.64
C MET L 43 0.49 -17.72 35.66
N THR L 44 1.80 -17.69 35.85
CA THR L 44 2.37 -16.73 36.79
C THR L 44 3.18 -15.77 35.93
N THR L 45 3.21 -14.50 36.32
CA THR L 45 3.95 -13.51 35.56
C THR L 45 5.03 -12.79 36.32
N ALA L 46 6.23 -12.77 35.76
CA ALA L 46 7.33 -12.05 36.37
C ALA L 46 7.84 -11.13 35.27
N GLY L 47 8.30 -9.94 35.65
CA GLY L 47 8.83 -9.00 34.67
C GLY L 47 8.14 -7.65 34.66
N SER L 48 8.04 -7.04 33.48
CA SER L 48 7.38 -5.75 33.35
C SER L 48 5.88 -5.87 33.64
N VAL L 49 5.39 -5.08 34.59
CA VAL L 49 3.98 -5.14 34.93
C VAL L 49 3.11 -4.92 33.70
N GLY L 50 3.34 -3.80 33.01
CA GLY L 50 2.55 -3.51 31.82
C GLY L 50 2.60 -4.58 30.74
N ASP L 51 3.79 -5.11 30.49
CA ASP L 51 3.98 -6.12 29.48
C ASP L 51 3.27 -7.41 29.88
N ALA L 52 3.46 -7.81 31.13
CA ALA L 52 2.85 -9.04 31.64
C ALA L 52 1.35 -8.94 31.58
N GLN L 53 0.80 -7.85 32.10
CA GLN L 53 -0.64 -7.67 32.10
C GLN L 53 -1.20 -7.72 30.69
N PHE L 54 -0.53 -7.02 29.77
CA PHE L 54 -0.95 -6.98 28.39
C PHE L 54 -1.01 -8.39 27.82
N LEU L 55 0.10 -9.09 27.95
CA LEU L 55 0.19 -10.45 27.47
C LEU L 55 -0.85 -11.36 28.12
N ALA L 56 -1.06 -11.20 29.42
CA ALA L 56 -2.04 -12.03 30.12
C ALA L 56 -3.40 -11.94 29.43
N ARG L 57 -3.88 -10.73 29.19
CA ARG L 57 -5.17 -10.56 28.51
C ARG L 57 -5.20 -11.34 27.20
N ILE L 58 -4.19 -11.16 26.36
CA ILE L 58 -4.13 -11.85 25.08
C ILE L 58 -4.25 -13.33 25.31
N ILE L 59 -3.42 -13.86 26.20
CA ILE L 59 -3.40 -15.29 26.49
C ILE L 59 -4.80 -15.79 26.82
N LYS L 60 -5.44 -15.16 27.79
CA LYS L 60 -6.78 -15.56 28.20
C LYS L 60 -7.76 -15.59 27.03
N ILE L 61 -7.95 -14.43 26.41
CA ILE L 61 -8.84 -14.29 25.27
C ILE L 61 -8.63 -15.41 24.27
N GLU L 62 -7.39 -15.68 23.91
CA GLU L 62 -7.13 -16.71 22.94
C GLU L 62 -7.41 -18.13 23.42
N ALA L 63 -7.23 -18.37 24.72
CA ALA L 63 -7.53 -19.68 25.24
C ALA L 63 -9.03 -19.84 25.14
N ASN L 64 -9.78 -18.84 25.61
CA ASN L 64 -11.24 -18.87 25.56
C ASN L 64 -11.75 -19.17 24.16
N LEU L 65 -11.44 -18.26 23.25
CA LEU L 65 -11.86 -18.37 21.87
C LEU L 65 -11.57 -19.76 21.30
N TYR L 66 -10.40 -20.29 21.64
CA TYR L 66 -9.98 -21.62 21.17
C TYR L 66 -11.05 -22.63 21.56
N GLU L 67 -11.40 -22.65 22.84
CA GLU L 67 -12.40 -23.57 23.36
C GLU L 67 -13.79 -23.33 22.75
N ILE L 68 -14.28 -22.09 22.86
CA ILE L 68 -15.59 -21.76 22.31
C ILE L 68 -15.72 -22.18 20.85
N ARG L 69 -14.65 -22.02 20.07
CA ARG L 69 -14.69 -22.38 18.66
C ARG L 69 -14.52 -23.87 18.35
N ARG L 70 -13.58 -24.52 19.04
CA ARG L 70 -13.33 -25.94 18.80
C ARG L 70 -14.00 -26.89 19.78
N GLU L 71 -14.73 -26.33 20.75
CA GLU L 71 -15.42 -27.13 21.76
C GLU L 71 -14.49 -28.13 22.45
N ARG L 72 -13.23 -27.77 22.54
CA ARG L 72 -12.20 -28.56 23.22
C ARG L 72 -11.39 -27.54 24.00
N LYS L 73 -10.93 -27.91 25.18
CA LYS L 73 -10.11 -27.00 25.95
C LYS L 73 -8.72 -27.08 25.36
N PRO L 74 -8.01 -25.95 25.34
CA PRO L 74 -6.67 -26.01 24.77
C PRO L 74 -5.72 -26.68 25.76
N THR L 75 -4.76 -27.41 25.24
CA THR L 75 -3.77 -28.09 26.06
C THR L 75 -2.72 -27.04 26.46
N VAL L 76 -2.04 -27.24 27.60
CA VAL L 76 -1.00 -26.29 28.01
C VAL L 76 0.02 -26.18 26.88
N ARG L 77 0.29 -27.27 26.18
CA ARG L 77 1.26 -27.25 25.10
C ARG L 77 0.84 -26.25 24.04
N ALA L 78 -0.45 -26.26 23.71
CA ALA L 78 -0.99 -25.35 22.70
C ALA L 78 -0.85 -23.90 23.13
N ILE L 79 -1.16 -23.64 24.40
CA ILE L 79 -1.06 -22.29 24.91
C ILE L 79 0.40 -21.85 24.98
N ALA L 80 1.27 -22.80 25.34
CA ALA L 80 2.69 -22.50 25.46
C ALA L 80 3.29 -22.22 24.09
N THR L 81 2.87 -22.99 23.09
CA THR L 81 3.39 -22.83 21.74
C THR L 81 2.91 -21.50 21.19
N LEU L 82 1.64 -21.22 21.44
CA LEU L 82 1.01 -19.99 21.01
C LEU L 82 1.82 -18.81 21.55
N THR L 83 1.98 -18.80 22.88
CA THR L 83 2.69 -17.75 23.58
C THR L 83 4.14 -17.62 23.12
N SER L 84 4.82 -18.76 22.92
CA SER L 84 6.21 -18.73 22.46
C SER L 84 6.32 -17.96 21.15
N ASN L 85 5.51 -18.37 20.17
CA ASN L 85 5.52 -17.74 18.86
C ASN L 85 5.29 -16.26 18.99
N LEU L 86 4.29 -15.86 19.78
CA LEU L 86 3.98 -14.44 19.91
C LEU L 86 5.21 -13.75 20.46
N LEU L 87 5.74 -14.26 21.56
CA LEU L 87 6.91 -13.68 22.18
C LEU L 87 8.07 -13.55 21.21
N ASN L 88 8.40 -14.63 20.51
CA ASN L 88 9.52 -14.61 19.59
C ASN L 88 9.35 -13.65 18.41
N SER L 89 8.12 -13.48 17.95
CA SER L 89 7.85 -12.59 16.82
C SER L 89 8.35 -11.20 17.19
N TYR L 90 8.28 -10.86 18.47
CA TYR L 90 8.73 -9.56 18.93
C TYR L 90 10.16 -9.58 19.46
N ARG L 91 10.92 -10.57 19.02
CA ARG L 91 12.29 -10.73 19.49
C ARG L 91 13.22 -9.55 19.35
N TYR L 92 12.90 -8.54 18.55
CA TYR L 92 13.82 -7.41 18.47
C TYR L 92 13.43 -6.20 19.28
N PHE L 93 12.40 -6.37 20.08
CA PHE L 93 11.89 -5.37 20.99
C PHE L 93 10.94 -6.19 21.85
N PRO L 94 11.46 -7.28 22.43
CA PRO L 94 10.73 -8.22 23.29
C PRO L 94 9.98 -7.70 24.49
N TYR L 95 8.94 -8.44 24.89
CA TYR L 95 8.15 -8.09 26.05
C TYR L 95 8.97 -8.60 27.22
N LEU L 96 9.46 -7.70 28.07
CA LEU L 96 10.28 -8.12 29.21
C LEU L 96 9.46 -8.87 30.23
N VAL L 97 9.29 -10.17 30.00
CA VAL L 97 8.45 -10.93 30.88
C VAL L 97 8.92 -12.38 30.94
N GLN L 98 8.75 -13.01 32.10
CA GLN L 98 9.13 -14.42 32.29
C GLN L 98 7.85 -15.11 32.68
N LEU L 99 7.35 -15.98 31.82
CA LEU L 99 6.09 -16.63 32.13
C LEU L 99 6.19 -18.06 32.57
N LEU L 100 5.17 -18.45 33.33
CA LEU L 100 5.03 -19.79 33.82
C LEU L 100 3.61 -20.17 33.45
N ILE L 101 3.46 -21.13 32.55
CA ILE L 101 2.14 -21.58 32.10
C ILE L 101 1.98 -23.08 32.34
N GLY L 102 1.10 -23.47 33.24
CA GLY L 102 0.94 -24.89 33.49
C GLY L 102 -0.39 -25.29 34.07
N GLY L 103 -0.60 -26.60 34.15
CA GLY L 103 -1.83 -27.15 34.68
C GLY L 103 -1.95 -28.60 34.28
N ILE L 104 -3.19 -29.09 34.20
CA ILE L 104 -3.47 -30.47 33.84
C ILE L 104 -4.33 -30.51 32.57
N ASP L 105 -4.00 -31.41 31.66
CA ASP L 105 -4.74 -31.55 30.42
C ASP L 105 -4.70 -32.99 29.91
N SER L 106 -5.37 -33.24 28.80
CA SER L 106 -5.42 -34.59 28.24
C SER L 106 -4.03 -35.22 28.11
N GLU L 107 -2.98 -34.41 28.02
CA GLU L 107 -1.64 -34.95 27.85
C GLU L 107 -0.99 -35.28 29.18
N GLY L 108 -1.55 -34.76 30.26
CA GLY L 108 -0.98 -35.00 31.56
C GLY L 108 -0.84 -33.73 32.38
N LYS L 109 0.23 -33.66 33.17
CA LYS L 109 0.51 -32.50 34.01
C LYS L 109 1.82 -31.92 33.52
N SER L 110 1.93 -30.60 33.50
CA SER L 110 3.16 -29.98 33.06
C SER L 110 3.20 -28.49 33.31
N ILE L 111 4.41 -27.93 33.28
CA ILE L 111 4.59 -26.51 33.48
C ILE L 111 5.62 -26.03 32.48
N TYR L 112 5.38 -24.87 31.90
CA TYR L 112 6.32 -24.30 30.95
C TYR L 112 6.80 -22.95 31.45
N SER L 113 8.11 -22.78 31.38
CA SER L 113 8.74 -21.53 31.76
C SER L 113 9.08 -20.90 30.41
N ILE L 114 8.60 -19.68 30.17
CA ILE L 114 8.85 -19.02 28.89
C ILE L 114 9.47 -17.65 29.06
N ASP L 115 10.51 -17.39 28.28
CA ASP L 115 11.23 -16.13 28.37
C ASP L 115 10.83 -15.11 27.30
N PRO L 116 11.34 -13.87 27.42
CA PRO L 116 11.05 -12.80 26.47
C PRO L 116 11.12 -13.18 25.01
N ILE L 117 12.04 -14.07 24.66
CA ILE L 117 12.21 -14.45 23.27
C ILE L 117 11.41 -15.69 22.89
N GLY L 118 10.54 -16.11 23.80
CA GLY L 118 9.73 -17.29 23.51
C GLY L 118 10.46 -18.61 23.68
N GLY L 119 11.47 -18.63 24.55
CA GLY L 119 12.21 -19.84 24.80
C GLY L 119 11.43 -20.54 25.90
N ALA L 120 10.85 -21.69 25.58
CA ALA L 120 10.05 -22.42 26.56
C ALA L 120 10.66 -23.72 27.04
N ILE L 121 10.90 -23.82 28.34
CA ILE L 121 11.46 -25.03 28.92
C ILE L 121 10.34 -25.77 29.60
N GLU L 122 10.21 -27.06 29.29
CA GLU L 122 9.16 -27.87 29.90
C GLU L 122 9.64 -28.38 31.26
N GLU L 123 9.08 -27.79 32.30
CA GLU L 123 9.41 -28.13 33.66
C GLU L 123 8.77 -29.47 34.08
N LYS L 124 9.61 -30.48 34.28
CA LYS L 124 9.12 -31.79 34.70
C LYS L 124 9.07 -31.99 36.23
N ASP L 125 9.32 -30.94 37.00
CA ASP L 125 9.28 -31.03 38.46
C ASP L 125 9.33 -29.72 39.24
N ILE L 126 10.45 -29.00 39.16
CA ILE L 126 10.62 -27.76 39.91
C ILE L 126 10.97 -26.55 39.04
N VAL L 127 10.48 -25.37 39.44
CA VAL L 127 10.77 -24.14 38.71
C VAL L 127 10.48 -22.90 39.52
N ALA L 128 11.38 -21.92 39.40
CA ALA L 128 11.23 -20.66 40.11
C ALA L 128 11.47 -19.53 39.10
N THR L 129 10.86 -18.38 39.36
CA THR L 129 10.94 -17.28 38.42
C THR L 129 10.99 -15.96 39.16
N GLY L 130 11.63 -14.97 38.56
CA GLY L 130 11.70 -13.68 39.20
C GLY L 130 13.00 -13.37 39.89
N SER L 131 13.11 -12.15 40.38
CA SER L 131 14.29 -11.68 41.07
C SER L 131 14.63 -12.51 42.29
N GLY L 132 13.66 -13.27 42.81
CA GLY L 132 13.88 -14.11 43.97
C GLY L 132 14.08 -15.58 43.63
N SER L 133 13.85 -15.94 42.36
CA SER L 133 13.97 -17.33 41.96
C SER L 133 15.18 -18.11 42.50
N LEU L 134 16.38 -17.56 42.40
CA LEU L 134 17.58 -18.27 42.85
C LEU L 134 17.59 -18.71 44.31
N THR L 135 16.98 -17.92 45.18
CA THR L 135 16.92 -18.26 46.59
C THR L 135 15.86 -19.35 46.71
N ALA L 136 14.71 -19.11 46.08
CA ALA L 136 13.61 -20.07 46.08
C ALA L 136 14.11 -21.42 45.58
N TYR L 137 14.93 -21.42 44.53
CA TYR L 137 15.47 -22.66 43.99
C TYR L 137 16.23 -23.42 45.06
N GLY L 138 16.81 -22.67 45.98
CA GLY L 138 17.55 -23.26 47.08
C GLY L 138 16.72 -24.29 47.81
N VAL L 139 15.61 -23.86 48.42
CA VAL L 139 14.76 -24.80 49.15
C VAL L 139 14.04 -25.79 48.22
N LEU L 140 13.56 -25.32 47.08
CA LEU L 140 12.87 -26.23 46.17
C LEU L 140 13.73 -27.44 45.85
N GLU L 141 14.98 -27.20 45.48
CA GLU L 141 15.86 -28.29 45.10
C GLU L 141 16.33 -29.11 46.30
N ASP L 142 16.04 -28.61 47.50
CA ASP L 142 16.44 -29.29 48.72
C ASP L 142 15.37 -30.27 49.18
N ARG L 143 14.14 -29.78 49.31
CA ARG L 143 13.01 -30.57 49.79
C ARG L 143 12.13 -31.29 48.77
N PHE L 144 12.33 -31.05 47.49
CA PHE L 144 11.46 -31.68 46.51
C PHE L 144 11.78 -33.11 46.18
N THR L 145 10.73 -33.88 45.94
CA THR L 145 10.81 -35.29 45.57
C THR L 145 9.66 -35.50 44.61
N PRO L 146 9.89 -36.25 43.53
CA PRO L 146 8.80 -36.46 42.59
C PRO L 146 7.48 -36.96 43.20
N GLU L 147 7.56 -37.76 44.26
CA GLU L 147 6.36 -38.31 44.92
C GLU L 147 5.61 -37.28 45.74
N ILE L 148 6.14 -36.07 45.82
CA ILE L 148 5.47 -35.05 46.61
C ILE L 148 4.04 -34.86 46.13
N GLY L 149 3.13 -34.64 47.06
CA GLY L 149 1.74 -34.45 46.70
C GLY L 149 1.42 -32.98 46.71
N VAL L 150 0.46 -32.58 45.90
CA VAL L 150 0.06 -31.18 45.81
C VAL L 150 -0.15 -30.51 47.16
N ASP L 151 -0.68 -31.26 48.13
CA ASP L 151 -0.94 -30.69 49.45
C ASP L 151 0.30 -30.24 50.24
N GLU L 152 1.38 -31.01 50.16
CA GLU L 152 2.59 -30.63 50.86
C GLU L 152 3.39 -29.72 49.93
N ALA L 153 3.10 -29.84 48.63
CA ALA L 153 3.75 -29.03 47.61
C ALA L 153 3.39 -27.56 47.81
N VAL L 154 2.16 -27.27 48.22
CA VAL L 154 1.80 -25.88 48.44
C VAL L 154 2.56 -25.36 49.66
N GLU L 155 2.84 -26.24 50.62
CA GLU L 155 3.59 -25.83 51.80
C GLU L 155 5.01 -25.52 51.31
N LEU L 156 5.57 -26.43 50.53
CA LEU L 156 6.91 -26.28 49.97
C LEU L 156 7.03 -24.96 49.23
N ALA L 157 6.03 -24.66 48.40
CA ALA L 157 5.99 -23.42 47.63
C ALA L 157 6.06 -22.21 48.56
N VAL L 158 5.16 -22.17 49.53
CA VAL L 158 5.15 -21.05 50.48
C VAL L 158 6.48 -20.96 51.21
N ARG L 159 7.08 -22.12 51.45
CA ARG L 159 8.35 -22.23 52.14
C ARG L 159 9.42 -21.53 51.33
N ALA L 160 9.51 -21.90 50.04
CA ALA L 160 10.50 -21.33 49.15
C ALA L 160 10.33 -19.83 48.93
N ILE L 161 9.10 -19.40 48.67
CA ILE L 161 8.89 -17.97 48.44
C ILE L 161 9.16 -17.18 49.73
N TYR L 162 9.03 -17.85 50.86
CA TYR L 162 9.26 -17.21 52.15
C TYR L 162 10.75 -16.94 52.33
N SER L 163 11.58 -17.89 51.90
CA SER L 163 13.03 -17.75 51.99
C SER L 163 13.46 -16.60 51.10
N ALA L 164 12.98 -16.64 49.87
CA ALA L 164 13.31 -15.64 48.88
C ALA L 164 12.96 -14.24 49.33
N MET L 165 11.85 -14.06 50.03
CA MET L 165 11.48 -12.73 50.49
C MET L 165 12.49 -12.20 51.49
N LYS L 166 13.27 -13.12 52.06
CA LYS L 166 14.27 -12.76 53.06
C LYS L 166 15.58 -12.23 52.48
N ARG L 167 15.83 -12.48 51.19
CA ARG L 167 17.08 -12.02 50.59
C ARG L 167 16.90 -11.22 49.29
N ASP L 168 15.65 -11.05 48.88
CA ASP L 168 15.33 -10.30 47.68
C ASP L 168 14.43 -9.15 48.11
N SER L 169 14.97 -7.94 48.16
CA SER L 169 14.14 -6.82 48.58
C SER L 169 13.04 -6.50 47.59
N ALA L 170 13.09 -7.14 46.41
CA ALA L 170 12.09 -6.90 45.38
C ALA L 170 10.90 -7.85 45.52
N SER L 171 11.01 -8.78 46.45
CA SER L 171 9.95 -9.75 46.69
C SER L 171 9.29 -9.46 48.03
N GLY L 172 8.17 -10.12 48.32
CA GLY L 172 7.53 -9.92 49.60
C GLY L 172 6.09 -9.45 49.68
N ASP L 173 5.68 -9.06 50.88
CA ASP L 173 4.34 -8.55 51.16
C ASP L 173 3.22 -9.59 51.35
N GLY L 174 3.42 -10.80 50.85
CA GLY L 174 2.40 -11.82 51.00
C GLY L 174 2.58 -12.88 49.94
N ILE L 175 1.70 -13.87 49.90
CA ILE L 175 1.84 -14.90 48.88
C ILE L 175 0.57 -15.62 48.43
N ASP L 176 0.38 -15.70 47.10
CA ASP L 176 -0.77 -16.39 46.53
C ASP L 176 -0.31 -17.78 46.18
N VAL L 177 -1.21 -18.75 46.33
CA VAL L 177 -0.88 -20.11 45.97
C VAL L 177 -2.06 -20.66 45.23
N VAL L 178 -1.80 -21.61 44.36
CA VAL L 178 -2.85 -22.23 43.58
C VAL L 178 -2.56 -23.69 43.40
N LYS L 179 -3.57 -24.51 43.64
CA LYS L 179 -3.46 -25.94 43.52
C LYS L 179 -4.32 -26.33 42.32
N ILE L 180 -3.80 -27.18 41.46
CA ILE L 180 -4.57 -27.62 40.30
C ILE L 180 -4.56 -29.13 40.36
N THR L 181 -5.61 -29.68 40.96
CA THR L 181 -5.73 -31.11 41.16
C THR L 181 -6.38 -31.92 40.05
N GLU L 182 -7.55 -31.46 39.61
CA GLU L 182 -8.32 -32.15 38.57
C GLU L 182 -9.75 -32.04 39.05
N ASP L 183 -9.96 -32.37 40.32
CA ASP L 183 -11.27 -32.28 40.89
C ASP L 183 -11.41 -30.83 41.24
N GLU L 184 -10.36 -30.05 40.99
CA GLU L 184 -10.40 -28.65 41.37
C GLU L 184 -9.24 -27.79 40.87
N PHE L 185 -9.46 -26.48 40.96
CA PHE L 185 -8.49 -25.44 40.65
C PHE L 185 -8.73 -24.55 41.86
N TYR L 186 -7.92 -24.72 42.89
CA TYR L 186 -8.10 -23.98 44.13
C TYR L 186 -7.11 -22.85 44.40
N GLN L 187 -7.61 -21.77 44.98
CA GLN L 187 -6.78 -20.63 45.34
C GLN L 187 -6.99 -20.37 46.83
N TYR L 188 -5.93 -20.61 47.60
CA TYR L 188 -5.94 -20.52 49.05
C TYR L 188 -6.41 -19.35 49.89
N SER L 189 -6.52 -18.14 49.36
CA SER L 189 -7.00 -17.06 50.23
C SER L 189 -5.99 -16.72 51.32
N PRO L 190 -5.81 -15.42 51.60
CA PRO L 190 -4.88 -14.95 52.61
C PRO L 190 -4.87 -15.78 53.89
N GLU L 191 -6.05 -16.00 54.46
CA GLU L 191 -6.20 -16.74 55.70
C GLU L 191 -5.45 -18.08 55.67
N GLU L 192 -5.80 -18.91 54.70
CA GLU L 192 -5.18 -20.21 54.59
C GLU L 192 -3.68 -20.17 54.38
N VAL L 193 -3.19 -19.19 53.64
CA VAL L 193 -1.75 -19.10 53.42
C VAL L 193 -1.10 -18.64 54.71
N GLU L 194 -1.67 -17.59 55.30
CA GLU L 194 -1.16 -17.03 56.54
C GLU L 194 -1.03 -18.09 57.62
N GLN L 195 -1.86 -19.13 57.51
CA GLN L 195 -1.85 -20.21 58.47
C GLN L 195 -0.86 -21.29 58.05
N ILE L 196 -0.49 -21.32 56.77
CA ILE L 196 0.45 -22.32 56.30
C ILE L 196 1.88 -21.87 56.60
N LEU L 197 2.14 -20.57 56.47
CA LEU L 197 3.48 -20.08 56.74
C LEU L 197 3.61 -19.84 58.24
N ALA L 198 2.51 -20.00 58.95
CA ALA L 198 2.51 -19.82 60.39
C ALA L 198 3.33 -20.93 61.04
N LYS L 199 3.41 -22.07 60.36
CA LYS L 199 4.17 -23.21 60.84
C LYS L 199 5.66 -22.98 60.55
N PHE L 200 6.00 -21.75 60.18
CA PHE L 200 7.37 -21.41 59.86
C PHE L 200 7.92 -20.36 60.82
N ARG L 201 7.58 -19.10 60.61
CA ARG L 201 8.07 -18.04 61.49
C ARG L 201 7.23 -16.76 61.43
N LYS L 202 6.36 -16.65 60.44
CA LYS L 202 5.52 -15.47 60.29
C LYS L 202 4.15 -15.85 59.71
N THR M 1 5.22 17.82 41.02
CA THR M 1 3.91 17.11 41.04
C THR M 1 3.80 16.07 42.13
N THR M 2 2.60 15.95 42.65
CA THR M 2 2.30 14.99 43.66
C THR M 2 0.76 14.88 43.70
N THR M 3 0.27 13.65 43.61
CA THR M 3 -1.16 13.40 43.63
C THR M 3 -1.38 12.19 44.52
N VAL M 4 -2.48 12.19 45.26
CA VAL M 4 -2.80 11.08 46.13
C VAL M 4 -4.21 10.58 45.85
N GLY M 5 -4.46 9.34 46.28
CA GLY M 5 -5.76 8.76 46.08
C GLY M 5 -5.98 7.74 47.17
N LEU M 6 -7.13 7.79 47.82
CA LEU M 6 -7.44 6.83 48.86
C LEU M 6 -8.86 6.32 48.79
N VAL M 7 -9.00 5.00 48.95
CA VAL M 7 -10.31 4.38 48.91
C VAL M 7 -10.81 4.28 50.32
N CYS M 8 -11.89 4.99 50.59
CA CYS M 8 -12.50 5.01 51.90
C CYS M 8 -13.64 3.99 52.00
N LYS M 9 -14.23 3.88 53.18
CA LYS M 9 -15.34 2.94 53.35
C LYS M 9 -16.58 3.46 52.64
N ASP M 10 -16.68 4.78 52.52
CA ASP M 10 -17.82 5.42 51.90
C ASP M 10 -17.50 6.22 50.62
N GLY M 11 -16.53 5.77 49.85
CA GLY M 11 -16.20 6.50 48.62
C GLY M 11 -14.73 6.57 48.23
N VAL M 12 -14.40 7.57 47.44
CA VAL M 12 -13.03 7.75 46.96
C VAL M 12 -12.59 9.21 47.03
N VAL M 13 -11.33 9.43 47.35
CA VAL M 13 -10.78 10.78 47.43
C VAL M 13 -9.53 10.85 46.59
N MET M 14 -9.37 11.96 45.86
CA MET M 14 -8.21 12.16 45.01
C MET M 14 -7.84 13.63 45.07
N ALA M 15 -6.53 13.90 45.15
CA ALA M 15 -6.05 15.27 45.23
C ALA M 15 -4.70 15.44 44.55
N THR M 16 -4.36 16.68 44.20
CA THR M 16 -3.09 16.99 43.55
C THR M 16 -2.77 18.44 43.88
N GLU M 17 -1.52 18.87 43.66
CA GLU M 17 -1.19 20.27 43.87
C GLU M 17 -1.23 20.91 42.50
N LYS M 18 -0.82 22.16 42.39
CA LYS M 18 -0.93 22.91 41.14
C LYS M 18 0.36 23.35 40.48
N ARG M 19 1.48 22.72 40.79
CA ARG M 19 2.72 23.19 40.19
C ARG M 19 3.17 22.47 38.93
N ALA M 20 3.70 23.23 37.99
CA ALA M 20 4.20 22.68 36.73
C ALA M 20 5.56 23.30 36.55
N THR M 21 6.56 22.45 36.33
CA THR M 21 7.92 22.93 36.20
C THR M 21 8.63 22.42 34.97
N MET M 22 9.69 23.14 34.62
CA MET M 22 10.55 22.79 33.52
C MET M 22 11.92 23.09 34.12
N GLY M 23 12.50 22.09 34.78
CA GLY M 23 13.77 22.25 35.44
C GLY M 23 13.45 22.90 36.77
N ASN M 24 14.04 24.05 37.04
CA ASN M 24 13.76 24.76 38.27
C ASN M 24 12.78 25.87 37.98
N PHE M 25 12.50 26.09 36.69
CA PHE M 25 11.57 27.13 36.27
C PHE M 25 10.13 26.74 36.60
N ILE M 26 9.48 27.54 37.42
CA ILE M 26 8.10 27.26 37.78
C ILE M 26 7.27 27.85 36.66
N ALA M 27 6.78 26.99 35.79
CA ALA M 27 6.00 27.44 34.65
C ALA M 27 4.55 27.74 34.99
N SER M 28 4.03 27.07 36.01
CA SER M 28 2.65 27.28 36.40
C SER M 28 2.38 27.04 37.87
N LYS M 29 1.63 27.97 38.44
CA LYS M 29 1.23 27.88 39.83
C LYS M 29 -0.19 27.34 39.89
N ALA M 30 -0.83 27.15 38.73
CA ALA M 30 -2.19 26.64 38.74
C ALA M 30 -2.54 25.55 37.71
N ALA M 31 -1.60 24.67 37.40
CA ALA M 31 -1.85 23.62 36.43
C ALA M 31 -2.98 22.71 36.90
N LYS M 32 -3.79 22.24 35.97
CA LYS M 32 -4.90 21.34 36.28
C LYS M 32 -4.35 19.92 36.17
N LYS M 33 -4.56 19.11 37.20
CA LYS M 33 -4.03 17.73 37.18
C LYS M 33 -5.09 16.75 37.62
N ILE M 34 -6.33 17.18 37.67
CA ILE M 34 -7.40 16.29 38.08
C ILE M 34 -8.52 16.44 37.05
N TYR M 35 -8.94 15.32 36.46
CA TYR M 35 -9.97 15.35 35.41
C TYR M 35 -11.17 14.47 35.75
N GLN M 36 -12.35 14.84 35.24
CA GLN M 36 -13.52 14.01 35.48
C GLN M 36 -13.73 13.18 34.22
N ILE M 37 -13.80 11.86 34.37
CA ILE M 37 -13.97 10.94 33.26
C ILE M 37 -15.43 10.55 33.09
N ALA M 38 -16.08 10.20 34.19
CA ALA M 38 -17.48 9.84 34.22
C ALA M 38 -18.11 10.55 35.42
N ASP M 39 -19.38 10.27 35.69
CA ASP M 39 -20.03 10.93 36.81
C ASP M 39 -19.39 10.62 38.14
N ARG M 40 -18.94 9.38 38.31
CA ARG M 40 -18.30 8.99 39.57
C ARG M 40 -16.90 8.42 39.32
N MET M 41 -16.18 9.08 38.42
CA MET M 41 -14.84 8.66 38.07
C MET M 41 -13.94 9.86 37.80
N ALA M 42 -12.77 9.87 38.42
CA ALA M 42 -11.84 10.96 38.21
C ALA M 42 -10.49 10.38 37.81
N MET M 43 -9.59 11.25 37.40
CA MET M 43 -8.26 10.85 36.99
C MET M 43 -7.28 11.96 37.33
N THR M 44 -6.13 11.59 37.91
CA THR M 44 -5.09 12.57 38.23
C THR M 44 -3.94 12.26 37.24
N THR M 45 -3.25 13.31 36.81
CA THR M 45 -2.15 13.13 35.88
C THR M 45 -0.81 13.67 36.36
N ALA M 46 0.19 12.81 36.32
CA ALA M 46 1.55 13.17 36.69
C ALA M 46 2.44 12.84 35.49
N GLY M 47 3.45 13.68 35.26
CA GLY M 47 4.35 13.44 34.15
C GLY M 47 4.42 14.56 33.13
N SER M 48 4.59 14.19 31.87
CA SER M 48 4.70 15.17 30.82
C SER M 48 3.37 15.90 30.63
N VAL M 49 3.40 17.22 30.76
CA VAL M 49 2.17 17.99 30.61
C VAL M 49 1.50 17.67 29.27
N GLY M 50 2.24 17.88 28.18
CA GLY M 50 1.71 17.60 26.85
C GLY M 50 1.16 16.19 26.67
N ASP M 51 1.89 15.19 27.15
CA ASP M 51 1.44 13.82 27.02
C ASP M 51 0.19 13.56 27.85
N ALA M 52 0.20 14.00 29.11
CA ALA M 52 -0.94 13.80 30.01
C ALA M 52 -2.18 14.47 29.47
N GLN M 53 -2.04 15.72 29.01
CA GLN M 53 -3.17 16.46 28.47
C GLN M 53 -3.73 15.76 27.23
N PHE M 54 -2.84 15.26 26.39
CA PHE M 54 -3.26 14.55 25.19
C PHE M 54 -4.05 13.32 25.58
N LEU M 55 -3.47 12.49 26.43
CA LEU M 55 -4.13 11.28 26.89
C LEU M 55 -5.46 11.54 27.59
N ALA M 56 -5.55 12.62 28.36
CA ALA M 56 -6.79 12.95 29.08
C ALA M 56 -7.92 13.12 28.08
N ARG M 57 -7.68 13.89 27.03
CA ARG M 57 -8.68 14.10 25.99
C ARG M 57 -9.18 12.77 25.47
N ILE M 58 -8.26 11.90 25.06
CA ILE M 58 -8.62 10.59 24.55
C ILE M 58 -9.46 9.81 25.58
N ILE M 59 -8.97 9.76 26.80
CA ILE M 59 -9.71 9.04 27.82
C ILE M 59 -11.14 9.55 27.94
N LYS M 60 -11.32 10.85 28.10
CA LYS M 60 -12.66 11.41 28.22
C LYS M 60 -13.55 11.02 27.04
N ILE M 61 -13.13 11.39 25.83
CA ILE M 61 -13.89 11.09 24.63
C ILE M 61 -14.32 9.63 24.55
N GLU M 62 -13.41 8.72 24.87
CA GLU M 62 -13.74 7.32 24.81
C GLU M 62 -14.69 6.88 25.88
N ALA M 63 -14.63 7.51 27.04
CA ALA M 63 -15.54 7.17 28.12
C ALA M 63 -16.94 7.59 27.69
N ASN M 64 -17.05 8.83 27.20
CA ASN M 64 -18.33 9.39 26.74
C ASN M 64 -18.98 8.52 25.68
N LEU M 65 -18.24 8.31 24.60
CA LEU M 65 -18.72 7.53 23.49
C LEU M 65 -19.17 6.16 23.97
N TYR M 66 -18.46 5.60 24.94
CA TYR M 66 -18.81 4.28 25.46
C TYR M 66 -20.23 4.32 25.98
N GLU M 67 -20.48 5.24 26.88
CA GLU M 67 -21.79 5.40 27.48
C GLU M 67 -22.87 5.74 26.43
N ILE M 68 -22.64 6.80 25.66
CA ILE M 68 -23.61 7.20 24.64
C ILE M 68 -24.00 6.02 23.73
N ARG M 69 -23.01 5.19 23.39
CA ARG M 69 -23.28 4.05 22.53
C ARG M 69 -23.93 2.85 23.20
N ARG M 70 -23.45 2.50 24.39
CA ARG M 70 -23.97 1.34 25.11
C ARG M 70 -24.98 1.66 26.17
N GLU M 71 -25.28 2.95 26.32
CA GLU M 71 -26.24 3.39 27.32
C GLU M 71 -25.94 2.86 28.73
N ARG M 72 -24.67 2.59 28.98
CA ARG M 72 -24.20 2.14 30.28
C ARG M 72 -22.96 2.98 30.52
N LYS M 73 -22.68 3.27 31.77
CA LYS M 73 -21.48 4.02 32.09
C LYS M 73 -20.34 3.01 32.12
N PRO M 74 -19.15 3.41 31.69
CA PRO M 74 -18.03 2.46 31.71
C PRO M 74 -17.49 2.29 33.12
N THR M 75 -17.13 1.08 33.47
CA THR M 75 -16.59 0.78 34.78
C THR M 75 -15.15 1.28 34.83
N VAL M 76 -14.63 1.63 36.01
CA VAL M 76 -13.25 2.09 36.11
C VAL M 76 -12.35 1.02 35.49
N ARG M 77 -12.69 -0.25 35.73
CA ARG M 77 -11.89 -1.34 35.19
C ARG M 77 -11.78 -1.22 33.67
N ALA M 78 -12.90 -0.91 33.02
CA ALA M 78 -12.94 -0.77 31.56
C ALA M 78 -12.06 0.37 31.10
N ILE M 79 -12.17 1.51 31.75
CA ILE M 79 -11.34 2.65 31.38
C ILE M 79 -9.86 2.36 31.66
N ALA M 80 -9.59 1.65 32.75
CA ALA M 80 -8.21 1.32 33.13
C ALA M 80 -7.57 0.35 32.13
N THR M 81 -8.35 -0.63 31.70
CA THR M 81 -7.87 -1.62 30.74
C THR M 81 -7.64 -0.93 29.40
N LEU M 82 -8.59 -0.10 29.03
CA LEU M 82 -8.52 0.65 27.80
C LEU M 82 -7.22 1.44 27.79
N THR M 83 -7.02 2.26 28.82
CA THR M 83 -5.84 3.10 28.97
C THR M 83 -4.55 2.29 29.03
N SER M 84 -4.57 1.15 29.70
CA SER M 84 -3.39 0.29 29.77
C SER M 84 -2.99 -0.11 28.37
N ASN M 85 -3.92 -0.72 27.64
CA ASN M 85 -3.64 -1.16 26.29
C ASN M 85 -3.07 -0.04 25.42
N LEU M 86 -3.66 1.14 25.47
CA LEU M 86 -3.17 2.26 24.67
C LEU M 86 -1.73 2.59 25.04
N LEU M 87 -1.49 2.75 26.34
CA LEU M 87 -0.16 3.05 26.84
C LEU M 87 0.84 1.99 26.39
N ASN M 88 0.48 0.72 26.56
CA ASN M 88 1.41 -0.34 26.20
C ASN M 88 1.68 -0.46 24.71
N SER M 89 0.71 -0.09 23.90
CA SER M 89 0.93 -0.17 22.46
C SER M 89 2.09 0.77 22.09
N TYR M 90 2.28 1.83 22.86
CA TYR M 90 3.37 2.77 22.59
C TYR M 90 4.58 2.52 23.48
N ARG M 91 4.71 1.29 23.96
CA ARG M 91 5.81 0.96 24.85
C ARG M 91 7.22 1.26 24.38
N TYR M 92 7.44 1.44 23.07
CA TYR M 92 8.81 1.72 22.66
C TYR M 92 9.14 3.18 22.48
N PHE M 93 8.18 4.02 22.79
CA PHE M 93 8.32 5.47 22.73
C PHE M 93 7.11 5.91 23.55
N PRO M 94 7.03 5.42 24.79
CA PRO M 94 5.94 5.69 25.74
C PRO M 94 5.62 7.12 26.10
N TYR M 95 4.37 7.32 26.50
CA TYR M 95 3.88 8.62 26.93
C TYR M 95 4.32 8.72 28.39
N LEU M 96 5.28 9.61 28.66
CA LEU M 96 5.82 9.78 30.00
C LEU M 96 4.74 10.32 30.92
N VAL M 97 3.98 9.42 31.50
CA VAL M 97 2.87 9.84 32.34
C VAL M 97 2.50 8.79 33.37
N GLN M 98 2.12 9.24 34.57
CA GLN M 98 1.69 8.36 35.66
C GLN M 98 0.24 8.71 35.92
N LEU M 99 -0.66 7.79 35.63
CA LEU M 99 -2.07 8.11 35.81
C LEU M 99 -2.73 7.43 36.98
N LEU M 100 -3.73 8.13 37.50
CA LEU M 100 -4.52 7.62 38.60
C LEU M 100 -5.97 7.72 38.12
N ILE M 101 -6.63 6.58 37.94
CA ILE M 101 -8.00 6.55 37.47
C ILE M 101 -8.84 5.78 38.48
N GLY M 102 -9.84 6.46 39.05
CA GLY M 102 -10.67 5.80 40.03
C GLY M 102 -11.99 6.47 40.26
N GLY M 103 -12.82 5.80 41.05
CA GLY M 103 -14.14 6.31 41.36
C GLY M 103 -15.02 5.18 41.84
N ILE M 104 -16.33 5.33 41.67
CA ILE M 104 -17.27 4.31 42.09
C ILE M 104 -18.04 3.79 40.90
N ASP M 105 -18.26 2.48 40.86
CA ASP M 105 -19.00 1.88 39.77
C ASP M 105 -19.72 0.59 40.23
N SER M 106 -20.51 0.01 39.34
CA SER M 106 -21.25 -1.18 39.67
C SER M 106 -20.42 -2.24 40.40
N GLU M 107 -19.12 -2.25 40.16
CA GLU M 107 -18.24 -3.23 40.79
C GLU M 107 -17.81 -2.83 42.21
N GLY M 108 -17.96 -1.54 42.53
CA GLY M 108 -17.56 -1.05 43.84
C GLY M 108 -16.77 0.24 43.79
N LYS M 109 -15.77 0.36 44.65
CA LYS M 109 -14.90 1.53 44.71
C LYS M 109 -13.48 1.06 44.43
N SER M 110 -12.73 1.80 43.64
CA SER M 110 -11.35 1.40 43.34
C SER M 110 -10.56 2.48 42.64
N ILE M 111 -9.24 2.34 42.71
CA ILE M 111 -8.35 3.29 42.09
C ILE M 111 -7.28 2.51 41.36
N TYR M 112 -6.87 3.00 40.20
CA TYR M 112 -5.82 2.34 39.45
C TYR M 112 -4.67 3.28 39.18
N SER M 113 -3.46 2.83 39.45
CA SER M 113 -2.28 3.62 39.19
C SER M 113 -1.67 3.00 37.92
N ILE M 114 -1.59 3.79 36.86
CA ILE M 114 -1.05 3.29 35.60
C ILE M 114 0.23 3.99 35.16
N ASP M 115 1.23 3.22 34.75
CA ASP M 115 2.50 3.80 34.31
C ASP M 115 2.64 3.92 32.78
N PRO M 116 3.72 4.58 32.33
CA PRO M 116 3.96 4.76 30.89
C PRO M 116 3.75 3.54 30.02
N ILE M 117 4.13 2.38 30.51
CA ILE M 117 4.02 1.14 29.74
C ILE M 117 2.68 0.43 29.89
N GLY M 118 1.74 1.08 30.58
CA GLY M 118 0.43 0.48 30.79
C GLY M 118 0.36 -0.55 31.92
N GLY M 119 1.26 -0.41 32.90
CA GLY M 119 1.28 -1.29 34.04
C GLY M 119 0.31 -0.72 35.06
N ALA M 120 -0.78 -1.43 35.32
CA ALA M 120 -1.77 -0.91 36.23
C ALA M 120 -1.93 -1.69 37.51
N ILE M 121 -1.71 -1.01 38.63
CA ILE M 121 -1.86 -1.61 39.94
C ILE M 121 -3.18 -1.16 40.51
N GLU M 122 -3.94 -2.11 41.05
CA GLU M 122 -5.23 -1.78 41.66
C GLU M 122 -5.04 -1.36 43.11
N GLU M 123 -5.20 -0.07 43.35
CA GLU M 123 -5.07 0.49 44.67
C GLU M 123 -6.27 0.18 45.56
N LYS M 124 -6.09 -0.71 46.54
CA LYS M 124 -7.17 -1.07 47.44
C LYS M 124 -7.26 -0.18 48.68
N ASP M 125 -6.43 0.86 48.75
CA ASP M 125 -6.46 1.77 49.92
C ASP M 125 -5.71 3.10 49.76
N ILE M 126 -4.38 3.04 49.64
CA ILE M 126 -3.58 4.23 49.52
C ILE M 126 -2.71 4.28 48.26
N VAL M 127 -2.44 5.49 47.76
CA VAL M 127 -1.61 5.66 46.57
C VAL M 127 -1.19 7.12 46.37
N ALA M 128 0.06 7.31 45.97
CA ALA M 128 0.58 8.64 45.74
C ALA M 128 1.31 8.57 44.41
N THR M 129 1.48 9.72 43.78
CA THR M 129 2.09 9.79 42.47
C THR M 129 2.82 11.09 42.27
N GLY M 130 3.83 11.08 41.40
CA GLY M 130 4.55 12.31 41.14
C GLY M 130 5.86 12.42 41.90
N SER M 131 6.62 13.45 41.58
CA SER M 131 7.89 13.69 42.23
C SER M 131 7.81 13.79 43.74
N GLY M 132 6.62 14.08 44.28
CA GLY M 132 6.45 14.19 45.73
C GLY M 132 5.82 12.96 46.37
N SER M 133 5.37 12.03 45.56
CA SER M 133 4.73 10.84 46.08
C SER M 133 5.40 10.20 47.30
N LEU M 134 6.71 10.02 47.28
CA LEU M 134 7.40 9.37 48.40
C LEU M 134 7.22 10.05 49.74
N THR M 135 7.13 11.38 49.73
CA THR M 135 6.93 12.11 50.98
C THR M 135 5.48 11.95 51.40
N ALA M 136 4.59 12.12 50.41
CA ALA M 136 3.16 11.97 50.63
C ALA M 136 2.85 10.58 51.19
N TYR M 137 3.50 9.56 50.66
CA TYR M 137 3.31 8.20 51.14
C TYR M 137 3.61 8.12 52.64
N GLY M 138 4.55 8.94 53.08
CA GLY M 138 4.92 8.96 54.48
C GLY M 138 3.72 9.15 55.39
N VAL M 139 3.04 10.29 55.26
CA VAL M 139 1.88 10.54 56.08
C VAL M 139 0.72 9.59 55.72
N LEU M 140 0.52 9.31 54.44
CA LEU M 140 -0.57 8.41 54.08
C LEU M 140 -0.46 7.08 54.81
N GLU M 141 0.72 6.49 54.78
CA GLU M 141 0.87 5.18 55.42
C GLU M 141 0.88 5.28 56.95
N ASP M 142 0.99 6.50 57.46
CA ASP M 142 1.00 6.72 58.89
C ASP M 142 -0.42 6.85 59.46
N ARG M 143 -1.20 7.76 58.90
CA ARG M 143 -2.55 8.01 59.37
C ARG M 143 -3.72 7.28 58.71
N PHE M 144 -3.48 6.46 57.71
CA PHE M 144 -4.60 5.78 57.04
C PHE M 144 -5.09 4.53 57.73
N THR M 145 -6.41 4.34 57.68
CA THR M 145 -7.08 3.16 58.24
C THR M 145 -8.19 2.85 57.26
N PRO M 146 -8.44 1.56 56.99
CA PRO M 146 -9.51 1.24 56.05
C PRO M 146 -10.88 1.85 56.39
N GLU M 147 -11.15 2.07 57.67
CA GLU M 147 -12.43 2.61 58.10
C GLU M 147 -12.52 4.11 57.89
N ILE M 148 -11.43 4.73 57.47
CA ILE M 148 -11.46 6.17 57.25
C ILE M 148 -12.62 6.54 56.32
N GLY M 149 -13.24 7.68 56.58
CA GLY M 149 -14.35 8.13 55.77
C GLY M 149 -13.89 9.22 54.82
N VAL M 150 -14.52 9.31 53.67
CA VAL M 150 -14.15 10.30 52.66
C VAL M 150 -13.94 11.69 53.23
N ASP M 151 -14.72 12.07 54.22
CA ASP M 151 -14.61 13.40 54.79
C ASP M 151 -13.30 13.71 55.51
N GLU M 152 -12.77 12.73 56.23
CA GLU M 152 -11.51 12.94 56.92
C GLU M 152 -10.40 12.55 55.96
N ALA M 153 -10.78 11.80 54.91
CA ALA M 153 -9.84 11.36 53.90
C ALA M 153 -9.39 12.56 53.09
N VAL M 154 -10.27 13.52 52.86
CA VAL M 154 -9.84 14.69 52.10
C VAL M 154 -8.87 15.48 52.95
N GLU M 155 -9.07 15.46 54.26
CA GLU M 155 -8.15 16.18 55.15
C GLU M 155 -6.79 15.47 55.05
N LEU M 156 -6.80 14.15 55.17
CA LEU M 156 -5.61 13.34 55.09
C LEU M 156 -4.88 13.66 53.79
N ALA M 157 -5.63 13.71 52.70
CA ALA M 157 -5.06 13.98 51.40
C ALA M 157 -4.34 15.32 51.43
N VAL M 158 -5.03 16.36 51.87
CA VAL M 158 -4.43 17.70 51.93
C VAL M 158 -3.19 17.67 52.81
N ARG M 159 -3.27 16.88 53.87
CA ARG M 159 -2.21 16.73 54.83
C ARG M 159 -0.97 16.18 54.11
N ALA M 160 -1.14 15.07 53.41
CA ALA M 160 -0.02 14.45 52.72
C ALA M 160 0.62 15.35 51.66
N ILE M 161 -0.21 15.92 50.78
CA ILE M 161 0.32 16.78 49.73
C ILE M 161 0.96 18.03 50.32
N TYR M 162 0.59 18.35 51.56
CA TYR M 162 1.16 19.53 52.20
C TYR M 162 2.59 19.23 52.64
N SER M 163 2.79 18.02 53.16
CA SER M 163 4.12 17.59 53.60
C SER M 163 5.03 17.53 52.39
N ALA M 164 4.49 16.96 51.30
CA ALA M 164 5.23 16.78 50.07
C ALA M 164 5.74 18.08 49.52
N MET M 165 4.92 19.11 49.57
CA MET M 165 5.33 20.40 49.04
C MET M 165 6.51 20.98 49.81
N LYS M 166 6.71 20.48 51.02
CA LYS M 166 7.79 20.93 51.88
C LYS M 166 9.14 20.32 51.57
N ARG M 167 9.17 19.26 50.77
CA ARG M 167 10.44 18.61 50.45
C ARG M 167 10.66 18.31 48.97
N ASP M 168 9.66 18.67 48.16
CA ASP M 168 9.73 18.47 46.72
C ASP M 168 9.54 19.85 46.10
N SER M 169 10.62 20.43 45.61
CA SER M 169 10.55 21.75 44.99
C SER M 169 9.68 21.73 43.72
N ALA M 170 9.43 20.54 43.21
CA ALA M 170 8.62 20.40 42.00
C ALA M 170 7.13 20.39 42.29
N SER M 171 6.77 20.38 43.57
CA SER M 171 5.36 20.39 43.98
C SER M 171 4.99 21.74 44.62
N GLY M 172 3.70 21.95 44.86
CA GLY M 172 3.29 23.19 45.50
C GLY M 172 2.27 24.09 44.86
N ASP M 173 2.22 25.33 45.36
CA ASP M 173 1.34 26.38 44.88
C ASP M 173 -0.13 26.30 45.25
N GLY M 174 -0.60 25.12 45.63
CA GLY M 174 -2.00 25.00 46.01
C GLY M 174 -2.42 23.56 45.89
N ILE M 175 -3.69 23.26 46.16
CA ILE M 175 -4.14 21.88 46.07
C ILE M 175 -5.62 21.70 45.77
N ASP M 176 -5.91 20.83 44.79
CA ASP M 176 -7.29 20.49 44.39
C ASP M 176 -7.59 19.19 45.05
N VAL M 177 -8.84 19.01 45.44
CA VAL M 177 -9.26 17.77 46.06
C VAL M 177 -10.60 17.43 45.47
N VAL M 178 -10.90 16.14 45.42
CA VAL M 178 -12.15 15.69 44.88
C VAL M 178 -12.68 14.53 45.69
N LYS M 179 -13.95 14.60 46.01
CA LYS M 179 -14.61 13.58 46.78
C LYS M 179 -15.60 12.89 45.86
N ILE M 180 -15.58 11.56 45.83
CA ILE M 180 -16.51 10.81 44.99
C ILE M 180 -17.25 9.88 45.96
N THR M 181 -18.44 10.33 46.34
CA THR M 181 -19.26 9.62 47.30
C THR M 181 -20.29 8.66 46.74
N GLU M 182 -21.06 9.13 45.77
CA GLU M 182 -22.14 8.34 45.14
C GLU M 182 -23.29 9.29 44.99
N ASP M 183 -23.58 10.02 46.05
CA ASP M 183 -24.64 11.00 46.02
C ASP M 183 -23.98 12.21 45.40
N GLU M 184 -22.69 12.10 45.11
CA GLU M 184 -21.99 13.26 44.57
C GLU M 184 -20.56 13.01 44.06
N PHE M 185 -20.08 13.99 43.29
CA PHE M 185 -18.72 14.04 42.75
C PHE M 185 -18.45 15.50 43.09
N TYR M 186 -17.81 15.73 44.23
CA TYR M 186 -17.54 17.09 44.68
C TYR M 186 -16.11 17.56 44.55
N GLN M 187 -15.95 18.83 44.20
CA GLN M 187 -14.64 19.46 44.06
C GLN M 187 -14.61 20.68 44.97
N TYR M 188 -13.78 20.61 46.01
CA TYR M 188 -13.71 21.63 47.04
C TYR M 188 -13.47 23.13 46.84
N SER M 189 -12.98 23.58 45.70
CA SER M 189 -12.80 25.03 45.57
C SER M 189 -11.73 25.55 46.52
N PRO M 190 -10.90 26.47 46.04
CA PRO M 190 -9.81 27.06 46.83
C PRO M 190 -10.16 27.39 48.28
N GLU M 191 -11.27 28.09 48.46
CA GLU M 191 -11.73 28.51 49.79
C GLU M 191 -11.76 27.34 50.76
N GLU M 192 -12.53 26.32 50.42
CA GLU M 192 -12.67 25.16 51.28
C GLU M 192 -11.36 24.44 51.58
N VAL M 193 -10.49 24.34 50.59
CA VAL M 193 -9.22 23.67 50.79
C VAL M 193 -8.35 24.56 51.69
N GLU M 194 -8.30 25.85 51.36
CA GLU M 194 -7.52 26.80 52.12
C GLU M 194 -7.92 26.76 53.60
N GLN M 195 -9.16 26.39 53.85
CA GLN M 195 -9.68 26.32 55.20
C GLN M 195 -9.41 24.96 55.84
N ILE M 196 -9.15 23.96 55.01
CA ILE M 196 -8.87 22.63 55.55
C ILE M 196 -7.40 22.53 55.94
N LEU M 197 -6.52 23.17 55.17
CA LEU M 197 -5.11 23.12 55.49
C LEU M 197 -4.81 24.21 56.52
N ALA M 198 -5.83 25.01 56.84
CA ALA M 198 -5.69 26.08 57.81
C ALA M 198 -5.52 25.47 59.19
N LYS M 199 -6.06 24.26 59.38
CA LYS M 199 -5.96 23.54 60.65
C LYS M 199 -4.59 22.86 60.75
N PHE M 200 -3.66 23.28 59.90
CA PHE M 200 -2.32 22.71 59.89
C PHE M 200 -1.27 23.80 60.17
N ARG M 201 -0.91 24.58 59.15
CA ARG M 201 0.08 25.64 59.33
C ARG M 201 0.02 26.76 58.28
N LYS M 202 -0.72 26.53 57.19
CA LYS M 202 -0.83 27.53 56.13
C LYS M 202 -2.22 27.47 55.47
N THR N 1 15.43 35.90 21.98
CA THR N 1 13.95 35.96 22.02
C THR N 1 13.41 36.09 23.42
N THR N 2 12.34 36.86 23.52
CA THR N 2 11.60 37.07 24.75
C THR N 2 10.23 37.68 24.35
N THR N 3 9.17 37.06 24.85
CA THR N 3 7.81 37.51 24.56
C THR N 3 7.01 37.41 25.86
N VAL N 4 6.10 38.37 26.08
CA VAL N 4 5.30 38.39 27.29
C VAL N 4 3.83 38.47 26.92
N GLY N 5 2.99 38.12 27.89
CA GLY N 5 1.58 38.17 27.66
C GLY N 5 0.89 38.34 29.00
N LEU N 6 -0.01 39.31 29.09
CA LEU N 6 -0.73 39.53 30.33
C LEU N 6 -2.21 39.76 30.12
N VAL N 7 -3.01 39.10 30.95
CA VAL N 7 -4.45 39.22 30.87
C VAL N 7 -4.88 40.31 31.86
N CYS N 8 -5.40 41.39 31.31
CA CYS N 8 -5.84 42.52 32.09
C CYS N 8 -7.33 42.42 32.35
N LYS N 9 -7.87 43.35 33.11
CA LYS N 9 -9.29 43.34 33.42
C LYS N 9 -10.10 43.71 32.16
N ASP N 10 -9.51 44.54 31.32
CA ASP N 10 -10.16 45.00 30.09
C ASP N 10 -9.53 44.51 28.79
N GLY N 11 -8.96 43.31 28.78
CA GLY N 11 -8.36 42.82 27.55
C GLY N 11 -7.11 42.00 27.70
N VAL N 12 -6.33 41.91 26.63
CA VAL N 12 -5.10 41.12 26.60
C VAL N 12 -3.97 41.89 25.91
N VAL N 13 -2.76 41.72 26.43
CA VAL N 13 -1.59 42.39 25.85
C VAL N 13 -0.50 41.35 25.61
N MET N 14 0.17 41.46 24.47
CA MET N 14 1.25 40.55 24.09
C MET N 14 2.33 41.36 23.40
N ALA N 15 3.58 41.05 23.71
CA ALA N 15 4.70 41.77 23.11
C ALA N 15 5.92 40.87 22.95
N THR N 16 6.79 41.25 22.03
CA THR N 16 8.01 40.50 21.76
C THR N 16 9.06 41.48 21.26
N GLU N 17 10.32 41.05 21.23
CA GLU N 17 11.35 41.93 20.68
C GLU N 17 11.59 41.46 19.24
N LYS N 18 12.61 42.00 18.59
CA LYS N 18 12.82 41.67 17.18
C LYS N 18 14.11 40.95 16.82
N ARG N 19 14.78 40.34 17.79
CA ARG N 19 16.05 39.68 17.47
C ARG N 19 15.99 38.21 17.09
N ALA N 20 16.79 37.85 16.08
CA ALA N 20 16.85 36.47 15.62
C ALA N 20 18.33 36.17 15.59
N THR N 21 18.72 35.09 16.23
CA THR N 21 20.12 34.71 16.30
C THR N 21 20.43 33.26 15.93
N MET N 22 21.68 33.04 15.57
CA MET N 22 22.20 31.73 15.24
C MET N 22 23.54 31.79 15.92
N GLY N 23 23.57 31.36 17.18
CA GLY N 23 24.80 31.41 17.95
C GLY N 23 24.86 32.83 18.47
N ASN N 24 25.98 33.48 18.25
CA ASN N 24 26.14 34.85 18.68
C ASN N 24 25.86 35.74 17.47
N PHE N 25 25.71 35.12 16.31
CA PHE N 25 25.43 35.87 15.09
C PHE N 25 24.02 36.45 15.14
N ILE N 26 23.93 37.77 15.04
CA ILE N 26 22.63 38.42 15.04
C ILE N 26 22.19 38.38 13.59
N ALA N 27 21.28 37.46 13.28
CA ALA N 27 20.82 37.28 11.91
C ALA N 27 19.75 38.31 11.54
N SER N 28 18.99 38.76 12.51
CA SER N 28 17.96 39.75 12.22
C SER N 28 17.68 40.70 13.37
N LYS N 29 17.47 41.96 13.01
CA LYS N 29 17.16 43.00 13.98
C LYS N 29 15.68 43.28 13.91
N ALA N 30 14.98 42.66 12.97
CA ALA N 30 13.56 42.92 12.85
C ALA N 30 12.68 41.70 12.57
N ALA N 31 12.98 40.59 13.22
CA ALA N 31 12.18 39.38 13.02
C ALA N 31 10.76 39.58 13.54
N LYS N 32 9.80 38.99 12.85
CA LYS N 32 8.41 39.08 13.28
C LYS N 32 8.15 37.90 14.20
N LYS N 33 7.55 38.15 15.35
CA LYS N 33 7.30 37.08 16.30
C LYS N 33 5.92 37.18 16.87
N ILE N 34 5.10 38.04 16.29
CA ILE N 34 3.73 38.23 16.76
C ILE N 34 2.78 38.12 15.55
N TYR N 35 1.88 37.13 15.58
CA TYR N 35 0.93 36.87 14.47
C TYR N 35 -0.52 37.05 14.87
N GLN N 36 -1.34 37.46 13.92
CA GLN N 36 -2.76 37.59 14.22
C GLN N 36 -3.45 36.31 13.71
N ILE N 37 -4.18 35.65 14.60
CA ILE N 37 -4.87 34.42 14.26
C ILE N 37 -6.31 34.67 13.87
N ALA N 38 -7.01 35.45 14.68
CA ALA N 38 -8.40 35.81 14.46
C ALA N 38 -8.48 37.31 14.75
N ASP N 39 -9.70 37.87 14.72
CA ASP N 39 -9.89 39.29 14.99
C ASP N 39 -9.45 39.71 16.38
N ARG N 40 -9.72 38.87 17.37
CA ARG N 40 -9.33 39.18 18.73
C ARG N 40 -8.45 38.08 19.33
N MET N 41 -7.52 37.60 18.52
CA MET N 41 -6.60 36.55 18.94
C MET N 41 -5.23 36.73 18.31
N ALA N 42 -4.20 36.70 19.15
CA ALA N 42 -2.85 36.84 18.64
C ALA N 42 -2.00 35.66 19.09
N MET N 43 -0.80 35.54 18.50
CA MET N 43 0.11 34.46 18.84
C MET N 43 1.55 34.97 18.78
N THR N 44 2.36 34.61 19.78
CA THR N 44 3.78 35.02 19.77
C THR N 44 4.53 33.72 19.59
N THR N 45 5.68 33.79 18.90
CA THR N 45 6.46 32.60 18.66
C THR N 45 7.91 32.67 19.12
N ALA N 46 8.29 31.72 19.96
CA ALA N 46 9.68 31.63 20.40
C ALA N 46 10.21 30.24 19.96
N GLY N 47 11.48 30.18 19.59
CA GLY N 47 12.05 28.91 19.20
C GLY N 47 12.70 28.92 17.83
N SER N 48 12.56 27.81 17.11
CA SER N 48 13.12 27.70 15.78
C SER N 48 12.33 28.59 14.86
N VAL N 49 13.03 29.47 14.16
CA VAL N 49 12.37 30.39 13.23
C VAL N 49 11.57 29.62 12.20
N GLY N 50 12.24 28.70 11.49
CA GLY N 50 11.55 27.89 10.49
C GLY N 50 10.39 27.07 11.05
N ASP N 51 10.56 26.46 12.21
CA ASP N 51 9.48 25.68 12.78
C ASP N 51 8.29 26.59 13.15
N ALA N 52 8.61 27.71 13.80
CA ALA N 52 7.58 28.67 14.21
C ALA N 52 6.81 29.23 13.00
N GLN N 53 7.56 29.62 11.98
CA GLN N 53 6.96 30.18 10.80
C GLN N 53 6.03 29.17 10.14
N PHE N 54 6.49 27.93 10.03
CA PHE N 54 5.70 26.87 9.42
C PHE N 54 4.41 26.69 10.20
N LEU N 55 4.55 26.50 11.51
CA LEU N 55 3.39 26.31 12.35
C LEU N 55 2.42 27.49 12.27
N ALA N 56 2.93 28.71 12.33
CA ALA N 56 2.09 29.89 12.27
C ALA N 56 1.15 29.81 11.07
N ARG N 57 1.69 29.49 9.89
CA ARG N 57 0.88 29.40 8.68
C ARG N 57 -0.25 28.42 8.88
N ILE N 58 0.07 27.20 9.32
CA ILE N 58 -0.94 26.17 9.56
C ILE N 58 -2.03 26.71 10.51
N ILE N 59 -1.58 27.29 11.62
CA ILE N 59 -2.51 27.83 12.62
C ILE N 59 -3.49 28.79 11.96
N LYS N 60 -2.95 29.82 11.29
CA LYS N 60 -3.79 30.81 10.60
C LYS N 60 -4.81 30.16 9.69
N ILE N 61 -4.31 29.42 8.70
CA ILE N 61 -5.17 28.75 7.73
C ILE N 61 -6.28 27.96 8.38
N GLU N 62 -5.98 27.25 9.46
CA GLU N 62 -7.00 26.45 10.11
C GLU N 62 -7.99 27.27 10.88
N ALA N 63 -7.55 28.42 11.38
CA ALA N 63 -8.46 29.27 12.11
C ALA N 63 -9.42 29.87 11.10
N ASN N 64 -8.88 30.30 9.96
CA ASN N 64 -9.68 30.89 8.89
C ASN N 64 -10.73 29.90 8.44
N LEU N 65 -10.26 28.77 7.93
CA LEU N 65 -11.15 27.73 7.44
C LEU N 65 -12.23 27.38 8.46
N TYR N 66 -11.89 27.41 9.74
CA TYR N 66 -12.85 27.08 10.80
C TYR N 66 -14.04 28.05 10.73
N GLU N 67 -13.72 29.35 10.75
CA GLU N 67 -14.75 30.39 10.70
C GLU N 67 -15.53 30.37 9.38
N ILE N 68 -14.82 30.38 8.25
CA ILE N 68 -15.48 30.36 6.94
C ILE N 68 -16.48 29.19 6.89
N ARG N 69 -16.06 28.01 7.36
CA ARG N 69 -16.93 26.85 7.33
C ARG N 69 -18.05 26.83 8.33
N ARG N 70 -17.76 27.17 9.59
CA ARG N 70 -18.79 27.16 10.63
C ARG N 70 -19.45 28.50 10.91
N GLU N 71 -19.04 29.54 10.20
CA GLU N 71 -19.60 30.87 10.39
C GLU N 71 -19.53 31.33 11.84
N ARG N 72 -18.57 30.79 12.58
CA ARG N 72 -18.34 31.18 13.96
C ARG N 72 -16.84 31.34 14.04
N LYS N 73 -16.39 32.24 14.89
CA LYS N 73 -14.97 32.43 15.05
C LYS N 73 -14.52 31.34 16.00
N PRO N 74 -13.29 30.84 15.84
CA PRO N 74 -12.83 29.79 16.75
C PRO N 74 -12.39 30.42 18.07
N THR N 75 -12.69 29.74 19.17
CA THR N 75 -12.32 30.21 20.48
C THR N 75 -10.81 29.98 20.67
N VAL N 76 -10.16 30.72 21.56
CA VAL N 76 -8.73 30.50 21.79
C VAL N 76 -8.53 29.06 22.25
N ARG N 77 -9.46 28.55 23.07
CA ARG N 77 -9.37 27.17 23.54
C ARG N 77 -9.31 26.21 22.35
N ALA N 78 -10.17 26.40 21.35
CA ALA N 78 -10.18 25.53 20.20
C ALA N 78 -8.85 25.59 19.44
N ILE N 79 -8.32 26.79 19.28
CA ILE N 79 -7.07 26.93 18.57
C ILE N 79 -5.94 26.30 19.38
N ALA N 80 -6.00 26.50 20.70
CA ALA N 80 -4.98 25.96 21.61
C ALA N 80 -4.99 24.43 21.64
N THR N 81 -6.20 23.85 21.64
CA THR N 81 -6.34 22.40 21.66
C THR N 81 -5.85 21.86 20.32
N LEU N 82 -6.24 22.55 19.26
CA LEU N 82 -5.84 22.17 17.91
C LEU N 82 -4.33 22.11 17.84
N THR N 83 -3.69 23.20 18.24
CA THR N 83 -2.23 23.31 18.22
C THR N 83 -1.53 22.30 19.13
N SER N 84 -2.15 22.02 20.28
CA SER N 84 -1.59 21.05 21.20
C SER N 84 -1.49 19.69 20.52
N ASN N 85 -2.62 19.19 20.06
CA ASN N 85 -2.67 17.91 19.36
C ASN N 85 -1.63 17.81 18.23
N LEU N 86 -1.52 18.86 17.41
CA LEU N 86 -0.59 18.85 16.31
C LEU N 86 0.84 18.69 16.85
N LEU N 87 1.18 19.54 17.82
CA LEU N 87 2.50 19.51 18.43
C LEU N 87 2.79 18.14 19.04
N ASN N 88 1.87 17.62 19.85
CA ASN N 88 2.09 16.36 20.51
C ASN N 88 2.21 15.18 19.55
N SER N 89 1.49 15.23 18.44
CA SER N 89 1.56 14.16 17.46
C SER N 89 3.00 14.01 16.97
N TYR N 90 3.75 15.10 16.96
CA TYR N 90 5.13 15.06 16.52
C TYR N 90 6.08 14.99 17.71
N ARG N 91 5.60 14.47 18.83
CA ARG N 91 6.39 14.40 20.04
C ARG N 91 7.74 13.68 19.93
N TYR N 92 7.94 12.81 18.95
CA TYR N 92 9.25 12.16 18.88
C TYR N 92 10.28 12.81 17.97
N PHE N 93 9.93 13.97 17.44
CA PHE N 93 10.79 14.78 16.59
C PHE N 93 10.02 16.06 16.57
N PRO N 94 9.72 16.62 17.74
CA PRO N 94 8.97 17.86 17.95
C PRO N 94 9.44 19.14 17.24
N TYR N 95 8.50 20.07 17.10
CA TYR N 95 8.81 21.36 16.49
C TYR N 95 9.34 22.21 17.63
N LEU N 96 10.63 22.54 17.60
CA LEU N 96 11.24 23.34 18.67
C LEU N 96 10.66 24.75 18.74
N VAL N 97 9.52 24.85 19.40
CA VAL N 97 8.85 26.11 19.48
C VAL N 97 8.06 26.31 20.79
N GLN N 98 8.02 27.55 21.27
CA GLN N 98 7.23 27.88 22.48
C GLN N 98 6.20 28.87 21.96
N LEU N 99 4.92 28.51 22.09
CA LEU N 99 3.88 29.38 21.58
C LEU N 99 3.03 30.00 22.65
N LEU N 100 2.51 31.17 22.31
CA LEU N 100 1.65 31.95 23.18
C LEU N 100 0.46 32.30 22.31
N ILE N 101 -0.70 31.71 22.61
CA ILE N 101 -1.92 31.95 21.84
C ILE N 101 -3.02 32.50 22.74
N GLY N 102 -3.39 33.75 22.54
CA GLY N 102 -4.44 34.34 23.35
C GLY N 102 -5.22 35.47 22.72
N GLY N 103 -6.20 35.98 23.46
CA GLY N 103 -7.04 37.06 22.99
C GLY N 103 -8.37 37.03 23.72
N ILE N 104 -9.43 37.52 23.07
CA ILE N 104 -10.75 37.55 23.68
C ILE N 104 -11.73 36.74 22.84
N ASP N 105 -12.62 36.00 23.50
CA ASP N 105 -13.61 35.21 22.79
C ASP N 105 -14.86 35.02 23.63
N SER N 106 -15.86 34.35 23.08
CA SER N 106 -17.09 34.14 23.80
C SER N 106 -16.93 33.62 25.24
N GLU N 107 -15.79 32.97 25.51
CA GLU N 107 -15.53 32.42 26.83
C GLU N 107 -14.86 33.41 27.79
N GLY N 108 -14.36 34.50 27.24
CA GLY N 108 -13.70 35.51 28.05
C GLY N 108 -12.36 35.95 27.49
N LYS N 109 -11.41 36.15 28.38
CA LYS N 109 -10.04 36.54 28.01
C LYS N 109 -9.12 35.45 28.54
N SER N 110 -8.11 35.11 27.75
CA SER N 110 -7.16 34.08 28.17
C SER N 110 -5.96 33.99 27.28
N ILE N 111 -4.91 33.37 27.80
CA ILE N 111 -3.68 33.16 27.06
C ILE N 111 -3.22 31.72 27.33
N TYR N 112 -2.62 31.10 26.32
CA TYR N 112 -2.11 29.75 26.46
C TYR N 112 -0.66 29.70 26.04
N SER N 113 0.15 29.09 26.89
CA SER N 113 1.56 28.92 26.60
C SER N 113 1.65 27.46 26.21
N ILE N 114 2.17 27.19 25.02
CA ILE N 114 2.26 25.82 24.55
C ILE N 114 3.68 25.46 24.19
N ASP N 115 4.12 24.28 24.64
CA ASP N 115 5.49 23.81 24.38
C ASP N 115 5.59 22.80 23.24
N PRO N 116 6.84 22.47 22.83
CA PRO N 116 7.07 21.52 21.74
C PRO N 116 6.22 20.28 21.74
N ILE N 117 5.98 19.71 22.91
CA ILE N 117 5.20 18.49 23.04
C ILE N 117 3.70 18.75 23.16
N GLY N 118 3.28 20.00 23.03
CA GLY N 118 1.86 20.31 23.11
C GLY N 118 1.30 20.41 24.51
N GLY N 119 2.17 20.77 25.45
CA GLY N 119 1.75 20.95 26.83
C GLY N 119 1.29 22.39 26.90
N ALA N 120 0.01 22.60 27.23
CA ALA N 120 -0.52 23.95 27.28
C ALA N 120 -0.96 24.39 28.66
N ILE N 121 -0.39 25.49 29.12
CA ILE N 121 -0.74 26.05 30.41
C ILE N 121 -1.63 27.26 30.16
N GLU N 122 -2.74 27.33 30.88
CA GLU N 122 -3.66 28.43 30.72
C GLU N 122 -3.23 29.58 31.61
N GLU N 123 -2.65 30.61 30.99
CA GLU N 123 -2.19 31.79 31.70
C GLU N 123 -3.35 32.69 32.13
N LYS N 124 -3.58 32.75 33.44
CA LYS N 124 -4.66 33.55 33.97
C LYS N 124 -4.20 34.96 34.35
N ASP N 125 -2.96 35.31 34.03
CA ASP N 125 -2.45 36.64 34.34
C ASP N 125 -1.15 37.07 33.70
N ILE N 126 -0.06 36.39 34.06
CA ILE N 126 1.27 36.73 33.57
C ILE N 126 2.01 35.57 32.91
N VAL N 127 2.76 35.89 31.86
CA VAL N 127 3.53 34.87 31.16
C VAL N 127 4.63 35.43 30.27
N ALA N 128 5.81 34.81 30.31
CA ALA N 128 6.92 35.24 29.49
C ALA N 128 7.39 34.02 28.70
N THR N 129 8.14 34.26 27.63
CA THR N 129 8.58 33.16 26.80
C THR N 129 9.89 33.53 26.15
N GLY N 130 10.71 32.54 25.84
CA GLY N 130 11.97 32.82 25.20
C GLY N 130 13.20 32.81 26.11
N SER N 131 14.36 32.98 25.50
CA SER N 131 15.60 33.00 26.21
C SER N 131 15.66 34.12 27.26
N GLY N 132 14.81 35.14 27.12
CA GLY N 132 14.80 36.24 28.08
C GLY N 132 13.65 36.17 29.06
N SER N 133 12.78 35.17 28.92
CA SER N 133 11.65 35.05 29.78
C SER N 133 11.91 35.20 31.27
N LEU N 134 12.95 34.55 31.78
CA LEU N 134 13.22 34.60 33.22
C LEU N 134 13.48 35.99 33.78
N THR N 135 14.09 36.85 32.99
CA THR N 135 14.35 38.23 33.43
C THR N 135 13.04 39.01 33.31
N ALA N 136 12.33 38.79 32.21
CA ALA N 136 11.05 39.44 31.97
C ALA N 136 10.10 39.11 33.10
N TYR N 137 10.10 37.85 33.56
CA TYR N 137 9.25 37.43 34.66
C TYR N 137 9.54 38.23 35.92
N GLY N 138 10.80 38.65 36.08
CA GLY N 138 11.17 39.44 37.23
C GLY N 138 10.29 40.68 37.41
N VAL N 139 10.29 41.56 36.41
CA VAL N 139 9.48 42.76 36.50
C VAL N 139 7.98 42.44 36.43
N LEU N 140 7.60 41.48 35.59
CA LEU N 140 6.18 41.14 35.48
C LEU N 140 5.60 40.69 36.80
N GLU N 141 6.33 39.88 37.54
CA GLU N 141 5.79 39.41 38.79
C GLU N 141 5.91 40.46 39.87
N ASP N 142 6.69 41.50 39.57
CA ASP N 142 6.90 42.59 40.52
C ASP N 142 5.81 43.66 40.45
N ARG N 143 5.54 44.15 39.25
CA ARG N 143 4.56 45.20 39.03
C ARG N 143 3.14 44.82 38.65
N PHE N 144 2.87 43.55 38.39
CA PHE N 144 1.52 43.16 37.96
C PHE N 144 0.50 43.05 39.07
N THR N 145 -0.73 43.39 38.72
CA THR N 145 -1.89 43.31 39.62
C THR N 145 -3.06 42.95 38.71
N PRO N 146 -3.93 42.04 39.15
CA PRO N 146 -5.07 41.67 38.29
C PRO N 146 -5.91 42.84 37.78
N GLU N 147 -5.95 43.94 38.53
CA GLU N 147 -6.74 45.11 38.12
C GLU N 147 -6.06 45.93 37.04
N ILE N 148 -4.81 45.59 36.71
CA ILE N 148 -4.11 46.34 35.68
C ILE N 148 -4.95 46.45 34.39
N GLY N 149 -4.87 47.59 33.75
CA GLY N 149 -5.63 47.77 32.53
C GLY N 149 -4.69 47.61 31.36
N VAL N 150 -5.26 47.20 30.23
CA VAL N 150 -4.47 46.98 29.03
C VAL N 150 -3.54 48.13 28.70
N ASP N 151 -3.97 49.36 28.96
CA ASP N 151 -3.15 50.50 28.62
C ASP N 151 -1.84 50.62 29.39
N GLU N 152 -1.88 50.28 30.67
CA GLU N 152 -0.65 50.34 31.47
C GLU N 152 0.06 49.00 31.32
N ALA N 153 -0.71 47.99 30.90
CA ALA N 153 -0.17 46.67 30.68
C ALA N 153 0.81 46.70 29.52
N VAL N 154 0.52 47.49 28.49
CA VAL N 154 1.46 47.54 27.37
C VAL N 154 2.76 48.21 27.83
N GLU N 155 2.64 49.13 28.79
CA GLU N 155 3.83 49.80 29.31
C GLU N 155 4.62 48.74 30.07
N LEU N 156 3.91 48.02 30.94
CA LEU N 156 4.51 46.94 31.74
C LEU N 156 5.26 45.95 30.84
N ALA N 157 4.61 45.57 29.75
CA ALA N 157 5.20 44.63 28.80
C ALA N 157 6.50 45.19 28.24
N VAL N 158 6.45 46.42 27.76
CA VAL N 158 7.65 47.04 27.20
C VAL N 158 8.74 47.08 28.28
N ARG N 159 8.30 47.36 29.50
CA ARG N 159 9.17 47.44 30.66
C ARG N 159 9.92 46.12 30.86
N ALA N 160 9.17 45.02 30.91
CA ALA N 160 9.74 43.70 31.09
C ALA N 160 10.70 43.31 29.97
N ILE N 161 10.26 43.41 28.73
CA ILE N 161 11.11 43.03 27.62
C ILE N 161 12.34 43.92 27.54
N TYR N 162 12.24 45.12 28.09
CA TYR N 162 13.37 46.05 28.07
C TYR N 162 14.45 45.56 29.05
N SER N 163 14.01 45.05 30.21
CA SER N 163 14.93 44.54 31.20
C SER N 163 15.62 43.35 30.61
N ALA N 164 14.81 42.45 30.04
CA ALA N 164 15.31 41.23 29.44
C ALA N 164 16.39 41.47 28.40
N MET N 165 16.23 42.49 27.57
CA MET N 165 17.21 42.76 26.54
C MET N 165 18.55 43.11 27.16
N LYS N 166 18.49 43.51 28.43
CA LYS N 166 19.69 43.92 29.16
C LYS N 166 20.55 42.78 29.69
N ARG N 167 19.97 41.58 29.75
CA ARG N 167 20.72 40.45 30.28
C ARG N 167 20.68 39.23 29.38
N ASP N 168 19.93 39.32 28.29
CA ASP N 168 19.84 38.21 27.35
C ASP N 168 20.38 38.69 26.01
N SER N 169 21.62 38.31 25.66
CA SER N 169 22.19 38.77 24.39
C SER N 169 21.38 38.28 23.19
N ALA N 170 20.52 37.29 23.41
CA ALA N 170 19.72 36.72 22.35
C ALA N 170 18.45 37.52 22.10
N SER N 171 18.19 38.52 22.95
CA SER N 171 17.02 39.37 22.80
C SER N 171 17.45 40.77 22.38
N GLY N 172 16.48 41.60 22.01
CA GLY N 172 16.80 42.98 21.63
C GLY N 172 16.42 43.50 20.27
N ASP N 173 16.97 44.66 19.93
CA ASP N 173 16.75 45.33 18.66
C ASP N 173 15.45 46.11 18.50
N GLY N 174 14.49 45.87 19.39
CA GLY N 174 13.24 46.59 19.29
C GLY N 174 12.12 45.80 19.92
N ILE N 175 10.90 46.33 19.89
CA ILE N 175 9.79 45.60 20.48
C ILE N 175 8.41 45.90 19.87
N ASP N 176 7.66 44.83 19.57
CA ASP N 176 6.31 44.91 19.03
C ASP N 176 5.38 44.71 20.19
N VAL N 177 4.25 45.39 20.17
CA VAL N 177 3.29 45.21 21.24
C VAL N 177 1.94 45.13 20.57
N VAL N 178 1.03 44.44 21.23
CA VAL N 178 -0.30 44.30 20.69
C VAL N 178 -1.32 44.33 21.80
N LYS N 179 -2.36 45.14 21.58
CA LYS N 179 -3.43 45.30 22.55
C LYS N 179 -4.66 44.63 21.93
N ILE N 180 -5.36 43.84 22.72
CA ILE N 180 -6.58 43.19 22.22
C ILE N 180 -7.65 43.55 23.23
N THR N 181 -8.37 44.61 22.91
CA THR N 181 -9.39 45.13 23.80
C THR N 181 -10.81 44.58 23.63
N GLU N 182 -11.29 44.58 22.39
CA GLU N 182 -12.64 44.11 22.05
C GLU N 182 -13.13 45.06 20.99
N ASP N 183 -12.96 46.35 21.27
CA ASP N 183 -13.34 47.38 20.33
C ASP N 183 -12.19 47.43 19.34
N GLU N 184 -11.14 46.67 19.63
CA GLU N 184 -9.98 46.72 18.78
C GLU N 184 -8.91 45.62 19.00
N PHE N 185 -8.03 45.51 18.00
CA PHE N 185 -6.88 44.62 17.98
C PHE N 185 -5.83 45.61 17.46
N TYR N 186 -5.16 46.28 18.38
CA TYR N 186 -4.19 47.30 18.00
C TYR N 186 -2.73 46.91 18.07
N GLN N 187 -1.95 47.39 17.10
CA GLN N 187 -0.52 47.14 17.05
C GLN N 187 0.21 48.49 17.01
N TYR N 188 0.85 48.83 18.13
CA TYR N 188 1.52 50.10 18.33
C TYR N 188 2.46 50.81 17.37
N SER N 189 3.09 50.13 16.41
CA SER N 189 4.00 50.85 15.52
C SER N 189 5.25 51.33 16.25
N PRO N 190 6.41 51.29 15.57
CA PRO N 190 7.67 51.71 16.17
C PRO N 190 7.59 53.01 16.96
N GLU N 191 7.06 54.05 16.33
CA GLU N 191 6.92 55.37 16.94
C GLU N 191 6.33 55.31 18.34
N GLU N 192 5.14 54.74 18.43
CA GLU N 192 4.46 54.64 19.70
C GLU N 192 5.22 53.86 20.75
N VAL N 193 5.89 52.79 20.34
CA VAL N 193 6.65 51.99 21.30
C VAL N 193 7.87 52.77 21.74
N GLU N 194 8.55 53.35 20.76
CA GLU N 194 9.75 54.14 21.03
C GLU N 194 9.46 55.26 22.01
N GLN N 195 8.21 55.71 22.03
CA GLN N 195 7.80 56.78 22.92
C GLN N 195 7.36 56.25 24.27
N ILE N 196 7.02 54.96 24.33
CA ILE N 196 6.60 54.36 25.60
C ILE N 196 7.81 53.93 26.41
N LEU N 197 8.87 53.48 25.74
CA LEU N 197 10.05 53.07 26.46
C LEU N 197 10.92 54.28 26.70
N ALA N 198 10.51 55.42 26.12
CA ALA N 198 11.27 56.65 26.29
C ALA N 198 11.15 57.12 27.75
N LYS N 199 10.05 56.75 28.40
CA LYS N 199 9.80 57.11 29.79
C LYS N 199 10.64 56.21 30.69
N PHE N 200 11.57 55.48 30.08
CA PHE N 200 12.43 54.57 30.83
C PHE N 200 13.90 54.98 30.75
N ARG N 201 14.56 54.67 29.63
CA ARG N 201 15.97 55.04 29.47
C ARG N 201 16.46 55.06 28.02
N LYS N 202 15.67 54.49 27.12
CA LYS N 202 16.02 54.45 25.70
C LYS N 202 14.79 54.55 24.81
#